data_2KHS
#
_entry.id   2KHS
#
loop_
_entity.id
_entity.type
_entity.pdbx_description
1 polymer Thermonuclease
2 polymer Nuclease
#
loop_
_entity_poly.entity_id
_entity_poly.type
_entity_poly.pdbx_seq_one_letter_code
_entity_poly.pdbx_strand_id
1 'polypeptide(L)'
;ATSTKKLHKEPATLIKAIDGDTVKLMYKGQPMTFRLLLVDTPETKHPKKGVEKYGPEASAFTKKMVENAKKIEVEFDKGQ
RTDKYGRGLAYIYADGKMVNEALVRQGLAKVAYVYKPNNTH
;
A
2 'polypeptide(L)' GSVAYVYKPNNTHEQLLRKSEAQAKKEKLNIWSED B
#
# COMPACT_ATOMS: atom_id res chain seq x y z
N ALA A 1 -11.00 2.81 -14.94
CA ALA A 1 -10.44 2.11 -13.78
C ALA A 1 -9.43 1.01 -14.21
N THR A 2 -8.99 1.06 -15.48
CA THR A 2 -8.06 0.09 -16.07
C THR A 2 -8.75 -1.28 -16.30
N SER A 3 -9.26 -1.86 -15.25
CA SER A 3 -9.95 -3.12 -15.31
C SER A 3 -11.44 -2.84 -15.58
N THR A 4 -12.16 -3.81 -16.12
CA THR A 4 -13.57 -3.63 -16.37
C THR A 4 -14.32 -3.84 -15.05
N LYS A 5 -13.82 -4.77 -14.26
CA LYS A 5 -14.34 -5.02 -12.95
C LYS A 5 -13.72 -4.03 -12.00
N LYS A 6 -14.53 -3.24 -11.36
CA LYS A 6 -14.02 -2.32 -10.38
C LYS A 6 -13.99 -3.05 -9.06
N LEU A 7 -12.83 -3.06 -8.45
CA LEU A 7 -12.59 -3.78 -7.23
C LEU A 7 -13.39 -3.26 -6.05
N HIS A 8 -13.43 -4.04 -5.02
CA HIS A 8 -14.26 -3.76 -3.88
C HIS A 8 -13.56 -2.87 -2.89
N LYS A 9 -14.09 -1.68 -2.77
CA LYS A 9 -13.65 -0.69 -1.86
C LYS A 9 -14.76 -0.42 -0.86
N GLU A 10 -14.43 -0.35 0.39
CA GLU A 10 -15.39 -0.04 1.41
C GLU A 10 -14.78 0.94 2.44
N PRO A 11 -15.57 1.86 3.02
CA PRO A 11 -15.06 2.81 4.02
C PRO A 11 -14.68 2.13 5.34
N ALA A 12 -13.73 2.70 6.03
CA ALA A 12 -13.28 2.16 7.30
C ALA A 12 -12.97 3.30 8.27
N THR A 13 -12.84 2.97 9.52
CA THR A 13 -12.53 3.93 10.55
C THR A 13 -11.02 3.82 10.86
N LEU A 14 -10.34 4.93 10.95
CA LEU A 14 -8.92 4.93 11.26
C LEU A 14 -8.73 4.83 12.76
N ILE A 15 -7.98 3.85 13.20
CA ILE A 15 -7.70 3.73 14.60
C ILE A 15 -6.36 4.39 14.89
N LYS A 16 -5.34 3.96 14.16
CA LYS A 16 -4.01 4.51 14.34
C LYS A 16 -3.15 4.17 13.14
N ALA A 17 -2.17 4.97 12.89
CA ALA A 17 -1.22 4.73 11.83
C ALA A 17 0.10 4.42 12.47
N ILE A 18 0.50 3.17 12.41
CA ILE A 18 1.68 2.71 13.10
C ILE A 18 2.89 3.05 12.27
N ASP A 19 2.96 2.47 11.12
CA ASP A 19 4.07 2.63 10.24
C ASP A 19 3.66 3.38 9.02
N GLY A 20 4.53 3.45 8.06
CA GLY A 20 4.22 4.09 6.82
C GLY A 20 3.69 3.09 5.85
N ASP A 21 2.87 2.18 6.36
CA ASP A 21 2.35 1.08 5.58
C ASP A 21 1.37 0.35 6.47
N THR A 22 1.89 -0.07 7.60
CA THR A 22 1.15 -0.83 8.56
C THR A 22 0.34 0.14 9.44
N VAL A 23 -0.94 0.08 9.29
CA VAL A 23 -1.86 0.96 9.99
C VAL A 23 -3.02 0.14 10.54
N LYS A 24 -3.78 0.67 11.47
CA LYS A 24 -4.87 -0.09 12.04
C LYS A 24 -6.18 0.57 11.72
N LEU A 25 -7.01 -0.10 10.96
CA LEU A 25 -8.32 0.41 10.61
C LEU A 25 -9.40 -0.53 11.04
N MET A 26 -10.57 0.00 11.17
CA MET A 26 -11.73 -0.71 11.60
C MET A 26 -12.77 -0.65 10.49
N TYR A 27 -12.95 -1.74 9.80
CA TYR A 27 -13.89 -1.76 8.69
C TYR A 27 -15.13 -2.53 9.09
N LYS A 28 -16.29 -1.86 9.04
CA LYS A 28 -17.58 -2.46 9.45
C LYS A 28 -17.53 -3.00 10.88
N GLY A 29 -16.70 -2.39 11.69
CA GLY A 29 -16.61 -2.79 13.06
C GLY A 29 -15.51 -3.81 13.30
N GLN A 30 -14.73 -4.09 12.30
CA GLN A 30 -13.63 -5.03 12.42
C GLN A 30 -12.29 -4.30 12.47
N PRO A 31 -11.68 -4.17 13.64
CA PRO A 31 -10.36 -3.57 13.78
C PRO A 31 -9.27 -4.54 13.34
N MET A 32 -8.55 -4.19 12.32
CA MET A 32 -7.46 -5.01 11.81
C MET A 32 -6.27 -4.14 11.48
N THR A 33 -5.10 -4.67 11.65
CA THR A 33 -3.92 -3.97 11.24
C THR A 33 -3.70 -4.28 9.76
N PHE A 34 -3.76 -3.26 8.96
CA PHE A 34 -3.62 -3.37 7.54
C PHE A 34 -2.24 -2.92 7.13
N ARG A 35 -1.83 -3.37 6.00
CA ARG A 35 -0.61 -2.92 5.40
C ARG A 35 -0.99 -2.62 3.95
N LEU A 36 -0.27 -1.78 3.28
CA LEU A 36 -0.70 -1.30 1.99
C LEU A 36 -0.22 -2.18 0.83
N LEU A 37 -1.16 -2.77 0.12
CA LEU A 37 -0.85 -3.61 -1.04
C LEU A 37 -0.02 -2.87 -2.07
N LEU A 38 1.00 -3.57 -2.57
CA LEU A 38 1.95 -3.09 -3.56
C LEU A 38 2.91 -2.06 -2.98
N VAL A 39 2.96 -1.96 -1.68
CA VAL A 39 3.84 -1.04 -1.02
C VAL A 39 4.68 -1.82 0.00
N ASP A 40 5.94 -1.45 0.16
CA ASP A 40 6.79 -2.05 1.17
C ASP A 40 7.62 -0.94 1.76
N THR A 41 7.30 -0.58 2.99
CA THR A 41 7.94 0.57 3.63
C THR A 41 8.67 0.27 4.98
N PRO A 42 7.96 -0.24 6.04
CA PRO A 42 8.47 -0.23 7.42
C PRO A 42 9.64 -1.17 7.64
N GLU A 43 9.39 -2.44 7.51
CA GLU A 43 10.44 -3.38 7.62
C GLU A 43 10.86 -3.75 6.23
N THR A 44 12.09 -3.57 5.97
CA THR A 44 12.64 -3.81 4.68
C THR A 44 12.85 -5.33 4.48
N LYS A 45 12.91 -5.78 3.24
CA LYS A 45 13.18 -7.20 2.92
C LYS A 45 14.48 -7.62 3.59
N HIS A 46 15.43 -6.71 3.55
CA HIS A 46 16.67 -6.78 4.25
C HIS A 46 17.29 -5.43 4.09
N PRO A 47 17.28 -4.58 5.14
CA PRO A 47 17.81 -3.20 5.04
C PRO A 47 19.27 -3.16 4.62
N LYS A 48 19.51 -2.94 3.35
CA LYS A 48 20.82 -2.97 2.79
C LYS A 48 21.55 -1.66 3.00
N LYS A 49 20.86 -0.55 2.83
CA LYS A 49 21.48 0.77 3.08
C LYS A 49 21.41 1.08 4.57
N GLY A 50 20.62 0.31 5.29
CA GLY A 50 20.37 0.59 6.68
C GLY A 50 19.20 1.54 6.77
N VAL A 51 19.44 2.78 6.39
CA VAL A 51 18.41 3.85 6.36
C VAL A 51 17.64 3.70 5.01
N GLU A 52 17.32 2.49 4.71
CA GLU A 52 16.69 2.12 3.46
C GLU A 52 15.17 2.13 3.65
N LYS A 53 14.75 2.17 4.90
CA LYS A 53 13.34 2.18 5.26
C LYS A 53 12.70 3.59 5.34
N TYR A 54 13.47 4.58 5.86
CA TYR A 54 12.98 5.97 6.05
C TYR A 54 11.76 6.03 6.98
N GLY A 55 11.75 5.08 7.92
CA GLY A 55 10.67 4.88 8.89
C GLY A 55 10.10 6.14 9.56
N PRO A 56 10.94 7.00 10.22
CA PRO A 56 10.47 8.24 10.88
C PRO A 56 9.57 9.12 9.99
N GLU A 57 10.02 9.43 8.78
CA GLU A 57 9.25 10.24 7.85
C GLU A 57 8.06 9.45 7.35
N ALA A 58 8.30 8.22 6.92
CA ALA A 58 7.26 7.36 6.35
C ALA A 58 6.05 7.18 7.27
N SER A 59 6.31 6.87 8.54
CA SER A 59 5.24 6.65 9.50
C SER A 59 4.48 7.94 9.83
N ALA A 60 5.20 9.05 9.83
CA ALA A 60 4.60 10.35 10.04
C ALA A 60 3.78 10.73 8.81
N PHE A 61 4.31 10.38 7.65
CA PHE A 61 3.75 10.72 6.35
C PHE A 61 2.39 10.09 6.16
N THR A 62 2.24 8.85 6.57
CA THR A 62 0.95 8.20 6.48
C THR A 62 -0.06 8.88 7.39
N LYS A 63 0.38 9.26 8.60
CA LYS A 63 -0.48 9.97 9.56
C LYS A 63 -1.02 11.26 8.96
N LYS A 64 -0.18 11.96 8.20
CA LYS A 64 -0.56 13.22 7.57
C LYS A 64 -1.75 13.00 6.64
N MET A 65 -1.60 12.06 5.74
CA MET A 65 -2.62 11.77 4.74
C MET A 65 -3.89 11.18 5.32
N VAL A 66 -3.76 10.29 6.30
CA VAL A 66 -4.94 9.63 6.84
C VAL A 66 -5.69 10.47 7.90
N GLU A 67 -4.96 11.16 8.75
CA GLU A 67 -5.61 11.93 9.81
C GLU A 67 -6.26 13.21 9.30
N ASN A 68 -5.79 13.70 8.16
CA ASN A 68 -6.39 14.91 7.57
C ASN A 68 -7.63 14.53 6.75
N ALA A 69 -7.81 13.24 6.55
CA ALA A 69 -8.91 12.75 5.73
C ALA A 69 -10.20 12.59 6.52
N LYS A 70 -11.29 12.94 5.89
CA LYS A 70 -12.63 12.79 6.43
C LYS A 70 -13.14 11.41 6.09
N LYS A 71 -12.80 10.97 4.90
CA LYS A 71 -13.26 9.71 4.36
C LYS A 71 -12.07 8.82 4.08
N ILE A 72 -12.03 7.69 4.72
CA ILE A 72 -10.95 6.75 4.55
C ILE A 72 -11.52 5.44 4.01
N GLU A 73 -11.01 5.06 2.86
CA GLU A 73 -11.54 3.93 2.15
C GLU A 73 -10.47 2.84 2.06
N VAL A 74 -10.89 1.60 2.26
CA VAL A 74 -10.01 0.46 2.10
C VAL A 74 -10.45 -0.33 0.86
N GLU A 75 -9.58 -0.44 -0.11
CA GLU A 75 -9.88 -1.17 -1.33
C GLU A 75 -9.03 -2.42 -1.37
N PHE A 76 -9.63 -3.52 -1.69
CA PHE A 76 -8.95 -4.80 -1.69
C PHE A 76 -8.73 -5.27 -3.11
N ASP A 77 -7.64 -5.98 -3.34
CA ASP A 77 -7.30 -6.43 -4.68
C ASP A 77 -7.74 -7.85 -4.90
N LYS A 78 -7.37 -8.40 -6.05
CA LYS A 78 -7.73 -9.73 -6.44
C LYS A 78 -6.85 -10.77 -5.72
N GLY A 79 -5.83 -10.29 -5.01
CA GLY A 79 -5.02 -11.15 -4.18
C GLY A 79 -5.79 -11.69 -3.00
N GLN A 80 -5.69 -11.01 -1.87
CA GLN A 80 -6.44 -11.35 -0.68
C GLN A 80 -6.80 -10.11 0.08
N ARG A 81 -7.82 -10.21 0.90
CA ARG A 81 -8.20 -9.14 1.80
C ARG A 81 -7.43 -9.29 3.11
N THR A 82 -7.20 -10.53 3.48
CA THR A 82 -6.56 -10.83 4.74
C THR A 82 -5.43 -11.84 4.57
N ASP A 83 -4.42 -11.67 5.37
CA ASP A 83 -3.28 -12.55 5.41
C ASP A 83 -3.31 -13.34 6.72
N LYS A 84 -2.63 -14.50 6.75
CA LYS A 84 -2.61 -15.42 7.88
C LYS A 84 -2.10 -14.77 9.20
N TYR A 85 -1.31 -13.71 9.11
CA TYR A 85 -0.78 -13.10 10.33
C TYR A 85 -1.84 -12.24 11.02
N GLY A 86 -3.01 -12.19 10.42
CA GLY A 86 -4.12 -11.45 10.98
C GLY A 86 -4.03 -10.01 10.64
N ARG A 87 -3.35 -9.75 9.57
CA ARG A 87 -3.17 -8.43 9.10
C ARG A 87 -3.81 -8.31 7.73
N GLY A 88 -4.41 -7.18 7.50
CA GLY A 88 -5.14 -6.97 6.29
C GLY A 88 -4.28 -6.44 5.18
N LEU A 89 -4.71 -6.65 3.99
CA LEU A 89 -4.01 -6.24 2.82
C LEU A 89 -4.94 -5.33 2.02
N ALA A 90 -4.66 -4.04 1.99
CA ALA A 90 -5.55 -3.12 1.33
C ALA A 90 -4.84 -1.92 0.76
N TYR A 91 -5.55 -1.19 -0.05
CA TYR A 91 -5.12 0.09 -0.56
C TYR A 91 -5.93 1.11 0.17
N ILE A 92 -5.29 2.07 0.75
CA ILE A 92 -6.03 3.06 1.48
C ILE A 92 -6.15 4.34 0.71
N TYR A 93 -7.37 4.78 0.56
CA TYR A 93 -7.67 6.00 -0.11
C TYR A 93 -8.20 7.00 0.88
N ALA A 94 -7.71 8.18 0.78
CA ALA A 94 -8.17 9.28 1.56
C ALA A 94 -8.98 10.14 0.63
N ASP A 95 -10.30 10.09 0.78
CA ASP A 95 -11.30 10.73 -0.14
C ASP A 95 -11.03 10.48 -1.63
N GLY A 96 -10.37 9.38 -1.94
CA GLY A 96 -10.06 9.05 -3.31
C GLY A 96 -8.59 9.22 -3.64
N LYS A 97 -7.82 9.76 -2.72
CA LYS A 97 -6.39 9.88 -2.90
C LYS A 97 -5.75 8.61 -2.37
N MET A 98 -5.15 7.86 -3.22
CA MET A 98 -4.54 6.62 -2.81
C MET A 98 -3.23 6.90 -2.09
N VAL A 99 -3.20 6.61 -0.80
CA VAL A 99 -2.04 6.88 0.07
C VAL A 99 -0.83 6.07 -0.41
N ASN A 100 -1.12 4.89 -0.95
CA ASN A 100 -0.10 3.99 -1.49
C ASN A 100 0.69 4.71 -2.59
N GLU A 101 -0.02 5.50 -3.39
CA GLU A 101 0.57 6.25 -4.50
C GLU A 101 1.54 7.29 -3.97
N ALA A 102 1.09 8.01 -2.95
CA ALA A 102 1.87 9.08 -2.35
C ALA A 102 3.18 8.57 -1.78
N LEU A 103 3.15 7.40 -1.17
CA LEU A 103 4.34 6.80 -0.56
C LEU A 103 5.42 6.50 -1.59
N VAL A 104 5.07 5.79 -2.63
CA VAL A 104 6.00 5.40 -3.65
C VAL A 104 6.47 6.59 -4.48
N ARG A 105 5.55 7.49 -4.76
CA ARG A 105 5.82 8.71 -5.53
C ARG A 105 6.73 9.67 -4.76
N GLN A 106 6.73 9.56 -3.44
CA GLN A 106 7.56 10.41 -2.60
C GLN A 106 8.90 9.71 -2.34
N GLY A 107 9.01 8.48 -2.80
CA GLY A 107 10.20 7.70 -2.64
C GLY A 107 10.39 7.22 -1.22
N LEU A 108 9.30 7.06 -0.50
CA LEU A 108 9.35 6.62 0.88
C LEU A 108 9.11 5.15 1.00
N ALA A 109 8.76 4.54 -0.11
CA ALA A 109 8.44 3.15 -0.11
C ALA A 109 8.78 2.58 -1.46
N LYS A 110 8.85 1.28 -1.55
CA LYS A 110 9.05 0.63 -2.81
C LYS A 110 7.80 -0.12 -3.12
N VAL A 111 7.57 -0.39 -4.38
CA VAL A 111 6.45 -1.21 -4.71
C VAL A 111 6.78 -2.64 -4.33
N ALA A 112 5.83 -3.30 -3.73
CA ALA A 112 6.03 -4.63 -3.28
C ALA A 112 5.74 -5.53 -4.42
N TYR A 113 6.71 -6.29 -4.77
CA TYR A 113 6.68 -7.09 -5.94
C TYR A 113 5.75 -8.27 -5.76
N VAL A 114 4.58 -8.18 -6.32
CA VAL A 114 3.70 -9.30 -6.35
C VAL A 114 4.10 -10.03 -7.60
N TYR A 115 4.37 -11.26 -7.46
CA TYR A 115 5.09 -12.00 -8.43
C TYR A 115 4.22 -12.69 -9.43
N LYS A 116 4.49 -12.41 -10.68
CA LYS A 116 3.90 -13.11 -11.77
C LYS A 116 5.04 -13.78 -12.50
N PRO A 117 5.14 -15.12 -12.43
CA PRO A 117 6.24 -15.87 -13.04
C PRO A 117 6.27 -15.65 -14.55
N ASN A 118 5.19 -15.99 -15.17
CA ASN A 118 4.98 -15.80 -16.58
C ASN A 118 3.51 -15.98 -16.80
N ASN A 119 3.04 -17.18 -16.48
CA ASN A 119 1.60 -17.49 -16.50
C ASN A 119 1.26 -18.32 -15.28
N THR A 120 1.36 -19.61 -15.42
CA THR A 120 1.15 -20.53 -14.32
C THR A 120 2.50 -20.75 -13.62
N HIS A 121 3.52 -20.55 -14.39
CA HIS A 121 4.87 -20.62 -14.01
C HIS A 121 5.57 -20.06 -15.22
N GLY B 1 11.91 -14.65 -11.80
CA GLY B 1 13.12 -14.36 -11.06
C GLY B 1 12.81 -13.68 -9.76
N SER B 2 13.59 -12.64 -9.42
CA SER B 2 13.40 -11.79 -8.23
C SER B 2 13.64 -12.51 -6.87
N VAL B 3 13.72 -13.86 -6.89
CA VAL B 3 13.87 -14.70 -5.70
C VAL B 3 12.59 -14.56 -4.83
N ALA B 4 11.50 -14.25 -5.49
CA ALA B 4 10.22 -14.08 -4.87
C ALA B 4 9.24 -14.95 -5.60
N TYR B 5 8.14 -15.31 -4.97
CA TYR B 5 7.17 -16.16 -5.62
C TYR B 5 5.77 -15.90 -5.10
N VAL B 6 4.86 -15.71 -6.03
CA VAL B 6 3.44 -15.55 -5.81
C VAL B 6 2.80 -16.22 -7.02
N TYR B 7 1.60 -16.73 -6.89
CA TYR B 7 0.95 -17.39 -8.01
C TYR B 7 -0.10 -16.48 -8.64
N LYS B 8 -0.76 -15.69 -7.82
CA LYS B 8 -1.85 -14.87 -8.30
C LYS B 8 -1.38 -13.68 -9.14
N PRO B 9 -2.02 -13.47 -10.31
CA PRO B 9 -1.68 -12.36 -11.17
C PRO B 9 -2.27 -11.05 -10.64
N ASN B 10 -1.63 -10.47 -9.67
CA ASN B 10 -2.06 -9.19 -9.15
C ASN B 10 -1.35 -8.11 -9.97
N ASN B 11 -2.07 -7.57 -10.90
CA ASN B 11 -1.58 -6.54 -11.82
C ASN B 11 -2.41 -5.32 -11.61
N THR B 12 -3.58 -5.54 -11.05
CA THR B 12 -4.48 -4.53 -10.71
C THR B 12 -3.81 -3.61 -9.74
N HIS B 13 -3.69 -2.40 -10.18
CA HIS B 13 -3.10 -1.27 -9.43
C HIS B 13 -1.58 -1.20 -9.61
N GLU B 14 -0.92 -2.28 -10.14
CA GLU B 14 0.55 -2.28 -10.24
C GLU B 14 1.03 -1.15 -11.12
N GLN B 15 0.32 -0.97 -12.21
CA GLN B 15 0.64 0.07 -13.17
C GLN B 15 0.45 1.47 -12.57
N LEU B 16 -0.52 1.61 -11.68
CA LEU B 16 -0.79 2.88 -11.00
C LEU B 16 0.36 3.19 -10.06
N LEU B 17 0.72 2.21 -9.25
CA LEU B 17 1.81 2.33 -8.31
C LEU B 17 3.13 2.54 -9.03
N ARG B 18 3.35 1.76 -10.07
CA ARG B 18 4.61 1.81 -10.76
C ARG B 18 4.87 3.00 -11.66
N LYS B 19 3.84 3.72 -12.07
CA LYS B 19 4.09 4.98 -12.75
C LYS B 19 4.57 5.98 -11.71
N SER B 20 3.92 5.96 -10.59
CA SER B 20 4.24 6.82 -9.48
C SER B 20 5.63 6.48 -8.91
N GLU B 21 5.94 5.18 -8.89
CA GLU B 21 7.25 4.69 -8.49
C GLU B 21 8.31 5.20 -9.45
N ALA B 22 8.06 5.00 -10.75
CA ALA B 22 9.01 5.36 -11.83
C ALA B 22 9.40 6.82 -11.76
N GLN B 23 8.42 7.65 -11.45
CA GLN B 23 8.62 9.08 -11.32
C GLN B 23 9.64 9.36 -10.22
N ALA B 24 9.45 8.71 -9.09
CA ALA B 24 10.29 8.91 -7.94
C ALA B 24 11.66 8.25 -8.10
N LYS B 25 11.72 7.11 -8.78
CA LYS B 25 12.99 6.40 -9.01
C LYS B 25 13.95 7.28 -9.76
N LYS B 26 13.45 7.88 -10.82
CA LYS B 26 14.25 8.78 -11.65
C LYS B 26 14.61 10.06 -10.91
N GLU B 27 13.79 10.43 -9.96
CA GLU B 27 13.99 11.62 -9.15
C GLU B 27 14.93 11.39 -8.00
N LYS B 28 15.30 10.12 -7.77
CA LYS B 28 16.21 9.70 -6.69
C LYS B 28 15.62 10.15 -5.34
N LEU B 29 14.32 9.95 -5.21
CA LEU B 29 13.60 10.38 -4.02
C LEU B 29 13.78 9.44 -2.87
N ASN B 30 14.48 9.93 -1.85
CA ASN B 30 14.69 9.24 -0.56
C ASN B 30 15.28 7.85 -0.74
N ILE B 31 14.42 6.84 -0.81
CA ILE B 31 14.85 5.46 -0.98
C ILE B 31 15.46 5.27 -2.36
N TRP B 32 14.97 5.99 -3.32
CA TRP B 32 15.46 5.84 -4.68
C TRP B 32 16.82 6.49 -4.86
N SER B 33 17.27 7.15 -3.84
CA SER B 33 18.60 7.69 -3.83
C SER B 33 19.56 6.68 -3.17
N GLU B 34 19.09 5.44 -2.95
CA GLU B 34 19.95 4.39 -2.41
C GLU B 34 20.97 3.99 -3.47
N ASP B 35 20.60 4.24 -4.70
CA ASP B 35 21.38 3.91 -5.85
C ASP B 35 22.33 5.02 -6.14
N ALA A 1 -21.84 7.15 -16.96
CA ALA A 1 -22.81 7.07 -15.87
C ALA A 1 -22.54 5.83 -15.04
N THR A 2 -22.00 6.05 -13.83
CA THR A 2 -21.71 4.99 -12.87
C THR A 2 -20.52 4.10 -13.28
N SER A 3 -19.42 4.25 -12.58
CA SER A 3 -18.27 3.42 -12.79
C SER A 3 -18.33 2.27 -11.80
N THR A 4 -18.69 1.11 -12.29
CA THR A 4 -18.82 -0.05 -11.46
C THR A 4 -17.45 -0.67 -11.24
N LYS A 5 -16.79 -0.27 -10.19
CA LYS A 5 -15.50 -0.80 -9.86
C LYS A 5 -15.66 -2.21 -9.40
N LYS A 6 -15.02 -3.14 -10.07
CA LYS A 6 -15.08 -4.53 -9.71
C LYS A 6 -14.39 -4.73 -8.39
N LEU A 7 -13.31 -4.00 -8.20
CA LEU A 7 -12.64 -3.99 -6.93
C LEU A 7 -13.38 -3.00 -6.05
N HIS A 8 -14.16 -3.55 -5.13
CA HIS A 8 -15.00 -2.73 -4.29
C HIS A 8 -14.18 -2.03 -3.24
N LYS A 9 -14.54 -0.82 -2.96
CA LYS A 9 -13.93 -0.08 -1.88
C LYS A 9 -14.99 0.08 -0.83
N GLU A 10 -14.59 0.06 0.37
CA GLU A 10 -15.49 0.21 1.47
C GLU A 10 -14.86 1.12 2.53
N PRO A 11 -15.65 1.90 3.27
CA PRO A 11 -15.11 2.85 4.25
C PRO A 11 -14.62 2.17 5.53
N ALA A 12 -13.63 2.77 6.15
CA ALA A 12 -13.07 2.30 7.38
C ALA A 12 -12.80 3.47 8.31
N THR A 13 -12.78 3.22 9.59
CA THR A 13 -12.53 4.24 10.57
C THR A 13 -11.06 4.13 11.00
N LEU A 14 -10.37 5.22 11.12
CA LEU A 14 -8.97 5.18 11.46
C LEU A 14 -8.75 5.04 12.95
N ILE A 15 -7.88 4.14 13.35
CA ILE A 15 -7.49 4.04 14.71
C ILE A 15 -6.20 4.83 14.87
N LYS A 16 -5.19 4.42 14.12
CA LYS A 16 -3.90 5.05 14.18
C LYS A 16 -3.00 4.45 13.12
N ALA A 17 -2.19 5.28 12.51
CA ALA A 17 -1.17 4.79 11.61
C ALA A 17 0.07 4.59 12.42
N ILE A 18 0.59 3.41 12.43
CA ILE A 18 1.72 3.09 13.28
C ILE A 18 3.00 3.37 12.52
N ASP A 19 3.22 2.62 11.47
CA ASP A 19 4.42 2.73 10.66
C ASP A 19 4.05 2.72 9.20
N GLY A 20 5.04 2.80 8.34
CA GLY A 20 4.81 2.86 6.91
C GLY A 20 4.56 1.50 6.28
N ASP A 21 3.57 0.81 6.81
CA ASP A 21 3.15 -0.53 6.36
C ASP A 21 2.03 -1.00 7.25
N THR A 22 2.12 -0.62 8.50
CA THR A 22 1.18 -1.01 9.49
C THR A 22 0.32 0.16 9.95
N VAL A 23 -0.93 0.08 9.59
CA VAL A 23 -1.90 1.07 9.95
C VAL A 23 -3.10 0.35 10.55
N LYS A 24 -3.67 0.87 11.60
CA LYS A 24 -4.74 0.18 12.25
C LYS A 24 -6.05 0.87 11.93
N LEU A 25 -6.95 0.15 11.31
CA LEU A 25 -8.24 0.68 10.94
C LEU A 25 -9.33 -0.19 11.47
N MET A 26 -10.47 0.39 11.63
CA MET A 26 -11.65 -0.28 12.02
C MET A 26 -12.57 -0.27 10.83
N TYR A 27 -12.64 -1.34 10.11
CA TYR A 27 -13.45 -1.35 8.93
C TYR A 27 -14.77 -1.99 9.25
N LYS A 28 -15.82 -1.19 9.21
CA LYS A 28 -17.17 -1.65 9.50
C LYS A 28 -17.26 -2.28 10.89
N GLY A 29 -16.44 -1.77 11.79
CA GLY A 29 -16.43 -2.24 13.15
C GLY A 29 -15.38 -3.31 13.43
N GLN A 30 -14.56 -3.61 12.46
CA GLN A 30 -13.46 -4.54 12.66
C GLN A 30 -12.11 -3.82 12.73
N PRO A 31 -11.54 -3.65 13.92
CA PRO A 31 -10.23 -3.01 14.10
C PRO A 31 -9.11 -4.01 13.87
N MET A 32 -8.43 -3.87 12.77
CA MET A 32 -7.36 -4.79 12.41
C MET A 32 -6.12 -4.06 12.00
N THR A 33 -5.02 -4.74 12.12
CA THR A 33 -3.74 -4.25 11.70
C THR A 33 -3.65 -4.41 10.18
N PHE A 34 -3.70 -3.34 9.46
CA PHE A 34 -3.67 -3.39 8.03
C PHE A 34 -2.29 -3.20 7.51
N ARG A 35 -2.00 -3.92 6.48
CA ARG A 35 -0.81 -3.80 5.71
C ARG A 35 -1.23 -3.23 4.40
N LEU A 36 -0.82 -2.02 4.13
CA LEU A 36 -1.20 -1.34 2.91
C LEU A 36 -0.64 -2.09 1.72
N LEU A 37 -1.51 -2.52 0.83
CA LEU A 37 -1.09 -3.26 -0.33
C LEU A 37 -0.31 -2.38 -1.29
N LEU A 38 0.66 -3.01 -1.96
CA LEU A 38 1.51 -2.39 -2.97
C LEU A 38 2.57 -1.48 -2.35
N VAL A 39 2.64 -1.46 -1.04
CA VAL A 39 3.57 -0.61 -0.33
C VAL A 39 4.49 -1.45 0.54
N ASP A 40 5.78 -1.28 0.36
CA ASP A 40 6.76 -1.91 1.21
C ASP A 40 7.64 -0.84 1.85
N THR A 41 7.88 -0.98 3.13
CA THR A 41 8.65 -0.03 3.92
C THR A 41 10.14 -0.16 3.56
N PRO A 42 10.97 0.93 3.71
CA PRO A 42 12.41 0.87 3.56
C PRO A 42 12.96 -0.35 4.30
N GLU A 43 13.67 -1.18 3.56
CA GLU A 43 14.12 -2.48 4.01
C GLU A 43 14.97 -2.41 5.25
N THR A 44 14.70 -3.30 6.15
CA THR A 44 15.40 -3.39 7.36
C THR A 44 16.37 -4.58 7.26
N LYS A 45 17.66 -4.28 7.15
CA LYS A 45 18.69 -5.31 6.98
C LYS A 45 18.78 -6.20 8.22
N HIS A 46 18.35 -5.64 9.30
CA HIS A 46 18.20 -6.28 10.57
C HIS A 46 17.18 -5.40 11.26
N PRO A 47 16.24 -5.93 12.09
CA PRO A 47 15.22 -5.12 12.78
C PRO A 47 15.74 -3.79 13.34
N LYS A 48 14.94 -2.72 13.14
CA LYS A 48 15.21 -1.36 13.61
C LYS A 48 16.22 -0.61 12.72
N LYS A 49 16.67 -1.24 11.65
CA LYS A 49 17.65 -0.61 10.76
C LYS A 49 16.97 0.00 9.52
N GLY A 50 15.78 -0.46 9.21
CA GLY A 50 15.07 0.09 8.06
C GLY A 50 14.48 1.42 8.39
N VAL A 51 14.10 1.57 9.65
CA VAL A 51 13.56 2.80 10.16
C VAL A 51 14.66 3.85 10.24
N GLU A 52 15.90 3.37 10.27
CA GLU A 52 17.07 4.21 10.33
C GLU A 52 17.24 4.93 8.99
N LYS A 53 16.74 4.30 7.93
CA LYS A 53 16.90 4.87 6.61
C LYS A 53 15.89 5.97 6.36
N TYR A 54 14.63 5.61 6.25
CA TYR A 54 13.57 6.57 5.88
C TYR A 54 12.25 6.18 6.52
N GLY A 55 12.35 5.42 7.61
CA GLY A 55 11.18 4.90 8.28
C GLY A 55 10.20 5.97 8.76
N PRO A 56 10.63 6.92 9.64
CA PRO A 56 9.74 7.98 10.17
C PRO A 56 9.25 8.92 9.07
N GLU A 57 9.96 8.96 7.97
CA GLU A 57 9.55 9.77 6.85
C GLU A 57 8.28 9.18 6.23
N ALA A 58 8.32 7.86 6.03
CA ALA A 58 7.21 7.13 5.45
C ALA A 58 6.04 7.08 6.41
N SER A 59 6.32 6.77 7.66
CA SER A 59 5.29 6.63 8.66
C SER A 59 4.58 7.95 8.94
N ALA A 60 5.36 9.02 9.11
CA ALA A 60 4.78 10.34 9.37
C ALA A 60 3.89 10.77 8.23
N PHE A 61 4.32 10.49 6.99
CA PHE A 61 3.53 10.86 5.82
C PHE A 61 2.22 10.11 5.84
N THR A 62 2.31 8.82 6.13
CA THR A 62 1.15 7.96 6.23
C THR A 62 0.19 8.53 7.28
N LYS A 63 0.73 8.85 8.47
CA LYS A 63 -0.05 9.41 9.58
C LYS A 63 -0.74 10.68 9.15
N LYS A 64 0.03 11.62 8.64
CA LYS A 64 -0.47 12.93 8.23
C LYS A 64 -1.57 12.81 7.18
N MET A 65 -1.39 11.92 6.23
CA MET A 65 -2.37 11.78 5.17
C MET A 65 -3.65 11.10 5.67
N VAL A 66 -3.52 10.04 6.45
CA VAL A 66 -4.71 9.31 6.92
C VAL A 66 -5.45 10.05 8.04
N GLU A 67 -4.72 10.82 8.86
CA GLU A 67 -5.35 11.63 9.91
C GLU A 67 -6.11 12.79 9.26
N ASN A 68 -5.60 13.27 8.14
CA ASN A 68 -6.19 14.40 7.42
C ASN A 68 -7.32 13.89 6.52
N ALA A 69 -7.37 12.59 6.33
CA ALA A 69 -8.38 11.96 5.52
C ALA A 69 -9.73 12.08 6.19
N LYS A 70 -10.71 12.48 5.42
CA LYS A 70 -12.06 12.64 5.94
C LYS A 70 -12.72 11.30 6.01
N LYS A 71 -12.44 10.51 5.02
CA LYS A 71 -12.94 9.19 4.92
C LYS A 71 -11.77 8.33 4.57
N ILE A 72 -11.76 7.12 4.95
CA ILE A 72 -10.76 6.22 4.49
C ILE A 72 -11.44 5.12 3.76
N GLU A 73 -10.97 4.83 2.58
CA GLU A 73 -11.58 3.82 1.78
C GLU A 73 -10.58 2.69 1.71
N VAL A 74 -11.05 1.50 1.92
CA VAL A 74 -10.23 0.34 1.76
C VAL A 74 -10.75 -0.45 0.58
N GLU A 75 -9.91 -0.68 -0.39
CA GLU A 75 -10.32 -1.36 -1.58
C GLU A 75 -9.79 -2.77 -1.60
N PHE A 76 -10.66 -3.68 -1.95
CA PHE A 76 -10.34 -5.05 -2.04
C PHE A 76 -9.59 -5.30 -3.35
N ASP A 77 -8.37 -5.72 -3.23
CA ASP A 77 -7.51 -5.95 -4.37
C ASP A 77 -7.53 -7.46 -4.76
N LYS A 78 -6.71 -7.86 -5.73
CA LYS A 78 -6.72 -9.17 -6.30
C LYS A 78 -6.10 -10.23 -5.33
N GLY A 79 -5.51 -9.77 -4.25
CA GLY A 79 -5.02 -10.70 -3.25
C GLY A 79 -6.14 -11.16 -2.34
N GLN A 80 -6.07 -10.78 -1.09
CA GLN A 80 -7.11 -11.08 -0.15
C GLN A 80 -7.49 -9.82 0.57
N ARG A 81 -8.50 -9.90 1.39
CA ARG A 81 -8.98 -8.78 2.17
C ARG A 81 -8.33 -8.86 3.56
N THR A 82 -8.10 -10.07 4.02
CA THR A 82 -7.46 -10.31 5.28
C THR A 82 -6.44 -11.43 5.14
N ASP A 83 -5.32 -11.30 5.82
CA ASP A 83 -4.30 -12.32 5.84
C ASP A 83 -4.37 -13.13 7.10
N LYS A 84 -4.16 -14.40 6.92
CA LYS A 84 -4.09 -15.46 7.95
C LYS A 84 -3.27 -15.11 9.22
N TYR A 85 -2.29 -14.22 9.13
CA TYR A 85 -1.48 -13.86 10.30
C TYR A 85 -2.25 -12.86 11.18
N GLY A 86 -3.29 -12.28 10.63
CA GLY A 86 -4.06 -11.31 11.34
C GLY A 86 -3.75 -9.92 10.86
N ARG A 87 -3.73 -9.78 9.56
CA ARG A 87 -3.42 -8.52 8.95
C ARG A 87 -4.49 -8.22 7.93
N GLY A 88 -4.83 -6.98 7.80
CA GLY A 88 -5.77 -6.58 6.79
C GLY A 88 -5.02 -6.25 5.52
N LEU A 89 -5.58 -6.61 4.40
CA LEU A 89 -4.94 -6.40 3.13
C LEU A 89 -5.88 -5.62 2.25
N ALA A 90 -5.58 -4.36 2.05
CA ALA A 90 -6.38 -3.52 1.21
C ALA A 90 -5.58 -2.36 0.69
N TYR A 91 -6.10 -1.72 -0.33
CA TYR A 91 -5.52 -0.50 -0.85
C TYR A 91 -6.16 0.65 -0.07
N ILE A 92 -5.35 1.55 0.44
CA ILE A 92 -5.86 2.62 1.29
C ILE A 92 -6.02 3.93 0.50
N TYR A 93 -7.23 4.48 0.52
CA TYR A 93 -7.48 5.78 -0.06
C TYR A 93 -7.87 6.75 1.05
N ALA A 94 -7.47 7.97 0.89
CA ALA A 94 -7.83 9.02 1.79
C ALA A 94 -8.87 9.86 1.11
N ASP A 95 -10.13 9.64 1.48
CA ASP A 95 -11.31 10.27 0.91
C ASP A 95 -11.30 10.37 -0.61
N GLY A 96 -10.88 9.27 -1.23
CA GLY A 96 -10.86 9.18 -2.67
C GLY A 96 -9.48 9.28 -3.28
N LYS A 97 -8.54 9.79 -2.52
CA LYS A 97 -7.18 10.01 -3.00
C LYS A 97 -6.27 8.86 -2.56
N MET A 98 -5.51 8.35 -3.49
CA MET A 98 -4.67 7.17 -3.31
C MET A 98 -3.48 7.43 -2.40
N VAL A 99 -3.52 6.84 -1.21
CA VAL A 99 -2.44 6.99 -0.23
C VAL A 99 -1.22 6.18 -0.67
N ASN A 100 -1.50 4.96 -1.11
CA ASN A 100 -0.45 4.00 -1.51
C ASN A 100 0.38 4.55 -2.64
N GLU A 101 -0.30 5.10 -3.62
CA GLU A 101 0.32 5.71 -4.77
C GLU A 101 1.20 6.90 -4.36
N ALA A 102 0.74 7.65 -3.38
CA ALA A 102 1.48 8.80 -2.89
C ALA A 102 2.77 8.35 -2.24
N LEU A 103 2.69 7.33 -1.39
CA LEU A 103 3.84 6.78 -0.67
C LEU A 103 4.99 6.39 -1.60
N VAL A 104 4.68 5.67 -2.65
CA VAL A 104 5.69 5.25 -3.59
C VAL A 104 6.22 6.41 -4.43
N ARG A 105 5.36 7.33 -4.79
CA ARG A 105 5.74 8.50 -5.58
C ARG A 105 6.56 9.52 -4.78
N GLN A 106 6.45 9.47 -3.46
CA GLN A 106 7.26 10.36 -2.63
C GLN A 106 8.60 9.69 -2.32
N GLY A 107 8.75 8.45 -2.82
CA GLY A 107 9.95 7.69 -2.60
C GLY A 107 10.10 7.25 -1.18
N LEU A 108 8.99 7.08 -0.51
CA LEU A 108 8.98 6.72 0.90
C LEU A 108 8.85 5.24 1.05
N ALA A 109 8.49 4.58 -0.01
CA ALA A 109 8.26 3.17 0.00
C ALA A 109 8.56 2.60 -1.36
N LYS A 110 8.64 1.30 -1.44
CA LYS A 110 8.82 0.61 -2.69
C LYS A 110 7.56 -0.16 -2.96
N VAL A 111 7.25 -0.41 -4.20
CA VAL A 111 6.05 -1.14 -4.52
C VAL A 111 6.25 -2.64 -4.25
N ALA A 112 5.37 -3.21 -3.47
CA ALA A 112 5.43 -4.62 -3.23
C ALA A 112 4.07 -5.23 -3.34
N TYR A 113 3.95 -6.17 -4.23
CA TYR A 113 2.74 -6.90 -4.39
C TYR A 113 2.98 -8.35 -4.13
N VAL A 114 2.65 -8.77 -2.93
CA VAL A 114 2.91 -10.11 -2.56
C VAL A 114 1.68 -10.81 -2.03
N TYR A 115 1.17 -11.65 -2.88
CA TYR A 115 0.19 -12.63 -2.59
C TYR A 115 0.22 -13.55 -3.75
N LYS A 116 1.32 -14.20 -3.87
CA LYS A 116 1.60 -15.06 -4.92
C LYS A 116 1.13 -16.48 -4.59
N PRO A 117 0.15 -16.95 -5.32
CA PRO A 117 -0.42 -18.29 -5.16
C PRO A 117 0.35 -19.31 -6.03
N ASN A 118 1.56 -18.90 -6.40
CA ASN A 118 2.53 -19.67 -7.19
C ASN A 118 2.05 -19.94 -8.60
N ASN A 119 1.28 -20.98 -8.78
CA ASN A 119 0.80 -21.34 -10.10
C ASN A 119 -0.62 -20.83 -10.29
N THR A 120 -1.15 -20.21 -9.24
CA THR A 120 -2.50 -19.68 -9.19
C THR A 120 -3.51 -20.82 -9.02
N HIS A 121 -3.60 -21.66 -10.02
CA HIS A 121 -4.41 -22.83 -9.96
C HIS A 121 -3.81 -23.83 -10.91
N GLY B 1 9.64 -19.80 -12.92
CA GLY B 1 10.47 -18.99 -13.80
C GLY B 1 11.69 -18.50 -13.05
N SER B 2 12.86 -18.79 -13.58
CA SER B 2 14.10 -18.38 -12.97
C SER B 2 14.75 -17.26 -13.79
N VAL B 3 14.76 -17.43 -15.11
CA VAL B 3 15.32 -16.42 -16.01
C VAL B 3 14.34 -15.25 -16.03
N ALA B 4 13.09 -15.58 -16.14
CA ALA B 4 12.03 -14.63 -16.04
C ALA B 4 11.22 -14.96 -14.83
N TYR B 5 11.55 -14.33 -13.74
CA TYR B 5 10.84 -14.55 -12.51
C TYR B 5 9.70 -13.55 -12.49
N VAL B 6 8.50 -14.05 -12.62
CA VAL B 6 7.35 -13.20 -12.78
C VAL B 6 6.45 -13.21 -11.56
N TYR B 7 6.16 -12.04 -11.06
CA TYR B 7 5.19 -11.84 -10.03
C TYR B 7 4.05 -10.98 -10.54
N LYS B 8 2.95 -11.59 -10.89
CA LYS B 8 1.74 -10.85 -11.24
C LYS B 8 0.56 -11.32 -10.36
N PRO B 9 0.60 -11.03 -9.04
CA PRO B 9 -0.46 -11.39 -8.13
C PRO B 9 -1.45 -10.24 -7.96
N ASN B 10 -1.03 -9.23 -7.21
CA ASN B 10 -1.80 -8.01 -6.99
C ASN B 10 -1.44 -7.02 -8.09
N ASN B 11 -1.45 -7.49 -9.32
CA ASN B 11 -1.04 -6.67 -10.45
C ASN B 11 -2.16 -5.77 -10.93
N THR B 12 -3.27 -5.82 -10.22
CA THR B 12 -4.45 -5.05 -10.49
C THR B 12 -4.20 -3.54 -10.54
N HIS B 13 -3.27 -3.04 -9.74
CA HIS B 13 -2.95 -1.61 -9.73
C HIS B 13 -1.46 -1.41 -9.92
N GLU B 14 -0.82 -2.42 -10.48
CA GLU B 14 0.63 -2.47 -10.67
C GLU B 14 1.17 -1.25 -11.43
N GLN B 15 0.63 -1.03 -12.61
CA GLN B 15 1.14 -0.02 -13.56
C GLN B 15 1.19 1.36 -12.95
N LEU B 16 0.11 1.73 -12.27
CA LEU B 16 -0.02 3.06 -11.69
C LEU B 16 1.04 3.29 -10.63
N LEU B 17 1.16 2.37 -9.69
CA LEU B 17 2.13 2.51 -8.64
C LEU B 17 3.56 2.37 -9.11
N ARG B 18 3.79 1.53 -10.10
CA ARG B 18 5.13 1.40 -10.64
C ARG B 18 5.55 2.67 -11.37
N LYS B 19 4.61 3.33 -12.02
CA LYS B 19 4.89 4.63 -12.62
C LYS B 19 5.10 5.70 -11.56
N SER B 20 4.40 5.53 -10.45
CA SER B 20 4.54 6.42 -9.34
C SER B 20 5.94 6.30 -8.74
N GLU B 21 6.44 5.06 -8.64
CA GLU B 21 7.80 4.83 -8.23
C GLU B 21 8.75 5.41 -9.23
N ALA B 22 8.49 5.14 -10.52
CA ALA B 22 9.35 5.55 -11.62
C ALA B 22 9.66 7.03 -11.56
N GLN B 23 8.65 7.82 -11.29
CA GLN B 23 8.78 9.25 -11.16
C GLN B 23 9.72 9.56 -9.99
N ALA B 24 9.49 8.90 -8.87
CA ALA B 24 10.27 9.10 -7.66
C ALA B 24 11.71 8.64 -7.83
N LYS B 25 11.90 7.49 -8.51
CA LYS B 25 13.23 6.95 -8.80
C LYS B 25 14.09 8.00 -9.52
N LYS B 26 13.50 8.65 -10.50
CA LYS B 26 14.22 9.58 -11.35
C LYS B 26 14.40 10.94 -10.69
N GLU B 27 13.54 11.25 -9.76
CA GLU B 27 13.62 12.50 -9.01
C GLU B 27 14.52 12.38 -7.80
N LYS B 28 14.92 11.14 -7.49
CA LYS B 28 15.78 10.80 -6.34
C LYS B 28 15.04 11.19 -5.06
N LEU B 29 13.87 10.68 -4.89
CA LEU B 29 13.06 11.02 -3.73
C LEU B 29 13.24 10.01 -2.63
N ASN B 30 13.66 10.52 -1.47
CA ASN B 30 13.93 9.75 -0.24
C ASN B 30 14.75 8.49 -0.47
N ILE B 31 14.09 7.34 -0.60
CA ILE B 31 14.76 6.07 -0.80
C ILE B 31 15.55 6.09 -2.10
N TRP B 32 15.02 6.75 -3.09
CA TRP B 32 15.64 6.78 -4.38
C TRP B 32 16.78 7.77 -4.44
N SER B 33 17.03 8.43 -3.34
CA SER B 33 18.12 9.37 -3.23
C SER B 33 19.33 8.73 -2.54
N GLU B 34 19.17 7.50 -2.03
CA GLU B 34 20.30 6.82 -1.38
C GLU B 34 21.21 6.23 -2.44
N ASP B 35 20.67 6.07 -3.62
CA ASP B 35 21.34 5.49 -4.74
C ASP B 35 20.94 6.24 -5.96
N ALA A 1 -25.44 1.47 -12.68
CA ALA A 1 -25.08 0.39 -13.57
C ALA A 1 -23.77 -0.23 -13.13
N THR A 2 -22.67 0.42 -13.42
CA THR A 2 -21.38 -0.07 -13.05
C THR A 2 -21.05 0.24 -11.59
N SER A 3 -21.25 -0.74 -10.75
CA SER A 3 -20.87 -0.63 -9.38
C SER A 3 -19.37 -0.77 -9.33
N THR A 4 -18.88 -1.78 -10.03
CA THR A 4 -17.49 -2.02 -10.12
C THR A 4 -16.91 -1.25 -11.32
N LYS A 5 -16.72 0.04 -11.11
CA LYS A 5 -16.14 0.90 -12.14
C LYS A 5 -14.65 0.71 -12.11
N LYS A 6 -14.18 0.39 -10.96
CA LYS A 6 -12.81 0.24 -10.67
C LYS A 6 -12.61 -1.01 -9.83
N LEU A 7 -13.01 -0.92 -8.57
CA LEU A 7 -12.87 -1.97 -7.57
C LEU A 7 -13.95 -1.78 -6.53
N HIS A 8 -13.90 -2.56 -5.48
CA HIS A 8 -14.86 -2.40 -4.42
C HIS A 8 -14.26 -1.52 -3.34
N LYS A 9 -14.73 -0.31 -3.29
CA LYS A 9 -14.29 0.67 -2.33
C LYS A 9 -15.25 0.67 -1.15
N GLU A 10 -14.75 0.49 0.03
CA GLU A 10 -15.57 0.47 1.22
C GLU A 10 -14.91 1.29 2.34
N PRO A 11 -15.70 2.02 3.15
CA PRO A 11 -15.16 2.88 4.20
C PRO A 11 -14.74 2.13 5.48
N ALA A 12 -13.73 2.65 6.11
CA ALA A 12 -13.19 2.08 7.33
C ALA A 12 -13.05 3.16 8.40
N THR A 13 -12.76 2.75 9.59
CA THR A 13 -12.56 3.64 10.71
C THR A 13 -11.10 3.47 11.17
N LEU A 14 -10.46 4.52 11.63
CA LEU A 14 -9.06 4.40 12.04
C LEU A 14 -8.97 3.98 13.49
N ILE A 15 -8.22 2.95 13.77
CA ILE A 15 -8.02 2.53 15.13
C ILE A 15 -6.76 3.18 15.67
N LYS A 16 -5.67 3.06 14.92
CA LYS A 16 -4.40 3.64 15.32
C LYS A 16 -3.40 3.56 14.18
N ALA A 17 -2.71 4.65 13.92
CA ALA A 17 -1.63 4.63 12.96
C ALA A 17 -0.37 4.16 13.69
N ILE A 18 0.35 3.21 13.12
CA ILE A 18 1.49 2.64 13.82
C ILE A 18 2.81 3.15 13.21
N ASP A 19 3.06 2.80 11.96
CA ASP A 19 4.27 3.27 11.28
C ASP A 19 3.83 4.01 10.02
N GLY A 20 4.67 4.04 9.00
CA GLY A 20 4.33 4.74 7.80
C GLY A 20 3.89 3.80 6.73
N ASP A 21 3.03 2.87 7.13
CA ASP A 21 2.49 1.82 6.25
C ASP A 21 1.56 0.98 7.09
N THR A 22 2.11 0.47 8.15
CA THR A 22 1.40 -0.36 9.03
C THR A 22 0.46 0.47 9.91
N VAL A 23 -0.80 0.37 9.61
CA VAL A 23 -1.85 1.10 10.28
C VAL A 23 -2.97 0.16 10.68
N LYS A 24 -3.65 0.46 11.73
CA LYS A 24 -4.69 -0.41 12.26
C LYS A 24 -6.05 0.23 11.98
N LEU A 25 -6.85 -0.41 11.15
CA LEU A 25 -8.17 0.13 10.78
C LEU A 25 -9.27 -0.83 11.13
N MET A 26 -10.45 -0.30 11.24
CA MET A 26 -11.63 -1.08 11.52
C MET A 26 -12.58 -0.91 10.38
N TYR A 27 -12.87 -1.95 9.69
CA TYR A 27 -13.80 -1.83 8.59
C TYR A 27 -14.97 -2.71 8.85
N LYS A 28 -16.14 -2.09 8.92
CA LYS A 28 -17.41 -2.79 9.14
C LYS A 28 -17.41 -3.55 10.46
N GLY A 29 -16.62 -3.05 11.40
CA GLY A 29 -16.52 -3.68 12.70
C GLY A 29 -15.35 -4.64 12.80
N GLN A 30 -14.55 -4.74 11.76
CA GLN A 30 -13.36 -5.59 11.74
C GLN A 30 -12.12 -4.75 11.99
N PRO A 31 -11.56 -4.77 13.21
CA PRO A 31 -10.33 -4.07 13.50
C PRO A 31 -9.14 -4.92 13.08
N MET A 32 -8.57 -4.60 11.97
CA MET A 32 -7.48 -5.35 11.42
C MET A 32 -6.29 -4.45 11.17
N THR A 33 -5.12 -5.00 11.32
CA THR A 33 -3.92 -4.27 11.07
C THR A 33 -3.62 -4.38 9.60
N PHE A 34 -3.55 -3.27 8.95
CA PHE A 34 -3.38 -3.21 7.53
C PHE A 34 -1.96 -2.96 7.10
N ARG A 35 -1.76 -3.27 5.87
CA ARG A 35 -0.58 -3.05 5.14
C ARG A 35 -1.03 -2.50 3.81
N LEU A 36 -0.45 -1.41 3.38
CA LEU A 36 -0.84 -0.86 2.10
C LEU A 36 -0.39 -1.73 0.96
N LEU A 37 -1.34 -2.04 0.07
CA LEU A 37 -1.07 -2.83 -1.09
C LEU A 37 -0.01 -2.22 -1.97
N LEU A 38 0.98 -3.05 -2.24
CA LEU A 38 2.07 -2.77 -3.16
C LEU A 38 3.06 -1.75 -2.61
N VAL A 39 3.11 -1.62 -1.30
CA VAL A 39 4.05 -0.71 -0.67
C VAL A 39 5.10 -1.47 0.09
N ASP A 40 6.33 -1.06 -0.07
CA ASP A 40 7.40 -1.62 0.68
C ASP A 40 8.08 -0.52 1.43
N THR A 41 7.87 -0.48 2.70
CA THR A 41 8.50 0.48 3.56
C THR A 41 9.73 -0.14 4.21
N PRO A 42 10.66 0.69 4.72
CA PRO A 42 11.89 0.20 5.35
C PRO A 42 11.67 -0.52 6.69
N GLU A 43 11.03 -1.67 6.64
CA GLU A 43 10.87 -2.49 7.82
C GLU A 43 12.15 -3.22 8.07
N THR A 44 12.24 -3.88 9.22
CA THR A 44 13.48 -4.53 9.68
C THR A 44 14.47 -3.44 10.17
N LYS A 45 14.55 -2.35 9.39
CA LYS A 45 15.27 -1.15 9.77
C LYS A 45 14.51 -0.51 10.93
N HIS A 46 13.18 -0.63 10.84
CA HIS A 46 12.23 -0.11 11.81
C HIS A 46 12.11 1.41 11.70
N PRO A 47 11.07 1.88 10.99
CA PRO A 47 10.81 3.32 10.79
C PRO A 47 10.73 4.04 12.12
N LYS A 48 11.42 5.19 12.21
CA LYS A 48 11.50 6.04 13.41
C LYS A 48 12.33 5.45 14.53
N LYS A 49 12.17 4.18 14.75
CA LYS A 49 12.87 3.46 15.82
C LYS A 49 14.37 3.52 15.58
N GLY A 50 14.76 3.44 14.33
CA GLY A 50 16.15 3.52 14.01
C GLY A 50 16.38 4.04 12.62
N VAL A 51 15.48 4.86 12.13
CA VAL A 51 15.59 5.46 10.82
C VAL A 51 15.15 6.92 10.92
N GLU A 52 16.10 7.80 11.05
CA GLU A 52 15.83 9.22 11.18
C GLU A 52 15.80 9.96 9.85
N LYS A 53 16.54 9.49 8.89
CA LYS A 53 16.66 10.21 7.62
C LYS A 53 15.37 10.19 6.83
N TYR A 54 14.71 9.05 6.78
CA TYR A 54 13.50 8.92 5.96
C TYR A 54 12.32 8.45 6.80
N GLY A 55 12.60 8.05 8.03
CA GLY A 55 11.59 7.43 8.88
C GLY A 55 10.49 8.38 9.34
N PRO A 56 10.82 9.49 10.07
CA PRO A 56 9.80 10.43 10.57
C PRO A 56 9.04 11.13 9.46
N GLU A 57 9.65 11.23 8.30
CA GLU A 57 9.02 11.84 7.16
C GLU A 57 7.91 10.94 6.66
N ALA A 58 8.25 9.67 6.46
CA ALA A 58 7.29 8.68 5.96
C ALA A 58 6.16 8.47 6.95
N SER A 59 6.48 8.39 8.23
CA SER A 59 5.49 8.17 9.25
C SER A 59 4.52 9.35 9.34
N ALA A 60 5.06 10.57 9.42
CA ALA A 60 4.23 11.76 9.54
C ALA A 60 3.37 11.96 8.32
N PHE A 61 3.94 11.67 7.16
CA PHE A 61 3.27 11.80 5.88
C PHE A 61 2.03 10.90 5.85
N THR A 62 2.25 9.63 6.17
CA THR A 62 1.20 8.64 6.21
C THR A 62 0.14 9.01 7.26
N LYS A 63 0.63 9.38 8.46
CA LYS A 63 -0.23 9.76 9.57
C LYS A 63 -1.12 10.93 9.23
N LYS A 64 -0.55 11.96 8.66
CA LYS A 64 -1.31 13.14 8.28
C LYS A 64 -2.39 12.79 7.27
N MET A 65 -2.07 11.93 6.33
CA MET A 65 -3.06 11.55 5.34
C MET A 65 -4.21 10.76 5.95
N VAL A 66 -3.90 9.77 6.77
CA VAL A 66 -4.94 8.92 7.35
C VAL A 66 -5.72 9.61 8.48
N GLU A 67 -5.08 10.51 9.20
CA GLU A 67 -5.73 11.18 10.29
C GLU A 67 -6.51 12.42 9.82
N ASN A 68 -6.06 13.05 8.74
CA ASN A 68 -6.77 14.23 8.19
C ASN A 68 -7.89 13.76 7.26
N ALA A 69 -7.87 12.49 6.93
CA ALA A 69 -8.83 11.86 6.05
C ALA A 69 -10.26 12.11 6.49
N LYS A 70 -11.04 12.67 5.62
CA LYS A 70 -12.46 12.92 5.88
C LYS A 70 -13.16 11.60 5.79
N LYS A 71 -12.73 10.86 4.81
CA LYS A 71 -13.27 9.58 4.52
C LYS A 71 -12.14 8.61 4.47
N ILE A 72 -12.18 7.61 5.26
CA ILE A 72 -11.15 6.60 5.22
C ILE A 72 -11.68 5.47 4.38
N GLU A 73 -11.07 5.28 3.25
CA GLU A 73 -11.55 4.28 2.34
C GLU A 73 -10.53 3.18 2.22
N VAL A 74 -11.00 1.97 2.28
CA VAL A 74 -10.20 0.83 2.01
C VAL A 74 -10.70 0.23 0.72
N GLU A 75 -9.83 0.04 -0.20
CA GLU A 75 -10.24 -0.43 -1.49
C GLU A 75 -9.64 -1.79 -1.71
N PHE A 76 -10.47 -2.72 -2.07
CA PHE A 76 -10.09 -4.07 -2.22
C PHE A 76 -9.79 -4.40 -3.68
N ASP A 77 -8.66 -5.05 -3.89
CA ASP A 77 -8.21 -5.46 -5.22
C ASP A 77 -8.85 -6.83 -5.53
N LYS A 78 -8.50 -7.43 -6.62
CA LYS A 78 -9.12 -8.68 -7.07
C LYS A 78 -8.63 -9.91 -6.27
N GLY A 79 -7.55 -9.75 -5.54
CA GLY A 79 -6.94 -10.89 -4.90
C GLY A 79 -7.29 -11.07 -3.44
N GLN A 80 -6.29 -10.97 -2.58
CA GLN A 80 -6.47 -11.23 -1.16
C GLN A 80 -6.69 -9.93 -0.42
N ARG A 81 -7.57 -9.98 0.55
CA ARG A 81 -7.87 -8.85 1.41
C ARG A 81 -7.07 -8.99 2.69
N THR A 82 -6.66 -10.19 2.98
CA THR A 82 -5.95 -10.48 4.18
C THR A 82 -4.87 -11.52 3.95
N ASP A 83 -3.77 -11.36 4.60
CA ASP A 83 -2.72 -12.36 4.60
C ASP A 83 -2.93 -13.25 5.80
N LYS A 84 -2.57 -14.51 5.68
CA LYS A 84 -2.74 -15.51 6.74
C LYS A 84 -2.02 -15.17 8.06
N TYR A 85 -1.07 -14.24 8.02
CA TYR A 85 -0.40 -13.76 9.22
C TYR A 85 -1.39 -12.96 10.09
N GLY A 86 -2.44 -12.49 9.46
CA GLY A 86 -3.44 -11.70 10.14
C GLY A 86 -3.28 -10.24 9.80
N ARG A 87 -2.71 -10.00 8.66
CA ARG A 87 -2.42 -8.67 8.22
C ARG A 87 -3.32 -8.36 7.03
N GLY A 88 -4.03 -7.25 7.12
CA GLY A 88 -4.93 -6.84 6.06
C GLY A 88 -4.16 -6.26 4.90
N LEU A 89 -4.61 -6.57 3.72
CA LEU A 89 -3.98 -6.12 2.50
C LEU A 89 -5.01 -5.36 1.67
N ALA A 90 -4.93 -4.06 1.69
CA ALA A 90 -5.87 -3.23 0.97
C ALA A 90 -5.23 -1.92 0.60
N TYR A 91 -5.87 -1.17 -0.26
CA TYR A 91 -5.40 0.15 -0.57
C TYR A 91 -6.03 1.10 0.42
N ILE A 92 -5.30 2.08 0.86
CA ILE A 92 -5.82 3.03 1.79
C ILE A 92 -5.95 4.38 1.09
N TYR A 93 -7.14 4.93 1.08
CA TYR A 93 -7.37 6.23 0.50
C TYR A 93 -7.87 7.17 1.56
N ALA A 94 -7.38 8.37 1.52
CA ALA A 94 -7.85 9.38 2.40
C ALA A 94 -8.71 10.32 1.58
N ASP A 95 -10.02 10.12 1.67
CA ASP A 95 -11.04 10.85 0.90
C ASP A 95 -10.68 11.03 -0.56
N GLY A 96 -10.16 9.98 -1.16
CA GLY A 96 -9.80 10.01 -2.56
C GLY A 96 -8.30 10.07 -2.79
N LYS A 97 -7.56 10.45 -1.79
CA LYS A 97 -6.12 10.51 -1.92
C LYS A 97 -5.55 9.15 -1.67
N MET A 98 -4.99 8.55 -2.68
CA MET A 98 -4.42 7.22 -2.53
C MET A 98 -3.07 7.34 -1.82
N VAL A 99 -3.05 6.94 -0.56
CA VAL A 99 -1.88 7.12 0.33
C VAL A 99 -0.65 6.40 -0.24
N ASN A 100 -0.85 5.19 -0.71
CA ASN A 100 0.24 4.39 -1.26
C ASN A 100 0.81 4.98 -2.54
N GLU A 101 -0.03 5.68 -3.30
CA GLU A 101 0.39 6.41 -4.49
C GLU A 101 1.38 7.47 -4.05
N ALA A 102 0.95 8.28 -3.10
CA ALA A 102 1.73 9.39 -2.59
C ALA A 102 3.04 8.92 -1.97
N LEU A 103 2.98 7.86 -1.17
CA LEU A 103 4.17 7.31 -0.50
C LEU A 103 5.27 6.93 -1.49
N VAL A 104 4.91 6.16 -2.49
CA VAL A 104 5.89 5.71 -3.47
C VAL A 104 6.29 6.87 -4.39
N ARG A 105 5.33 7.71 -4.75
CA ARG A 105 5.52 8.82 -5.69
C ARG A 105 6.41 9.91 -5.09
N GLN A 106 6.41 10.00 -3.78
CA GLN A 106 7.20 11.00 -3.08
C GLN A 106 8.54 10.40 -2.65
N GLY A 107 8.71 9.11 -2.95
CA GLY A 107 9.94 8.42 -2.66
C GLY A 107 10.12 8.11 -1.20
N LEU A 108 9.07 7.74 -0.54
CA LEU A 108 9.16 7.42 0.87
C LEU A 108 9.11 5.92 1.07
N ALA A 109 8.79 5.21 0.01
CA ALA A 109 8.66 3.78 0.06
C ALA A 109 8.96 3.19 -1.31
N LYS A 110 9.10 1.89 -1.35
CA LYS A 110 9.30 1.15 -2.57
C LYS A 110 7.99 0.56 -2.93
N VAL A 111 7.90 0.05 -4.11
CA VAL A 111 6.74 -0.64 -4.51
C VAL A 111 6.99 -2.11 -4.21
N ALA A 112 6.02 -2.76 -3.70
CA ALA A 112 6.13 -4.16 -3.49
C ALA A 112 5.65 -4.76 -4.76
N TYR A 113 6.48 -5.55 -5.37
CA TYR A 113 6.22 -6.02 -6.69
C TYR A 113 5.09 -7.02 -6.70
N VAL A 114 4.34 -6.96 -7.75
CA VAL A 114 3.14 -7.71 -7.89
C VAL A 114 3.46 -9.06 -8.45
N TYR A 115 2.83 -10.06 -7.88
CA TYR A 115 3.11 -11.43 -8.15
C TYR A 115 2.59 -11.87 -9.53
N LYS A 116 1.34 -11.51 -9.82
CA LYS A 116 0.61 -11.96 -11.02
C LYS A 116 0.28 -13.47 -10.93
N PRO A 117 -0.89 -13.91 -11.48
CA PRO A 117 -1.45 -15.28 -11.30
C PRO A 117 -0.46 -16.44 -11.45
N ASN A 118 0.45 -16.31 -12.37
CA ASN A 118 1.42 -17.36 -12.64
C ASN A 118 2.83 -16.80 -12.76
N ASN A 119 3.11 -15.74 -11.98
CA ASN A 119 4.47 -15.12 -11.88
C ASN A 119 4.90 -14.42 -13.15
N THR A 120 3.96 -14.06 -13.98
CA THR A 120 4.27 -13.39 -15.22
C THR A 120 4.65 -11.92 -14.97
N HIS A 121 5.92 -11.64 -14.92
CA HIS A 121 6.39 -10.29 -14.79
C HIS A 121 7.68 -10.11 -15.56
N GLY B 1 -19.48 -19.27 -21.76
CA GLY B 1 -19.22 -20.70 -21.79
C GLY B 1 -18.14 -21.05 -20.82
N SER B 2 -17.35 -22.05 -21.15
CA SER B 2 -16.31 -22.52 -20.27
C SER B 2 -15.07 -21.61 -20.26
N VAL B 3 -15.18 -20.53 -19.53
CA VAL B 3 -14.08 -19.62 -19.37
C VAL B 3 -13.73 -19.57 -17.90
N ALA B 4 -12.89 -20.47 -17.50
CA ALA B 4 -12.50 -20.59 -16.14
C ALA B 4 -11.01 -20.40 -16.04
N TYR B 5 -10.61 -19.50 -15.19
CA TYR B 5 -9.23 -19.21 -14.96
C TYR B 5 -9.17 -18.45 -13.66
N VAL B 6 -7.98 -18.07 -13.24
CA VAL B 6 -7.80 -17.29 -12.03
C VAL B 6 -8.44 -15.93 -12.26
N TYR B 7 -9.39 -15.56 -11.45
CA TYR B 7 -10.17 -14.32 -11.65
C TYR B 7 -9.40 -13.10 -11.13
N LYS B 8 -8.12 -13.19 -11.31
CA LYS B 8 -7.10 -12.23 -10.96
C LYS B 8 -6.81 -12.08 -9.46
N PRO B 9 -5.51 -12.15 -9.10
CA PRO B 9 -5.02 -11.77 -7.77
C PRO B 9 -4.95 -10.22 -7.66
N ASN B 10 -4.06 -9.69 -6.84
CA ASN B 10 -4.04 -8.23 -6.62
C ASN B 10 -3.21 -7.60 -7.71
N ASN B 11 -3.85 -7.07 -8.74
CA ASN B 11 -3.13 -6.58 -9.92
C ASN B 11 -3.75 -5.34 -10.51
N THR B 12 -4.69 -4.72 -9.83
CA THR B 12 -5.37 -3.61 -10.40
C THR B 12 -4.49 -2.36 -10.56
N HIS B 13 -3.74 -2.02 -9.54
CA HIS B 13 -2.86 -0.84 -9.62
C HIS B 13 -1.43 -1.24 -9.93
N GLU B 14 -1.29 -2.41 -10.55
CA GLU B 14 0.02 -3.02 -10.91
C GLU B 14 0.87 -1.99 -11.69
N GLN B 15 0.38 -1.64 -12.86
CA GLN B 15 1.03 -0.67 -13.73
C GLN B 15 1.16 0.70 -13.07
N LEU B 16 0.05 1.16 -12.50
CA LEU B 16 -0.02 2.49 -11.91
C LEU B 16 1.00 2.72 -10.82
N LEU B 17 1.10 1.81 -9.87
CA LEU B 17 2.07 1.95 -8.82
C LEU B 17 3.49 1.75 -9.29
N ARG B 18 3.66 0.98 -10.36
CA ARG B 18 4.97 0.86 -10.97
C ARG B 18 5.36 2.17 -11.67
N LYS B 19 4.35 2.93 -12.09
CA LYS B 19 4.58 4.23 -12.69
C LYS B 19 5.01 5.21 -11.62
N SER B 20 4.40 5.08 -10.46
CA SER B 20 4.74 5.87 -9.30
C SER B 20 6.21 5.59 -8.93
N GLU B 21 6.55 4.30 -8.94
CA GLU B 21 7.89 3.80 -8.70
C GLU B 21 8.87 4.38 -9.70
N ALA B 22 8.62 4.15 -10.98
CA ALA B 22 9.49 4.57 -12.08
C ALA B 22 9.86 6.03 -12.00
N GLN B 23 8.85 6.88 -11.86
CA GLN B 23 9.05 8.31 -11.81
C GLN B 23 9.94 8.70 -10.62
N ALA B 24 9.61 8.15 -9.48
CA ALA B 24 10.30 8.49 -8.27
C ALA B 24 11.71 7.91 -8.24
N LYS B 25 11.89 6.74 -8.85
CA LYS B 25 13.22 6.14 -8.98
C LYS B 25 14.10 7.03 -9.84
N LYS B 26 13.54 7.53 -10.94
CA LYS B 26 14.24 8.43 -11.85
C LYS B 26 14.70 9.70 -11.16
N GLU B 27 13.86 10.22 -10.28
CA GLU B 27 14.16 11.44 -9.54
C GLU B 27 15.08 11.15 -8.34
N LYS B 28 15.12 9.88 -7.97
CA LYS B 28 15.83 9.37 -6.80
C LYS B 28 15.36 10.13 -5.57
N LEU B 29 14.09 9.99 -5.32
CA LEU B 29 13.39 10.67 -4.26
C LEU B 29 13.58 9.93 -2.96
N ASN B 30 14.22 10.60 -2.03
CA ASN B 30 14.41 10.14 -0.63
C ASN B 30 14.88 8.70 -0.50
N ILE B 31 13.95 7.75 -0.41
CA ILE B 31 14.29 6.37 -0.18
C ILE B 31 14.95 5.78 -1.43
N TRP B 32 14.61 6.36 -2.59
CA TRP B 32 15.15 5.91 -3.86
C TRP B 32 16.58 6.35 -4.02
N SER B 33 16.96 7.31 -3.23
CA SER B 33 18.30 7.78 -3.22
C SER B 33 19.10 6.92 -2.22
N GLU B 34 19.16 5.65 -2.53
CA GLU B 34 19.85 4.66 -1.71
C GLU B 34 21.25 4.38 -2.22
N ASP B 35 21.56 4.97 -3.33
CA ASP B 35 22.84 4.82 -3.95
C ASP B 35 23.17 6.15 -4.57
N ALA A 1 -10.82 0.02 -20.38
CA ALA A 1 -10.98 0.39 -18.99
C ALA A 1 -12.29 -0.16 -18.41
N THR A 2 -13.05 -0.91 -19.21
CA THR A 2 -14.32 -1.45 -18.76
C THR A 2 -14.13 -2.67 -17.81
N SER A 3 -12.89 -3.08 -17.62
CA SER A 3 -12.56 -4.09 -16.64
C SER A 3 -12.58 -3.44 -15.25
N THR A 4 -12.57 -2.10 -15.24
CA THR A 4 -12.57 -1.25 -14.06
C THR A 4 -11.51 -1.65 -13.03
N LYS A 5 -10.32 -1.13 -13.20
CA LYS A 5 -9.25 -1.45 -12.33
C LYS A 5 -9.20 -0.51 -11.14
N LYS A 6 -10.31 -0.55 -10.46
CA LYS A 6 -10.67 0.15 -9.27
C LYS A 6 -11.79 -0.70 -8.77
N LEU A 7 -11.67 -1.24 -7.62
CA LEU A 7 -12.68 -2.18 -7.21
C LEU A 7 -13.61 -1.67 -6.14
N HIS A 8 -13.44 -2.14 -4.93
CA HIS A 8 -14.38 -1.81 -3.88
C HIS A 8 -13.77 -0.95 -2.83
N LYS A 9 -14.10 0.33 -2.86
CA LYS A 9 -13.70 1.23 -1.81
C LYS A 9 -14.80 1.32 -0.80
N GLU A 10 -14.52 0.92 0.39
CA GLU A 10 -15.47 0.97 1.45
C GLU A 10 -14.85 1.68 2.65
N PRO A 11 -15.61 2.54 3.35
CA PRO A 11 -15.09 3.31 4.49
C PRO A 11 -14.74 2.43 5.70
N ALA A 12 -13.69 2.80 6.36
CA ALA A 12 -13.22 2.15 7.55
C ALA A 12 -12.88 3.21 8.58
N THR A 13 -12.84 2.85 9.82
CA THR A 13 -12.51 3.77 10.86
C THR A 13 -11.04 3.59 11.16
N LEU A 14 -10.33 4.65 11.38
CA LEU A 14 -8.93 4.55 11.66
C LEU A 14 -8.73 4.30 13.14
N ILE A 15 -8.05 3.24 13.47
CA ILE A 15 -7.72 2.99 14.84
C ILE A 15 -6.45 3.75 15.12
N LYS A 16 -5.45 3.53 14.28
CA LYS A 16 -4.18 4.24 14.32
C LYS A 16 -3.32 3.75 13.20
N ALA A 17 -2.30 4.47 12.90
CA ALA A 17 -1.33 4.05 11.93
C ALA A 17 -0.08 3.68 12.70
N ILE A 18 0.42 2.49 12.50
CA ILE A 18 1.55 2.00 13.26
C ILE A 18 2.81 2.63 12.68
N ASP A 19 3.07 2.27 11.45
CA ASP A 19 4.21 2.79 10.73
C ASP A 19 3.64 3.63 9.62
N GLY A 20 4.42 3.89 8.62
CA GLY A 20 3.93 4.50 7.42
C GLY A 20 3.68 3.42 6.40
N ASP A 21 3.41 2.24 6.92
CA ASP A 21 3.30 1.03 6.14
C ASP A 21 2.19 0.18 6.75
N THR A 22 2.42 -0.20 8.01
CA THR A 22 1.49 -0.97 8.78
C THR A 22 0.45 -0.02 9.40
N VAL A 23 -0.80 -0.31 9.23
CA VAL A 23 -1.88 0.54 9.72
C VAL A 23 -2.95 -0.31 10.42
N LYS A 24 -3.70 0.29 11.31
CA LYS A 24 -4.67 -0.43 12.10
C LYS A 24 -6.05 0.16 11.80
N LEU A 25 -6.91 -0.58 11.15
CA LEU A 25 -8.22 -0.07 10.75
C LEU A 25 -9.35 -0.93 11.23
N MET A 26 -10.50 -0.32 11.29
CA MET A 26 -11.72 -0.94 11.72
C MET A 26 -12.76 -0.72 10.66
N TYR A 27 -13.06 -1.70 9.86
CA TYR A 27 -14.06 -1.50 8.86
C TYR A 27 -15.32 -2.19 9.25
N LYS A 28 -16.39 -1.41 9.41
CA LYS A 28 -17.73 -1.96 9.69
C LYS A 28 -17.72 -2.76 11.00
N GLY A 29 -16.80 -2.37 11.88
CA GLY A 29 -16.69 -3.01 13.17
C GLY A 29 -15.68 -4.14 13.17
N GLN A 30 -14.95 -4.30 12.10
CA GLN A 30 -13.94 -5.33 12.01
C GLN A 30 -12.56 -4.70 12.12
N PRO A 31 -11.93 -4.80 13.30
CA PRO A 31 -10.59 -4.27 13.52
C PRO A 31 -9.55 -5.24 12.97
N MET A 32 -8.78 -4.80 12.01
CA MET A 32 -7.76 -5.63 11.40
C MET A 32 -6.47 -4.86 11.22
N THR A 33 -5.39 -5.57 11.30
CA THR A 33 -4.09 -5.01 11.07
C THR A 33 -3.83 -5.00 9.57
N PHE A 34 -3.87 -3.86 8.99
CA PHE A 34 -3.70 -3.72 7.58
C PHE A 34 -2.32 -3.25 7.26
N ARG A 35 -1.96 -3.40 6.05
CA ARG A 35 -0.79 -2.81 5.56
C ARG A 35 -1.13 -2.26 4.21
N LEU A 36 -0.58 -1.11 3.91
CA LEU A 36 -0.86 -0.43 2.66
C LEU A 36 -0.42 -1.32 1.50
N LEU A 37 -1.39 -1.85 0.77
CA LEU A 37 -1.11 -2.71 -0.35
C LEU A 37 -0.36 -1.90 -1.41
N LEU A 38 0.80 -2.42 -1.81
CA LEU A 38 1.74 -1.82 -2.78
C LEU A 38 2.73 -0.84 -2.16
N VAL A 39 2.76 -0.77 -0.85
CA VAL A 39 3.73 0.08 -0.17
C VAL A 39 4.64 -0.79 0.70
N ASP A 40 5.93 -0.59 0.58
CA ASP A 40 6.90 -1.31 1.38
C ASP A 40 7.90 -0.28 1.91
N THR A 41 7.82 -0.01 3.17
CA THR A 41 8.66 0.99 3.80
C THR A 41 9.79 0.39 4.71
N PRO A 42 9.46 -0.45 5.75
CA PRO A 42 10.46 -0.96 6.68
C PRO A 42 11.04 -2.31 6.22
N GLU A 43 10.76 -2.65 5.00
CA GLU A 43 11.21 -3.83 4.39
C GLU A 43 11.61 -3.40 3.00
N THR A 44 12.56 -4.10 2.39
CA THR A 44 13.11 -3.73 1.08
C THR A 44 13.82 -2.35 1.20
N LYS A 45 14.19 -1.99 2.42
CA LYS A 45 14.75 -0.69 2.66
C LYS A 45 16.13 -0.55 2.06
N HIS A 46 16.92 -1.61 2.12
CA HIS A 46 18.30 -1.68 1.58
C HIS A 46 19.38 -1.20 2.59
N PRO A 47 19.61 0.13 2.86
CA PRO A 47 20.48 0.52 3.97
C PRO A 47 19.75 0.25 5.29
N LYS A 48 20.33 -0.60 6.11
CA LYS A 48 19.72 -1.01 7.36
C LYS A 48 19.74 0.10 8.39
N LYS A 49 20.63 1.06 8.22
CA LYS A 49 20.68 2.22 9.11
C LYS A 49 19.80 3.34 8.58
N GLY A 50 19.13 3.04 7.50
CA GLY A 50 18.26 3.99 6.91
C GLY A 50 16.83 3.80 7.36
N VAL A 51 16.58 2.84 8.23
CA VAL A 51 15.23 2.59 8.68
C VAL A 51 14.86 3.53 9.83
N GLU A 52 15.82 3.82 10.69
CA GLU A 52 15.59 4.72 11.81
C GLU A 52 15.62 6.15 11.28
N LYS A 53 16.33 6.33 10.20
CA LYS A 53 16.46 7.61 9.56
C LYS A 53 15.23 7.96 8.73
N TYR A 54 14.80 7.04 7.91
CA TYR A 54 13.73 7.35 7.00
C TYR A 54 12.35 7.08 7.62
N GLY A 55 12.30 6.12 8.54
CA GLY A 55 11.04 5.68 9.16
C GLY A 55 10.08 6.81 9.57
N PRO A 56 10.51 7.76 10.44
CA PRO A 56 9.66 8.89 10.89
C PRO A 56 9.11 9.74 9.73
N GLU A 57 9.87 9.86 8.65
CA GLU A 57 9.48 10.71 7.53
C GLU A 57 8.28 10.16 6.79
N ALA A 58 8.39 8.94 6.34
CA ALA A 58 7.31 8.29 5.61
C ALA A 58 6.10 8.13 6.51
N SER A 59 6.36 7.74 7.75
CA SER A 59 5.31 7.52 8.71
C SER A 59 4.53 8.80 9.03
N ALA A 60 5.22 9.95 9.05
CA ALA A 60 4.59 11.23 9.32
C ALA A 60 3.58 11.55 8.23
N PHE A 61 3.92 11.20 7.00
CA PHE A 61 3.03 11.45 5.90
C PHE A 61 1.82 10.55 6.01
N THR A 62 2.07 9.26 6.14
CA THR A 62 1.02 8.26 6.22
C THR A 62 0.03 8.54 7.38
N LYS A 63 0.55 8.82 8.58
CA LYS A 63 -0.32 9.06 9.73
C LYS A 63 -1.21 10.25 9.50
N LYS A 64 -0.61 11.37 9.17
CA LYS A 64 -1.37 12.61 8.97
C LYS A 64 -2.28 12.54 7.74
N MET A 65 -1.95 11.67 6.81
CA MET A 65 -2.72 11.48 5.60
C MET A 65 -4.07 10.88 5.95
N VAL A 66 -4.05 9.88 6.80
CA VAL A 66 -5.26 9.19 7.19
C VAL A 66 -5.96 9.88 8.37
N GLU A 67 -5.20 10.59 9.20
CA GLU A 67 -5.79 11.29 10.33
C GLU A 67 -6.54 12.54 9.86
N ASN A 68 -6.04 13.19 8.82
CA ASN A 68 -6.69 14.42 8.30
C ASN A 68 -7.82 14.05 7.35
N ALA A 69 -7.81 12.80 6.89
CA ALA A 69 -8.78 12.28 5.95
C ALA A 69 -10.21 12.39 6.48
N LYS A 70 -11.12 12.68 5.59
CA LYS A 70 -12.52 12.82 5.94
C LYS A 70 -13.07 11.45 6.17
N LYS A 71 -12.69 10.58 5.27
CA LYS A 71 -13.10 9.22 5.30
C LYS A 71 -11.88 8.39 5.04
N ILE A 72 -11.84 7.26 5.61
CA ILE A 72 -10.78 6.36 5.32
C ILE A 72 -11.39 5.30 4.46
N GLU A 73 -10.89 5.13 3.29
CA GLU A 73 -11.45 4.21 2.35
C GLU A 73 -10.49 3.07 2.17
N VAL A 74 -10.98 1.88 2.21
CA VAL A 74 -10.16 0.73 1.95
C VAL A 74 -10.63 0.11 0.66
N GLU A 75 -9.73 -0.16 -0.25
CA GLU A 75 -10.13 -0.75 -1.48
C GLU A 75 -9.71 -2.20 -1.54
N PHE A 76 -10.71 -3.01 -1.67
CA PHE A 76 -10.61 -4.43 -1.79
C PHE A 76 -10.43 -4.78 -3.25
N ASP A 77 -9.35 -5.51 -3.55
CA ASP A 77 -9.08 -5.98 -4.90
C ASP A 77 -9.79 -7.32 -5.06
N LYS A 78 -9.63 -7.99 -6.16
CA LYS A 78 -10.37 -9.20 -6.41
C LYS A 78 -9.65 -10.46 -5.95
N GLY A 79 -8.44 -10.31 -5.46
CA GLY A 79 -7.68 -11.46 -5.06
C GLY A 79 -7.85 -11.78 -3.60
N GLN A 80 -7.02 -11.16 -2.79
CA GLN A 80 -7.01 -11.44 -1.37
C GLN A 80 -7.18 -10.17 -0.60
N ARG A 81 -7.96 -10.21 0.44
CA ARG A 81 -8.17 -9.07 1.30
C ARG A 81 -7.28 -9.19 2.53
N THR A 82 -6.73 -10.35 2.72
CA THR A 82 -5.81 -10.63 3.80
C THR A 82 -4.71 -11.56 3.31
N ASP A 83 -3.60 -11.57 3.99
CA ASP A 83 -2.52 -12.47 3.63
C ASP A 83 -2.65 -13.75 4.48
N LYS A 84 -1.63 -14.60 4.47
CA LYS A 84 -1.65 -15.84 5.24
C LYS A 84 -1.52 -15.56 6.76
N TYR A 85 -0.81 -14.50 7.12
CA TYR A 85 -0.55 -14.17 8.52
C TYR A 85 -1.75 -13.46 9.15
N GLY A 86 -2.57 -12.88 8.31
CA GLY A 86 -3.78 -12.26 8.78
C GLY A 86 -3.67 -10.76 8.77
N ARG A 87 -2.86 -10.26 7.88
CA ARG A 87 -2.72 -8.85 7.66
C ARG A 87 -3.63 -8.45 6.54
N GLY A 88 -4.27 -7.33 6.70
CA GLY A 88 -5.17 -6.84 5.70
C GLY A 88 -4.44 -6.29 4.52
N LEU A 89 -4.71 -6.85 3.38
CA LEU A 89 -4.13 -6.42 2.16
C LEU A 89 -5.17 -5.64 1.42
N ALA A 90 -5.15 -4.36 1.59
CA ALA A 90 -6.09 -3.50 0.96
C ALA A 90 -5.41 -2.20 0.65
N TYR A 91 -5.90 -1.52 -0.33
CA TYR A 91 -5.33 -0.26 -0.70
C TYR A 91 -5.96 0.77 0.18
N ILE A 92 -5.18 1.63 0.77
CA ILE A 92 -5.73 2.63 1.62
C ILE A 92 -5.85 3.95 0.88
N TYR A 93 -7.04 4.48 0.90
CA TYR A 93 -7.37 5.72 0.27
C TYR A 93 -7.89 6.68 1.33
N ALA A 94 -7.57 7.94 1.19
CA ALA A 94 -8.05 8.94 2.08
C ALA A 94 -9.11 9.75 1.36
N ASP A 95 -10.37 9.42 1.63
CA ASP A 95 -11.57 10.02 0.98
C ASP A 95 -11.43 10.20 -0.53
N GLY A 96 -10.80 9.23 -1.17
CA GLY A 96 -10.63 9.27 -2.60
C GLY A 96 -9.20 9.56 -3.04
N LYS A 97 -8.36 9.96 -2.13
CA LYS A 97 -6.93 10.18 -2.42
C LYS A 97 -6.18 8.88 -2.23
N MET A 98 -5.32 8.57 -3.15
CA MET A 98 -4.51 7.38 -3.05
C MET A 98 -3.34 7.64 -2.13
N VAL A 99 -3.36 6.99 -0.99
CA VAL A 99 -2.27 7.15 -0.02
C VAL A 99 -1.00 6.48 -0.56
N ASN A 100 -1.19 5.28 -1.08
CA ASN A 100 -0.10 4.46 -1.64
C ASN A 100 0.65 5.23 -2.72
N GLU A 101 -0.13 5.80 -3.66
CA GLU A 101 0.38 6.58 -4.79
C GLU A 101 1.23 7.72 -4.28
N ALA A 102 0.69 8.48 -3.34
CA ALA A 102 1.34 9.66 -2.79
C ALA A 102 2.69 9.31 -2.14
N LEU A 103 2.71 8.23 -1.38
CA LEU A 103 3.93 7.77 -0.72
C LEU A 103 5.03 7.45 -1.71
N VAL A 104 4.70 6.69 -2.71
CA VAL A 104 5.67 6.29 -3.71
C VAL A 104 6.02 7.48 -4.62
N ARG A 105 5.05 8.36 -4.84
CA ARG A 105 5.24 9.53 -5.72
C ARG A 105 6.14 10.57 -5.05
N GLN A 106 6.13 10.60 -3.72
CA GLN A 106 7.03 11.49 -2.98
C GLN A 106 8.36 10.81 -2.74
N GLY A 107 8.40 9.53 -3.07
CA GLY A 107 9.56 8.73 -2.85
C GLY A 107 9.80 8.52 -1.39
N LEU A 108 8.74 8.28 -0.66
CA LEU A 108 8.81 8.04 0.78
C LEU A 108 8.81 6.56 1.07
N ALA A 109 8.40 5.78 0.13
CA ALA A 109 8.29 4.36 0.31
C ALA A 109 8.53 3.66 -0.99
N LYS A 110 8.62 2.36 -0.94
CA LYS A 110 8.85 1.57 -2.11
C LYS A 110 7.60 0.80 -2.41
N VAL A 111 7.57 0.16 -3.53
CA VAL A 111 6.42 -0.61 -3.92
C VAL A 111 6.49 -2.01 -3.30
N ALA A 112 5.39 -2.44 -2.73
CA ALA A 112 5.29 -3.76 -2.17
C ALA A 112 4.83 -4.66 -3.27
N TYR A 113 5.62 -5.62 -3.54
CA TYR A 113 5.43 -6.47 -4.66
C TYR A 113 4.34 -7.48 -4.43
N VAL A 114 3.49 -7.62 -5.42
CA VAL A 114 2.54 -8.67 -5.44
C VAL A 114 3.27 -9.81 -6.11
N TYR A 115 3.29 -10.95 -5.50
CA TYR A 115 4.22 -12.00 -5.92
C TYR A 115 3.73 -12.80 -7.14
N LYS A 116 2.42 -12.71 -7.39
CA LYS A 116 1.74 -13.48 -8.45
C LYS A 116 1.67 -14.98 -8.12
N PRO A 117 0.47 -15.55 -8.07
CA PRO A 117 0.32 -16.97 -7.91
C PRO A 117 0.08 -17.61 -9.29
N ASN A 118 -0.35 -18.82 -9.30
CA ASN A 118 -0.68 -19.47 -10.56
C ASN A 118 -2.19 -19.47 -10.70
N ASN A 119 -2.82 -20.18 -9.81
CA ASN A 119 -4.25 -20.33 -9.78
C ASN A 119 -4.63 -20.88 -8.44
N THR A 120 -5.05 -20.03 -7.56
CA THR A 120 -5.43 -20.45 -6.25
C THR A 120 -6.82 -21.06 -6.25
N HIS A 121 -7.68 -20.54 -7.11
CA HIS A 121 -9.02 -21.02 -7.26
C HIS A 121 -9.51 -20.57 -8.62
N GLY B 1 -8.25 -14.07 -19.65
CA GLY B 1 -9.26 -15.01 -20.16
C GLY B 1 -10.45 -15.08 -19.25
N SER B 2 -11.64 -15.19 -19.83
CA SER B 2 -12.87 -15.26 -19.07
C SER B 2 -13.23 -16.70 -18.71
N VAL B 3 -12.25 -17.58 -18.79
CA VAL B 3 -12.42 -18.98 -18.45
C VAL B 3 -12.76 -19.13 -16.95
N ALA B 4 -13.98 -19.56 -16.70
CA ALA B 4 -14.53 -19.76 -15.37
C ALA B 4 -14.42 -18.52 -14.49
N TYR B 5 -13.44 -18.51 -13.62
CA TYR B 5 -13.22 -17.45 -12.68
C TYR B 5 -11.87 -17.71 -12.06
N VAL B 6 -10.87 -17.03 -12.52
CA VAL B 6 -9.51 -17.24 -12.04
C VAL B 6 -9.15 -16.21 -11.00
N TYR B 7 -8.80 -16.67 -9.80
CA TYR B 7 -8.29 -15.77 -8.78
C TYR B 7 -6.88 -15.32 -9.13
N LYS B 8 -6.81 -14.12 -9.64
CA LYS B 8 -5.59 -13.50 -10.06
C LYS B 8 -4.96 -12.70 -8.88
N PRO B 9 -3.72 -12.14 -9.03
CA PRO B 9 -3.08 -11.40 -7.96
C PRO B 9 -3.70 -10.01 -7.76
N ASN B 10 -3.28 -9.32 -6.69
CA ASN B 10 -3.80 -7.96 -6.41
C ASN B 10 -2.92 -6.94 -7.14
N ASN B 11 -2.56 -7.26 -8.36
CA ASN B 11 -1.62 -6.44 -9.13
C ASN B 11 -2.34 -5.51 -10.10
N THR B 12 -3.65 -5.43 -9.96
CA THR B 12 -4.49 -4.60 -10.79
C THR B 12 -4.04 -3.13 -10.73
N HIS B 13 -3.65 -2.71 -9.55
CA HIS B 13 -3.26 -1.34 -9.33
C HIS B 13 -1.74 -1.23 -9.26
N GLU B 14 -1.07 -2.37 -9.40
CA GLU B 14 0.39 -2.45 -9.28
C GLU B 14 1.05 -1.69 -10.42
N GLN B 15 0.44 -1.79 -11.60
CA GLN B 15 0.97 -1.14 -12.81
C GLN B 15 1.07 0.36 -12.59
N LEU B 16 0.08 0.90 -11.89
CA LEU B 16 0.00 2.32 -11.63
C LEU B 16 1.17 2.75 -10.77
N LEU B 17 1.37 2.05 -9.66
CA LEU B 17 2.47 2.34 -8.77
C LEU B 17 3.82 1.99 -9.34
N ARG B 18 3.86 1.08 -10.29
CA ARG B 18 5.11 0.78 -10.97
C ARG B 18 5.58 1.98 -11.79
N LYS B 19 4.62 2.76 -12.28
CA LYS B 19 4.94 3.98 -13.00
C LYS B 19 5.45 5.01 -12.02
N SER B 20 4.83 5.05 -10.85
CA SER B 20 5.21 5.94 -9.79
C SER B 20 6.66 5.66 -9.38
N GLU B 21 6.95 4.39 -9.14
CA GLU B 21 8.27 3.96 -8.76
C GLU B 21 9.31 4.19 -9.84
N ALA B 22 8.97 3.90 -11.09
CA ALA B 22 9.89 4.11 -12.21
C ALA B 22 10.25 5.60 -12.34
N GLN B 23 9.26 6.45 -12.16
CA GLN B 23 9.44 7.89 -12.24
C GLN B 23 10.25 8.38 -11.05
N ALA B 24 9.87 7.94 -9.88
CA ALA B 24 10.47 8.39 -8.65
C ALA B 24 11.92 7.95 -8.53
N LYS B 25 12.24 6.78 -9.08
CA LYS B 25 13.62 6.32 -9.12
C LYS B 25 14.45 7.22 -10.01
N LYS B 26 13.88 7.65 -11.13
CA LYS B 26 14.57 8.56 -12.06
C LYS B 26 14.80 9.89 -11.38
N GLU B 27 13.82 10.28 -10.60
CA GLU B 27 13.85 11.52 -9.87
C GLU B 27 14.70 11.44 -8.60
N LYS B 28 15.04 10.22 -8.17
CA LYS B 28 15.83 9.96 -6.94
C LYS B 28 15.15 10.63 -5.77
N LEU B 29 13.87 10.42 -5.67
CA LEU B 29 13.06 11.07 -4.69
C LEU B 29 13.26 10.48 -3.32
N ASN B 30 14.14 11.14 -2.58
CA ASN B 30 14.47 10.92 -1.16
C ASN B 30 14.86 9.47 -0.83
N ILE B 31 13.91 8.53 -0.87
CA ILE B 31 14.23 7.14 -0.55
C ILE B 31 14.96 6.52 -1.72
N TRP B 32 14.69 7.00 -2.92
CA TRP B 32 15.31 6.44 -4.10
C TRP B 32 16.74 6.93 -4.26
N SER B 33 17.06 7.98 -3.54
CA SER B 33 18.40 8.52 -3.53
C SER B 33 19.26 7.82 -2.45
N GLU B 34 18.74 6.73 -1.88
CA GLU B 34 19.42 5.97 -0.79
C GLU B 34 20.71 5.30 -1.27
N ASP B 35 20.73 4.96 -2.53
CA ASP B 35 21.78 4.14 -3.07
C ASP B 35 22.35 4.80 -4.31
N ALA A 1 -15.77 6.60 -18.60
CA ALA A 1 -14.93 6.10 -17.51
C ALA A 1 -15.81 5.53 -16.40
N THR A 2 -15.53 4.32 -15.99
CA THR A 2 -16.27 3.70 -14.92
C THR A 2 -15.82 4.27 -13.57
N SER A 3 -16.60 5.17 -13.07
CA SER A 3 -16.33 5.85 -11.84
C SER A 3 -16.92 5.12 -10.64
N THR A 4 -17.84 4.20 -10.90
CA THR A 4 -18.43 3.39 -9.85
C THR A 4 -17.34 2.49 -9.25
N LYS A 5 -16.48 1.97 -10.14
CA LYS A 5 -15.45 0.99 -9.83
C LYS A 5 -16.05 -0.38 -9.58
N LYS A 6 -15.19 -1.28 -9.26
CA LYS A 6 -15.52 -2.62 -8.89
C LYS A 6 -14.66 -2.95 -7.68
N LEU A 7 -14.31 -4.21 -7.48
CA LEU A 7 -13.48 -4.63 -6.34
C LEU A 7 -14.25 -4.37 -5.05
N HIS A 8 -13.55 -4.27 -3.97
CA HIS A 8 -14.18 -3.91 -2.73
C HIS A 8 -13.62 -2.62 -2.23
N LYS A 9 -14.37 -1.56 -2.41
CA LYS A 9 -13.99 -0.28 -1.91
C LYS A 9 -15.03 0.07 -0.88
N GLU A 10 -14.66 0.01 0.37
CA GLU A 10 -15.59 0.18 1.47
C GLU A 10 -14.99 1.03 2.59
N PRO A 11 -15.80 1.64 3.47
CA PRO A 11 -15.33 2.58 4.49
C PRO A 11 -14.71 1.89 5.73
N ALA A 12 -13.73 2.55 6.31
CA ALA A 12 -13.06 2.08 7.51
C ALA A 12 -12.69 3.27 8.37
N THR A 13 -12.55 3.07 9.64
CA THR A 13 -12.19 4.10 10.56
C THR A 13 -10.73 3.90 10.92
N LEU A 14 -9.96 4.94 11.07
CA LEU A 14 -8.58 4.73 11.43
C LEU A 14 -8.47 4.56 12.92
N ILE A 15 -7.61 3.70 13.33
CA ILE A 15 -7.28 3.58 14.71
C ILE A 15 -5.94 4.25 14.93
N LYS A 16 -4.94 3.78 14.21
CA LYS A 16 -3.60 4.26 14.28
C LYS A 16 -2.89 4.04 12.98
N ALA A 17 -1.91 4.84 12.74
CA ALA A 17 -1.00 4.63 11.64
C ALA A 17 0.31 4.23 12.27
N ILE A 18 0.51 2.94 12.33
CA ILE A 18 1.63 2.34 13.05
C ILE A 18 2.94 2.67 12.36
N ASP A 19 2.91 2.66 11.08
CA ASP A 19 4.08 2.86 10.28
C ASP A 19 3.60 3.48 8.97
N GLY A 20 4.43 3.48 7.98
CA GLY A 20 4.03 3.96 6.69
C GLY A 20 3.48 2.82 5.88
N ASP A 21 3.94 1.63 6.23
CA ASP A 21 3.56 0.41 5.54
C ASP A 21 2.37 -0.21 6.23
N THR A 22 2.37 -0.09 7.53
CA THR A 22 1.40 -0.74 8.35
C THR A 22 0.49 0.29 9.06
N VAL A 23 -0.78 0.12 8.92
CA VAL A 23 -1.78 1.00 9.46
C VAL A 23 -2.86 0.15 10.17
N LYS A 24 -3.53 0.70 11.14
CA LYS A 24 -4.50 -0.02 11.93
C LYS A 24 -5.88 0.54 11.64
N LEU A 25 -6.73 -0.23 11.00
CA LEU A 25 -8.07 0.24 10.67
C LEU A 25 -9.14 -0.52 11.39
N MET A 26 -10.28 0.09 11.48
CA MET A 26 -11.47 -0.47 12.04
C MET A 26 -12.53 -0.39 10.99
N TYR A 27 -12.85 -1.48 10.38
CA TYR A 27 -13.85 -1.40 9.36
C TYR A 27 -15.10 -2.09 9.84
N LYS A 28 -16.17 -1.31 9.94
CA LYS A 28 -17.50 -1.79 10.36
C LYS A 28 -17.45 -2.35 11.78
N GLY A 29 -16.52 -1.82 12.57
CA GLY A 29 -16.35 -2.26 13.94
C GLY A 29 -15.30 -3.35 14.08
N GLN A 30 -14.66 -3.74 12.99
CA GLN A 30 -13.66 -4.78 13.02
C GLN A 30 -12.25 -4.18 12.92
N PRO A 31 -11.49 -4.20 14.03
CA PRO A 31 -10.14 -3.68 14.07
C PRO A 31 -9.11 -4.70 13.57
N MET A 32 -8.40 -4.36 12.53
CA MET A 32 -7.38 -5.24 11.98
C MET A 32 -6.12 -4.47 11.70
N THR A 33 -5.02 -5.16 11.68
CA THR A 33 -3.77 -4.57 11.35
C THR A 33 -3.56 -4.74 9.85
N PHE A 34 -3.43 -3.67 9.13
CA PHE A 34 -3.32 -3.74 7.71
C PHE A 34 -1.99 -3.20 7.22
N ARG A 35 -1.46 -3.83 6.20
CA ARG A 35 -0.37 -3.27 5.46
C ARG A 35 -0.92 -2.80 4.14
N LEU A 36 -0.29 -1.84 3.55
CA LEU A 36 -0.80 -1.26 2.35
C LEU A 36 -0.40 -2.04 1.11
N LEU A 37 -1.40 -2.35 0.30
CA LEU A 37 -1.20 -3.02 -0.98
C LEU A 37 -0.25 -2.25 -1.88
N LEU A 38 0.73 -2.98 -2.41
CA LEU A 38 1.73 -2.45 -3.35
C LEU A 38 2.76 -1.56 -2.66
N VAL A 39 2.76 -1.57 -1.35
CA VAL A 39 3.68 -0.76 -0.59
C VAL A 39 4.71 -1.64 0.11
N ASP A 40 5.94 -1.25 -0.03
CA ASP A 40 7.03 -1.89 0.66
C ASP A 40 7.84 -0.83 1.35
N THR A 41 7.71 -0.78 2.62
CA THR A 41 8.49 0.10 3.45
C THR A 41 9.46 -0.68 4.41
N PRO A 42 9.18 -2.00 4.86
CA PRO A 42 10.13 -2.74 5.71
C PRO A 42 11.48 -2.82 5.05
N GLU A 43 12.41 -2.11 5.62
CA GLU A 43 13.72 -2.01 5.09
C GLU A 43 14.49 -3.24 5.61
N THR A 44 15.04 -4.01 4.69
CA THR A 44 15.69 -5.26 5.04
C THR A 44 17.14 -5.33 4.54
N LYS A 45 17.60 -4.29 3.89
CA LYS A 45 18.97 -4.25 3.39
C LYS A 45 19.85 -3.81 4.54
N HIS A 46 19.35 -2.80 5.24
CA HIS A 46 19.98 -2.18 6.38
C HIS A 46 21.17 -1.34 5.97
N PRO A 47 20.98 -0.02 5.98
CA PRO A 47 21.98 0.93 5.53
C PRO A 47 23.23 0.90 6.40
N LYS A 48 23.03 0.68 7.72
CA LYS A 48 24.10 0.61 8.74
C LYS A 48 24.68 2.00 9.04
N LYS A 49 24.88 2.76 7.99
CA LYS A 49 25.45 4.09 8.03
C LYS A 49 24.58 5.10 8.80
N GLY A 50 23.28 4.99 8.69
CA GLY A 50 22.41 5.94 9.34
C GLY A 50 20.97 5.74 8.94
N VAL A 51 20.13 6.72 9.19
CA VAL A 51 18.72 6.60 8.91
C VAL A 51 18.39 6.86 7.43
N GLU A 52 18.63 5.85 6.65
CA GLU A 52 18.32 5.86 5.22
C GLU A 52 16.91 5.29 5.04
N LYS A 53 16.41 4.70 6.12
CA LYS A 53 15.13 4.01 6.14
C LYS A 53 13.95 4.99 5.96
N TYR A 54 14.07 6.19 6.54
CA TYR A 54 13.02 7.24 6.49
C TYR A 54 11.68 6.78 7.10
N GLY A 55 11.78 5.85 8.04
CA GLY A 55 10.62 5.34 8.76
C GLY A 55 9.74 6.45 9.38
N PRO A 56 10.32 7.36 10.22
CA PRO A 56 9.55 8.49 10.82
C PRO A 56 8.89 9.38 9.76
N GLU A 57 9.56 9.56 8.65
CA GLU A 57 9.04 10.36 7.52
C GLU A 57 7.77 9.74 6.97
N ALA A 58 7.85 8.45 6.66
CA ALA A 58 6.73 7.70 6.09
C ALA A 58 5.59 7.55 7.09
N SER A 59 5.93 7.27 8.34
CA SER A 59 4.93 7.04 9.38
C SER A 59 4.15 8.33 9.71
N ALA A 60 4.83 9.46 9.63
CA ALA A 60 4.18 10.73 9.82
C ALA A 60 3.28 11.03 8.65
N PHE A 61 3.74 10.69 7.45
CA PHE A 61 3.04 10.97 6.21
C PHE A 61 1.69 10.25 6.16
N THR A 62 1.68 9.00 6.60
CA THR A 62 0.47 8.25 6.62
C THR A 62 -0.53 8.87 7.58
N LYS A 63 -0.06 9.26 8.78
CA LYS A 63 -0.91 9.95 9.76
C LYS A 63 -1.49 11.21 9.17
N LYS A 64 -0.64 12.01 8.57
CA LYS A 64 -1.06 13.27 7.95
C LYS A 64 -2.13 13.03 6.89
N MET A 65 -1.99 11.96 6.12
CA MET A 65 -2.97 11.63 5.10
C MET A 65 -4.27 11.11 5.70
N VAL A 66 -4.17 10.13 6.57
CA VAL A 66 -5.37 9.48 7.11
C VAL A 66 -6.13 10.32 8.13
N GLU A 67 -5.46 11.21 8.83
CA GLU A 67 -6.13 12.06 9.79
C GLU A 67 -6.70 13.30 9.11
N ASN A 68 -6.17 13.63 7.94
CA ASN A 68 -6.71 14.72 7.13
C ASN A 68 -7.89 14.23 6.30
N ALA A 69 -7.88 12.93 6.05
CA ALA A 69 -8.91 12.23 5.29
C ALA A 69 -10.29 12.51 5.81
N LYS A 70 -11.17 12.85 4.91
CA LYS A 70 -12.55 13.09 5.23
C LYS A 70 -13.27 11.77 5.26
N LYS A 71 -12.89 10.90 4.35
CA LYS A 71 -13.47 9.60 4.21
C LYS A 71 -12.36 8.58 4.09
N ILE A 72 -12.28 7.66 4.98
CA ILE A 72 -11.27 6.64 4.90
C ILE A 72 -11.86 5.40 4.30
N GLU A 73 -11.41 5.10 3.13
CA GLU A 73 -11.90 3.98 2.40
C GLU A 73 -10.80 2.97 2.25
N VAL A 74 -11.17 1.72 2.34
CA VAL A 74 -10.26 0.63 2.11
C VAL A 74 -10.66 -0.04 0.81
N GLU A 75 -9.73 -0.15 -0.09
CA GLU A 75 -10.01 -0.77 -1.35
C GLU A 75 -9.18 -2.04 -1.47
N PHE A 76 -9.85 -3.11 -1.72
CA PHE A 76 -9.24 -4.37 -1.87
C PHE A 76 -8.98 -4.68 -3.34
N ASP A 77 -7.76 -5.06 -3.61
CA ASP A 77 -7.25 -5.33 -4.95
C ASP A 77 -7.55 -6.82 -5.34
N LYS A 78 -7.06 -7.28 -6.45
CA LYS A 78 -7.28 -8.63 -6.93
C LYS A 78 -6.16 -9.56 -6.53
N GLY A 79 -5.27 -9.07 -5.72
CA GLY A 79 -4.22 -9.89 -5.20
C GLY A 79 -4.66 -10.66 -3.98
N GLN A 80 -3.82 -10.71 -2.99
CA GLN A 80 -4.09 -11.43 -1.77
C GLN A 80 -4.66 -10.47 -0.74
N ARG A 81 -5.58 -10.95 0.08
CA ARG A 81 -6.18 -10.12 1.12
C ARG A 81 -5.35 -10.18 2.39
N THR A 82 -4.68 -11.28 2.59
CA THR A 82 -3.90 -11.44 3.76
C THR A 82 -2.43 -11.24 3.49
N ASP A 83 -1.78 -10.65 4.43
CA ASP A 83 -0.36 -10.39 4.37
C ASP A 83 0.44 -11.53 4.97
N LYS A 84 1.62 -11.71 4.44
CA LYS A 84 2.55 -12.75 4.85
C LYS A 84 3.11 -12.57 6.25
N TYR A 85 3.01 -11.36 6.79
CA TYR A 85 3.51 -11.10 8.12
C TYR A 85 2.36 -11.19 9.14
N GLY A 86 1.17 -11.43 8.63
CA GLY A 86 0.03 -11.59 9.49
C GLY A 86 -0.84 -10.35 9.54
N ARG A 87 -0.80 -9.55 8.52
CA ARG A 87 -1.68 -8.40 8.41
C ARG A 87 -2.75 -8.66 7.38
N GLY A 88 -3.58 -7.68 7.19
CA GLY A 88 -4.48 -7.67 6.10
C GLY A 88 -3.92 -6.71 5.08
N LEU A 89 -4.21 -6.91 3.85
CA LEU A 89 -3.71 -6.04 2.80
C LEU A 89 -4.84 -5.21 2.24
N ALA A 90 -4.69 -3.91 2.30
CA ALA A 90 -5.69 -3.01 1.78
C ALA A 90 -5.03 -1.80 1.17
N TYR A 91 -5.73 -1.14 0.30
CA TYR A 91 -5.26 0.09 -0.29
C TYR A 91 -6.04 1.20 0.42
N ILE A 92 -5.35 2.20 0.92
CA ILE A 92 -6.06 3.26 1.65
C ILE A 92 -6.29 4.49 0.77
N TYR A 93 -7.53 4.88 0.70
CA TYR A 93 -7.91 6.09 0.02
C TYR A 93 -8.37 7.08 1.04
N ALA A 94 -7.87 8.26 0.95
CA ALA A 94 -8.30 9.31 1.80
C ALA A 94 -9.18 10.20 0.96
N ASP A 95 -10.48 9.99 1.10
CA ASP A 95 -11.54 10.70 0.33
C ASP A 95 -11.26 10.81 -1.17
N GLY A 96 -10.57 9.80 -1.70
CA GLY A 96 -10.24 9.79 -3.12
C GLY A 96 -8.78 10.07 -3.41
N LYS A 97 -8.00 10.24 -2.38
CA LYS A 97 -6.56 10.43 -2.52
C LYS A 97 -5.87 9.11 -2.23
N MET A 98 -5.03 8.68 -3.15
CA MET A 98 -4.31 7.44 -3.02
C MET A 98 -3.13 7.62 -2.09
N VAL A 99 -3.25 7.08 -0.89
CA VAL A 99 -2.20 7.20 0.10
C VAL A 99 -1.00 6.34 -0.28
N ASN A 100 -1.30 5.13 -0.73
CA ASN A 100 -0.27 4.16 -1.12
C ASN A 100 0.61 4.71 -2.23
N GLU A 101 -0.02 5.24 -3.28
CA GLU A 101 0.71 5.80 -4.41
C GLU A 101 1.51 7.01 -3.98
N ALA A 102 0.96 7.80 -3.07
CA ALA A 102 1.62 9.00 -2.56
C ALA A 102 2.94 8.66 -1.91
N LEU A 103 2.93 7.61 -1.10
CA LEU A 103 4.12 7.12 -0.43
C LEU A 103 5.20 6.75 -1.44
N VAL A 104 4.83 5.94 -2.40
CA VAL A 104 5.76 5.47 -3.40
C VAL A 104 6.27 6.62 -4.29
N ARG A 105 5.37 7.52 -4.66
CA ARG A 105 5.69 8.66 -5.52
C ARG A 105 6.68 9.62 -4.81
N GLN A 106 6.59 9.70 -3.49
CA GLN A 106 7.50 10.54 -2.71
C GLN A 106 8.76 9.78 -2.32
N GLY A 107 8.84 8.53 -2.71
CA GLY A 107 9.99 7.73 -2.39
C GLY A 107 10.01 7.30 -0.94
N LEU A 108 8.85 7.31 -0.32
CA LEU A 108 8.71 6.91 1.08
C LEU A 108 8.38 5.44 1.15
N ALA A 109 8.19 4.86 -0.01
CA ALA A 109 7.89 3.47 -0.13
C ALA A 109 8.37 2.97 -1.47
N LYS A 110 8.48 1.69 -1.58
CA LYS A 110 8.90 0.98 -2.76
C LYS A 110 7.75 0.06 -3.14
N VAL A 111 7.61 -0.32 -4.41
CA VAL A 111 6.46 -1.13 -4.76
C VAL A 111 6.63 -2.60 -4.32
N ALA A 112 5.65 -3.10 -3.64
CA ALA A 112 5.58 -4.50 -3.33
C ALA A 112 4.65 -5.09 -4.35
N TYR A 113 5.11 -6.02 -5.13
CA TYR A 113 4.29 -6.50 -6.21
C TYR A 113 3.21 -7.44 -5.72
N VAL A 114 2.01 -7.14 -6.14
CA VAL A 114 0.87 -7.93 -5.82
C VAL A 114 0.54 -8.82 -7.01
N TYR A 115 0.57 -10.10 -6.78
CA TYR A 115 0.28 -11.08 -7.80
C TYR A 115 -1.16 -11.48 -7.64
N LYS A 116 -1.84 -11.67 -8.74
CA LYS A 116 -3.16 -12.18 -8.72
C LYS A 116 -3.05 -13.68 -8.50
N PRO A 117 -3.54 -14.18 -7.39
CA PRO A 117 -3.31 -15.55 -7.00
C PRO A 117 -4.38 -16.50 -7.54
N ASN A 118 -5.22 -16.01 -8.44
CA ASN A 118 -6.34 -16.77 -9.06
C ASN A 118 -7.52 -16.92 -8.09
N ASN A 119 -7.24 -16.83 -6.80
CA ASN A 119 -8.22 -16.83 -5.70
C ASN A 119 -8.74 -18.22 -5.37
N THR A 120 -8.89 -19.02 -6.38
CA THR A 120 -9.29 -20.39 -6.24
C THR A 120 -8.05 -21.23 -5.89
N HIS A 121 -6.96 -20.96 -6.59
CA HIS A 121 -5.71 -21.65 -6.35
C HIS A 121 -4.96 -20.98 -5.22
N GLY B 1 13.65 -8.06 -14.35
CA GLY B 1 14.71 -8.89 -13.80
C GLY B 1 14.50 -10.34 -14.14
N SER B 2 15.35 -11.20 -13.64
CA SER B 2 15.25 -12.62 -13.88
C SER B 2 15.24 -13.37 -12.55
N VAL B 3 14.11 -13.94 -12.24
CA VAL B 3 13.90 -14.69 -11.02
C VAL B 3 12.60 -15.49 -11.20
N ALA B 4 12.56 -16.69 -10.65
CA ALA B 4 11.41 -17.56 -10.82
C ALA B 4 10.19 -17.09 -10.05
N TYR B 5 9.16 -16.76 -10.80
CA TYR B 5 7.86 -16.42 -10.27
C TYR B 5 6.80 -16.71 -11.33
N VAL B 6 5.54 -16.59 -10.98
CA VAL B 6 4.47 -16.84 -11.93
C VAL B 6 4.10 -15.59 -12.70
N TYR B 7 4.21 -14.45 -12.03
CA TYR B 7 3.83 -13.14 -12.53
C TYR B 7 2.42 -13.17 -13.10
N LYS B 8 1.46 -13.20 -12.22
CA LYS B 8 0.10 -13.08 -12.63
C LYS B 8 -0.31 -11.67 -12.29
N PRO B 9 -0.38 -10.80 -13.27
CA PRO B 9 -0.65 -9.39 -13.04
C PRO B 9 -2.03 -9.13 -12.50
N ASN B 10 -2.09 -8.61 -11.28
CA ASN B 10 -3.36 -8.12 -10.75
C ASN B 10 -3.82 -7.01 -11.69
N ASN B 11 -2.90 -6.08 -11.94
CA ASN B 11 -2.93 -5.01 -12.95
C ASN B 11 -3.88 -3.90 -12.58
N THR B 12 -4.65 -4.17 -11.58
CA THR B 12 -5.69 -3.32 -11.08
C THR B 12 -5.15 -1.98 -10.58
N HIS B 13 -3.94 -2.00 -10.04
CA HIS B 13 -3.28 -0.77 -9.60
C HIS B 13 -1.82 -0.84 -9.98
N GLU B 14 -1.48 -1.83 -10.81
CA GLU B 14 -0.09 -2.12 -11.19
C GLU B 14 0.54 -0.94 -11.91
N GLN B 15 -0.05 -0.55 -13.02
CA GLN B 15 0.47 0.52 -13.87
C GLN B 15 0.67 1.81 -13.10
N LEU B 16 -0.30 2.15 -12.28
CA LEU B 16 -0.28 3.39 -11.51
C LEU B 16 0.93 3.45 -10.57
N LEU B 17 1.15 2.38 -9.84
CA LEU B 17 2.29 2.30 -8.93
C LEU B 17 3.62 2.23 -9.69
N ARG B 18 3.62 1.55 -10.83
CA ARG B 18 4.82 1.48 -11.68
C ARG B 18 5.23 2.88 -12.14
N LYS B 19 4.24 3.65 -12.57
CA LYS B 19 4.45 5.00 -13.07
C LYS B 19 4.99 5.94 -12.00
N SER B 20 4.42 5.87 -10.82
CA SER B 20 4.81 6.73 -9.74
C SER B 20 6.20 6.36 -9.22
N GLU B 21 6.45 5.07 -9.12
CA GLU B 21 7.73 4.57 -8.68
C GLU B 21 8.83 4.90 -9.67
N ALA B 22 8.56 4.68 -10.96
CA ALA B 22 9.54 4.96 -12.02
C ALA B 22 10.05 6.39 -11.93
N GLN B 23 9.12 7.29 -11.71
CA GLN B 23 9.41 8.70 -11.55
C GLN B 23 10.25 8.94 -10.29
N ALA B 24 9.85 8.33 -9.20
CA ALA B 24 10.53 8.49 -7.94
C ALA B 24 11.94 7.87 -7.96
N LYS B 25 12.09 6.74 -8.67
CA LYS B 25 13.39 6.10 -8.85
C LYS B 25 14.35 7.01 -9.59
N LYS B 26 13.82 7.73 -10.57
CA LYS B 26 14.60 8.67 -11.37
C LYS B 26 15.12 9.80 -10.52
N GLU B 27 14.29 10.26 -9.64
CA GLU B 27 14.60 11.41 -8.83
C GLU B 27 15.36 11.02 -7.57
N LYS B 28 15.48 9.72 -7.33
CA LYS B 28 16.12 9.16 -6.15
C LYS B 28 15.60 9.82 -4.88
N LEU B 29 14.31 9.71 -4.69
CA LEU B 29 13.64 10.28 -3.55
C LEU B 29 13.65 9.32 -2.39
N ASN B 30 14.25 9.75 -1.30
CA ASN B 30 14.31 9.02 -0.01
C ASN B 30 14.81 7.58 -0.15
N ILE B 31 13.89 6.63 -0.29
CA ILE B 31 14.24 5.22 -0.45
C ILE B 31 14.97 5.01 -1.75
N TRP B 32 14.66 5.79 -2.75
CA TRP B 32 15.30 5.63 -4.04
C TRP B 32 16.68 6.22 -4.05
N SER B 33 17.00 6.86 -2.98
CA SER B 33 18.29 7.39 -2.77
C SER B 33 19.07 6.42 -1.85
N GLU B 34 18.57 5.16 -1.76
CA GLU B 34 19.27 4.10 -1.05
C GLU B 34 20.50 3.71 -1.86
N ASP B 35 20.45 4.12 -3.13
CA ASP B 35 21.50 4.00 -4.11
C ASP B 35 21.67 2.59 -4.58
N ALA A 1 -21.08 -1.11 -4.53
CA ALA A 1 -20.82 -0.89 -5.95
C ALA A 1 -20.73 -2.22 -6.66
N THR A 2 -21.02 -2.23 -7.98
CA THR A 2 -20.92 -3.45 -8.78
C THR A 2 -19.46 -3.91 -8.81
N SER A 3 -18.60 -2.98 -9.17
CA SER A 3 -17.16 -3.16 -9.22
C SER A 3 -16.69 -4.31 -10.11
N THR A 4 -16.73 -4.07 -11.39
CA THR A 4 -16.26 -5.01 -12.38
C THR A 4 -15.18 -4.35 -13.24
N LYS A 5 -15.41 -3.08 -13.54
CA LYS A 5 -14.48 -2.28 -14.31
C LYS A 5 -13.54 -1.56 -13.37
N LYS A 6 -14.03 -1.29 -12.19
CA LYS A 6 -13.25 -0.67 -11.13
C LYS A 6 -13.44 -1.47 -9.87
N LEU A 7 -12.67 -1.21 -8.87
CA LEU A 7 -12.70 -2.02 -7.66
C LEU A 7 -13.68 -1.46 -6.61
N HIS A 8 -13.72 -2.06 -5.44
CA HIS A 8 -14.66 -1.61 -4.41
C HIS A 8 -13.96 -1.25 -3.10
N LYS A 9 -13.79 0.01 -2.87
CA LYS A 9 -13.26 0.45 -1.62
C LYS A 9 -14.37 0.76 -0.70
N GLU A 10 -14.24 0.25 0.46
CA GLU A 10 -15.25 0.36 1.46
C GLU A 10 -14.73 1.14 2.68
N PRO A 11 -15.60 1.95 3.34
CA PRO A 11 -15.19 2.85 4.44
C PRO A 11 -14.66 2.12 5.67
N ALA A 12 -13.63 2.67 6.24
CA ALA A 12 -13.01 2.16 7.42
C ALA A 12 -12.68 3.32 8.36
N THR A 13 -12.67 3.05 9.62
CA THR A 13 -12.35 4.02 10.63
C THR A 13 -10.89 3.82 11.01
N LEU A 14 -10.12 4.86 11.09
CA LEU A 14 -8.74 4.68 11.50
C LEU A 14 -8.69 4.56 13.02
N ILE A 15 -7.85 3.70 13.49
CA ILE A 15 -7.63 3.56 14.90
C ILE A 15 -6.34 4.26 15.25
N LYS A 16 -5.28 3.90 14.55
CA LYS A 16 -3.97 4.50 14.74
C LYS A 16 -3.11 4.22 13.54
N ALA A 17 -2.13 5.04 13.35
CA ALA A 17 -1.16 4.85 12.32
C ALA A 17 0.16 4.54 12.98
N ILE A 18 0.71 3.38 12.72
CA ILE A 18 1.92 2.96 13.39
C ILE A 18 3.14 3.50 12.66
N ASP A 19 3.30 3.06 11.44
CA ASP A 19 4.41 3.45 10.58
C ASP A 19 3.87 3.73 9.21
N GLY A 20 4.74 3.88 8.24
CA GLY A 20 4.31 4.20 6.89
C GLY A 20 3.68 3.01 6.20
N ASP A 21 4.02 1.82 6.66
CA ASP A 21 3.56 0.59 6.03
C ASP A 21 2.40 -0.01 6.81
N THR A 22 2.26 0.38 8.06
CA THR A 22 1.30 -0.21 8.93
C THR A 22 0.39 0.79 9.62
N VAL A 23 -0.86 0.66 9.34
CA VAL A 23 -1.90 1.46 9.94
C VAL A 23 -2.95 0.51 10.49
N LYS A 24 -3.72 0.94 11.43
CA LYS A 24 -4.72 0.07 12.02
C LYS A 24 -6.09 0.66 11.80
N LEU A 25 -6.95 -0.06 11.10
CA LEU A 25 -8.26 0.44 10.75
C LEU A 25 -9.38 -0.50 11.21
N MET A 26 -10.55 0.06 11.30
CA MET A 26 -11.75 -0.66 11.67
C MET A 26 -12.77 -0.48 10.57
N TYR A 27 -13.01 -1.49 9.80
CA TYR A 27 -14.00 -1.39 8.73
C TYR A 27 -15.16 -2.28 9.06
N LYS A 28 -16.37 -1.72 9.04
CA LYS A 28 -17.61 -2.48 9.29
C LYS A 28 -17.58 -3.14 10.68
N GLY A 29 -16.85 -2.51 11.58
CA GLY A 29 -16.71 -3.03 12.93
C GLY A 29 -15.57 -4.02 13.08
N GLN A 30 -14.78 -4.18 12.03
CA GLN A 30 -13.66 -5.11 12.03
C GLN A 30 -12.34 -4.36 12.19
N PRO A 31 -11.74 -4.41 13.39
CA PRO A 31 -10.45 -3.78 13.63
C PRO A 31 -9.32 -4.68 13.15
N MET A 32 -8.61 -4.25 12.15
CA MET A 32 -7.51 -5.00 11.59
C MET A 32 -6.33 -4.09 11.37
N THR A 33 -5.16 -4.63 11.46
CA THR A 33 -3.98 -3.90 11.18
C THR A 33 -3.73 -4.05 9.68
N PHE A 34 -3.53 -2.97 8.99
CA PHE A 34 -3.40 -2.97 7.57
C PHE A 34 -2.03 -2.60 7.08
N ARG A 35 -1.61 -3.32 6.08
CA ARG A 35 -0.46 -3.02 5.29
C ARG A 35 -0.98 -2.56 3.95
N LEU A 36 -0.50 -1.43 3.49
CA LEU A 36 -0.91 -0.91 2.21
C LEU A 36 -0.46 -1.83 1.07
N LEU A 37 -1.43 -2.28 0.31
CA LEU A 37 -1.22 -3.21 -0.79
C LEU A 37 -0.40 -2.51 -1.87
N LEU A 38 0.67 -3.17 -2.32
CA LEU A 38 1.64 -2.66 -3.33
C LEU A 38 2.63 -1.70 -2.70
N VAL A 39 2.61 -1.61 -1.42
CA VAL A 39 3.52 -0.74 -0.70
C VAL A 39 4.45 -1.57 0.18
N ASP A 40 5.73 -1.35 0.01
CA ASP A 40 6.73 -1.96 0.83
C ASP A 40 7.84 -1.00 1.13
N THR A 41 7.88 -0.55 2.33
CA THR A 41 8.96 0.27 2.81
C THR A 41 10.19 -0.62 3.25
N PRO A 42 9.98 -1.82 3.94
CA PRO A 42 11.07 -2.70 4.36
C PRO A 42 12.09 -3.07 3.30
N GLU A 43 13.25 -2.54 3.48
CA GLU A 43 14.43 -2.92 2.78
C GLU A 43 15.49 -2.62 3.79
N THR A 44 16.58 -3.40 3.81
CA THR A 44 17.52 -3.41 4.92
C THR A 44 16.84 -4.23 6.06
N LYS A 45 17.58 -4.70 7.03
CA LYS A 45 17.02 -5.55 8.08
C LYS A 45 16.08 -4.81 9.05
N HIS A 46 15.90 -3.52 8.83
CA HIS A 46 15.00 -2.71 9.64
C HIS A 46 13.71 -2.49 8.83
N PRO A 47 12.66 -3.27 9.12
CA PRO A 47 11.46 -3.32 8.28
C PRO A 47 10.37 -2.30 8.64
N LYS A 48 10.64 -1.36 9.50
CA LYS A 48 9.59 -0.41 9.83
C LYS A 48 9.87 0.95 9.28
N LYS A 49 11.12 1.32 9.31
CA LYS A 49 11.52 2.61 8.81
C LYS A 49 12.16 2.47 7.42
N GLY A 50 12.64 1.26 7.12
CA GLY A 50 13.31 1.01 5.85
C GLY A 50 14.61 1.77 5.79
N VAL A 51 14.60 2.85 5.04
CA VAL A 51 15.73 3.73 5.00
C VAL A 51 15.53 4.70 6.14
N GLU A 52 16.14 4.37 7.25
CA GLU A 52 15.94 5.04 8.54
C GLU A 52 16.12 6.55 8.50
N LYS A 53 16.95 7.07 7.59
CA LYS A 53 17.15 8.51 7.47
C LYS A 53 15.89 9.22 6.93
N TYR A 54 15.04 8.46 6.27
CA TYR A 54 13.81 8.99 5.70
C TYR A 54 12.62 8.30 6.37
N GLY A 55 12.94 7.48 7.35
CA GLY A 55 11.97 6.76 8.13
C GLY A 55 10.97 7.68 8.83
N PRO A 56 11.42 8.75 9.55
CA PRO A 56 10.52 9.72 10.19
C PRO A 56 9.53 10.33 9.19
N GLU A 57 10.01 10.58 7.97
CA GLU A 57 9.20 11.12 6.90
C GLU A 57 8.09 10.15 6.52
N ALA A 58 8.50 8.94 6.15
CA ALA A 58 7.59 7.90 5.69
C ALA A 58 6.50 7.61 6.70
N SER A 59 6.90 7.37 7.92
CA SER A 59 5.97 7.01 8.97
C SER A 59 4.99 8.15 9.29
N ALA A 60 5.49 9.37 9.41
CA ALA A 60 4.65 10.51 9.75
C ALA A 60 3.69 10.88 8.63
N PHE A 61 4.14 10.71 7.41
CA PHE A 61 3.36 11.08 6.22
C PHE A 61 2.05 10.30 6.17
N THR A 62 2.13 9.01 6.35
CA THR A 62 0.98 8.13 6.36
C THR A 62 0.03 8.54 7.51
N LYS A 63 0.61 8.84 8.68
CA LYS A 63 -0.14 9.25 9.86
C LYS A 63 -0.97 10.49 9.56
N LYS A 64 -0.34 11.46 8.93
CA LYS A 64 -0.99 12.72 8.60
C LYS A 64 -2.10 12.51 7.60
N MET A 65 -1.85 11.69 6.60
CA MET A 65 -2.82 11.42 5.54
C MET A 65 -4.06 10.74 6.08
N VAL A 66 -3.89 9.73 6.92
CA VAL A 66 -5.03 8.98 7.43
C VAL A 66 -5.86 9.76 8.44
N GLU A 67 -5.25 10.67 9.18
CA GLU A 67 -6.00 11.47 10.14
C GLU A 67 -6.68 12.65 9.45
N ASN A 68 -6.10 13.09 8.35
CA ASN A 68 -6.67 14.20 7.56
C ASN A 68 -7.89 13.68 6.81
N ALA A 69 -7.86 12.40 6.53
CA ALA A 69 -8.92 11.70 5.83
C ALA A 69 -10.27 11.88 6.50
N LYS A 70 -11.19 12.43 5.75
CA LYS A 70 -12.57 12.56 6.21
C LYS A 70 -13.23 11.23 5.95
N LYS A 71 -12.76 10.59 4.91
CA LYS A 71 -13.23 9.32 4.49
C LYS A 71 -12.04 8.43 4.36
N ILE A 72 -12.07 7.31 4.99
CA ILE A 72 -10.98 6.39 4.89
C ILE A 72 -11.50 5.18 4.16
N GLU A 73 -11.01 4.95 2.99
CA GLU A 73 -11.48 3.86 2.19
C GLU A 73 -10.38 2.83 2.03
N VAL A 74 -10.73 1.57 2.14
CA VAL A 74 -9.77 0.48 1.95
C VAL A 74 -10.10 -0.26 0.66
N GLU A 75 -9.11 -0.43 -0.22
CA GLU A 75 -9.36 -1.03 -1.51
C GLU A 75 -8.65 -2.36 -1.66
N PHE A 76 -9.34 -3.28 -2.28
CA PHE A 76 -8.88 -4.61 -2.47
C PHE A 76 -8.56 -4.88 -3.97
N ASP A 77 -7.29 -5.16 -4.25
CA ASP A 77 -6.85 -5.51 -5.64
C ASP A 77 -7.02 -7.05 -5.79
N LYS A 78 -6.59 -7.63 -6.91
CA LYS A 78 -6.79 -9.07 -7.21
C LYS A 78 -6.16 -10.02 -6.18
N GLY A 79 -5.30 -9.49 -5.33
CA GLY A 79 -4.54 -10.31 -4.40
C GLY A 79 -5.33 -10.81 -3.22
N GLN A 80 -4.65 -11.02 -2.13
CA GLN A 80 -5.28 -11.47 -0.92
C GLN A 80 -5.72 -10.27 -0.14
N ARG A 81 -6.71 -10.44 0.71
CA ARG A 81 -7.18 -9.36 1.54
C ARG A 81 -6.41 -9.39 2.87
N THR A 82 -5.59 -10.40 3.01
CA THR A 82 -4.76 -10.60 4.18
C THR A 82 -3.28 -10.49 3.82
N ASP A 83 -2.51 -9.92 4.72
CA ASP A 83 -1.08 -9.70 4.51
C ASP A 83 -0.23 -10.72 5.27
N LYS A 84 0.97 -10.89 4.80
CA LYS A 84 1.96 -11.85 5.28
C LYS A 84 2.38 -11.62 6.76
N TYR A 85 2.26 -10.39 7.27
CA TYR A 85 2.59 -10.15 8.68
C TYR A 85 1.40 -10.48 9.57
N GLY A 86 0.30 -10.84 8.97
CA GLY A 86 -0.91 -11.06 9.72
C GLY A 86 -1.72 -9.79 9.71
N ARG A 87 -1.48 -9.00 8.69
CA ARG A 87 -2.17 -7.76 8.47
C ARG A 87 -3.26 -7.98 7.44
N GLY A 88 -3.85 -6.91 7.00
CA GLY A 88 -4.76 -6.94 5.92
C GLY A 88 -4.16 -6.19 4.76
N LEU A 89 -4.41 -6.64 3.56
CA LEU A 89 -3.91 -5.98 2.37
C LEU A 89 -4.99 -5.18 1.74
N ALA A 90 -4.85 -3.91 1.80
CA ALA A 90 -5.78 -3.00 1.21
C ALA A 90 -5.08 -1.71 0.94
N TYR A 91 -5.57 -0.95 0.01
CA TYR A 91 -4.98 0.33 -0.22
C TYR A 91 -5.88 1.45 0.19
N ILE A 92 -5.29 2.46 0.76
CA ILE A 92 -6.05 3.48 1.45
C ILE A 92 -6.28 4.72 0.59
N TYR A 93 -7.51 5.16 0.55
CA TYR A 93 -7.87 6.43 0.00
C TYR A 93 -8.24 7.32 1.16
N ALA A 94 -7.65 8.46 1.22
CA ALA A 94 -7.95 9.42 2.22
C ALA A 94 -8.76 10.50 1.57
N ASP A 95 -10.08 10.41 1.75
CA ASP A 95 -11.08 11.35 1.19
C ASP A 95 -10.83 11.66 -0.28
N GLY A 96 -10.48 10.63 -1.04
CA GLY A 96 -10.22 10.78 -2.46
C GLY A 96 -8.75 10.71 -2.82
N LYS A 97 -7.88 10.99 -1.86
CA LYS A 97 -6.45 10.96 -2.09
C LYS A 97 -5.94 9.56 -1.85
N MET A 98 -5.48 8.91 -2.87
CA MET A 98 -4.96 7.57 -2.71
C MET A 98 -3.59 7.66 -2.04
N VAL A 99 -3.55 7.31 -0.76
CA VAL A 99 -2.32 7.39 0.06
C VAL A 99 -1.27 6.46 -0.48
N ASN A 100 -1.74 5.39 -1.08
CA ASN A 100 -0.90 4.36 -1.67
C ASN A 100 -0.06 4.98 -2.79
N GLU A 101 -0.71 5.87 -3.55
CA GLU A 101 -0.07 6.62 -4.62
C GLU A 101 0.97 7.54 -4.00
N ALA A 102 0.51 8.33 -3.04
CA ALA A 102 1.33 9.35 -2.37
C ALA A 102 2.64 8.79 -1.80
N LEU A 103 2.55 7.68 -1.09
CA LEU A 103 3.74 7.05 -0.48
C LEU A 103 4.77 6.65 -1.53
N VAL A 104 4.32 6.00 -2.57
CA VAL A 104 5.21 5.54 -3.60
C VAL A 104 5.70 6.72 -4.46
N ARG A 105 4.81 7.69 -4.65
CA ARG A 105 5.08 8.87 -5.46
C ARG A 105 6.16 9.72 -4.81
N GLN A 106 6.08 9.83 -3.50
CA GLN A 106 7.06 10.59 -2.71
C GLN A 106 8.29 9.76 -2.39
N GLY A 107 8.28 8.51 -2.78
CA GLY A 107 9.41 7.65 -2.54
C GLY A 107 9.59 7.32 -1.08
N LEU A 108 8.50 7.11 -0.41
CA LEU A 108 8.51 6.77 1.01
C LEU A 108 8.28 5.29 1.18
N ALA A 109 8.21 4.61 0.07
CA ALA A 109 8.02 3.20 0.00
C ALA A 109 8.36 2.76 -1.39
N LYS A 110 8.52 1.48 -1.56
CA LYS A 110 8.74 0.90 -2.84
C LYS A 110 7.51 0.08 -3.16
N VAL A 111 7.34 -0.31 -4.39
CA VAL A 111 6.21 -1.13 -4.74
C VAL A 111 6.45 -2.56 -4.27
N ALA A 112 5.43 -3.14 -3.70
CA ALA A 112 5.51 -4.49 -3.21
C ALA A 112 5.12 -5.45 -4.30
N TYR A 113 5.70 -6.64 -4.25
CA TYR A 113 5.44 -7.64 -5.25
C TYR A 113 4.02 -8.22 -5.10
N VAL A 114 3.42 -8.58 -6.21
CA VAL A 114 2.08 -9.10 -6.25
C VAL A 114 2.09 -10.62 -6.06
N TYR A 115 1.30 -11.08 -5.13
CA TYR A 115 1.32 -12.47 -4.79
C TYR A 115 0.24 -13.27 -5.46
N LYS A 116 0.57 -13.68 -6.65
CA LYS A 116 -0.25 -14.57 -7.43
C LYS A 116 0.60 -15.73 -7.88
N PRO A 117 0.35 -16.91 -7.31
CA PRO A 117 1.08 -18.12 -7.65
C PRO A 117 0.54 -18.67 -8.98
N ASN A 118 0.57 -19.97 -9.17
CA ASN A 118 0.09 -20.56 -10.41
C ASN A 118 -1.46 -20.66 -10.39
N ASN A 119 -2.07 -19.56 -9.97
CA ASN A 119 -3.53 -19.36 -9.96
C ASN A 119 -3.91 -18.89 -11.35
N THR A 120 -2.90 -18.43 -12.05
CA THR A 120 -2.96 -17.94 -13.39
C THR A 120 -2.87 -19.13 -14.38
N HIS A 121 -3.16 -20.31 -13.87
CA HIS A 121 -3.08 -21.56 -14.58
C HIS A 121 -4.24 -21.69 -15.54
N GLY B 1 -7.78 -14.43 -30.63
CA GLY B 1 -6.99 -13.42 -31.33
C GLY B 1 -5.69 -14.00 -31.80
N SER B 2 -4.86 -13.20 -32.41
CA SER B 2 -3.58 -13.64 -32.91
C SER B 2 -2.61 -13.90 -31.76
N VAL B 3 -2.50 -12.96 -30.84
CA VAL B 3 -1.66 -13.13 -29.71
C VAL B 3 -2.45 -13.77 -28.59
N ALA B 4 -1.77 -14.47 -27.73
CA ALA B 4 -2.40 -15.06 -26.58
C ALA B 4 -2.66 -13.96 -25.57
N TYR B 5 -3.81 -14.00 -24.92
CA TYR B 5 -4.14 -12.94 -23.98
C TYR B 5 -3.26 -13.06 -22.74
N VAL B 6 -3.07 -14.32 -22.29
CA VAL B 6 -2.27 -14.68 -21.11
C VAL B 6 -2.86 -14.06 -19.84
N TYR B 7 -3.27 -14.88 -18.92
CA TYR B 7 -3.75 -14.34 -17.68
C TYR B 7 -2.57 -14.11 -16.77
N LYS B 8 -2.30 -12.86 -16.55
CA LYS B 8 -1.19 -12.47 -15.73
C LYS B 8 -1.71 -12.08 -14.35
N PRO B 9 -0.81 -12.05 -13.33
CA PRO B 9 -1.14 -11.67 -11.92
C PRO B 9 -1.80 -10.28 -11.75
N ASN B 10 -1.72 -9.75 -10.53
CA ASN B 10 -2.21 -8.42 -10.25
C ASN B 10 -1.41 -7.42 -11.05
N ASN B 11 -1.94 -6.98 -12.15
CA ASN B 11 -1.31 -5.92 -12.91
C ASN B 11 -2.15 -4.69 -12.78
N THR B 12 -3.32 -4.92 -12.17
CA THR B 12 -4.42 -3.99 -12.00
C THR B 12 -3.93 -2.62 -11.56
N HIS B 13 -3.31 -2.56 -10.42
CA HIS B 13 -2.73 -1.31 -9.95
C HIS B 13 -1.23 -1.41 -9.82
N GLU B 14 -0.71 -2.55 -10.22
CA GLU B 14 0.71 -2.81 -10.13
C GLU B 14 1.48 -1.94 -11.12
N GLN B 15 1.00 -1.91 -12.35
CA GLN B 15 1.58 -1.06 -13.39
C GLN B 15 1.43 0.41 -13.01
N LEU B 16 0.34 0.72 -12.36
CA LEU B 16 0.03 2.08 -12.00
C LEU B 16 0.97 2.58 -10.90
N LEU B 17 1.11 1.81 -9.83
CA LEU B 17 2.04 2.18 -8.75
C LEU B 17 3.48 2.12 -9.22
N ARG B 18 3.79 1.18 -10.10
CA ARG B 18 5.11 1.07 -10.65
C ARG B 18 5.50 2.24 -11.52
N LYS B 19 4.52 2.89 -12.13
CA LYS B 19 4.78 4.08 -12.94
C LYS B 19 5.15 5.22 -12.01
N SER B 20 4.43 5.28 -10.90
CA SER B 20 4.69 6.24 -9.85
C SER B 20 6.09 6.01 -9.28
N GLU B 21 6.39 4.74 -9.02
CA GLU B 21 7.68 4.31 -8.53
C GLU B 21 8.79 4.70 -9.49
N ALA B 22 8.57 4.40 -10.77
CA ALA B 22 9.55 4.70 -11.82
C ALA B 22 9.90 6.18 -11.84
N GLN B 23 8.89 7.02 -11.67
CA GLN B 23 9.10 8.45 -11.62
C GLN B 23 9.88 8.83 -10.38
N ALA B 24 9.45 8.30 -9.25
CA ALA B 24 10.06 8.59 -7.98
C ALA B 24 11.51 8.10 -7.91
N LYS B 25 11.78 6.97 -8.58
CA LYS B 25 13.14 6.42 -8.64
C LYS B 25 14.06 7.41 -9.34
N LYS B 26 13.59 7.93 -10.47
CA LYS B 26 14.35 8.86 -11.27
C LYS B 26 14.50 10.21 -10.58
N GLU B 27 13.46 10.61 -9.85
CA GLU B 27 13.46 11.85 -9.09
C GLU B 27 14.31 11.71 -7.82
N LYS B 28 14.59 10.47 -7.46
CA LYS B 28 15.36 10.11 -6.27
C LYS B 28 14.72 10.68 -5.02
N LEU B 29 13.48 10.35 -4.83
CA LEU B 29 12.72 10.88 -3.74
C LEU B 29 12.83 9.98 -2.54
N ASN B 30 13.31 10.56 -1.46
CA ASN B 30 13.49 9.92 -0.14
C ASN B 30 14.23 8.59 -0.20
N ILE B 31 13.50 7.49 -0.32
CA ILE B 31 14.08 6.17 -0.38
C ILE B 31 14.90 6.00 -1.64
N TRP B 32 14.48 6.62 -2.70
CA TRP B 32 15.17 6.49 -3.98
C TRP B 32 16.45 7.30 -4.00
N SER B 33 16.66 8.06 -2.96
CA SER B 33 17.87 8.79 -2.79
C SER B 33 18.86 7.94 -1.94
N GLU B 34 18.57 6.62 -1.84
CA GLU B 34 19.46 5.64 -1.19
C GLU B 34 20.79 5.57 -1.93
N ASP B 35 20.77 5.96 -3.17
CA ASP B 35 21.93 6.01 -4.00
C ASP B 35 22.50 7.38 -3.89
N ALA A 1 -23.98 -4.14 -15.06
CA ALA A 1 -22.63 -4.67 -15.16
C ALA A 1 -21.63 -3.52 -15.28
N THR A 2 -20.72 -3.42 -14.35
CA THR A 2 -19.72 -2.39 -14.37
C THR A 2 -18.40 -2.95 -13.84
N SER A 3 -17.45 -3.12 -14.71
CA SER A 3 -16.14 -3.59 -14.37
C SER A 3 -15.14 -2.92 -15.31
N THR A 4 -14.01 -2.49 -14.78
CA THR A 4 -13.00 -1.85 -15.58
C THR A 4 -11.59 -2.11 -15.04
N LYS A 5 -11.14 -1.32 -14.07
CA LYS A 5 -9.77 -1.42 -13.61
C LYS A 5 -9.70 -1.13 -12.08
N LYS A 6 -10.83 -1.26 -11.41
CA LYS A 6 -10.89 -1.06 -9.97
C LYS A 6 -12.00 -1.93 -9.42
N LEU A 7 -12.01 -2.16 -8.13
CA LEU A 7 -13.06 -2.95 -7.52
C LEU A 7 -13.81 -2.06 -6.54
N HIS A 8 -14.51 -2.66 -5.62
CA HIS A 8 -15.31 -1.91 -4.68
C HIS A 8 -14.53 -1.59 -3.40
N LYS A 9 -14.72 -0.39 -2.90
CA LYS A 9 -14.14 0.07 -1.67
C LYS A 9 -15.23 0.37 -0.65
N GLU A 10 -14.86 0.40 0.60
CA GLU A 10 -15.76 0.69 1.71
C GLU A 10 -15.08 1.67 2.63
N PRO A 11 -15.83 2.38 3.46
CA PRO A 11 -15.27 3.27 4.48
C PRO A 11 -14.86 2.48 5.73
N ALA A 12 -13.76 2.86 6.30
CA ALA A 12 -13.25 2.24 7.50
C ALA A 12 -12.96 3.31 8.55
N THR A 13 -12.82 2.90 9.78
CA THR A 13 -12.53 3.79 10.86
C THR A 13 -11.03 3.74 11.14
N LEU A 14 -10.39 4.87 11.24
CA LEU A 14 -8.97 4.92 11.48
C LEU A 14 -8.68 4.80 12.97
N ILE A 15 -7.91 3.81 13.34
CA ILE A 15 -7.54 3.63 14.70
C ILE A 15 -6.22 4.34 14.93
N LYS A 16 -5.20 3.93 14.21
CA LYS A 16 -3.91 4.48 14.35
C LYS A 16 -3.06 4.17 13.12
N ALA A 17 -2.24 5.10 12.73
CA ALA A 17 -1.28 4.88 11.70
C ALA A 17 0.01 4.52 12.41
N ILE A 18 0.39 3.27 12.32
CA ILE A 18 1.53 2.75 13.07
C ILE A 18 2.83 3.07 12.35
N ASP A 19 2.90 2.69 11.12
CA ASP A 19 4.07 2.88 10.29
C ASP A 19 3.62 3.55 9.02
N GLY A 20 4.54 3.72 8.11
CA GLY A 20 4.20 4.21 6.80
C GLY A 20 4.00 3.05 5.88
N ASP A 21 3.26 2.08 6.38
CA ASP A 21 3.06 0.78 5.73
C ASP A 21 1.98 0.08 6.52
N THR A 22 2.22 0.03 7.82
CA THR A 22 1.33 -0.58 8.77
C THR A 22 0.36 0.45 9.33
N VAL A 23 -0.90 0.25 9.11
CA VAL A 23 -1.94 1.11 9.63
C VAL A 23 -3.02 0.23 10.24
N LYS A 24 -3.72 0.71 11.23
CA LYS A 24 -4.71 -0.11 11.87
C LYS A 24 -6.09 0.50 11.65
N LEU A 25 -6.94 -0.22 10.94
CA LEU A 25 -8.26 0.28 10.62
C LEU A 25 -9.32 -0.67 11.10
N MET A 26 -10.50 -0.15 11.25
CA MET A 26 -11.66 -0.92 11.60
C MET A 26 -12.66 -0.75 10.51
N TYR A 27 -12.93 -1.79 9.76
CA TYR A 27 -13.87 -1.65 8.68
C TYR A 27 -15.16 -2.31 9.00
N LYS A 28 -16.17 -1.49 9.20
CA LYS A 28 -17.51 -1.91 9.56
C LYS A 28 -17.50 -2.82 10.78
N GLY A 29 -16.64 -2.45 11.71
CA GLY A 29 -16.54 -3.15 12.97
C GLY A 29 -15.45 -4.20 12.99
N GLN A 30 -14.71 -4.33 11.91
CA GLN A 30 -13.60 -5.28 11.82
C GLN A 30 -12.27 -4.56 12.02
N PRO A 31 -11.70 -4.58 13.24
CA PRO A 31 -10.42 -3.93 13.53
C PRO A 31 -9.25 -4.83 13.15
N MET A 32 -8.61 -4.51 12.07
CA MET A 32 -7.52 -5.30 11.58
C MET A 32 -6.32 -4.44 11.32
N THR A 33 -5.18 -5.04 11.41
CA THR A 33 -3.97 -4.35 11.15
C THR A 33 -3.66 -4.48 9.66
N PHE A 34 -3.58 -3.39 8.99
CA PHE A 34 -3.38 -3.36 7.59
C PHE A 34 -1.95 -3.05 7.24
N ARG A 35 -1.56 -3.57 6.14
CA ARG A 35 -0.31 -3.27 5.52
C ARG A 35 -0.69 -2.90 4.15
N LEU A 36 -0.26 -1.77 3.69
CA LEU A 36 -0.69 -1.28 2.42
C LEU A 36 -0.13 -2.14 1.31
N LEU A 37 -0.99 -2.51 0.39
CA LEU A 37 -0.57 -3.26 -0.77
C LEU A 37 0.44 -2.48 -1.57
N LEU A 38 1.48 -3.16 -2.02
CA LEU A 38 2.52 -2.59 -2.90
C LEU A 38 3.47 -1.65 -2.17
N VAL A 39 3.44 -1.66 -0.88
CA VAL A 39 4.31 -0.80 -0.10
C VAL A 39 5.37 -1.61 0.61
N ASP A 40 6.59 -1.23 0.40
CA ASP A 40 7.70 -1.83 1.07
C ASP A 40 8.50 -0.78 1.78
N THR A 41 8.41 -0.76 3.06
CA THR A 41 9.16 0.13 3.88
C THR A 41 10.52 -0.46 4.23
N PRO A 42 11.61 0.28 3.96
CA PRO A 42 12.96 -0.19 4.29
C PRO A 42 13.25 0.02 5.77
N GLU A 43 12.54 0.96 6.33
CA GLU A 43 12.64 1.32 7.68
C GLU A 43 11.24 1.35 8.26
N THR A 44 11.13 1.10 9.52
CA THR A 44 9.87 0.98 10.20
C THR A 44 10.06 1.53 11.63
N LYS A 45 8.98 1.82 12.35
CA LYS A 45 9.08 2.43 13.69
C LYS A 45 9.69 1.48 14.73
N HIS A 46 9.87 0.24 14.34
CA HIS A 46 10.44 -0.80 15.21
C HIS A 46 11.86 -0.41 15.65
N PRO A 47 12.08 -0.24 16.97
CA PRO A 47 13.39 0.14 17.52
C PRO A 47 14.45 -0.90 17.24
N LYS A 48 15.71 -0.43 17.26
CA LYS A 48 16.92 -1.24 17.04
C LYS A 48 17.23 -1.46 15.57
N LYS A 49 16.41 -0.88 14.72
CA LYS A 49 16.61 -0.99 13.29
C LYS A 49 17.41 0.22 12.78
N GLY A 50 17.60 1.21 13.66
CA GLY A 50 18.35 2.43 13.30
C GLY A 50 17.71 3.17 12.15
N VAL A 51 16.42 3.35 12.25
CA VAL A 51 15.61 3.93 11.21
C VAL A 51 15.70 5.46 11.20
N GLU A 52 16.85 5.94 10.90
CA GLU A 52 17.14 7.34 10.93
C GLU A 52 16.94 7.99 9.57
N LYS A 53 16.85 7.22 8.52
CA LYS A 53 16.88 7.77 7.19
C LYS A 53 15.51 8.19 6.68
N TYR A 54 14.65 7.23 6.46
CA TYR A 54 13.37 7.48 5.81
C TYR A 54 12.21 7.09 6.71
N GLY A 55 12.51 6.26 7.71
CA GLY A 55 11.50 5.77 8.65
C GLY A 55 10.57 6.85 9.23
N PRO A 56 11.11 7.89 9.93
CA PRO A 56 10.29 8.96 10.53
C PRO A 56 9.47 9.72 9.49
N GLU A 57 10.08 9.97 8.34
CA GLU A 57 9.47 10.71 7.26
C GLU A 57 8.21 9.98 6.77
N ALA A 58 8.36 8.68 6.54
CA ALA A 58 7.29 7.85 6.05
C ALA A 58 6.17 7.72 7.07
N SER A 59 6.52 7.51 8.34
CA SER A 59 5.52 7.34 9.38
C SER A 59 4.68 8.61 9.58
N ALA A 60 5.34 9.75 9.66
CA ALA A 60 4.65 11.02 9.89
C ALA A 60 3.79 11.41 8.68
N PHE A 61 4.28 11.10 7.49
CA PHE A 61 3.55 11.39 6.25
C PHE A 61 2.23 10.64 6.23
N THR A 62 2.31 9.37 6.55
CA THR A 62 1.17 8.51 6.57
C THR A 62 0.12 9.02 7.57
N LYS A 63 0.58 9.40 8.78
CA LYS A 63 -0.33 9.93 9.80
C LYS A 63 -1.05 11.16 9.28
N LYS A 64 -0.28 12.10 8.74
CA LYS A 64 -0.82 13.34 8.20
C LYS A 64 -1.88 13.09 7.15
N MET A 65 -1.63 12.16 6.26
CA MET A 65 -2.55 11.87 5.18
C MET A 65 -3.82 11.18 5.65
N VAL A 66 -3.69 10.28 6.60
CA VAL A 66 -4.85 9.55 7.09
C VAL A 66 -5.68 10.35 8.09
N GLU A 67 -5.03 11.20 8.89
CA GLU A 67 -5.75 12.04 9.84
C GLU A 67 -6.42 13.21 9.12
N ASN A 68 -5.85 13.59 7.99
CA ASN A 68 -6.42 14.63 7.13
C ASN A 68 -7.71 14.15 6.50
N ALA A 69 -7.77 12.86 6.28
CA ALA A 69 -8.89 12.23 5.64
C ALA A 69 -10.12 12.21 6.50
N LYS A 70 -11.23 12.61 5.93
CA LYS A 70 -12.49 12.47 6.60
C LYS A 70 -12.94 11.05 6.46
N LYS A 71 -12.75 10.51 5.27
CA LYS A 71 -13.11 9.16 4.97
C LYS A 71 -11.87 8.38 4.70
N ILE A 72 -11.77 7.25 5.32
CA ILE A 72 -10.69 6.37 5.07
C ILE A 72 -11.29 5.18 4.37
N GLU A 73 -10.89 4.93 3.17
CA GLU A 73 -11.54 3.93 2.37
C GLU A 73 -10.61 2.76 2.12
N VAL A 74 -11.16 1.57 2.17
CA VAL A 74 -10.42 0.35 1.93
C VAL A 74 -10.98 -0.38 0.68
N GLU A 75 -10.13 -0.53 -0.32
CA GLU A 75 -10.54 -1.13 -1.60
C GLU A 75 -9.92 -2.51 -1.77
N PHE A 76 -10.70 -3.40 -2.36
CA PHE A 76 -10.35 -4.78 -2.57
C PHE A 76 -9.74 -4.96 -3.96
N ASP A 77 -8.82 -5.91 -4.10
CA ASP A 77 -8.20 -6.24 -5.38
C ASP A 77 -8.60 -7.70 -5.70
N LYS A 78 -8.09 -8.27 -6.78
CA LYS A 78 -8.46 -9.61 -7.25
C LYS A 78 -8.03 -10.71 -6.27
N GLY A 79 -6.98 -10.41 -5.51
CA GLY A 79 -6.44 -11.38 -4.58
C GLY A 79 -7.31 -11.59 -3.35
N GLN A 80 -6.80 -11.23 -2.21
CA GLN A 80 -7.51 -11.42 -0.98
C GLN A 80 -7.64 -10.11 -0.26
N ARG A 81 -8.51 -10.07 0.72
CA ARG A 81 -8.70 -8.88 1.51
C ARG A 81 -8.05 -9.08 2.88
N THR A 82 -7.70 -10.32 3.15
CA THR A 82 -7.04 -10.68 4.38
C THR A 82 -5.85 -11.60 4.08
N ASP A 83 -4.74 -11.30 4.69
CA ASP A 83 -3.52 -12.08 4.52
C ASP A 83 -3.55 -13.18 5.55
N LYS A 84 -3.02 -14.34 5.19
CA LYS A 84 -2.96 -15.49 6.06
C LYS A 84 -1.98 -15.21 7.23
N TYR A 85 -1.13 -14.20 7.04
CA TYR A 85 -0.22 -13.72 8.08
C TYR A 85 -1.03 -13.14 9.23
N GLY A 86 -2.19 -12.61 8.89
CA GLY A 86 -3.04 -12.00 9.89
C GLY A 86 -3.00 -10.51 9.81
N ARG A 87 -3.19 -10.00 8.62
CA ARG A 87 -3.19 -8.58 8.37
C ARG A 87 -4.08 -8.28 7.18
N GLY A 88 -4.51 -7.05 7.05
CA GLY A 88 -5.39 -6.68 5.97
C GLY A 88 -4.68 -6.43 4.67
N LEU A 89 -5.34 -6.79 3.59
CA LEU A 89 -4.84 -6.60 2.24
C LEU A 89 -5.80 -5.67 1.52
N ALA A 90 -5.47 -4.41 1.45
CA ALA A 90 -6.34 -3.45 0.79
C ALA A 90 -5.58 -2.24 0.33
N TYR A 91 -6.18 -1.51 -0.59
CA TYR A 91 -5.67 -0.22 -0.99
C TYR A 91 -6.31 0.78 -0.07
N ILE A 92 -5.53 1.60 0.55
CA ILE A 92 -6.08 2.58 1.47
C ILE A 92 -6.19 3.93 0.78
N TYR A 93 -7.38 4.47 0.75
CA TYR A 93 -7.60 5.79 0.22
C TYR A 93 -7.91 6.72 1.36
N ALA A 94 -7.28 7.83 1.37
CA ALA A 94 -7.51 8.85 2.34
C ALA A 94 -8.29 9.94 1.64
N ASP A 95 -9.61 9.95 1.85
CA ASP A 95 -10.58 10.86 1.16
C ASP A 95 -10.37 10.94 -0.37
N GLY A 96 -9.88 9.85 -0.94
CA GLY A 96 -9.62 9.80 -2.37
C GLY A 96 -8.14 9.84 -2.71
N LYS A 97 -7.29 10.10 -1.73
CA LYS A 97 -5.86 10.06 -1.97
C LYS A 97 -5.44 8.61 -1.82
N MET A 98 -4.85 8.04 -2.83
CA MET A 98 -4.42 6.67 -2.72
C MET A 98 -3.08 6.63 -1.97
N VAL A 99 -3.17 6.32 -0.67
CA VAL A 99 -2.06 6.45 0.29
C VAL A 99 -0.85 5.62 -0.11
N ASN A 100 -1.09 4.41 -0.54
CA ASN A 100 0.00 3.51 -0.88
C ASN A 100 0.77 4.00 -2.09
N GLU A 101 0.08 4.67 -2.99
CA GLU A 101 0.70 5.21 -4.16
C GLU A 101 1.46 6.47 -3.81
N ALA A 102 0.85 7.28 -2.95
CA ALA A 102 1.45 8.53 -2.50
C ALA A 102 2.80 8.28 -1.85
N LEU A 103 2.88 7.20 -1.08
CA LEU A 103 4.13 6.80 -0.45
C LEU A 103 5.19 6.47 -1.48
N VAL A 104 4.79 5.71 -2.49
CA VAL A 104 5.70 5.30 -3.53
C VAL A 104 6.11 6.47 -4.42
N ARG A 105 5.13 7.26 -4.85
CA ARG A 105 5.40 8.45 -5.67
C ARG A 105 6.28 9.48 -4.94
N GLN A 106 6.09 9.64 -3.63
CA GLN A 106 6.90 10.55 -2.82
C GLN A 106 8.23 9.90 -2.40
N GLY A 107 8.44 8.66 -2.83
CA GLY A 107 9.67 7.95 -2.55
C GLY A 107 9.88 7.64 -1.08
N LEU A 108 8.82 7.31 -0.41
CA LEU A 108 8.87 6.98 1.01
C LEU A 108 8.85 5.48 1.20
N ALA A 109 8.50 4.80 0.14
CA ALA A 109 8.43 3.37 0.14
C ALA A 109 8.70 2.89 -1.25
N LYS A 110 9.06 1.65 -1.39
CA LYS A 110 9.28 1.08 -2.69
C LYS A 110 8.11 0.18 -2.97
N VAL A 111 7.93 -0.20 -4.20
CA VAL A 111 6.85 -1.11 -4.52
C VAL A 111 7.18 -2.50 -3.99
N ALA A 112 6.25 -3.06 -3.24
CA ALA A 112 6.38 -4.39 -2.73
C ALA A 112 5.82 -5.32 -3.77
N TYR A 113 6.39 -6.48 -3.85
CA TYR A 113 6.06 -7.40 -4.89
C TYR A 113 4.79 -8.15 -4.58
N VAL A 114 4.09 -8.51 -5.62
CA VAL A 114 2.80 -9.11 -5.50
C VAL A 114 2.90 -10.61 -5.36
N TYR A 115 2.43 -11.10 -4.25
CA TYR A 115 2.39 -12.50 -3.99
C TYR A 115 1.21 -13.09 -4.72
N LYS A 116 1.42 -14.22 -5.32
CA LYS A 116 0.43 -14.81 -6.16
C LYS A 116 -0.59 -15.63 -5.39
N PRO A 117 -1.88 -15.34 -5.58
CA PRO A 117 -2.95 -16.21 -5.13
C PRO A 117 -3.20 -17.23 -6.23
N ASN A 118 -4.29 -17.91 -6.22
CA ASN A 118 -4.54 -18.85 -7.29
C ASN A 118 -5.62 -18.33 -8.19
N ASN A 119 -6.78 -18.07 -7.59
CA ASN A 119 -7.98 -17.61 -8.29
C ASN A 119 -8.43 -18.66 -9.27
N THR A 120 -9.04 -19.67 -8.69
CA THR A 120 -9.47 -20.85 -9.37
C THR A 120 -10.65 -20.55 -10.30
N HIS A 121 -10.31 -20.34 -11.57
CA HIS A 121 -11.25 -20.15 -12.67
C HIS A 121 -10.45 -19.76 -13.88
N GLY B 1 -3.29 -17.96 -24.05
CA GLY B 1 -2.93 -16.94 -25.03
C GLY B 1 -4.15 -16.17 -25.49
N SER B 2 -3.92 -15.15 -26.31
CA SER B 2 -4.94 -14.27 -26.90
C SER B 2 -5.92 -13.67 -25.88
N VAL B 3 -7.01 -14.37 -25.61
CA VAL B 3 -8.00 -13.92 -24.69
C VAL B 3 -7.60 -14.25 -23.26
N ALA B 4 -6.90 -15.35 -23.09
CA ALA B 4 -6.51 -15.80 -21.80
C ALA B 4 -5.03 -15.56 -21.59
N TYR B 5 -4.74 -14.46 -20.98
CA TYR B 5 -3.37 -14.07 -20.64
C TYR B 5 -3.44 -13.36 -19.29
N VAL B 6 -4.57 -13.55 -18.65
CA VAL B 6 -4.93 -12.80 -17.48
C VAL B 6 -4.05 -13.03 -16.27
N TYR B 7 -3.51 -11.94 -15.81
CA TYR B 7 -2.80 -11.91 -14.57
C TYR B 7 -3.81 -11.80 -13.43
N LYS B 8 -4.08 -12.91 -12.85
CA LYS B 8 -5.03 -13.06 -11.74
C LYS B 8 -4.61 -12.33 -10.41
N PRO B 9 -3.28 -12.28 -10.03
CA PRO B 9 -2.83 -11.54 -8.82
C PRO B 9 -3.19 -10.03 -8.82
N ASN B 10 -2.73 -9.34 -7.77
CA ASN B 10 -2.99 -7.92 -7.56
C ASN B 10 -2.37 -7.11 -8.66
N ASN B 11 -3.18 -6.40 -9.42
CA ASN B 11 -2.63 -5.61 -10.50
C ASN B 11 -3.47 -4.38 -10.84
N THR B 12 -4.61 -4.19 -10.19
CA THR B 12 -5.55 -3.14 -10.63
C THR B 12 -4.95 -1.74 -10.60
N HIS B 13 -4.33 -1.40 -9.49
CA HIS B 13 -3.72 -0.09 -9.35
C HIS B 13 -2.22 -0.25 -9.31
N GLU B 14 -1.78 -1.48 -9.49
CA GLU B 14 -0.37 -1.87 -9.39
C GLU B 14 0.43 -1.19 -10.51
N GLN B 15 -0.18 -1.12 -11.68
CA GLN B 15 0.41 -0.47 -12.85
C GLN B 15 0.68 1.02 -12.59
N LEU B 16 -0.20 1.63 -11.80
CA LEU B 16 -0.08 3.04 -11.45
C LEU B 16 1.16 3.25 -10.60
N LEU B 17 1.33 2.40 -9.61
CA LEU B 17 2.46 2.47 -8.72
C LEU B 17 3.78 2.19 -9.44
N ARG B 18 3.74 1.38 -10.49
CA ARG B 18 4.94 1.13 -11.31
C ARG B 18 5.40 2.43 -11.94
N LYS B 19 4.46 3.20 -12.41
CA LYS B 19 4.74 4.46 -13.04
C LYS B 19 5.21 5.46 -11.99
N SER B 20 4.59 5.44 -10.84
CA SER B 20 4.95 6.29 -9.73
C SER B 20 6.36 6.00 -9.23
N GLU B 21 6.68 4.72 -9.06
CA GLU B 21 7.98 4.32 -8.60
C GLU B 21 9.03 4.74 -9.57
N ALA B 22 8.82 4.43 -10.85
CA ALA B 22 9.77 4.77 -11.90
C ALA B 22 10.02 6.28 -11.94
N GLN B 23 8.96 7.05 -11.72
CA GLN B 23 9.07 8.49 -11.69
C GLN B 23 9.90 8.90 -10.49
N ALA B 24 9.58 8.35 -9.34
CA ALA B 24 10.22 8.69 -8.09
C ALA B 24 11.68 8.28 -8.09
N LYS B 25 11.99 7.16 -8.77
CA LYS B 25 13.37 6.70 -8.90
C LYS B 25 14.19 7.79 -9.58
N LYS B 26 13.68 8.26 -10.71
CA LYS B 26 14.36 9.26 -11.52
C LYS B 26 14.38 10.62 -10.84
N GLU B 27 13.31 10.93 -10.12
CA GLU B 27 13.21 12.19 -9.36
C GLU B 27 14.11 12.15 -8.12
N LYS B 28 14.49 10.93 -7.73
CA LYS B 28 15.35 10.64 -6.57
C LYS B 28 14.71 11.17 -5.30
N LEU B 29 13.46 10.87 -5.13
CA LEU B 29 12.70 11.38 -4.02
C LEU B 29 12.91 10.51 -2.81
N ASN B 30 13.43 11.14 -1.76
CA ASN B 30 13.65 10.52 -0.46
C ASN B 30 14.46 9.25 -0.54
N ILE B 31 13.80 8.09 -0.64
CA ILE B 31 14.47 6.82 -0.73
C ILE B 31 15.35 6.75 -1.95
N TRP B 32 14.84 7.21 -3.07
CA TRP B 32 15.51 7.06 -4.35
C TRP B 32 16.75 7.94 -4.48
N SER B 33 16.96 8.73 -3.48
CA SER B 33 18.17 9.49 -3.35
C SER B 33 19.32 8.59 -2.79
N GLU B 34 19.00 7.32 -2.42
CA GLU B 34 20.02 6.35 -1.96
C GLU B 34 20.89 5.92 -3.14
N ASP B 35 20.32 6.04 -4.32
CA ASP B 35 20.97 5.67 -5.54
C ASP B 35 21.90 6.75 -5.99
N ALA A 1 -23.49 -11.32 -15.31
CA ALA A 1 -23.15 -9.93 -15.05
C ALA A 1 -22.24 -9.84 -13.82
N THR A 2 -20.95 -9.95 -14.04
CA THR A 2 -19.99 -9.88 -12.98
C THR A 2 -19.75 -8.40 -12.63
N SER A 3 -20.32 -7.97 -11.53
CA SER A 3 -20.26 -6.59 -11.14
C SER A 3 -18.98 -6.22 -10.40
N THR A 4 -17.93 -6.11 -11.16
CA THR A 4 -16.67 -5.67 -10.67
C THR A 4 -15.81 -5.13 -11.81
N LYS A 5 -16.21 -3.98 -12.29
CA LYS A 5 -15.44 -3.23 -13.28
C LYS A 5 -14.85 -2.05 -12.54
N LYS A 6 -14.83 -2.22 -11.26
CA LYS A 6 -14.30 -1.34 -10.29
C LYS A 6 -13.97 -2.28 -9.14
N LEU A 7 -13.13 -1.89 -8.25
CA LEU A 7 -12.73 -2.79 -7.18
C LEU A 7 -13.53 -2.57 -5.92
N HIS A 8 -13.33 -3.43 -4.96
CA HIS A 8 -14.05 -3.39 -3.70
C HIS A 8 -13.48 -2.34 -2.76
N LYS A 9 -14.16 -1.23 -2.62
CA LYS A 9 -13.80 -0.23 -1.64
C LYS A 9 -14.78 -0.29 -0.49
N GLU A 10 -14.27 -0.40 0.70
CA GLU A 10 -15.11 -0.33 1.87
C GLU A 10 -14.67 0.93 2.61
N PRO A 11 -15.56 1.59 3.32
CA PRO A 11 -15.19 2.74 4.15
C PRO A 11 -14.59 2.25 5.47
N ALA A 12 -13.58 2.93 5.94
CA ALA A 12 -12.94 2.53 7.18
C ALA A 12 -12.64 3.72 8.09
N THR A 13 -12.53 3.44 9.35
CA THR A 13 -12.20 4.40 10.37
C THR A 13 -10.79 4.04 10.92
N LEU A 14 -9.96 5.01 11.19
CA LEU A 14 -8.63 4.74 11.69
C LEU A 14 -8.67 4.52 13.18
N ILE A 15 -8.15 3.39 13.60
CA ILE A 15 -8.02 3.13 15.00
C ILE A 15 -6.68 3.66 15.49
N LYS A 16 -5.61 3.26 14.82
CA LYS A 16 -4.28 3.70 15.20
C LYS A 16 -3.32 3.41 14.06
N ALA A 17 -2.36 4.26 13.90
CA ALA A 17 -1.35 4.08 12.88
C ALA A 17 -0.08 3.65 13.56
N ILE A 18 0.43 2.48 13.22
CA ILE A 18 1.62 1.98 13.86
C ILE A 18 2.84 2.42 13.06
N ASP A 19 2.83 2.09 11.80
CA ASP A 19 3.92 2.43 10.90
C ASP A 19 3.31 3.15 9.75
N GLY A 20 4.07 3.32 8.69
CA GLY A 20 3.51 3.88 7.47
C GLY A 20 2.86 2.78 6.66
N ASP A 21 3.18 1.56 7.05
CA ASP A 21 2.67 0.38 6.37
C ASP A 21 1.54 -0.19 7.19
N THR A 22 1.84 -0.42 8.44
CA THR A 22 0.94 -0.98 9.37
C THR A 22 0.00 0.10 9.96
N VAL A 23 -1.22 0.08 9.53
CA VAL A 23 -2.25 0.97 10.00
C VAL A 23 -3.48 0.16 10.40
N LYS A 24 -4.09 0.48 11.50
CA LYS A 24 -5.22 -0.30 11.96
C LYS A 24 -6.50 0.42 11.64
N LEU A 25 -7.33 -0.22 10.86
CA LEU A 25 -8.57 0.35 10.41
C LEU A 25 -9.74 -0.45 10.93
N MET A 26 -10.80 0.25 11.19
CA MET A 26 -12.05 -0.32 11.59
C MET A 26 -12.96 -0.20 10.42
N TYR A 27 -13.27 -1.30 9.79
CA TYR A 27 -14.13 -1.26 8.63
C TYR A 27 -15.39 -1.98 8.93
N LYS A 28 -16.49 -1.24 8.90
CA LYS A 28 -17.83 -1.79 9.16
C LYS A 28 -17.89 -2.44 10.53
N GLY A 29 -17.12 -1.89 11.45
CA GLY A 29 -17.11 -2.37 12.81
C GLY A 29 -16.00 -3.36 13.11
N GLN A 30 -15.15 -3.62 12.13
CA GLN A 30 -14.07 -4.56 12.32
C GLN A 30 -12.73 -3.85 12.44
N PRO A 31 -12.16 -3.73 13.66
CA PRO A 31 -10.86 -3.11 13.87
C PRO A 31 -9.72 -4.09 13.57
N MET A 32 -9.22 -4.03 12.37
CA MET A 32 -8.20 -4.93 11.91
C MET A 32 -6.96 -4.16 11.54
N THR A 33 -5.83 -4.72 11.77
CA THR A 33 -4.59 -4.09 11.44
C THR A 33 -4.24 -4.42 9.98
N PHE A 34 -4.14 -3.40 9.16
CA PHE A 34 -3.88 -3.54 7.76
C PHE A 34 -2.50 -3.05 7.42
N ARG A 35 -2.03 -3.46 6.27
CA ARG A 35 -0.83 -2.95 5.66
C ARG A 35 -1.14 -2.65 4.22
N LEU A 36 -0.58 -1.59 3.73
CA LEU A 36 -0.84 -1.12 2.38
C LEU A 36 -0.45 -2.11 1.26
N LEU A 37 -1.45 -2.51 0.48
CA LEU A 37 -1.27 -3.39 -0.68
C LEU A 37 -0.26 -2.86 -1.67
N LEU A 38 0.70 -3.73 -2.01
CA LEU A 38 1.71 -3.48 -3.04
C LEU A 38 2.69 -2.39 -2.62
N VAL A 39 2.83 -2.16 -1.33
CA VAL A 39 3.72 -1.15 -0.84
C VAL A 39 4.64 -1.73 0.22
N ASP A 40 5.92 -1.46 0.09
CA ASP A 40 6.86 -1.75 1.14
C ASP A 40 7.25 -0.41 1.71
N THR A 41 6.78 -0.08 2.89
CA THR A 41 7.19 1.14 3.51
C THR A 41 8.56 0.89 4.24
N PRO A 42 8.64 0.24 5.46
CA PRO A 42 9.92 -0.27 5.92
C PRO A 42 10.18 -1.61 5.21
N GLU A 43 9.07 -2.23 4.87
CA GLU A 43 8.92 -3.46 4.16
C GLU A 43 7.43 -3.72 4.21
N THR A 44 6.98 -4.72 3.53
CA THR A 44 5.64 -5.18 3.76
C THR A 44 5.69 -6.57 4.46
N LYS A 45 6.44 -7.51 3.90
CA LYS A 45 6.60 -8.78 4.55
C LYS A 45 7.90 -8.92 5.34
N HIS A 46 9.01 -8.62 4.70
CA HIS A 46 10.33 -8.73 5.33
C HIS A 46 11.25 -7.67 4.74
N PRO A 47 12.02 -6.96 5.58
CA PRO A 47 12.94 -5.92 5.12
C PRO A 47 14.01 -6.49 4.20
N LYS A 48 14.04 -5.99 2.99
CA LYS A 48 14.95 -6.49 1.99
C LYS A 48 16.26 -5.74 2.04
N LYS A 49 16.21 -4.44 2.05
CA LYS A 49 17.41 -3.65 2.21
C LYS A 49 17.40 -2.89 3.50
N GLY A 50 16.23 -2.57 3.96
CA GLY A 50 16.09 -1.77 5.10
C GLY A 50 15.87 -0.34 4.72
N VAL A 51 14.66 0.14 4.91
CA VAL A 51 14.27 1.51 4.60
C VAL A 51 14.34 2.29 5.92
N GLU A 52 15.25 1.82 6.73
CA GLU A 52 15.60 2.26 8.06
C GLU A 52 15.62 3.78 8.21
N LYS A 53 16.20 4.46 7.24
CA LYS A 53 16.36 5.91 7.33
C LYS A 53 15.15 6.69 6.82
N TYR A 54 14.34 6.07 5.98
CA TYR A 54 13.24 6.79 5.33
C TYR A 54 11.89 6.45 5.96
N GLY A 55 11.82 5.27 6.57
CA GLY A 55 10.61 4.80 7.25
C GLY A 55 10.02 5.85 8.20
N PRO A 56 10.82 6.44 9.13
CA PRO A 56 10.37 7.53 10.02
C PRO A 56 9.63 8.68 9.29
N GLU A 57 10.05 8.99 8.07
CA GLU A 57 9.44 10.08 7.33
C GLU A 57 8.18 9.61 6.63
N ALA A 58 8.23 8.41 6.09
CA ALA A 58 7.11 7.81 5.40
C ALA A 58 5.95 7.58 6.35
N SER A 59 6.25 7.13 7.55
CA SER A 59 5.24 6.89 8.56
C SER A 59 4.55 8.16 8.98
N ALA A 60 5.35 9.22 9.18
CA ALA A 60 4.82 10.52 9.54
C ALA A 60 3.87 11.01 8.46
N PHE A 61 4.30 10.90 7.21
CA PHE A 61 3.50 11.28 6.06
C PHE A 61 2.18 10.52 6.06
N THR A 62 2.27 9.22 6.21
CA THR A 62 1.13 8.34 6.19
C THR A 62 0.11 8.70 7.30
N LYS A 63 0.58 8.83 8.56
CA LYS A 63 -0.35 9.15 9.64
C LYS A 63 -0.99 10.52 9.49
N LYS A 64 -0.24 11.51 9.03
CA LYS A 64 -0.79 12.82 8.82
C LYS A 64 -1.81 12.78 7.71
N MET A 65 -1.49 12.04 6.67
CA MET A 65 -2.34 11.91 5.51
C MET A 65 -3.68 11.28 5.85
N VAL A 66 -3.65 10.21 6.62
CA VAL A 66 -4.87 9.49 6.97
C VAL A 66 -5.67 10.14 8.12
N GLU A 67 -4.99 10.79 9.05
CA GLU A 67 -5.69 11.44 10.15
C GLU A 67 -6.31 12.75 9.70
N ASN A 68 -5.64 13.43 8.79
CA ASN A 68 -6.15 14.70 8.24
C ASN A 68 -7.25 14.42 7.23
N ALA A 69 -7.24 13.20 6.70
CA ALA A 69 -8.21 12.75 5.74
C ALA A 69 -9.60 12.72 6.33
N LYS A 70 -10.58 12.98 5.52
CA LYS A 70 -11.96 12.99 5.96
C LYS A 70 -12.41 11.57 6.26
N LYS A 71 -12.39 10.73 5.25
CA LYS A 71 -12.77 9.35 5.39
C LYS A 71 -11.63 8.53 4.89
N ILE A 72 -11.46 7.36 5.40
CA ILE A 72 -10.46 6.48 4.89
C ILE A 72 -11.15 5.41 4.10
N GLU A 73 -10.65 5.12 2.93
CA GLU A 73 -11.25 4.15 2.09
C GLU A 73 -10.29 2.98 2.03
N VAL A 74 -10.79 1.79 2.19
CA VAL A 74 -9.95 0.62 2.03
C VAL A 74 -10.40 -0.13 0.79
N GLU A 75 -9.52 -0.24 -0.16
CA GLU A 75 -9.86 -0.91 -1.39
C GLU A 75 -9.05 -2.18 -1.52
N PHE A 76 -9.68 -3.21 -1.94
CA PHE A 76 -9.04 -4.47 -2.08
C PHE A 76 -8.82 -4.78 -3.56
N ASP A 77 -7.67 -5.33 -3.86
CA ASP A 77 -7.29 -5.68 -5.22
C ASP A 77 -7.84 -7.09 -5.51
N LYS A 78 -7.52 -7.66 -6.64
CA LYS A 78 -8.04 -8.97 -7.04
C LYS A 78 -7.35 -10.13 -6.30
N GLY A 79 -6.37 -9.79 -5.48
CA GLY A 79 -5.64 -10.80 -4.73
C GLY A 79 -6.31 -11.14 -3.43
N GLN A 80 -5.61 -10.91 -2.36
CA GLN A 80 -6.07 -11.27 -1.04
C GLN A 80 -6.65 -10.09 -0.31
N ARG A 81 -7.37 -10.38 0.75
CA ARG A 81 -8.00 -9.36 1.55
C ARG A 81 -7.28 -9.26 2.88
N THR A 82 -6.88 -10.40 3.40
CA THR A 82 -6.18 -10.51 4.65
C THR A 82 -5.12 -11.58 4.52
N ASP A 83 -4.04 -11.44 5.25
CA ASP A 83 -2.95 -12.39 5.22
C ASP A 83 -3.03 -13.32 6.44
N LYS A 84 -2.45 -14.50 6.29
CA LYS A 84 -2.42 -15.56 7.32
C LYS A 84 -1.79 -15.08 8.62
N TYR A 85 -0.89 -14.12 8.50
CA TYR A 85 -0.14 -13.56 9.62
C TYR A 85 -1.08 -12.81 10.57
N GLY A 86 -2.23 -12.45 10.05
CA GLY A 86 -3.14 -11.67 10.83
C GLY A 86 -2.88 -10.23 10.57
N ARG A 87 -3.12 -9.86 9.34
CA ARG A 87 -2.84 -8.55 8.89
C ARG A 87 -3.63 -8.35 7.63
N GLY A 88 -4.39 -7.29 7.57
CA GLY A 88 -5.19 -7.03 6.42
C GLY A 88 -4.36 -6.44 5.32
N LEU A 89 -4.76 -6.67 4.12
CA LEU A 89 -4.06 -6.17 2.97
C LEU A 89 -5.01 -5.28 2.20
N ALA A 90 -4.81 -3.99 2.29
CA ALA A 90 -5.71 -3.06 1.66
C ALA A 90 -4.97 -1.92 1.01
N TYR A 91 -5.57 -1.37 0.00
CA TYR A 91 -5.07 -0.22 -0.67
C TYR A 91 -5.78 0.96 -0.03
N ILE A 92 -5.04 1.89 0.48
CA ILE A 92 -5.62 2.95 1.28
C ILE A 92 -5.81 4.23 0.46
N TYR A 93 -7.00 4.75 0.52
CA TYR A 93 -7.31 6.04 -0.04
C TYR A 93 -7.67 6.98 1.09
N ALA A 94 -7.27 8.21 0.97
CA ALA A 94 -7.62 9.21 1.92
C ALA A 94 -8.67 10.08 1.26
N ASP A 95 -9.93 9.81 1.59
CA ASP A 95 -11.12 10.42 0.99
C ASP A 95 -10.99 10.47 -0.55
N GLY A 96 -10.45 9.39 -1.10
CA GLY A 96 -10.29 9.28 -2.54
C GLY A 96 -8.86 9.42 -3.02
N LYS A 97 -8.00 10.05 -2.24
CA LYS A 97 -6.60 10.21 -2.65
C LYS A 97 -5.81 8.95 -2.38
N MET A 98 -5.05 8.55 -3.35
CA MET A 98 -4.31 7.30 -3.28
C MET A 98 -3.08 7.41 -2.44
N VAL A 99 -3.19 6.93 -1.24
CA VAL A 99 -2.10 6.99 -0.25
C VAL A 99 -0.94 6.12 -0.70
N ASN A 100 -1.25 4.89 -1.09
CA ASN A 100 -0.25 3.93 -1.55
C ASN A 100 0.55 4.48 -2.71
N GLU A 101 -0.16 5.09 -3.64
CA GLU A 101 0.47 5.66 -4.81
C GLU A 101 1.32 6.86 -4.42
N ALA A 102 0.78 7.70 -3.54
CA ALA A 102 1.47 8.90 -3.06
C ALA A 102 2.81 8.56 -2.43
N LEU A 103 2.81 7.54 -1.58
CA LEU A 103 4.04 7.08 -0.92
C LEU A 103 5.11 6.71 -1.94
N VAL A 104 4.72 5.89 -2.89
CA VAL A 104 5.65 5.42 -3.91
C VAL A 104 6.05 6.58 -4.86
N ARG A 105 5.09 7.45 -5.15
CA ARG A 105 5.28 8.62 -6.03
C ARG A 105 6.30 9.59 -5.43
N GLN A 106 6.26 9.74 -4.13
CA GLN A 106 7.13 10.67 -3.43
C GLN A 106 8.43 9.99 -2.99
N GLY A 107 8.60 8.74 -3.37
CA GLY A 107 9.80 8.01 -3.00
C GLY A 107 9.90 7.80 -1.51
N LEU A 108 8.76 7.58 -0.89
CA LEU A 108 8.70 7.35 0.54
C LEU A 108 8.50 5.87 0.81
N ALA A 109 8.20 5.13 -0.24
CA ALA A 109 8.01 3.71 -0.14
C ALA A 109 8.33 3.07 -1.48
N LYS A 110 8.58 1.78 -1.48
CA LYS A 110 8.86 1.06 -2.70
C LYS A 110 7.66 0.21 -3.05
N VAL A 111 7.47 -0.07 -4.30
CA VAL A 111 6.33 -0.86 -4.73
C VAL A 111 6.64 -2.35 -4.56
N ALA A 112 5.75 -3.05 -3.93
CA ALA A 112 5.93 -4.46 -3.73
C ALA A 112 5.32 -5.18 -4.90
N TYR A 113 6.12 -5.94 -5.59
CA TYR A 113 5.63 -6.63 -6.75
C TYR A 113 5.01 -7.98 -6.40
N VAL A 114 3.82 -8.16 -6.87
CA VAL A 114 3.07 -9.40 -6.75
C VAL A 114 2.48 -9.65 -8.11
N TYR A 115 2.81 -10.75 -8.73
CA TYR A 115 2.30 -11.03 -10.05
C TYR A 115 1.54 -12.32 -10.11
N LYS A 116 2.26 -13.41 -10.01
CA LYS A 116 1.72 -14.70 -10.19
C LYS A 116 1.29 -15.34 -8.86
N PRO A 117 0.26 -16.20 -8.89
CA PRO A 117 -0.40 -16.74 -7.67
C PRO A 117 0.30 -17.99 -7.12
N ASN A 118 1.55 -18.10 -7.48
CA ASN A 118 2.48 -19.17 -7.09
C ASN A 118 2.08 -20.51 -7.70
N ASN A 119 1.03 -21.12 -7.19
CA ASN A 119 0.63 -22.46 -7.67
C ASN A 119 -0.56 -22.44 -8.58
N THR A 120 -1.35 -21.39 -8.52
CA THR A 120 -2.60 -21.31 -9.28
C THR A 120 -2.36 -20.95 -10.78
N HIS A 121 -1.28 -21.44 -11.34
CA HIS A 121 -0.95 -21.23 -12.73
C HIS A 121 -0.21 -22.45 -13.23
N GLY B 1 3.54 -29.55 3.03
CA GLY B 1 3.92 -29.29 1.65
C GLY B 1 4.77 -28.07 1.55
N SER B 2 4.94 -27.55 0.35
CA SER B 2 5.72 -26.37 0.12
C SER B 2 5.02 -25.16 0.73
N VAL B 3 5.79 -24.20 1.17
CA VAL B 3 5.24 -23.00 1.76
C VAL B 3 4.79 -22.07 0.65
N ALA B 4 3.53 -22.07 0.42
CA ALA B 4 2.95 -21.31 -0.62
C ALA B 4 1.57 -20.92 -0.22
N TYR B 5 1.11 -19.81 -0.69
CA TYR B 5 -0.19 -19.32 -0.39
C TYR B 5 -0.80 -18.79 -1.67
N VAL B 6 -2.06 -19.04 -1.88
CA VAL B 6 -2.73 -18.58 -3.09
C VAL B 6 -3.05 -17.07 -3.03
N TYR B 7 -2.07 -16.27 -3.38
CA TYR B 7 -2.21 -14.82 -3.37
C TYR B 7 -3.20 -14.35 -4.41
N LYS B 8 -3.25 -15.08 -5.53
CA LYS B 8 -4.05 -14.74 -6.72
C LYS B 8 -3.47 -13.52 -7.45
N PRO B 9 -3.74 -13.35 -8.77
CA PRO B 9 -3.30 -12.18 -9.51
C PRO B 9 -3.80 -10.88 -8.87
N ASN B 10 -2.88 -10.23 -8.18
CA ASN B 10 -3.13 -8.98 -7.49
C ASN B 10 -2.31 -7.93 -8.20
N ASN B 11 -2.82 -7.44 -9.32
CA ASN B 11 -2.00 -6.58 -10.18
C ASN B 11 -2.70 -5.30 -10.55
N THR B 12 -3.91 -5.11 -10.05
CA THR B 12 -4.77 -4.05 -10.52
C THR B 12 -4.30 -2.62 -10.10
N HIS B 13 -3.32 -2.54 -9.24
CA HIS B 13 -2.74 -1.24 -8.86
C HIS B 13 -1.24 -1.25 -9.05
N GLU B 14 -0.74 -2.34 -9.59
CA GLU B 14 0.69 -2.59 -9.71
C GLU B 14 1.32 -1.62 -10.69
N GLN B 15 0.71 -1.47 -11.83
CA GLN B 15 1.23 -0.62 -12.88
C GLN B 15 1.05 0.85 -12.48
N LEU B 16 -0.03 1.12 -11.75
CA LEU B 16 -0.30 2.48 -11.24
C LEU B 16 0.88 2.93 -10.36
N LEU B 17 1.27 2.07 -9.46
CA LEU B 17 2.39 2.34 -8.59
C LEU B 17 3.71 2.32 -9.34
N ARG B 18 3.80 1.54 -10.42
CA ARG B 18 5.00 1.51 -11.25
C ARG B 18 5.32 2.87 -11.86
N LYS B 19 4.30 3.57 -12.35
CA LYS B 19 4.52 4.90 -12.93
C LYS B 19 5.01 5.87 -11.85
N SER B 20 4.51 5.67 -10.65
CA SER B 20 4.90 6.46 -9.53
C SER B 20 6.33 6.14 -9.11
N GLU B 21 6.66 4.85 -9.09
CA GLU B 21 7.99 4.38 -8.76
C GLU B 21 8.99 4.95 -9.74
N ALA B 22 8.63 4.88 -11.03
CA ALA B 22 9.47 5.31 -12.14
C ALA B 22 9.91 6.76 -11.97
N GLN B 23 8.96 7.60 -11.63
CA GLN B 23 9.24 8.99 -11.42
C GLN B 23 10.03 9.21 -10.16
N ALA B 24 9.69 8.49 -9.12
CA ALA B 24 10.37 8.64 -7.87
C ALA B 24 11.84 8.24 -7.98
N LYS B 25 12.12 7.17 -8.72
CA LYS B 25 13.49 6.76 -8.94
C LYS B 25 14.22 7.68 -9.91
N LYS B 26 13.53 8.18 -10.90
CA LYS B 26 14.07 9.15 -11.87
C LYS B 26 14.54 10.39 -11.14
N GLU B 27 13.67 10.86 -10.28
CA GLU B 27 13.84 12.10 -9.58
C GLU B 27 14.60 11.92 -8.27
N LYS B 28 14.92 10.66 -7.93
CA LYS B 28 15.68 10.29 -6.71
C LYS B 28 15.02 10.86 -5.47
N LEU B 29 13.75 10.66 -5.39
CA LEU B 29 12.96 11.20 -4.30
C LEU B 29 13.13 10.34 -3.07
N ASN B 30 13.67 10.96 -2.03
CA ASN B 30 13.95 10.38 -0.71
C ASN B 30 14.67 9.04 -0.77
N ILE B 31 13.90 7.95 -0.84
CA ILE B 31 14.46 6.59 -0.86
C ILE B 31 15.36 6.38 -2.03
N TRP B 32 14.89 6.75 -3.19
CA TRP B 32 15.56 6.45 -4.44
C TRP B 32 16.84 7.21 -4.60
N SER B 33 17.05 8.17 -3.74
CA SER B 33 18.29 8.90 -3.70
C SER B 33 19.42 8.00 -3.12
N GLU B 34 19.08 6.72 -2.82
CA GLU B 34 20.06 5.70 -2.50
C GLU B 34 20.98 5.51 -3.72
N ASP B 35 20.38 5.71 -4.90
CA ASP B 35 21.02 5.64 -6.21
C ASP B 35 21.58 4.25 -6.47
N ALA A 1 -7.97 -5.69 -13.25
CA ALA A 1 -9.36 -6.02 -13.52
C ALA A 1 -9.68 -5.64 -14.96
N THR A 2 -10.94 -5.76 -15.33
CA THR A 2 -11.44 -5.36 -16.65
C THR A 2 -11.21 -3.85 -16.89
N SER A 3 -11.13 -3.12 -15.81
CA SER A 3 -10.84 -1.73 -15.84
C SER A 3 -9.67 -1.51 -14.86
N THR A 4 -9.01 -0.37 -14.94
CA THR A 4 -7.87 -0.06 -14.08
C THR A 4 -8.27 -0.12 -12.59
N LYS A 5 -9.44 0.38 -12.28
CA LYS A 5 -9.93 0.33 -10.94
C LYS A 5 -11.37 -0.15 -10.95
N LYS A 6 -11.55 -1.43 -10.84
CA LYS A 6 -12.86 -2.01 -10.73
C LYS A 6 -12.81 -3.13 -9.72
N LEU A 7 -12.75 -2.72 -8.49
CA LEU A 7 -12.69 -3.61 -7.37
C LEU A 7 -13.79 -3.27 -6.41
N HIS A 8 -13.73 -3.82 -5.23
CA HIS A 8 -14.71 -3.57 -4.23
C HIS A 8 -14.06 -2.87 -3.07
N LYS A 9 -14.44 -1.64 -2.85
CA LYS A 9 -13.91 -0.87 -1.76
C LYS A 9 -14.96 -0.66 -0.69
N GLU A 10 -14.51 -0.53 0.50
CA GLU A 10 -15.36 -0.32 1.65
C GLU A 10 -14.73 0.71 2.61
N PRO A 11 -15.55 1.57 3.27
CA PRO A 11 -15.05 2.62 4.15
C PRO A 11 -14.50 2.11 5.50
N ALA A 12 -13.41 2.67 5.93
CA ALA A 12 -12.75 2.29 7.17
C ALA A 12 -12.54 3.49 8.07
N THR A 13 -12.47 3.22 9.36
CA THR A 13 -12.22 4.19 10.37
C THR A 13 -10.78 4.01 10.85
N LEU A 14 -10.03 5.08 11.03
CA LEU A 14 -8.66 4.96 11.47
C LEU A 14 -8.60 4.78 12.97
N ILE A 15 -7.74 3.89 13.39
CA ILE A 15 -7.46 3.71 14.79
C ILE A 15 -6.08 4.30 15.08
N LYS A 16 -5.10 3.90 14.27
CA LYS A 16 -3.75 4.33 14.46
C LYS A 16 -2.94 4.11 13.17
N ALA A 17 -2.11 5.06 12.81
CA ALA A 17 -1.21 4.91 11.69
C ALA A 17 0.17 4.60 12.25
N ILE A 18 0.60 3.38 12.09
CA ILE A 18 1.84 2.92 12.71
C ILE A 18 3.05 3.15 11.78
N ASP A 19 2.95 2.69 10.56
CA ASP A 19 4.02 2.82 9.57
C ASP A 19 3.44 3.19 8.24
N GLY A 20 4.29 3.26 7.23
CA GLY A 20 3.83 3.58 5.89
C GLY A 20 3.57 2.29 5.19
N ASP A 21 2.75 1.50 5.84
CA ASP A 21 2.46 0.13 5.49
C ASP A 21 1.44 -0.37 6.45
N THR A 22 1.78 -0.22 7.70
CA THR A 22 1.00 -0.76 8.74
C THR A 22 0.17 0.29 9.41
N VAL A 23 -1.08 0.18 9.25
CA VAL A 23 -1.99 1.02 9.95
C VAL A 23 -2.95 0.13 10.69
N LYS A 24 -3.69 0.67 11.57
CA LYS A 24 -4.67 -0.09 12.27
C LYS A 24 -5.98 0.58 12.00
N LEU A 25 -6.86 -0.11 11.32
CA LEU A 25 -8.10 0.49 10.95
C LEU A 25 -9.27 -0.44 11.15
N MET A 26 -10.42 0.16 11.25
CA MET A 26 -11.66 -0.52 11.51
C MET A 26 -12.58 -0.34 10.34
N TYR A 27 -12.91 -1.39 9.67
CA TYR A 27 -13.85 -1.30 8.60
C TYR A 27 -15.02 -2.17 8.91
N LYS A 28 -16.22 -1.59 8.85
CA LYS A 28 -17.48 -2.32 9.11
C LYS A 28 -17.49 -2.90 10.53
N GLY A 29 -16.76 -2.25 11.42
CA GLY A 29 -16.66 -2.73 12.79
C GLY A 29 -15.60 -3.81 12.97
N GLN A 30 -14.80 -4.02 11.94
CA GLN A 30 -13.74 -4.99 12.00
C GLN A 30 -12.38 -4.30 11.97
N PRO A 31 -11.72 -4.18 13.14
CA PRO A 31 -10.39 -3.57 13.25
C PRO A 31 -9.28 -4.55 12.89
N MET A 32 -8.32 -4.10 12.10
CA MET A 32 -7.21 -4.95 11.72
C MET A 32 -5.91 -4.22 11.69
N THR A 33 -4.85 -4.99 11.84
CA THR A 33 -3.51 -4.54 11.66
C THR A 33 -3.31 -4.70 10.17
N PHE A 34 -3.06 -3.63 9.52
CA PHE A 34 -3.20 -3.55 8.12
C PHE A 34 -1.86 -3.39 7.37
N ARG A 35 -1.86 -3.88 6.16
CA ARG A 35 -0.82 -3.75 5.15
C ARG A 35 -1.44 -3.00 3.99
N LEU A 36 -0.79 -2.00 3.51
CA LEU A 36 -1.29 -1.29 2.36
C LEU A 36 -0.95 -2.08 1.11
N LEU A 37 -1.86 -2.16 0.16
CA LEU A 37 -1.56 -2.87 -1.07
C LEU A 37 -0.47 -2.21 -1.89
N LEU A 38 0.45 -3.05 -2.32
CA LEU A 38 1.58 -2.70 -3.17
C LEU A 38 2.57 -1.81 -2.44
N VAL A 39 2.94 -2.18 -1.23
CA VAL A 39 3.92 -1.42 -0.48
C VAL A 39 5.10 -2.31 -0.11
N ASP A 40 6.27 -1.86 -0.47
CA ASP A 40 7.48 -2.53 -0.10
C ASP A 40 8.11 -1.76 1.05
N THR A 41 8.02 -2.34 2.22
CA THR A 41 8.67 -1.87 3.42
C THR A 41 9.62 -2.95 4.00
N PRO A 42 9.31 -4.31 3.88
CA PRO A 42 10.30 -5.32 4.16
C PRO A 42 11.41 -5.12 3.15
N GLU A 43 12.62 -5.02 3.61
CA GLU A 43 13.69 -4.63 2.73
C GLU A 43 14.00 -5.68 1.70
N THR A 44 14.09 -5.24 0.48
CA THR A 44 14.35 -6.10 -0.63
C THR A 44 15.73 -5.85 -1.24
N LYS A 45 16.40 -4.79 -0.82
CA LYS A 45 17.76 -4.53 -1.29
C LYS A 45 18.74 -5.15 -0.32
N HIS A 46 18.56 -4.84 0.95
CA HIS A 46 19.36 -5.40 1.99
C HIS A 46 18.46 -5.66 3.20
N PRO A 47 17.87 -6.85 3.29
CA PRO A 47 16.91 -7.18 4.33
C PRO A 47 17.53 -7.50 5.68
N LYS A 48 17.51 -6.54 6.58
CA LYS A 48 17.93 -6.77 7.97
C LYS A 48 16.99 -6.08 8.95
N LYS A 49 16.75 -4.81 8.73
CA LYS A 49 15.86 -4.07 9.62
C LYS A 49 14.58 -3.62 8.88
N GLY A 50 14.57 -3.84 7.59
CA GLY A 50 13.49 -3.34 6.77
C GLY A 50 13.85 -1.94 6.32
N VAL A 51 12.90 -1.17 5.87
CA VAL A 51 13.14 0.22 5.52
C VAL A 51 13.12 1.10 6.79
N GLU A 52 13.63 0.52 7.88
CA GLU A 52 13.63 1.09 9.24
C GLU A 52 14.01 2.56 9.29
N LYS A 53 15.05 2.93 8.57
CA LYS A 53 15.58 4.29 8.58
C LYS A 53 14.62 5.29 7.93
N TYR A 54 13.75 4.80 7.07
CA TYR A 54 12.79 5.66 6.36
C TYR A 54 11.42 5.55 7.01
N GLY A 55 11.29 4.55 7.85
CA GLY A 55 10.05 4.25 8.54
C GLY A 55 9.43 5.44 9.27
N PRO A 56 10.13 6.10 10.25
CA PRO A 56 9.59 7.25 11.01
C PRO A 56 9.30 8.47 10.14
N GLU A 57 9.80 8.45 8.94
CA GLU A 57 9.59 9.52 8.00
C GLU A 57 8.32 9.24 7.19
N ALA A 58 8.20 8.00 6.77
CA ALA A 58 7.03 7.56 6.06
C ALA A 58 5.81 7.62 6.98
N SER A 59 5.99 7.17 8.21
CA SER A 59 4.92 7.14 9.19
C SER A 59 4.49 8.55 9.59
N ALA A 60 5.45 9.48 9.66
CA ALA A 60 5.16 10.87 9.99
C ALA A 60 4.23 11.47 8.95
N PHE A 61 4.54 11.19 7.69
CA PHE A 61 3.70 11.64 6.60
C PHE A 61 2.36 10.94 6.66
N THR A 62 2.39 9.63 6.86
CA THR A 62 1.19 8.80 6.92
C THR A 62 0.22 9.31 8.00
N LYS A 63 0.70 9.52 9.22
CA LYS A 63 -0.14 10.02 10.33
C LYS A 63 -0.86 11.30 9.96
N LYS A 64 -0.10 12.26 9.47
CA LYS A 64 -0.65 13.57 9.11
C LYS A 64 -1.62 13.45 7.96
N MET A 65 -1.28 12.63 6.98
CA MET A 65 -2.08 12.50 5.79
C MET A 65 -3.40 11.77 6.06
N VAL A 66 -3.34 10.66 6.77
CA VAL A 66 -4.55 9.86 7.05
C VAL A 66 -5.51 10.64 7.94
N GLU A 67 -4.98 11.38 8.89
CA GLU A 67 -5.83 12.17 9.78
C GLU A 67 -6.35 13.42 9.08
N ASN A 68 -5.66 13.86 8.04
CA ASN A 68 -6.10 15.02 7.26
C ASN A 68 -7.14 14.59 6.22
N ALA A 69 -7.09 13.32 5.86
CA ALA A 69 -8.00 12.74 4.90
C ALA A 69 -9.43 12.83 5.39
N LYS A 70 -10.35 12.88 4.46
CA LYS A 70 -11.76 12.95 4.78
C LYS A 70 -12.30 11.56 5.03
N LYS A 71 -12.30 10.75 3.98
CA LYS A 71 -12.86 9.43 4.03
C LYS A 71 -11.77 8.43 3.76
N ILE A 72 -11.73 7.38 4.52
CA ILE A 72 -10.75 6.33 4.35
C ILE A 72 -11.43 5.15 3.71
N GLU A 73 -11.05 4.86 2.51
CA GLU A 73 -11.65 3.78 1.78
C GLU A 73 -10.62 2.68 1.58
N VAL A 74 -11.01 1.45 1.84
CA VAL A 74 -10.14 0.31 1.65
C VAL A 74 -10.62 -0.53 0.48
N GLU A 75 -9.77 -0.72 -0.49
CA GLU A 75 -10.11 -1.52 -1.66
C GLU A 75 -9.17 -2.69 -1.78
N PHE A 76 -9.69 -3.87 -1.79
CA PHE A 76 -8.89 -5.04 -1.96
C PHE A 76 -8.81 -5.40 -3.43
N ASP A 77 -7.67 -5.93 -3.84
CA ASP A 77 -7.44 -6.31 -5.23
C ASP A 77 -7.94 -7.74 -5.39
N LYS A 78 -7.75 -8.34 -6.55
CA LYS A 78 -8.24 -9.68 -6.83
C LYS A 78 -7.35 -10.77 -6.19
N GLY A 79 -6.49 -10.37 -5.29
CA GLY A 79 -5.60 -11.28 -4.64
C GLY A 79 -6.13 -11.76 -3.31
N GLN A 80 -5.31 -11.68 -2.31
CA GLN A 80 -5.66 -12.14 -0.99
C GLN A 80 -6.10 -10.94 -0.18
N ARG A 81 -7.06 -11.13 0.70
CA ARG A 81 -7.54 -10.00 1.47
C ARG A 81 -6.71 -9.86 2.75
N THR A 82 -5.97 -10.90 3.06
CA THR A 82 -5.08 -10.87 4.19
C THR A 82 -3.67 -11.30 3.78
N ASP A 83 -2.71 -10.63 4.35
CA ASP A 83 -1.29 -10.87 4.13
C ASP A 83 -0.98 -12.22 4.75
N LYS A 84 0.04 -12.88 4.26
CA LYS A 84 0.45 -14.17 4.79
C LYS A 84 0.98 -14.03 6.23
N TYR A 85 1.27 -12.80 6.60
CA TYR A 85 1.73 -12.46 7.95
C TYR A 85 0.53 -12.47 8.94
N GLY A 86 -0.68 -12.50 8.38
CA GLY A 86 -1.89 -12.43 9.20
C GLY A 86 -2.20 -11.00 9.52
N ARG A 87 -2.47 -10.25 8.48
CA ARG A 87 -2.57 -8.81 8.54
C ARG A 87 -3.46 -8.41 7.36
N GLY A 88 -4.24 -7.36 7.47
CA GLY A 88 -5.21 -7.02 6.42
C GLY A 88 -4.58 -6.40 5.19
N LEU A 89 -4.98 -6.85 4.01
CA LEU A 89 -4.47 -6.33 2.73
C LEU A 89 -5.55 -5.59 1.96
N ALA A 90 -5.41 -4.29 1.86
CA ALA A 90 -6.27 -3.49 1.00
C ALA A 90 -5.55 -2.18 0.65
N TYR A 91 -6.01 -1.50 -0.34
CA TYR A 91 -5.41 -0.25 -0.75
C TYR A 91 -6.18 0.88 -0.09
N ILE A 92 -5.49 1.91 0.35
CA ILE A 92 -6.14 3.02 1.00
C ILE A 92 -6.34 4.17 0.05
N TYR A 93 -7.56 4.57 -0.07
CA TYR A 93 -7.92 5.74 -0.81
C TYR A 93 -8.41 6.76 0.19
N ALA A 94 -7.91 7.94 0.08
CA ALA A 94 -8.32 9.00 0.94
C ALA A 94 -9.20 9.90 0.14
N ASP A 95 -10.50 9.74 0.33
CA ASP A 95 -11.52 10.50 -0.41
C ASP A 95 -11.21 10.49 -1.94
N GLY A 96 -11.12 9.28 -2.47
CA GLY A 96 -10.85 9.08 -3.88
C GLY A 96 -9.39 9.28 -4.29
N LYS A 97 -8.55 9.71 -3.38
CA LYS A 97 -7.17 9.97 -3.69
C LYS A 97 -6.27 8.86 -3.16
N MET A 98 -5.49 8.28 -4.04
CA MET A 98 -4.61 7.16 -3.75
C MET A 98 -3.53 7.55 -2.73
N VAL A 99 -3.60 6.97 -1.54
CA VAL A 99 -2.65 7.27 -0.46
C VAL A 99 -1.28 6.66 -0.72
N ASN A 100 -1.24 5.39 -1.11
CA ASN A 100 0.05 4.72 -1.34
C ASN A 100 0.79 5.39 -2.48
N GLU A 101 0.04 5.81 -3.49
CA GLU A 101 0.59 6.54 -4.60
C GLU A 101 1.36 7.77 -4.11
N ALA A 102 0.76 8.47 -3.16
CA ALA A 102 1.38 9.66 -2.59
C ALA A 102 2.66 9.29 -1.85
N LEU A 103 2.60 8.21 -1.08
CA LEU A 103 3.75 7.70 -0.33
C LEU A 103 4.91 7.38 -1.24
N VAL A 104 4.64 6.60 -2.25
CA VAL A 104 5.66 6.17 -3.16
C VAL A 104 6.18 7.27 -4.06
N ARG A 105 5.30 8.14 -4.50
CA ARG A 105 5.70 9.33 -5.32
C ARG A 105 6.56 10.30 -4.53
N GLN A 106 6.56 10.16 -3.21
CA GLN A 106 7.44 10.94 -2.35
C GLN A 106 8.72 10.18 -2.06
N GLY A 107 8.80 8.94 -2.52
CA GLY A 107 9.97 8.11 -2.32
C GLY A 107 10.06 7.58 -0.91
N LEU A 108 8.92 7.48 -0.25
CA LEU A 108 8.86 7.01 1.13
C LEU A 108 8.72 5.50 1.19
N ALA A 109 8.35 4.91 0.07
CA ALA A 109 8.14 3.48 -0.02
C ALA A 109 8.28 3.05 -1.46
N LYS A 110 8.23 1.75 -1.70
CA LYS A 110 8.29 1.22 -3.06
C LYS A 110 6.99 0.47 -3.26
N VAL A 111 6.69 0.03 -4.45
CA VAL A 111 5.43 -0.65 -4.66
C VAL A 111 5.57 -2.17 -4.90
N ALA A 112 5.18 -2.95 -3.90
CA ALA A 112 5.21 -4.39 -4.07
C ALA A 112 4.02 -5.09 -3.42
N TYR A 113 3.23 -5.75 -4.23
CA TYR A 113 2.27 -6.72 -3.75
C TYR A 113 2.61 -8.01 -4.46
N VAL A 114 3.33 -8.90 -3.83
CA VAL A 114 3.87 -10.02 -4.57
C VAL A 114 3.69 -11.38 -3.89
N TYR A 115 2.91 -12.23 -4.55
CA TYR A 115 2.79 -13.63 -4.18
C TYR A 115 2.87 -14.54 -5.42
N LYS A 116 2.84 -13.92 -6.63
CA LYS A 116 2.81 -14.65 -7.94
C LYS A 116 1.50 -15.46 -8.11
N PRO A 117 1.14 -15.87 -9.36
CA PRO A 117 -0.01 -16.74 -9.55
C PRO A 117 0.30 -18.16 -9.04
N ASN A 118 1.06 -18.91 -9.79
CA ASN A 118 1.55 -20.21 -9.38
C ASN A 118 3.00 -20.32 -9.75
N ASN A 119 3.84 -19.88 -8.85
CA ASN A 119 5.29 -19.85 -9.07
C ASN A 119 6.00 -19.42 -7.79
N THR A 120 5.31 -18.56 -7.05
CA THR A 120 5.76 -18.05 -5.76
C THR A 120 6.84 -16.95 -5.86
N HIS A 121 7.88 -17.17 -6.64
CA HIS A 121 8.95 -16.20 -6.75
C HIS A 121 9.59 -16.26 -8.14
N GLY B 1 -12.04 -28.96 -18.96
CA GLY B 1 -11.04 -28.03 -18.47
C GLY B 1 -10.59 -27.09 -19.54
N SER B 2 -10.94 -25.84 -19.40
CA SER B 2 -10.55 -24.84 -20.34
C SER B 2 -9.21 -24.28 -19.95
N VAL B 3 -8.18 -24.80 -20.56
CA VAL B 3 -6.85 -24.37 -20.29
C VAL B 3 -6.54 -23.05 -20.99
N ALA B 4 -6.75 -22.00 -20.26
CA ALA B 4 -6.49 -20.67 -20.70
C ALA B 4 -5.76 -19.99 -19.58
N TYR B 5 -4.51 -20.33 -19.46
CA TYR B 5 -3.74 -19.86 -18.36
C TYR B 5 -3.15 -18.52 -18.69
N VAL B 6 -3.85 -17.50 -18.35
CA VAL B 6 -3.37 -16.16 -18.44
C VAL B 6 -3.45 -15.61 -17.06
N TYR B 7 -2.44 -15.87 -16.29
CA TYR B 7 -2.43 -15.49 -14.91
C TYR B 7 -1.24 -14.68 -14.57
N LYS B 8 -1.47 -13.42 -14.38
CA LYS B 8 -0.45 -12.52 -13.89
C LYS B 8 -0.54 -12.59 -12.36
N PRO B 9 0.44 -12.05 -11.63
CA PRO B 9 0.32 -11.92 -10.18
C PRO B 9 -0.95 -11.13 -9.82
N ASN B 10 -1.50 -11.39 -8.67
CA ASN B 10 -2.73 -10.74 -8.27
C ASN B 10 -2.47 -9.46 -7.57
N ASN B 11 -2.42 -8.41 -8.36
CA ASN B 11 -2.16 -7.05 -7.95
C ASN B 11 -2.43 -6.19 -9.16
N THR B 12 -3.64 -6.23 -9.61
CA THR B 12 -4.07 -5.60 -10.85
C THR B 12 -3.95 -4.05 -10.84
N HIS B 13 -3.65 -3.47 -9.69
CA HIS B 13 -3.37 -2.03 -9.61
C HIS B 13 -1.90 -1.72 -9.93
N GLU B 14 -1.14 -2.79 -10.25
CA GLU B 14 0.30 -2.79 -10.56
C GLU B 14 0.75 -1.56 -11.36
N GLN B 15 0.19 -1.41 -12.56
CA GLN B 15 0.59 -0.38 -13.54
C GLN B 15 0.70 1.03 -12.95
N LEU B 16 -0.35 1.48 -12.30
CA LEU B 16 -0.40 2.82 -11.73
C LEU B 16 0.68 3.00 -10.69
N LEU B 17 0.85 2.01 -9.86
CA LEU B 17 1.82 2.04 -8.81
C LEU B 17 3.25 1.97 -9.38
N ARG B 18 3.44 1.18 -10.43
CA ARG B 18 4.75 1.07 -11.13
C ARG B 18 5.19 2.44 -11.62
N LYS B 19 4.25 3.18 -12.23
CA LYS B 19 4.52 4.51 -12.74
C LYS B 19 4.89 5.46 -11.62
N SER B 20 4.15 5.35 -10.53
CA SER B 20 4.34 6.18 -9.37
C SER B 20 5.70 5.93 -8.70
N GLU B 21 6.09 4.67 -8.62
CA GLU B 21 7.38 4.29 -8.06
C GLU B 21 8.50 4.78 -8.95
N ALA B 22 8.39 4.47 -10.23
CA ALA B 22 9.41 4.81 -11.22
C ALA B 22 9.66 6.31 -11.27
N GLN B 23 8.60 7.10 -11.06
CA GLN B 23 8.71 8.55 -11.05
C GLN B 23 9.62 8.97 -9.90
N ALA B 24 9.38 8.41 -8.73
CA ALA B 24 10.15 8.74 -7.55
C ALA B 24 11.55 8.20 -7.66
N LYS B 25 11.69 7.04 -8.32
CA LYS B 25 12.98 6.43 -8.57
C LYS B 25 13.86 7.40 -9.32
N LYS B 26 13.33 7.92 -10.41
CA LYS B 26 14.08 8.80 -11.29
C LYS B 26 14.33 10.17 -10.67
N GLU B 27 13.51 10.55 -9.72
CA GLU B 27 13.68 11.83 -9.04
C GLU B 27 14.64 11.71 -7.86
N LYS B 28 15.08 10.47 -7.57
CA LYS B 28 15.94 10.15 -6.41
C LYS B 28 15.26 10.65 -5.14
N LEU B 29 14.07 10.20 -4.90
CA LEU B 29 13.36 10.63 -3.72
C LEU B 29 13.52 9.67 -2.55
N ASN B 30 14.09 10.21 -1.48
CA ASN B 30 14.31 9.58 -0.16
C ASN B 30 14.97 8.22 -0.22
N ILE B 31 14.19 7.16 -0.44
CA ILE B 31 14.76 5.81 -0.55
C ILE B 31 15.57 5.70 -1.83
N TRP B 32 15.12 6.38 -2.84
CA TRP B 32 15.70 6.24 -4.14
C TRP B 32 16.96 7.05 -4.31
N SER B 33 17.26 7.92 -3.39
CA SER B 33 18.43 8.73 -3.52
C SER B 33 19.66 8.09 -2.86
N GLU B 34 19.48 6.90 -2.28
CA GLU B 34 20.63 6.18 -1.74
C GLU B 34 21.15 5.22 -2.80
N ASP B 35 20.31 4.96 -3.78
CA ASP B 35 20.56 3.94 -4.75
C ASP B 35 20.63 4.57 -6.11
N ALA A 1 -15.35 -2.84 -19.23
CA ALA A 1 -15.14 -3.17 -17.83
C ALA A 1 -14.59 -1.96 -17.09
N THR A 2 -15.14 -1.67 -15.96
CA THR A 2 -14.69 -0.59 -15.13
C THR A 2 -13.64 -1.10 -14.14
N SER A 3 -13.87 -2.27 -13.60
CA SER A 3 -12.97 -2.87 -12.69
C SER A 3 -11.94 -3.71 -13.45
N THR A 4 -10.97 -3.02 -14.01
CA THR A 4 -9.89 -3.66 -14.70
C THR A 4 -8.73 -3.94 -13.74
N LYS A 5 -8.25 -2.88 -13.11
CA LYS A 5 -7.20 -2.96 -12.10
C LYS A 5 -7.63 -2.17 -10.87
N LYS A 6 -8.92 -2.01 -10.76
CA LYS A 6 -9.54 -1.28 -9.68
C LYS A 6 -10.52 -2.26 -9.04
N LEU A 7 -10.40 -2.49 -7.76
CA LEU A 7 -11.25 -3.45 -7.08
C LEU A 7 -12.33 -2.74 -6.23
N HIS A 8 -12.77 -3.36 -5.16
CA HIS A 8 -13.83 -2.80 -4.31
C HIS A 8 -13.26 -2.12 -3.09
N LYS A 9 -13.46 -0.81 -2.99
CA LYS A 9 -13.01 -0.08 -1.81
C LYS A 9 -14.20 0.36 -1.02
N GLU A 10 -14.09 0.31 0.25
CA GLU A 10 -15.14 0.75 1.14
C GLU A 10 -14.56 1.51 2.33
N PRO A 11 -15.26 2.56 2.81
CA PRO A 11 -14.80 3.39 3.95
C PRO A 11 -14.65 2.60 5.25
N ALA A 12 -13.69 3.02 6.04
CA ALA A 12 -13.38 2.43 7.31
C ALA A 12 -13.08 3.54 8.31
N THR A 13 -13.05 3.21 9.57
CA THR A 13 -12.74 4.16 10.61
C THR A 13 -11.30 3.97 11.03
N LEU A 14 -10.55 5.05 11.12
CA LEU A 14 -9.16 4.97 11.51
C LEU A 14 -9.04 4.84 13.00
N ILE A 15 -8.34 3.83 13.43
CA ILE A 15 -8.08 3.63 14.82
C ILE A 15 -6.76 4.32 15.17
N LYS A 16 -5.71 3.95 14.45
CA LYS A 16 -4.40 4.44 14.73
C LYS A 16 -3.45 4.14 13.57
N ALA A 17 -2.48 5.00 13.37
CA ALA A 17 -1.43 4.74 12.43
C ALA A 17 -0.41 3.86 13.13
N ILE A 18 -0.05 2.78 12.52
CA ILE A 18 0.81 1.81 13.15
C ILE A 18 2.23 1.95 12.61
N ASP A 19 2.36 1.92 11.31
CA ASP A 19 3.62 2.07 10.62
C ASP A 19 3.40 3.07 9.50
N GLY A 20 4.41 3.31 8.70
CA GLY A 20 4.25 4.20 7.54
C GLY A 20 3.76 3.39 6.37
N ASP A 21 2.72 2.64 6.62
CA ASP A 21 2.19 1.65 5.71
C ASP A 21 0.99 1.05 6.38
N THR A 22 1.27 0.48 7.53
CA THR A 22 0.29 -0.19 8.29
C THR A 22 -0.53 0.79 9.12
N VAL A 23 -1.79 0.79 8.88
CA VAL A 23 -2.72 1.60 9.59
C VAL A 23 -3.83 0.70 10.12
N LYS A 24 -4.32 1.00 11.28
CA LYS A 24 -5.31 0.15 11.88
C LYS A 24 -6.69 0.73 11.63
N LEU A 25 -7.53 -0.04 10.96
CA LEU A 25 -8.86 0.42 10.59
C LEU A 25 -9.93 -0.46 11.17
N MET A 26 -11.09 0.11 11.26
CA MET A 26 -12.30 -0.54 11.68
C MET A 26 -13.30 -0.35 10.58
N TYR A 27 -13.58 -1.36 9.83
CA TYR A 27 -14.52 -1.21 8.75
C TYR A 27 -15.75 -2.02 9.02
N LYS A 28 -16.86 -1.32 9.17
CA LYS A 28 -18.16 -1.92 9.44
C LYS A 28 -18.11 -2.74 10.71
N GLY A 29 -17.37 -2.21 11.67
CA GLY A 29 -17.29 -2.81 12.98
C GLY A 29 -16.14 -3.80 13.12
N GLN A 30 -15.38 -4.00 12.07
CA GLN A 30 -14.30 -4.96 12.09
C GLN A 30 -12.95 -4.23 12.11
N PRO A 31 -12.26 -4.22 13.26
CA PRO A 31 -10.96 -3.60 13.40
C PRO A 31 -9.80 -4.56 13.12
N MET A 32 -8.95 -4.17 12.20
CA MET A 32 -7.77 -4.93 11.83
C MET A 32 -6.61 -4.01 11.59
N THR A 33 -5.43 -4.54 11.73
CA THR A 33 -4.22 -3.81 11.51
C THR A 33 -3.85 -4.00 10.02
N PHE A 34 -4.08 -3.02 9.20
CA PHE A 34 -3.94 -3.18 7.75
C PHE A 34 -2.60 -2.76 7.21
N ARG A 35 -1.99 -3.68 6.52
CA ARG A 35 -0.74 -3.50 5.81
C ARG A 35 -1.04 -3.18 4.36
N LEU A 36 -0.23 -2.36 3.75
CA LEU A 36 -0.47 -1.98 2.37
C LEU A 36 0.05 -3.02 1.41
N LEU A 37 -0.82 -3.47 0.56
CA LEU A 37 -0.44 -4.36 -0.48
C LEU A 37 0.21 -3.62 -1.61
N LEU A 38 1.27 -4.22 -2.16
CA LEU A 38 2.06 -3.71 -3.28
C LEU A 38 2.94 -2.54 -2.85
N VAL A 39 3.06 -2.32 -1.57
CA VAL A 39 3.87 -1.24 -1.04
C VAL A 39 4.82 -1.76 0.01
N ASP A 40 6.05 -1.32 -0.04
CA ASP A 40 7.02 -1.73 0.93
C ASP A 40 7.59 -0.52 1.64
N THR A 41 7.21 -0.36 2.87
CA THR A 41 7.71 0.71 3.71
C THR A 41 8.36 0.15 5.02
N PRO A 42 7.68 -0.77 5.80
CA PRO A 42 8.25 -1.28 7.06
C PRO A 42 9.55 -2.02 6.82
N GLU A 43 10.37 -2.09 7.87
CA GLU A 43 11.67 -2.76 7.84
C GLU A 43 12.68 -1.95 7.02
N THR A 44 13.92 -2.42 7.00
CA THR A 44 14.99 -1.81 6.25
C THR A 44 15.40 -0.47 6.89
N LYS A 45 16.09 -0.54 8.01
CA LYS A 45 16.56 0.68 8.59
C LYS A 45 18.01 0.95 8.20
N HIS A 46 18.87 -0.06 8.40
CA HIS A 46 20.33 -0.02 8.07
C HIS A 46 20.96 1.36 8.26
N PRO A 47 21.17 1.81 9.50
CA PRO A 47 21.68 3.15 9.77
C PRO A 47 23.11 3.38 9.27
N LYS A 48 23.21 3.97 8.10
CA LYS A 48 24.48 4.41 7.55
C LYS A 48 24.42 5.92 7.46
N LYS A 49 23.32 6.41 6.95
CA LYS A 49 23.03 7.83 6.92
C LYS A 49 22.15 8.13 8.10
N GLY A 50 21.30 7.17 8.41
CA GLY A 50 20.38 7.28 9.51
C GLY A 50 19.03 6.87 9.05
N VAL A 51 18.87 5.57 8.86
CA VAL A 51 17.69 4.98 8.25
C VAL A 51 17.58 5.52 6.83
N GLU A 52 18.21 4.81 5.93
CA GLU A 52 18.45 5.23 4.54
C GLU A 52 17.17 5.58 3.79
N LYS A 53 16.09 4.90 4.13
CA LYS A 53 14.82 5.09 3.47
C LYS A 53 14.01 6.24 4.07
N TYR A 54 14.44 6.71 5.24
CA TYR A 54 13.78 7.74 6.02
C TYR A 54 12.54 7.22 6.72
N GLY A 55 12.75 6.78 7.94
CA GLY A 55 11.70 6.20 8.74
C GLY A 55 10.69 7.23 9.22
N PRO A 56 11.14 8.28 9.98
CA PRO A 56 10.29 9.36 10.46
C PRO A 56 9.38 9.92 9.38
N GLU A 57 9.96 10.35 8.26
CA GLU A 57 9.21 10.95 7.17
C GLU A 57 8.15 10.04 6.59
N ALA A 58 8.51 8.78 6.32
CA ALA A 58 7.58 7.83 5.75
C ALA A 58 6.40 7.59 6.68
N SER A 59 6.71 7.42 7.94
CA SER A 59 5.72 7.15 8.94
C SER A 59 4.83 8.39 9.19
N ALA A 60 5.47 9.55 9.29
CA ALA A 60 4.77 10.79 9.54
C ALA A 60 3.86 11.14 8.38
N PHE A 61 4.35 10.94 7.17
CA PHE A 61 3.58 11.25 5.96
C PHE A 61 2.29 10.44 5.92
N THR A 62 2.42 9.17 6.27
CA THR A 62 1.29 8.26 6.29
C THR A 62 0.23 8.74 7.29
N LYS A 63 0.66 9.03 8.53
CA LYS A 63 -0.24 9.51 9.57
C LYS A 63 -0.85 10.87 9.21
N LYS A 64 -0.05 11.74 8.59
CA LYS A 64 -0.56 13.02 8.10
C LYS A 64 -1.72 12.80 7.16
N MET A 65 -1.55 11.89 6.22
CA MET A 65 -2.58 11.60 5.25
C MET A 65 -3.83 11.01 5.87
N VAL A 66 -3.67 9.97 6.65
CA VAL A 66 -4.83 9.25 7.20
C VAL A 66 -5.56 9.98 8.32
N GLU A 67 -4.86 10.76 9.12
CA GLU A 67 -5.54 11.47 10.21
C GLU A 67 -6.21 12.73 9.70
N ASN A 68 -5.68 13.30 8.64
CA ASN A 68 -6.25 14.49 8.01
C ASN A 68 -7.39 14.11 7.07
N ALA A 69 -7.34 12.89 6.56
CA ALA A 69 -8.35 12.36 5.65
C ALA A 69 -9.73 12.39 6.26
N LYS A 70 -10.73 12.63 5.43
CA LYS A 70 -12.11 12.65 5.90
C LYS A 70 -12.56 11.22 6.04
N LYS A 71 -12.10 10.41 5.10
CA LYS A 71 -12.44 9.03 5.05
C LYS A 71 -11.21 8.23 4.83
N ILE A 72 -11.15 7.10 5.39
CA ILE A 72 -10.11 6.18 5.10
C ILE A 72 -10.78 5.00 4.50
N GLU A 73 -10.46 4.70 3.31
CA GLU A 73 -11.14 3.65 2.62
C GLU A 73 -10.20 2.51 2.38
N VAL A 74 -10.72 1.33 2.51
CA VAL A 74 -9.94 0.15 2.34
C VAL A 74 -10.39 -0.62 1.09
N GLU A 75 -9.46 -0.89 0.20
CA GLU A 75 -9.75 -1.70 -0.98
C GLU A 75 -9.05 -3.03 -0.80
N PHE A 76 -9.82 -4.07 -0.70
CA PHE A 76 -9.29 -5.37 -0.48
C PHE A 76 -8.94 -6.07 -1.79
N ASP A 77 -7.72 -6.55 -1.84
CA ASP A 77 -7.17 -7.13 -3.03
C ASP A 77 -7.29 -8.65 -3.03
N LYS A 78 -7.07 -9.22 -4.20
CA LYS A 78 -7.18 -10.65 -4.47
C LYS A 78 -6.18 -11.45 -3.63
N GLY A 79 -5.08 -10.79 -3.20
CA GLY A 79 -4.01 -11.44 -2.47
C GLY A 79 -4.45 -12.17 -1.24
N GLN A 80 -4.57 -11.46 -0.17
CA GLN A 80 -5.00 -12.00 1.08
C GLN A 80 -5.72 -10.91 1.80
N ARG A 81 -6.66 -11.27 2.60
CA ARG A 81 -7.36 -10.32 3.42
C ARG A 81 -6.57 -10.10 4.70
N THR A 82 -5.94 -11.15 5.14
CA THR A 82 -5.15 -11.16 6.34
C THR A 82 -3.96 -12.08 6.14
N ASP A 83 -2.87 -11.77 6.75
CA ASP A 83 -1.70 -12.59 6.64
C ASP A 83 -1.45 -13.27 7.97
N LYS A 84 -0.72 -14.37 7.95
CA LYS A 84 -0.39 -15.16 9.12
C LYS A 84 0.48 -14.35 10.11
N TYR A 85 1.07 -13.26 9.62
CA TYR A 85 1.86 -12.34 10.45
C TYR A 85 0.93 -11.67 11.50
N GLY A 86 -0.35 -11.68 11.21
CA GLY A 86 -1.32 -11.15 12.13
C GLY A 86 -1.82 -9.79 11.75
N ARG A 87 -1.73 -9.46 10.48
CA ARG A 87 -2.18 -8.18 9.99
C ARG A 87 -3.10 -8.38 8.80
N GLY A 88 -3.89 -7.38 8.53
CA GLY A 88 -4.77 -7.39 7.41
C GLY A 88 -4.04 -6.83 6.22
N LEU A 89 -4.53 -7.09 5.06
CA LEU A 89 -3.88 -6.66 3.85
C LEU A 89 -4.88 -5.96 2.94
N ALA A 90 -4.63 -4.70 2.66
CA ALA A 90 -5.53 -3.91 1.84
C ALA A 90 -4.78 -2.75 1.21
N TYR A 91 -5.42 -2.13 0.27
CA TYR A 91 -4.93 -0.93 -0.34
C TYR A 91 -5.66 0.22 0.37
N ILE A 92 -4.93 1.19 0.91
CA ILE A 92 -5.59 2.26 1.67
C ILE A 92 -5.78 3.55 0.85
N TYR A 93 -6.99 4.07 0.86
CA TYR A 93 -7.30 5.34 0.26
C TYR A 93 -7.60 6.35 1.33
N ALA A 94 -7.24 7.56 1.10
CA ALA A 94 -7.58 8.64 1.97
C ALA A 94 -8.57 9.49 1.21
N ASP A 95 -9.85 9.29 1.52
CA ASP A 95 -10.98 9.94 0.86
C ASP A 95 -10.85 10.04 -0.65
N GLY A 96 -10.70 8.88 -1.27
CA GLY A 96 -10.58 8.81 -2.70
C GLY A 96 -9.13 8.87 -3.20
N LYS A 97 -8.23 9.34 -2.36
CA LYS A 97 -6.82 9.50 -2.74
C LYS A 97 -6.05 8.23 -2.41
N MET A 98 -5.08 7.93 -3.20
CA MET A 98 -4.30 6.73 -3.02
C MET A 98 -3.09 6.97 -2.17
N VAL A 99 -3.15 6.45 -0.98
CA VAL A 99 -2.06 6.59 0.01
C VAL A 99 -0.83 5.81 -0.46
N ASN A 100 -1.09 4.62 -0.98
CA ASN A 100 -0.06 3.74 -1.55
C ASN A 100 0.73 4.49 -2.62
N GLU A 101 -0.01 5.14 -3.53
CA GLU A 101 0.54 6.00 -4.57
C GLU A 101 1.44 7.06 -3.95
N ALA A 102 0.88 7.83 -3.03
CA ALA A 102 1.58 8.95 -2.40
C ALA A 102 2.90 8.54 -1.75
N LEU A 103 2.91 7.40 -1.09
CA LEU A 103 4.11 6.89 -0.44
C LEU A 103 5.20 6.55 -1.44
N VAL A 104 4.84 5.86 -2.50
CA VAL A 104 5.81 5.46 -3.51
C VAL A 104 6.24 6.67 -4.36
N ARG A 105 5.29 7.54 -4.66
CA ARG A 105 5.50 8.74 -5.49
C ARG A 105 6.45 9.71 -4.80
N GLN A 106 6.36 9.78 -3.48
CA GLN A 106 7.24 10.65 -2.69
C GLN A 106 8.55 9.96 -2.38
N GLY A 107 8.64 8.71 -2.79
CA GLY A 107 9.84 7.95 -2.56
C GLY A 107 10.02 7.57 -1.12
N LEU A 108 8.96 7.27 -0.46
CA LEU A 108 9.03 6.87 0.93
C LEU A 108 8.87 5.37 1.03
N ALA A 109 8.49 4.78 -0.08
CA ALA A 109 8.25 3.37 -0.19
C ALA A 109 8.55 2.92 -1.60
N LYS A 110 8.58 1.63 -1.81
CA LYS A 110 8.79 1.04 -3.13
C LYS A 110 7.60 0.15 -3.42
N VAL A 111 7.37 -0.15 -4.68
CA VAL A 111 6.29 -1.05 -5.01
C VAL A 111 6.76 -2.50 -4.89
N ALA A 112 6.05 -3.26 -4.10
CA ALA A 112 6.37 -4.66 -3.87
C ALA A 112 5.44 -5.50 -4.70
N TYR A 113 5.97 -6.30 -5.56
CA TYR A 113 5.17 -7.09 -6.44
C TYR A 113 4.91 -8.48 -5.96
N VAL A 114 3.66 -8.76 -5.71
CA VAL A 114 3.20 -10.07 -5.36
C VAL A 114 2.12 -10.47 -6.35
N TYR A 115 2.46 -11.35 -7.25
CA TYR A 115 1.52 -11.83 -8.25
C TYR A 115 0.98 -13.19 -7.78
N LYS A 116 0.60 -13.23 -6.48
CA LYS A 116 0.26 -14.45 -5.74
C LYS A 116 1.50 -15.30 -5.51
N PRO A 117 1.70 -15.82 -4.29
CA PRO A 117 2.92 -16.58 -3.92
C PRO A 117 3.13 -17.84 -4.80
N ASN A 118 2.07 -18.26 -5.46
CA ASN A 118 2.13 -19.42 -6.33
C ASN A 118 2.65 -19.07 -7.72
N ASN A 119 3.06 -17.82 -7.93
CA ASN A 119 3.65 -17.41 -9.20
C ASN A 119 5.10 -17.87 -9.25
N THR A 120 5.69 -18.01 -8.05
CA THR A 120 7.07 -18.44 -7.87
C THR A 120 8.04 -17.36 -8.43
N HIS A 121 7.67 -16.11 -8.22
CA HIS A 121 8.46 -14.99 -8.67
C HIS A 121 8.29 -13.85 -7.69
N GLY B 1 -1.91 -23.83 -0.06
CA GLY B 1 -2.03 -22.56 -0.77
C GLY B 1 -3.46 -22.17 -0.93
N SER B 2 -3.70 -21.03 -1.51
CA SER B 2 -5.04 -20.55 -1.73
C SER B 2 -5.65 -21.22 -2.95
N VAL B 3 -6.64 -22.04 -2.75
CA VAL B 3 -7.30 -22.75 -3.82
C VAL B 3 -8.26 -21.82 -4.55
N ALA B 4 -7.74 -21.16 -5.55
CA ALA B 4 -8.48 -20.24 -6.35
C ALA B 4 -7.94 -20.27 -7.75
N TYR B 5 -8.79 -20.50 -8.70
CA TYR B 5 -8.39 -20.50 -10.08
C TYR B 5 -8.63 -19.11 -10.63
N VAL B 6 -7.60 -18.33 -10.65
CA VAL B 6 -7.71 -16.99 -11.13
C VAL B 6 -6.76 -16.71 -12.30
N TYR B 7 -5.47 -17.04 -12.11
CA TYR B 7 -4.36 -16.77 -13.10
C TYR B 7 -4.11 -15.29 -13.38
N LYS B 8 -5.13 -14.52 -13.24
CA LYS B 8 -5.04 -13.10 -13.27
C LYS B 8 -4.42 -12.64 -11.97
N PRO B 9 -3.24 -12.04 -12.05
CA PRO B 9 -2.48 -11.70 -10.87
C PRO B 9 -3.03 -10.48 -10.14
N ASN B 10 -2.30 -10.09 -9.13
CA ASN B 10 -2.56 -8.92 -8.36
C ASN B 10 -1.99 -7.76 -9.14
N ASN B 11 -2.81 -7.24 -9.99
CA ASN B 11 -2.47 -6.20 -10.93
C ASN B 11 -3.16 -4.93 -10.50
N THR B 12 -3.69 -4.99 -9.31
CA THR B 12 -4.46 -3.99 -8.69
C THR B 12 -3.69 -2.65 -8.59
N HIS B 13 -3.98 -1.79 -9.56
CA HIS B 13 -3.42 -0.44 -9.70
C HIS B 13 -1.94 -0.49 -10.08
N GLU B 14 -1.49 -1.65 -10.59
CA GLU B 14 -0.09 -1.89 -10.99
C GLU B 14 0.47 -0.75 -11.84
N GLN B 15 -0.30 -0.37 -12.86
CA GLN B 15 0.06 0.69 -13.78
C GLN B 15 0.44 1.99 -13.06
N LEU B 16 -0.38 2.41 -12.11
CA LEU B 16 -0.17 3.66 -11.40
C LEU B 16 1.03 3.54 -10.47
N LEU B 17 1.09 2.43 -9.76
CA LEU B 17 2.15 2.18 -8.79
C LEU B 17 3.52 2.07 -9.45
N ARG B 18 3.57 1.53 -10.65
CA ARG B 18 4.85 1.40 -11.31
C ARG B 18 5.27 2.76 -11.86
N LYS B 19 4.33 3.56 -12.33
CA LYS B 19 4.65 4.87 -12.82
C LYS B 19 5.06 5.78 -11.67
N SER B 20 4.50 5.48 -10.50
CA SER B 20 4.82 6.14 -9.27
C SER B 20 6.29 5.90 -8.97
N GLU B 21 6.66 4.63 -8.95
CA GLU B 21 8.01 4.21 -8.71
C GLU B 21 8.96 4.77 -9.77
N ALA B 22 8.64 4.55 -11.02
CA ALA B 22 9.47 4.95 -12.15
C ALA B 22 9.82 6.44 -12.14
N GLN B 23 8.84 7.27 -11.84
CA GLN B 23 9.08 8.70 -11.80
C GLN B 23 9.92 9.05 -10.59
N ALA B 24 9.54 8.51 -9.45
CA ALA B 24 10.20 8.81 -8.20
C ALA B 24 11.65 8.29 -8.19
N LYS B 25 11.91 7.19 -8.89
CA LYS B 25 13.27 6.66 -9.05
C LYS B 25 14.16 7.69 -9.73
N LYS B 26 13.65 8.26 -10.82
CA LYS B 26 14.43 9.20 -11.61
C LYS B 26 14.61 10.52 -10.88
N GLU B 27 13.64 10.87 -10.08
CA GLU B 27 13.70 12.06 -9.28
C GLU B 27 14.61 11.84 -8.08
N LYS B 28 14.79 10.58 -7.71
CA LYS B 28 15.53 10.17 -6.54
C LYS B 28 14.93 10.80 -5.31
N LEU B 29 13.72 10.42 -5.03
CA LEU B 29 13.03 10.95 -3.90
C LEU B 29 13.19 10.03 -2.71
N ASN B 30 13.73 10.60 -1.64
CA ASN B 30 13.99 9.93 -0.34
C ASN B 30 14.66 8.56 -0.45
N ILE B 31 13.85 7.50 -0.55
CA ILE B 31 14.35 6.13 -0.61
C ILE B 31 15.06 5.89 -1.93
N TRP B 32 14.61 6.56 -2.97
CA TRP B 32 15.17 6.40 -4.29
C TRP B 32 16.47 7.16 -4.40
N SER B 33 16.77 7.92 -3.38
CA SER B 33 17.95 8.68 -3.33
C SER B 33 18.94 7.97 -2.41
N GLU B 34 18.72 6.66 -2.16
CA GLU B 34 19.66 5.85 -1.39
C GLU B 34 20.91 5.61 -2.25
N ASP B 35 20.73 5.87 -3.53
CA ASP B 35 21.77 5.79 -4.52
C ASP B 35 22.74 6.93 -4.31
N ALA A 1 -19.71 -12.52 -10.69
CA ALA A 1 -19.50 -11.08 -10.66
C ALA A 1 -18.12 -10.76 -11.21
N THR A 2 -18.01 -9.68 -11.93
CA THR A 2 -16.76 -9.27 -12.48
C THR A 2 -16.57 -7.77 -12.26
N SER A 3 -15.63 -7.43 -11.42
CA SER A 3 -15.29 -6.07 -11.16
C SER A 3 -13.78 -5.97 -11.06
N THR A 4 -13.20 -5.30 -12.02
CA THR A 4 -11.77 -5.19 -12.14
C THR A 4 -11.35 -3.72 -12.21
N LYS A 5 -12.13 -2.92 -12.90
CA LYS A 5 -11.84 -1.51 -13.00
C LYS A 5 -12.45 -0.77 -11.82
N LYS A 6 -13.40 -1.42 -11.19
CA LYS A 6 -13.94 -0.94 -9.94
C LYS A 6 -13.67 -2.01 -8.93
N LEU A 7 -13.00 -1.65 -7.89
CA LEU A 7 -12.68 -2.59 -6.85
C LEU A 7 -13.55 -2.32 -5.63
N HIS A 8 -13.58 -3.26 -4.72
CA HIS A 8 -14.39 -3.13 -3.54
C HIS A 8 -13.73 -2.21 -2.54
N LYS A 9 -14.23 -1.02 -2.47
CA LYS A 9 -13.75 -0.03 -1.58
C LYS A 9 -14.83 0.30 -0.57
N GLU A 10 -14.49 0.32 0.67
CA GLU A 10 -15.42 0.64 1.72
C GLU A 10 -14.75 1.58 2.73
N PRO A 11 -15.52 2.27 3.59
CA PRO A 11 -14.95 3.19 4.57
C PRO A 11 -14.38 2.46 5.78
N ALA A 12 -13.37 3.04 6.39
CA ALA A 12 -12.77 2.50 7.58
C ALA A 12 -12.46 3.61 8.56
N THR A 13 -12.36 3.26 9.81
CA THR A 13 -12.01 4.18 10.85
C THR A 13 -10.54 3.98 11.19
N LEU A 14 -9.80 5.04 11.39
CA LEU A 14 -8.39 4.95 11.70
C LEU A 14 -8.20 4.53 13.14
N ILE A 15 -7.43 3.48 13.35
CA ILE A 15 -7.11 3.08 14.68
C ILE A 15 -5.75 3.63 15.03
N LYS A 16 -4.74 3.32 14.22
CA LYS A 16 -3.38 3.80 14.42
C LYS A 16 -2.47 3.40 13.27
N ALA A 17 -1.50 4.22 12.97
CA ALA A 17 -0.50 3.87 11.98
C ALA A 17 0.77 3.52 12.72
N ILE A 18 1.18 2.27 12.59
CA ILE A 18 2.34 1.79 13.33
C ILE A 18 3.61 2.07 12.54
N ASP A 19 3.57 1.75 11.28
CA ASP A 19 4.71 1.89 10.39
C ASP A 19 4.24 2.42 9.07
N GLY A 20 5.18 2.68 8.18
CA GLY A 20 4.84 3.05 6.81
C GLY A 20 4.69 1.78 6.01
N ASP A 21 3.86 0.91 6.52
CA ASP A 21 3.65 -0.45 6.03
C ASP A 21 2.49 -1.02 6.80
N THR A 22 2.66 -1.06 8.09
CA THR A 22 1.69 -1.63 9.00
C THR A 22 0.81 -0.53 9.63
N VAL A 23 -0.47 -0.59 9.36
CA VAL A 23 -1.44 0.37 9.88
C VAL A 23 -2.64 -0.39 10.43
N LYS A 24 -3.38 0.17 11.33
CA LYS A 24 -4.53 -0.52 11.88
C LYS A 24 -5.79 0.28 11.63
N LEU A 25 -6.76 -0.35 11.01
CA LEU A 25 -8.00 0.31 10.67
C LEU A 25 -9.18 -0.54 11.11
N MET A 26 -10.30 0.09 11.25
CA MET A 26 -11.53 -0.54 11.64
C MET A 26 -12.54 -0.43 10.53
N TYR A 27 -12.93 -1.53 9.96
CA TYR A 27 -13.91 -1.53 8.91
C TYR A 27 -15.07 -2.39 9.36
N LYS A 28 -16.29 -1.89 9.20
CA LYS A 28 -17.54 -2.57 9.65
C LYS A 28 -17.52 -2.77 11.18
N GLY A 29 -16.78 -1.92 11.87
CA GLY A 29 -16.66 -2.05 13.32
C GLY A 29 -15.58 -3.07 13.71
N GLN A 30 -14.91 -3.62 12.72
CA GLN A 30 -13.90 -4.62 12.93
C GLN A 30 -12.50 -4.04 12.75
N PRO A 31 -11.71 -3.96 13.83
CA PRO A 31 -10.36 -3.46 13.76
C PRO A 31 -9.36 -4.56 13.40
N MET A 32 -8.68 -4.37 12.30
CA MET A 32 -7.65 -5.30 11.87
C MET A 32 -6.41 -4.55 11.50
N THR A 33 -5.30 -5.21 11.56
CA THR A 33 -4.07 -4.61 11.21
C THR A 33 -3.84 -4.80 9.71
N PHE A 34 -3.81 -3.72 9.01
CA PHE A 34 -3.68 -3.69 7.61
C PHE A 34 -2.27 -3.36 7.20
N ARG A 35 -2.01 -3.58 5.96
CA ARG A 35 -0.81 -3.19 5.33
C ARG A 35 -1.18 -2.68 3.99
N LEU A 36 -0.56 -1.59 3.61
CA LEU A 36 -0.85 -0.94 2.37
C LEU A 36 -0.36 -1.79 1.21
N LEU A 37 -1.28 -2.20 0.37
CA LEU A 37 -0.97 -2.96 -0.82
C LEU A 37 0.01 -2.26 -1.71
N LEU A 38 1.03 -3.00 -2.10
CA LEU A 38 2.06 -2.57 -3.04
C LEU A 38 3.03 -1.56 -2.43
N VAL A 39 3.09 -1.52 -1.12
CA VAL A 39 4.00 -0.64 -0.41
C VAL A 39 5.08 -1.46 0.28
N ASP A 40 6.33 -1.13 -0.01
CA ASP A 40 7.43 -1.83 0.60
C ASP A 40 8.39 -0.90 1.30
N THR A 41 8.42 -0.98 2.60
CA THR A 41 9.42 -0.33 3.40
C THR A 41 10.25 -1.42 4.08
N PRO A 42 11.34 -1.86 3.44
CA PRO A 42 12.14 -2.98 3.88
C PRO A 42 13.44 -2.57 4.59
N GLU A 43 14.38 -3.47 4.55
CA GLU A 43 15.71 -3.30 5.03
C GLU A 43 16.56 -3.71 3.85
N THR A 44 17.75 -3.21 3.74
CA THR A 44 18.51 -3.51 2.57
C THR A 44 20.02 -3.48 2.91
N LYS A 45 20.85 -3.66 1.88
CA LYS A 45 22.29 -3.65 2.02
C LYS A 45 22.73 -2.25 2.49
N HIS A 46 22.01 -1.23 2.04
CA HIS A 46 22.23 0.11 2.54
C HIS A 46 21.79 0.13 4.00
N PRO A 47 22.67 0.60 4.91
CA PRO A 47 22.47 0.57 6.37
C PRO A 47 21.02 0.76 6.85
N LYS A 48 20.61 -0.16 7.73
CA LYS A 48 19.28 -0.19 8.32
C LYS A 48 18.92 1.15 8.88
N LYS A 49 19.84 1.70 9.64
CA LYS A 49 19.60 2.95 10.36
C LYS A 49 19.90 4.14 9.48
N GLY A 50 20.10 3.86 8.24
CA GLY A 50 20.28 4.88 7.25
C GLY A 50 18.97 5.12 6.54
N VAL A 51 18.34 4.04 6.11
CA VAL A 51 17.07 4.10 5.45
C VAL A 51 15.91 4.08 6.46
N GLU A 52 16.26 3.88 7.71
CA GLU A 52 15.31 3.79 8.83
C GLU A 52 14.46 5.04 8.96
N LYS A 53 15.07 6.20 8.64
CA LYS A 53 14.39 7.50 8.76
C LYS A 53 13.10 7.59 7.92
N TYR A 54 12.95 6.71 6.93
CA TYR A 54 11.79 6.77 6.07
C TYR A 54 10.59 6.15 6.75
N GLY A 55 10.83 5.31 7.74
CA GLY A 55 9.73 4.67 8.46
C GLY A 55 8.87 5.67 9.23
N PRO A 56 9.45 6.46 10.19
CA PRO A 56 8.70 7.49 10.93
C PRO A 56 8.32 8.67 10.03
N GLU A 57 8.93 8.71 8.86
CA GLU A 57 8.63 9.74 7.90
C GLU A 57 7.31 9.37 7.21
N ALA A 58 7.23 8.13 6.77
CA ALA A 58 6.07 7.59 6.10
C ALA A 58 4.88 7.47 7.04
N SER A 59 5.13 7.09 8.29
CA SER A 59 4.05 6.95 9.24
C SER A 59 3.44 8.31 9.60
N ALA A 60 4.28 9.33 9.67
CA ALA A 60 3.80 10.67 9.91
C ALA A 60 3.01 11.16 8.71
N PHE A 61 3.56 10.88 7.53
CA PHE A 61 2.97 11.26 6.25
C PHE A 61 1.59 10.66 6.06
N THR A 62 1.47 9.37 6.32
CA THR A 62 0.22 8.67 6.18
C THR A 62 -0.83 9.20 7.15
N LYS A 63 -0.46 9.34 8.43
CA LYS A 63 -1.38 9.85 9.45
C LYS A 63 -1.92 11.21 9.08
N LYS A 64 -1.03 12.10 8.66
CA LYS A 64 -1.44 13.44 8.27
C LYS A 64 -2.47 13.40 7.15
N MET A 65 -2.23 12.57 6.15
CA MET A 65 -3.12 12.48 5.00
C MET A 65 -4.46 11.85 5.37
N VAL A 66 -4.42 10.76 6.11
CA VAL A 66 -5.66 10.05 6.48
C VAL A 66 -6.51 10.83 7.48
N GLU A 67 -5.85 11.51 8.42
CA GLU A 67 -6.57 12.30 9.40
C GLU A 67 -7.17 13.55 8.76
N ASN A 68 -6.45 14.12 7.79
CA ASN A 68 -6.91 15.36 7.12
C ASN A 68 -8.09 15.07 6.21
N ALA A 69 -8.05 13.93 5.56
CA ALA A 69 -9.09 13.52 4.65
C ALA A 69 -10.41 13.29 5.38
N LYS A 70 -11.50 13.45 4.67
CA LYS A 70 -12.81 13.22 5.26
C LYS A 70 -13.19 11.77 5.18
N LYS A 71 -12.53 11.05 4.32
CA LYS A 71 -12.86 9.68 4.08
C LYS A 71 -11.63 8.82 4.15
N ILE A 72 -11.65 7.81 4.95
CA ILE A 72 -10.62 6.81 4.94
C ILE A 72 -11.23 5.59 4.31
N GLU A 73 -10.74 5.27 3.16
CA GLU A 73 -11.29 4.24 2.37
C GLU A 73 -10.31 3.10 2.21
N VAL A 74 -10.80 1.89 2.33
CA VAL A 74 -10.01 0.72 2.10
C VAL A 74 -10.49 0.04 0.83
N GLU A 75 -9.61 -0.12 -0.12
CA GLU A 75 -9.95 -0.74 -1.37
C GLU A 75 -9.26 -2.08 -1.48
N PHE A 76 -10.05 -3.10 -1.62
CA PHE A 76 -9.52 -4.43 -1.77
C PHE A 76 -9.45 -4.75 -3.25
N ASP A 77 -8.48 -5.53 -3.65
CA ASP A 77 -8.30 -5.84 -5.06
C ASP A 77 -9.21 -7.04 -5.40
N LYS A 78 -9.19 -7.48 -6.63
CA LYS A 78 -10.10 -8.49 -7.12
C LYS A 78 -9.76 -9.90 -6.57
N GLY A 79 -8.56 -10.04 -6.04
CA GLY A 79 -8.13 -11.31 -5.51
C GLY A 79 -8.47 -11.48 -4.06
N GLN A 80 -7.46 -11.41 -3.22
CA GLN A 80 -7.66 -11.69 -1.82
C GLN A 80 -7.52 -10.45 -0.96
N ARG A 81 -7.97 -10.55 0.27
CA ARG A 81 -8.04 -9.43 1.18
C ARG A 81 -7.03 -9.55 2.32
N THR A 82 -6.58 -10.73 2.59
CA THR A 82 -5.61 -10.93 3.64
C THR A 82 -4.45 -11.77 3.13
N ASP A 83 -3.32 -11.62 3.75
CA ASP A 83 -2.13 -12.39 3.39
C ASP A 83 -1.97 -13.58 4.32
N LYS A 84 -0.82 -14.22 4.28
CA LYS A 84 -0.54 -15.34 5.17
C LYS A 84 0.54 -14.94 6.17
N TYR A 85 0.85 -13.68 6.14
CA TYR A 85 1.85 -13.07 6.97
C TYR A 85 1.19 -12.66 8.29
N GLY A 86 -0.09 -12.44 8.20
CA GLY A 86 -0.88 -12.09 9.35
C GLY A 86 -1.22 -10.64 9.32
N ARG A 87 -1.71 -10.22 8.18
CA ARG A 87 -2.02 -8.87 7.96
C ARG A 87 -3.15 -8.79 6.92
N GLY A 88 -3.91 -7.74 6.98
CA GLY A 88 -4.91 -7.51 5.98
C GLY A 88 -4.35 -6.60 4.95
N LEU A 89 -4.51 -6.91 3.70
CA LEU A 89 -3.96 -6.11 2.68
C LEU A 89 -5.00 -5.40 1.86
N ALA A 90 -4.85 -4.11 1.77
CA ALA A 90 -5.77 -3.29 1.04
C ALA A 90 -5.06 -2.06 0.55
N TYR A 91 -5.64 -1.40 -0.40
CA TYR A 91 -5.15 -0.15 -0.87
C TYR A 91 -5.79 0.89 0.01
N ILE A 92 -5.01 1.76 0.57
CA ILE A 92 -5.56 2.75 1.47
C ILE A 92 -5.74 4.06 0.73
N TYR A 93 -6.95 4.56 0.74
CA TYR A 93 -7.28 5.80 0.11
C TYR A 93 -7.74 6.79 1.15
N ALA A 94 -7.39 8.00 0.96
CA ALA A 94 -7.83 9.07 1.81
C ALA A 94 -8.56 10.06 0.95
N ASP A 95 -9.88 10.00 1.01
CA ASP A 95 -10.80 10.81 0.20
C ASP A 95 -10.36 10.84 -1.27
N GLY A 96 -10.30 9.66 -1.86
CA GLY A 96 -9.92 9.52 -3.25
C GLY A 96 -8.42 9.46 -3.48
N LYS A 97 -7.63 9.97 -2.57
CA LYS A 97 -6.18 9.98 -2.71
C LYS A 97 -5.58 8.64 -2.38
N MET A 98 -4.77 8.14 -3.25
CA MET A 98 -4.09 6.90 -3.02
C MET A 98 -2.95 7.15 -2.05
N VAL A 99 -3.14 6.71 -0.82
CA VAL A 99 -2.15 6.90 0.24
C VAL A 99 -0.96 5.99 0.00
N ASN A 100 -1.26 4.79 -0.43
CA ASN A 100 -0.24 3.78 -0.70
C ASN A 100 0.67 4.23 -1.85
N GLU A 101 0.05 4.75 -2.90
CA GLU A 101 0.77 5.22 -4.06
C GLU A 101 1.60 6.44 -3.69
N ALA A 102 1.08 7.24 -2.77
CA ALA A 102 1.76 8.45 -2.32
C ALA A 102 3.10 8.12 -1.69
N LEU A 103 3.14 7.02 -0.95
CA LEU A 103 4.37 6.57 -0.32
C LEU A 103 5.42 6.23 -1.36
N VAL A 104 5.01 5.53 -2.39
CA VAL A 104 5.91 5.14 -3.46
C VAL A 104 6.32 6.39 -4.28
N ARG A 105 5.35 7.27 -4.45
CA ARG A 105 5.50 8.54 -5.18
C ARG A 105 6.52 9.45 -4.52
N GLN A 106 6.45 9.56 -3.21
CA GLN A 106 7.34 10.44 -2.45
C GLN A 106 8.67 9.75 -2.17
N GLY A 107 8.81 8.54 -2.67
CA GLY A 107 10.01 7.78 -2.45
C GLY A 107 10.17 7.43 -1.00
N LEU A 108 9.09 7.16 -0.35
CA LEU A 108 9.10 6.78 1.04
C LEU A 108 9.06 5.28 1.14
N ALA A 109 8.64 4.65 0.06
CA ALA A 109 8.51 3.23 -0.03
C ALA A 109 8.70 2.81 -1.46
N LYS A 110 8.93 1.54 -1.67
CA LYS A 110 9.06 0.98 -3.00
C LYS A 110 7.78 0.25 -3.30
N VAL A 111 7.56 -0.16 -4.54
CA VAL A 111 6.39 -0.94 -4.80
C VAL A 111 6.66 -2.38 -4.36
N ALA A 112 5.75 -2.94 -3.63
CA ALA A 112 5.91 -4.29 -3.12
C ALA A 112 5.39 -5.30 -4.11
N TYR A 113 5.86 -6.51 -4.00
CA TYR A 113 5.45 -7.56 -4.86
C TYR A 113 4.24 -8.27 -4.34
N VAL A 114 3.48 -8.76 -5.25
CA VAL A 114 2.22 -9.38 -4.98
C VAL A 114 2.43 -10.86 -4.72
N TYR A 115 1.80 -11.35 -3.69
CA TYR A 115 1.83 -12.76 -3.40
C TYR A 115 0.76 -13.42 -4.24
N LYS A 116 1.05 -14.57 -4.76
CA LYS A 116 0.09 -15.29 -5.57
C LYS A 116 -0.57 -16.39 -4.75
N PRO A 117 -1.81 -16.19 -4.33
CA PRO A 117 -2.56 -17.21 -3.62
C PRO A 117 -3.31 -18.07 -4.65
N ASN A 118 -4.36 -18.73 -4.23
CA ASN A 118 -5.11 -19.58 -5.16
C ASN A 118 -6.08 -18.74 -6.01
N ASN A 119 -5.53 -17.94 -6.89
CA ASN A 119 -6.31 -17.14 -7.84
C ASN A 119 -5.79 -17.41 -9.23
N THR A 120 -4.71 -18.15 -9.29
CA THR A 120 -4.01 -18.37 -10.51
C THR A 120 -4.78 -19.26 -11.47
N HIS A 121 -5.17 -18.68 -12.58
CA HIS A 121 -5.84 -19.38 -13.63
C HIS A 121 -5.35 -18.81 -14.95
N GLY B 1 1.75 -12.10 -25.88
CA GLY B 1 1.35 -13.49 -26.13
C GLY B 1 1.42 -14.34 -24.89
N SER B 2 0.87 -13.84 -23.81
CA SER B 2 0.84 -14.55 -22.55
C SER B 2 -0.37 -15.47 -22.51
N VAL B 3 -0.55 -16.20 -21.44
CA VAL B 3 -1.64 -17.14 -21.36
C VAL B 3 -2.92 -16.46 -20.88
N ALA B 4 -3.66 -15.93 -21.86
CA ALA B 4 -4.99 -15.32 -21.70
C ALA B 4 -5.09 -14.25 -20.60
N TYR B 5 -5.45 -14.68 -19.42
CA TYR B 5 -5.66 -13.82 -18.29
C TYR B 5 -4.35 -13.73 -17.55
N VAL B 6 -3.64 -12.65 -17.76
CA VAL B 6 -2.30 -12.48 -17.20
C VAL B 6 -2.37 -11.92 -15.79
N TYR B 7 -3.46 -11.29 -15.51
CA TYR B 7 -3.68 -10.61 -14.26
C TYR B 7 -4.20 -11.58 -13.21
N LYS B 8 -3.54 -12.71 -13.15
CA LYS B 8 -3.90 -13.82 -12.28
C LYS B 8 -3.90 -13.46 -10.76
N PRO B 9 -2.86 -12.75 -10.22
CA PRO B 9 -2.85 -12.32 -8.82
C PRO B 9 -3.73 -11.07 -8.57
N ASN B 10 -3.54 -10.43 -7.44
CA ASN B 10 -4.29 -9.24 -7.07
C ASN B 10 -3.41 -8.01 -7.13
N ASN B 11 -3.52 -7.29 -8.22
CA ASN B 11 -2.64 -6.17 -8.52
C ASN B 11 -3.13 -5.42 -9.72
N THR B 12 -4.43 -5.25 -9.84
CA THR B 12 -5.01 -4.73 -11.08
C THR B 12 -4.62 -3.25 -11.38
N HIS B 13 -4.03 -2.55 -10.42
CA HIS B 13 -3.59 -1.18 -10.69
C HIS B 13 -2.17 -0.93 -10.17
N GLU B 14 -1.35 -1.98 -10.24
CA GLU B 14 0.04 -1.90 -9.80
C GLU B 14 0.82 -0.93 -10.70
N GLN B 15 0.42 -0.90 -11.97
CA GLN B 15 1.00 -0.03 -12.96
C GLN B 15 0.89 1.42 -12.57
N LEU B 16 -0.21 1.77 -11.89
CA LEU B 16 -0.40 3.13 -11.44
C LEU B 16 0.64 3.47 -10.41
N LEU B 17 0.89 2.54 -9.49
CA LEU B 17 1.92 2.73 -8.51
C LEU B 17 3.31 2.68 -9.14
N ARG B 18 3.46 1.91 -10.20
CA ARG B 18 4.72 1.85 -10.93
C ARG B 18 4.99 3.14 -11.68
N LYS B 19 3.93 3.86 -12.08
CA LYS B 19 4.08 5.15 -12.71
C LYS B 19 4.76 6.10 -11.75
N SER B 20 4.34 6.05 -10.50
CA SER B 20 4.96 6.84 -9.49
C SER B 20 6.35 6.35 -9.14
N GLU B 21 6.53 5.03 -9.04
CA GLU B 21 7.83 4.44 -8.71
C GLU B 21 8.88 4.79 -9.74
N ALA B 22 8.63 4.43 -10.99
CA ALA B 22 9.59 4.63 -12.06
C ALA B 22 10.00 6.09 -12.19
N GLN B 23 9.04 6.98 -12.01
CA GLN B 23 9.29 8.39 -12.10
C GLN B 23 10.13 8.85 -10.90
N ALA B 24 9.74 8.39 -9.71
CA ALA B 24 10.40 8.76 -8.48
C ALA B 24 11.80 8.15 -8.39
N LYS B 25 11.99 7.00 -9.04
CA LYS B 25 13.32 6.38 -9.13
C LYS B 25 14.27 7.34 -9.80
N LYS B 26 13.79 7.96 -10.87
CA LYS B 26 14.58 8.90 -11.66
C LYS B 26 14.76 10.19 -10.88
N GLU B 27 13.74 10.57 -10.12
CA GLU B 27 13.78 11.74 -9.25
C GLU B 27 14.79 11.51 -8.11
N LYS B 28 14.94 10.24 -7.75
CA LYS B 28 15.75 9.79 -6.63
C LYS B 28 15.23 10.43 -5.37
N LEU B 29 13.97 10.17 -5.11
CA LEU B 29 13.29 10.71 -3.98
C LEU B 29 13.46 9.82 -2.79
N ASN B 30 14.10 10.36 -1.77
CA ASN B 30 14.25 9.73 -0.45
C ASN B 30 14.83 8.31 -0.50
N ILE B 31 13.97 7.29 -0.60
CA ILE B 31 14.42 5.90 -0.63
C ILE B 31 15.08 5.60 -1.97
N TRP B 32 14.70 6.34 -3.01
CA TRP B 32 15.29 6.14 -4.32
C TRP B 32 16.64 6.83 -4.37
N SER B 33 16.92 7.57 -3.34
CA SER B 33 18.17 8.21 -3.12
C SER B 33 18.95 7.41 -2.06
N GLU B 34 18.65 6.09 -1.97
CA GLU B 34 19.40 5.18 -1.09
C GLU B 34 20.86 5.13 -1.54
N ASP B 35 21.01 5.23 -2.86
CA ASP B 35 22.27 5.41 -3.61
C ASP B 35 23.45 4.61 -3.05
N ALA A 1 -6.79 0.20 -13.28
CA ALA A 1 -6.51 0.47 -14.69
C ALA A 1 -6.69 -0.80 -15.50
N THR A 2 -7.75 -0.83 -16.28
CA THR A 2 -8.08 -1.94 -17.16
C THR A 2 -8.93 -1.41 -18.31
N SER A 3 -10.12 -0.94 -17.97
CA SER A 3 -11.08 -0.39 -18.90
C SER A 3 -11.96 0.59 -18.13
N THR A 4 -12.85 0.04 -17.37
CA THR A 4 -13.68 0.75 -16.44
C THR A 4 -14.08 -0.24 -15.36
N LYS A 5 -13.09 -0.67 -14.61
CA LYS A 5 -13.25 -1.62 -13.54
C LYS A 5 -12.37 -1.26 -12.38
N LYS A 6 -12.90 -0.47 -11.49
CA LYS A 6 -12.21 -0.17 -10.28
C LYS A 6 -12.49 -1.26 -9.27
N LEU A 7 -11.83 -1.18 -8.17
CA LEU A 7 -12.00 -2.14 -7.12
C LEU A 7 -13.06 -1.63 -6.18
N HIS A 8 -13.55 -2.48 -5.33
CA HIS A 8 -14.58 -2.09 -4.42
C HIS A 8 -13.97 -1.68 -3.10
N LYS A 9 -14.10 -0.44 -2.78
CA LYS A 9 -13.63 0.09 -1.54
C LYS A 9 -14.81 0.47 -0.70
N GLU A 10 -14.60 0.45 0.57
CA GLU A 10 -15.60 0.84 1.54
C GLU A 10 -14.89 1.65 2.59
N PRO A 11 -15.61 2.42 3.39
CA PRO A 11 -15.02 3.21 4.47
C PRO A 11 -14.63 2.33 5.65
N ALA A 12 -13.69 2.79 6.43
CA ALA A 12 -13.23 2.11 7.60
C ALA A 12 -13.02 3.13 8.70
N THR A 13 -12.86 2.67 9.92
CA THR A 13 -12.61 3.56 11.03
C THR A 13 -11.12 3.43 11.38
N LEU A 14 -10.47 4.51 11.69
CA LEU A 14 -9.06 4.45 11.99
C LEU A 14 -8.84 4.18 13.46
N ILE A 15 -7.97 3.27 13.75
CA ILE A 15 -7.60 2.99 15.10
C ILE A 15 -6.37 3.85 15.41
N LYS A 16 -5.33 3.63 14.64
CA LYS A 16 -4.09 4.38 14.73
C LYS A 16 -3.19 3.95 13.60
N ALA A 17 -2.22 4.74 13.31
CA ALA A 17 -1.24 4.38 12.32
C ALA A 17 -0.03 3.84 13.06
N ILE A 18 0.70 2.96 12.42
CA ILE A 18 1.87 2.37 13.04
C ILE A 18 3.12 2.83 12.31
N ASP A 19 3.14 2.59 11.02
CA ASP A 19 4.28 2.92 10.21
C ASP A 19 3.73 3.56 8.95
N GLY A 20 4.51 3.59 7.90
CA GLY A 20 4.06 4.21 6.67
C GLY A 20 3.09 3.32 5.92
N ASP A 21 3.33 2.03 5.94
CA ASP A 21 2.45 1.07 5.23
C ASP A 21 1.59 0.28 6.18
N THR A 22 1.93 0.37 7.45
CA THR A 22 1.28 -0.41 8.44
C THR A 22 0.34 0.49 9.26
N VAL A 23 -0.93 0.27 9.13
CA VAL A 23 -1.94 1.08 9.80
C VAL A 23 -3.04 0.20 10.37
N LYS A 24 -3.62 0.58 11.48
CA LYS A 24 -4.68 -0.19 12.09
C LYS A 24 -6.01 0.42 11.83
N LEU A 25 -6.83 -0.32 11.16
CA LEU A 25 -8.16 0.13 10.82
C LEU A 25 -9.21 -0.85 11.25
N MET A 26 -10.38 -0.35 11.42
CA MET A 26 -11.54 -1.10 11.79
C MET A 26 -12.52 -0.96 10.67
N TYR A 27 -12.58 -1.95 9.81
CA TYR A 27 -13.42 -1.83 8.64
C TYR A 27 -14.73 -2.53 8.84
N LYS A 28 -15.77 -1.71 8.91
CA LYS A 28 -17.14 -2.16 9.12
C LYS A 28 -17.25 -2.95 10.42
N GLY A 29 -16.50 -2.48 11.39
CA GLY A 29 -16.52 -3.07 12.70
C GLY A 29 -15.49 -4.17 12.89
N GLN A 30 -14.63 -4.37 11.92
CA GLN A 30 -13.62 -5.40 12.01
C GLN A 30 -12.22 -4.78 12.11
N PRO A 31 -11.61 -4.81 13.30
CA PRO A 31 -10.26 -4.25 13.54
C PRO A 31 -9.15 -5.17 13.02
N MET A 32 -8.29 -4.64 12.17
CA MET A 32 -7.14 -5.37 11.65
C MET A 32 -5.97 -4.44 11.44
N THR A 33 -4.79 -4.99 11.44
CA THR A 33 -3.63 -4.25 11.11
C THR A 33 -3.46 -4.38 9.59
N PHE A 34 -3.54 -3.30 8.92
CA PHE A 34 -3.49 -3.26 7.50
C PHE A 34 -2.12 -2.97 6.97
N ARG A 35 -1.85 -3.58 5.87
CA ARG A 35 -0.70 -3.32 5.07
C ARG A 35 -1.22 -2.75 3.77
N LEU A 36 -0.74 -1.62 3.41
CA LEU A 36 -1.16 -1.00 2.20
C LEU A 36 -0.59 -1.75 0.99
N LEU A 37 -1.47 -2.27 0.17
CA LEU A 37 -1.09 -3.00 -1.03
C LEU A 37 -0.29 -2.12 -1.97
N LEU A 38 0.74 -2.71 -2.57
CA LEU A 38 1.67 -2.03 -3.49
C LEU A 38 2.63 -1.10 -2.77
N VAL A 39 2.52 -1.00 -1.47
CA VAL A 39 3.38 -0.13 -0.69
C VAL A 39 4.24 -0.96 0.24
N ASP A 40 5.52 -0.66 0.29
CA ASP A 40 6.45 -1.31 1.21
C ASP A 40 7.43 -0.27 1.71
N THR A 41 7.31 0.12 2.95
CA THR A 41 8.18 1.15 3.51
C THR A 41 9.19 0.64 4.63
N PRO A 42 9.33 -0.69 5.00
CA PRO A 42 10.31 -1.08 5.98
C PRO A 42 11.52 -1.83 5.37
N GLU A 43 11.68 -1.78 4.06
CA GLU A 43 12.73 -2.55 3.44
C GLU A 43 13.64 -1.68 2.57
N THR A 44 14.90 -1.70 2.89
CA THR A 44 15.97 -1.06 2.15
C THR A 44 17.27 -1.73 2.60
N LYS A 45 18.12 -2.07 1.67
CA LYS A 45 19.34 -2.80 1.96
C LYS A 45 20.49 -1.88 2.33
N HIS A 46 20.59 -0.74 1.67
CA HIS A 46 21.74 0.15 1.87
C HIS A 46 21.87 0.69 3.33
N PRO A 47 20.90 1.45 3.89
CA PRO A 47 20.97 1.85 5.29
C PRO A 47 20.75 0.63 6.19
N LYS A 48 21.53 0.55 7.24
CA LYS A 48 21.58 -0.60 8.15
C LYS A 48 20.26 -0.83 8.89
N LYS A 49 19.47 0.21 9.03
CA LYS A 49 18.19 0.12 9.76
C LYS A 49 17.02 -0.06 8.78
N GLY A 50 17.35 -0.21 7.52
CA GLY A 50 16.33 -0.28 6.51
C GLY A 50 16.06 1.10 6.02
N VAL A 51 14.89 1.62 6.29
CA VAL A 51 14.60 2.97 5.88
C VAL A 51 14.88 3.90 7.06
N GLU A 52 16.15 4.15 7.28
CA GLU A 52 16.59 4.96 8.41
C GLU A 52 16.30 6.44 8.20
N LYS A 53 16.85 6.96 7.13
CA LYS A 53 16.87 8.39 6.87
C LYS A 53 15.48 8.97 6.55
N TYR A 54 14.66 8.21 5.86
CA TYR A 54 13.39 8.74 5.38
C TYR A 54 12.20 8.02 5.98
N GLY A 55 12.48 7.19 6.97
CA GLY A 55 11.43 6.44 7.65
C GLY A 55 10.46 7.35 8.38
N PRO A 56 10.95 8.22 9.32
CA PRO A 56 10.10 9.18 10.04
C PRO A 56 9.25 10.04 9.08
N GLU A 57 9.82 10.39 7.93
CA GLU A 57 9.12 11.17 6.91
C GLU A 57 7.89 10.40 6.41
N ALA A 58 8.13 9.14 6.04
CA ALA A 58 7.10 8.26 5.50
C ALA A 58 6.00 8.00 6.52
N SER A 59 6.39 7.59 7.73
CA SER A 59 5.45 7.28 8.77
C SER A 59 4.58 8.51 9.14
N ALA A 60 5.21 9.68 9.14
CA ALA A 60 4.50 10.91 9.46
C ALA A 60 3.52 11.28 8.36
N PHE A 61 3.91 11.01 7.12
CA PHE A 61 3.08 11.34 5.95
C PHE A 61 1.78 10.57 6.03
N THR A 62 1.89 9.28 6.25
CA THR A 62 0.74 8.42 6.39
C THR A 62 -0.15 8.92 7.53
N LYS A 63 0.45 9.18 8.70
CA LYS A 63 -0.27 9.70 9.86
C LYS A 63 -1.05 10.97 9.55
N LYS A 64 -0.37 11.95 9.01
CA LYS A 64 -0.99 13.23 8.68
C LYS A 64 -2.15 13.06 7.70
N MET A 65 -1.96 12.19 6.73
CA MET A 65 -2.97 11.97 5.72
C MET A 65 -4.18 11.20 6.24
N VAL A 66 -3.94 10.07 6.89
CA VAL A 66 -5.03 9.20 7.33
C VAL A 66 -5.75 9.72 8.57
N GLU A 67 -5.06 10.44 9.42
CA GLU A 67 -5.70 10.96 10.62
C GLU A 67 -6.57 12.16 10.31
N ASN A 68 -6.12 12.98 9.37
CA ASN A 68 -6.91 14.16 8.94
C ASN A 68 -8.03 13.76 7.97
N ALA A 69 -7.92 12.54 7.47
CA ALA A 69 -8.86 12.00 6.51
C ALA A 69 -10.26 11.96 7.06
N LYS A 70 -11.20 12.41 6.25
CA LYS A 70 -12.59 12.33 6.62
C LYS A 70 -13.10 10.95 6.36
N LYS A 71 -13.08 10.56 5.12
CA LYS A 71 -13.51 9.25 4.76
C LYS A 71 -12.31 8.43 4.44
N ILE A 72 -12.11 7.40 5.16
CA ILE A 72 -11.02 6.51 4.94
C ILE A 72 -11.56 5.34 4.18
N GLU A 73 -11.06 5.14 3.01
CA GLU A 73 -11.57 4.10 2.17
C GLU A 73 -10.50 3.04 2.05
N VAL A 74 -10.89 1.82 2.20
CA VAL A 74 -9.98 0.72 2.01
C VAL A 74 -10.40 -0.04 0.75
N GLU A 75 -9.53 -0.09 -0.23
CA GLU A 75 -9.83 -0.73 -1.50
C GLU A 75 -9.07 -2.05 -1.62
N PHE A 76 -9.80 -3.12 -1.79
CA PHE A 76 -9.21 -4.45 -1.88
C PHE A 76 -9.10 -4.84 -3.34
N ASP A 77 -7.93 -5.28 -3.78
CA ASP A 77 -7.71 -5.62 -5.14
C ASP A 77 -7.91 -7.10 -5.46
N LYS A 78 -7.60 -7.48 -6.70
CA LYS A 78 -7.83 -8.83 -7.22
C LYS A 78 -6.81 -9.85 -6.68
N GLY A 79 -5.80 -9.37 -5.99
CA GLY A 79 -4.80 -10.23 -5.43
C GLY A 79 -5.26 -10.88 -4.18
N GLN A 80 -5.35 -10.10 -3.14
CA GLN A 80 -5.73 -10.59 -1.83
C GLN A 80 -6.55 -9.54 -1.12
N ARG A 81 -7.43 -9.97 -0.25
CA ARG A 81 -8.21 -9.05 0.54
C ARG A 81 -7.62 -8.99 1.94
N THR A 82 -7.22 -10.13 2.43
CA THR A 82 -6.67 -10.26 3.75
C THR A 82 -5.56 -11.27 3.74
N ASP A 83 -4.56 -11.00 4.50
CA ASP A 83 -3.42 -11.88 4.65
C ASP A 83 -3.82 -13.02 5.56
N LYS A 84 -3.33 -14.19 5.23
CA LYS A 84 -3.64 -15.43 5.94
C LYS A 84 -3.41 -15.31 7.46
N TYR A 85 -2.39 -14.58 7.85
CA TYR A 85 -1.95 -14.53 9.22
C TYR A 85 -2.67 -13.40 10.01
N GLY A 86 -3.70 -12.83 9.39
CA GLY A 86 -4.54 -11.86 10.10
C GLY A 86 -4.14 -10.43 9.89
N ARG A 87 -3.81 -10.09 8.69
CA ARG A 87 -3.44 -8.72 8.34
C ARG A 87 -4.31 -8.26 7.18
N GLY A 88 -4.77 -7.04 7.23
CA GLY A 88 -5.60 -6.52 6.18
C GLY A 88 -4.76 -6.04 5.02
N LEU A 89 -5.22 -6.23 3.81
CA LEU A 89 -4.47 -5.84 2.64
C LEU A 89 -5.37 -4.97 1.77
N ALA A 90 -5.08 -3.68 1.71
CA ALA A 90 -5.91 -2.77 0.92
C ALA A 90 -5.15 -1.52 0.52
N TYR A 91 -5.71 -0.78 -0.41
CA TYR A 91 -5.22 0.54 -0.78
C TYR A 91 -6.00 1.51 0.09
N ILE A 92 -5.38 2.55 0.56
CA ILE A 92 -6.11 3.45 1.40
C ILE A 92 -6.31 4.82 0.74
N TYR A 93 -7.51 5.32 0.85
CA TYR A 93 -7.85 6.63 0.34
C TYR A 93 -8.25 7.50 1.49
N ALA A 94 -7.82 8.72 1.46
CA ALA A 94 -8.18 9.70 2.41
C ALA A 94 -9.10 10.68 1.72
N ASP A 95 -10.39 10.51 1.95
CA ASP A 95 -11.46 11.30 1.33
C ASP A 95 -11.25 11.46 -0.18
N GLY A 96 -11.16 10.32 -0.84
CA GLY A 96 -11.02 10.30 -2.30
C GLY A 96 -9.58 10.36 -2.77
N LYS A 97 -8.71 10.88 -1.95
CA LYS A 97 -7.30 11.05 -2.30
C LYS A 97 -6.54 9.80 -1.87
N MET A 98 -5.94 9.12 -2.79
CA MET A 98 -5.29 7.87 -2.47
C MET A 98 -3.88 8.06 -1.93
N VAL A 99 -3.76 7.91 -0.61
CA VAL A 99 -2.49 8.06 0.11
C VAL A 99 -1.54 6.95 -0.30
N ASN A 100 -2.13 5.82 -0.65
CA ASN A 100 -1.39 4.61 -1.04
C ASN A 100 -0.37 4.89 -2.17
N GLU A 101 -0.82 5.51 -3.25
CA GLU A 101 0.09 5.77 -4.30
C GLU A 101 0.95 6.94 -3.96
N ALA A 102 0.42 7.89 -3.18
CA ALA A 102 1.16 9.09 -2.77
C ALA A 102 2.46 8.73 -2.06
N LEU A 103 2.39 7.69 -1.24
CA LEU A 103 3.56 7.16 -0.56
C LEU A 103 4.58 6.68 -1.58
N VAL A 104 4.12 5.95 -2.56
CA VAL A 104 5.01 5.44 -3.61
C VAL A 104 5.50 6.60 -4.53
N ARG A 105 4.61 7.56 -4.81
CA ARG A 105 4.93 8.73 -5.68
C ARG A 105 6.09 9.51 -5.12
N GLN A 106 6.10 9.67 -3.82
CA GLN A 106 7.13 10.43 -3.15
C GLN A 106 8.37 9.62 -2.86
N GLY A 107 8.33 8.34 -3.17
CA GLY A 107 9.46 7.50 -2.88
C GLY A 107 9.63 7.32 -1.38
N LEU A 108 8.51 7.31 -0.68
CA LEU A 108 8.49 7.11 0.78
C LEU A 108 8.35 5.64 1.05
N ALA A 109 8.16 4.92 0.01
CA ALA A 109 7.99 3.53 0.05
C ALA A 109 8.46 2.97 -1.24
N LYS A 110 8.65 1.70 -1.26
CA LYS A 110 9.03 1.00 -2.43
C LYS A 110 7.78 0.31 -2.90
N VAL A 111 7.63 0.04 -4.17
CA VAL A 111 6.44 -0.61 -4.60
C VAL A 111 6.51 -2.10 -4.27
N ALA A 112 5.51 -2.59 -3.63
CA ALA A 112 5.42 -3.99 -3.39
C ALA A 112 4.67 -4.57 -4.54
N TYR A 113 5.26 -5.46 -5.26
CA TYR A 113 4.61 -6.02 -6.40
C TYR A 113 3.82 -7.23 -5.98
N VAL A 114 2.73 -7.44 -6.63
CA VAL A 114 1.87 -8.54 -6.34
C VAL A 114 2.35 -9.70 -7.18
N TYR A 115 2.12 -10.89 -6.74
CA TYR A 115 2.58 -12.04 -7.47
C TYR A 115 1.50 -12.61 -8.33
N LYS A 116 0.37 -12.94 -7.71
CA LYS A 116 -0.66 -13.80 -8.29
C LYS A 116 -0.18 -15.26 -8.25
N PRO A 117 -1.01 -16.16 -7.66
CA PRO A 117 -0.66 -17.57 -7.33
C PRO A 117 0.05 -18.38 -8.43
N ASN A 118 -0.14 -18.03 -9.68
CA ASN A 118 0.45 -18.81 -10.77
C ASN A 118 0.97 -17.88 -11.88
N ASN A 119 1.43 -16.68 -11.49
CA ASN A 119 2.03 -15.73 -12.44
C ASN A 119 3.26 -16.33 -13.10
N THR A 120 4.22 -16.65 -12.29
CA THR A 120 5.40 -17.32 -12.74
C THR A 120 5.74 -18.36 -11.68
N HIS A 121 4.73 -18.67 -10.89
CA HIS A 121 4.83 -19.57 -9.79
C HIS A 121 3.99 -20.79 -10.12
N GLY B 1 -16.73 -21.58 -16.81
CA GLY B 1 -15.36 -21.59 -16.29
C GLY B 1 -14.51 -20.59 -17.03
N SER B 2 -13.19 -20.67 -16.82
CA SER B 2 -12.20 -19.83 -17.52
C SER B 2 -12.33 -18.33 -17.19
N VAL B 3 -12.98 -18.02 -16.08
CA VAL B 3 -13.16 -16.66 -15.67
C VAL B 3 -11.88 -16.15 -15.00
N ALA B 4 -11.24 -17.05 -14.28
CA ALA B 4 -9.99 -16.79 -13.63
C ALA B 4 -9.06 -17.92 -13.93
N TYR B 5 -8.69 -18.01 -15.18
CA TYR B 5 -7.77 -19.01 -15.65
C TYR B 5 -6.44 -18.39 -15.98
N VAL B 6 -6.48 -17.26 -16.67
CA VAL B 6 -5.26 -16.61 -17.07
C VAL B 6 -4.65 -15.92 -15.88
N TYR B 7 -3.62 -16.52 -15.36
CA TYR B 7 -2.95 -15.98 -14.22
C TYR B 7 -1.82 -15.12 -14.66
N LYS B 8 -2.15 -13.89 -14.91
CA LYS B 8 -1.20 -12.90 -15.29
C LYS B 8 -0.94 -12.07 -14.02
N PRO B 9 -0.12 -10.99 -14.05
CA PRO B 9 0.04 -10.11 -12.88
C PRO B 9 -1.32 -9.56 -12.37
N ASN B 10 -1.34 -9.05 -11.17
CA ASN B 10 -2.54 -8.43 -10.60
C ASN B 10 -3.01 -7.26 -11.49
N ASN B 11 -2.10 -6.30 -11.71
CA ASN B 11 -2.23 -5.18 -12.71
C ASN B 11 -3.05 -4.03 -12.23
N THR B 12 -3.89 -4.33 -11.27
CA THR B 12 -4.98 -3.44 -10.77
C THR B 12 -4.60 -1.93 -10.73
N HIS B 13 -3.80 -1.57 -9.79
CA HIS B 13 -3.19 -0.24 -9.75
C HIS B 13 -1.70 -0.44 -9.90
N GLU B 14 -1.34 -1.69 -10.06
CA GLU B 14 0.03 -2.13 -9.98
C GLU B 14 0.91 -1.50 -11.02
N GLN B 15 0.44 -1.47 -12.26
CA GLN B 15 1.21 -0.89 -13.36
C GLN B 15 1.50 0.57 -13.07
N LEU B 16 0.48 1.26 -12.58
CA LEU B 16 0.56 2.67 -12.30
C LEU B 16 1.60 2.95 -11.23
N LEU B 17 1.54 2.21 -10.12
CA LEU B 17 2.48 2.42 -9.04
C LEU B 17 3.89 1.99 -9.39
N ARG B 18 4.04 0.88 -10.13
CA ARG B 18 5.37 0.43 -10.56
C ARG B 18 6.02 1.50 -11.45
N LYS B 19 5.21 2.06 -12.33
CA LYS B 19 5.67 3.07 -13.26
C LYS B 19 5.97 4.38 -12.53
N SER B 20 5.15 4.70 -11.55
CA SER B 20 5.33 5.89 -10.76
C SER B 20 6.62 5.79 -9.93
N GLU B 21 6.91 4.58 -9.45
CA GLU B 21 8.15 4.32 -8.73
C GLU B 21 9.31 4.48 -9.68
N ALA B 22 9.16 3.97 -10.90
CA ALA B 22 10.20 4.06 -11.91
C ALA B 22 10.64 5.50 -12.10
N GLN B 23 9.67 6.39 -12.21
CA GLN B 23 9.95 7.80 -12.30
C GLN B 23 10.60 8.31 -11.02
N ALA B 24 10.03 7.93 -9.87
CA ALA B 24 10.52 8.35 -8.57
C ALA B 24 11.99 7.95 -8.33
N LYS B 25 12.39 6.77 -8.84
CA LYS B 25 13.78 6.32 -8.74
C LYS B 25 14.68 7.34 -9.44
N LYS B 26 14.28 7.71 -10.64
CA LYS B 26 15.01 8.64 -11.51
C LYS B 26 15.06 10.03 -10.88
N GLU B 27 13.93 10.43 -10.33
CA GLU B 27 13.77 11.73 -9.71
C GLU B 27 14.52 11.80 -8.39
N LYS B 28 14.86 10.63 -7.86
CA LYS B 28 15.51 10.49 -6.59
C LYS B 28 14.70 11.14 -5.49
N LEU B 29 13.55 10.59 -5.27
CA LEU B 29 12.67 11.08 -4.25
C LEU B 29 12.78 10.22 -3.00
N ASN B 30 13.04 10.88 -1.87
CA ASN B 30 13.21 10.27 -0.52
C ASN B 30 14.11 9.05 -0.49
N ILE B 31 13.54 7.85 -0.61
CA ILE B 31 14.32 6.60 -0.58
C ILE B 31 15.27 6.52 -1.77
N TRP B 32 14.87 7.10 -2.86
CA TRP B 32 15.68 7.07 -4.05
C TRP B 32 16.73 8.19 -4.01
N SER B 33 16.65 8.99 -2.97
CA SER B 33 17.57 10.07 -2.73
C SER B 33 18.35 9.76 -1.43
N GLU B 34 18.51 8.46 -1.16
CA GLU B 34 19.25 8.01 0.01
C GLU B 34 20.74 8.20 -0.21
N ASP B 35 21.12 8.19 -1.45
CA ASP B 35 22.49 8.28 -1.87
C ASP B 35 22.56 9.28 -2.99
N ALA A 1 -22.22 -8.50 -18.65
CA ALA A 1 -21.62 -7.33 -18.03
C ALA A 1 -22.07 -7.19 -16.58
N THR A 2 -23.36 -6.87 -16.39
CA THR A 2 -23.94 -6.56 -15.08
C THR A 2 -23.30 -5.27 -14.53
N SER A 3 -22.13 -5.40 -13.95
CA SER A 3 -21.40 -4.28 -13.41
C SER A 3 -19.90 -4.52 -13.60
N THR A 4 -19.53 -5.71 -14.12
CA THR A 4 -18.14 -6.18 -14.23
C THR A 4 -17.50 -6.47 -12.83
N LYS A 5 -17.79 -5.56 -11.90
CA LYS A 5 -17.35 -5.54 -10.52
C LYS A 5 -15.96 -4.97 -10.40
N LYS A 6 -15.87 -3.77 -9.91
CA LYS A 6 -14.57 -3.24 -9.62
C LYS A 6 -14.25 -3.62 -8.18
N LEU A 7 -13.07 -3.33 -7.74
CA LEU A 7 -12.67 -3.64 -6.40
C LEU A 7 -13.45 -2.76 -5.42
N HIS A 8 -13.73 -3.26 -4.26
CA HIS A 8 -14.61 -2.55 -3.36
C HIS A 8 -13.85 -1.63 -2.43
N LYS A 9 -14.13 -0.35 -2.55
CA LYS A 9 -13.65 0.61 -1.59
C LYS A 9 -14.66 0.72 -0.51
N GLU A 10 -14.33 0.23 0.63
CA GLU A 10 -15.22 0.32 1.74
C GLU A 10 -14.65 1.24 2.80
N PRO A 11 -15.50 2.10 3.42
CA PRO A 11 -15.06 3.08 4.40
C PRO A 11 -14.55 2.45 5.69
N ALA A 12 -13.46 2.97 6.17
CA ALA A 12 -12.84 2.51 7.37
C ALA A 12 -12.59 3.70 8.30
N THR A 13 -12.43 3.40 9.54
CA THR A 13 -12.14 4.37 10.54
C THR A 13 -10.72 4.15 11.02
N LEU A 14 -9.91 5.18 11.03
CA LEU A 14 -8.53 5.06 11.45
C LEU A 14 -8.45 4.80 12.94
N ILE A 15 -7.73 3.78 13.31
CA ILE A 15 -7.47 3.52 14.69
C ILE A 15 -6.15 4.15 15.04
N LYS A 16 -5.10 3.78 14.30
CA LYS A 16 -3.76 4.33 14.50
C LYS A 16 -2.81 3.89 13.40
N ALA A 17 -1.98 4.82 12.94
CA ALA A 17 -0.97 4.51 11.96
C ALA A 17 0.27 4.02 12.68
N ILE A 18 0.50 2.74 12.60
CA ILE A 18 1.60 2.07 13.30
C ILE A 18 2.93 2.38 12.61
N ASP A 19 2.94 2.20 11.33
CA ASP A 19 4.14 2.32 10.55
C ASP A 19 3.75 2.96 9.23
N GLY A 20 4.60 2.86 8.26
CA GLY A 20 4.32 3.37 6.93
C GLY A 20 4.17 2.20 6.02
N ASP A 21 3.44 1.24 6.54
CA ASP A 21 3.30 -0.08 5.96
C ASP A 21 2.14 -0.76 6.66
N THR A 22 2.22 -0.75 7.97
CA THR A 22 1.23 -1.33 8.82
C THR A 22 0.40 -0.20 9.48
N VAL A 23 -0.90 -0.22 9.28
CA VAL A 23 -1.79 0.81 9.81
C VAL A 23 -2.99 0.08 10.43
N LYS A 24 -3.55 0.56 11.51
CA LYS A 24 -4.69 -0.13 12.11
C LYS A 24 -5.97 0.64 11.84
N LEU A 25 -6.96 -0.02 11.26
CA LEU A 25 -8.22 0.62 10.93
C LEU A 25 -9.38 -0.26 11.31
N MET A 26 -10.51 0.36 11.47
CA MET A 26 -11.74 -0.31 11.77
C MET A 26 -12.65 -0.21 10.57
N TYR A 27 -12.81 -1.29 9.87
CA TYR A 27 -13.70 -1.28 8.73
C TYR A 27 -14.88 -2.14 9.04
N LYS A 28 -16.06 -1.55 8.98
CA LYS A 28 -17.34 -2.23 9.23
C LYS A 28 -17.36 -2.86 10.64
N GLY A 29 -16.61 -2.27 11.54
CA GLY A 29 -16.55 -2.74 12.91
C GLY A 29 -15.39 -3.69 13.14
N GLN A 30 -14.57 -3.90 12.14
CA GLN A 30 -13.42 -4.79 12.27
C GLN A 30 -12.15 -3.96 12.40
N PRO A 31 -11.60 -3.80 13.62
CA PRO A 31 -10.35 -3.10 13.82
C PRO A 31 -9.19 -4.03 13.54
N MET A 32 -8.83 -4.12 12.29
CA MET A 32 -7.81 -5.02 11.84
C MET A 32 -6.53 -4.28 11.66
N THR A 33 -5.47 -5.00 11.73
CA THR A 33 -4.19 -4.49 11.46
C THR A 33 -4.00 -4.56 9.95
N PHE A 34 -3.92 -3.44 9.30
CA PHE A 34 -3.81 -3.38 7.88
C PHE A 34 -2.40 -3.28 7.43
N ARG A 35 -2.17 -3.84 6.31
CA ARG A 35 -0.93 -3.76 5.62
C ARG A 35 -1.26 -3.18 4.27
N LEU A 36 -0.55 -2.16 3.86
CA LEU A 36 -0.76 -1.63 2.54
C LEU A 36 -0.19 -2.62 1.55
N LEU A 37 -1.05 -3.11 0.71
CA LEU A 37 -0.68 -4.11 -0.27
C LEU A 37 0.46 -3.70 -1.18
N LEU A 38 1.46 -4.61 -1.28
CA LEU A 38 2.48 -4.57 -2.33
C LEU A 38 3.44 -3.41 -2.16
N VAL A 39 3.67 -3.08 -0.94
CA VAL A 39 4.56 -2.02 -0.56
C VAL A 39 5.79 -2.65 0.08
N ASP A 40 6.95 -2.27 -0.38
CA ASP A 40 8.18 -2.80 0.15
C ASP A 40 8.82 -1.76 1.04
N THR A 41 8.78 -2.01 2.33
CA THR A 41 9.42 -1.15 3.32
C THR A 41 10.51 -1.88 4.16
N PRO A 42 10.28 -3.16 4.66
CA PRO A 42 11.29 -3.87 5.45
C PRO A 42 12.50 -4.22 4.62
N GLU A 43 13.47 -3.38 4.68
CA GLU A 43 14.67 -3.58 3.96
C GLU A 43 15.86 -3.48 4.86
N THR A 44 16.83 -4.28 4.58
CA THR A 44 18.11 -4.20 5.19
C THR A 44 19.03 -3.59 4.14
N LYS A 45 19.21 -2.30 4.18
CA LYS A 45 19.92 -1.63 3.11
C LYS A 45 21.40 -1.57 3.43
N HIS A 46 21.72 -1.03 4.62
CA HIS A 46 23.09 -0.89 5.16
C HIS A 46 23.13 0.19 6.27
N PRO A 47 22.69 1.47 6.00
CA PRO A 47 22.73 2.51 7.00
C PRO A 47 21.53 2.41 7.92
N LYS A 48 21.73 1.75 9.03
CA LYS A 48 20.68 1.46 9.97
C LYS A 48 20.19 2.69 10.72
N LYS A 49 21.04 3.68 10.86
CA LYS A 49 20.61 4.92 11.48
C LYS A 49 20.32 5.94 10.41
N GLY A 50 20.43 5.47 9.18
CA GLY A 50 20.02 6.23 8.04
C GLY A 50 18.56 5.94 7.78
N VAL A 51 18.02 5.05 8.61
CA VAL A 51 16.66 4.61 8.63
C VAL A 51 16.36 3.68 7.44
N GLU A 52 16.58 2.39 7.70
CA GLU A 52 16.42 1.28 6.74
C GLU A 52 14.99 1.17 6.26
N LYS A 53 14.07 1.25 7.21
CA LYS A 53 12.65 1.08 6.97
C LYS A 53 11.99 2.26 6.35
N TYR A 54 12.55 3.45 6.60
CA TYR A 54 11.92 4.74 6.23
C TYR A 54 10.58 4.91 6.99
N GLY A 55 10.40 4.06 8.01
CA GLY A 55 9.22 4.03 8.84
C GLY A 55 8.81 5.37 9.38
N PRO A 56 9.69 6.08 10.15
CA PRO A 56 9.40 7.43 10.67
C PRO A 56 8.92 8.39 9.55
N GLU A 57 9.63 8.36 8.43
CA GLU A 57 9.34 9.21 7.29
C GLU A 57 7.96 8.89 6.70
N ALA A 58 7.72 7.61 6.50
CA ALA A 58 6.49 7.14 5.90
C ALA A 58 5.30 7.28 6.84
N SER A 59 5.49 6.95 8.12
CA SER A 59 4.41 7.01 9.10
C SER A 59 3.90 8.42 9.29
N ALA A 60 4.82 9.39 9.38
CA ALA A 60 4.46 10.80 9.55
C ALA A 60 3.63 11.28 8.36
N PHE A 61 4.03 10.85 7.18
CA PHE A 61 3.32 11.18 5.96
C PHE A 61 1.94 10.55 5.99
N THR A 62 1.91 9.25 6.28
CA THR A 62 0.68 8.47 6.33
C THR A 62 -0.32 9.09 7.31
N LYS A 63 0.16 9.44 8.51
CA LYS A 63 -0.66 10.07 9.53
C LYS A 63 -1.31 11.34 9.02
N LYS A 64 -0.51 12.24 8.51
CA LYS A 64 -1.05 13.50 8.01
C LYS A 64 -1.98 13.29 6.82
N MET A 65 -1.69 12.28 6.04
CA MET A 65 -2.46 11.97 4.87
C MET A 65 -3.87 11.49 5.25
N VAL A 66 -3.94 10.59 6.22
CA VAL A 66 -5.22 9.99 6.63
C VAL A 66 -5.96 10.77 7.73
N GLU A 67 -5.23 11.43 8.61
CA GLU A 67 -5.85 12.19 9.69
C GLU A 67 -6.43 13.50 9.18
N ASN A 68 -5.96 13.96 8.04
CA ASN A 68 -6.50 15.17 7.39
C ASN A 68 -7.63 14.80 6.45
N ALA A 69 -7.72 13.53 6.13
CA ALA A 69 -8.70 13.05 5.17
C ALA A 69 -10.07 12.95 5.80
N LYS A 70 -11.07 13.15 4.97
CA LYS A 70 -12.45 13.08 5.39
C LYS A 70 -12.87 11.63 5.56
N LYS A 71 -12.90 10.91 4.46
CA LYS A 71 -13.30 9.52 4.49
C LYS A 71 -12.09 8.66 4.23
N ILE A 72 -11.94 7.62 4.97
CA ILE A 72 -10.86 6.71 4.71
C ILE A 72 -11.44 5.48 4.07
N GLU A 73 -11.00 5.19 2.88
CA GLU A 73 -11.51 4.08 2.13
C GLU A 73 -10.43 3.03 1.97
N VAL A 74 -10.78 1.80 2.14
CA VAL A 74 -9.87 0.73 1.93
C VAL A 74 -10.29 -0.04 0.67
N GLU A 75 -9.39 -0.22 -0.26
CA GLU A 75 -9.70 -0.96 -1.48
C GLU A 75 -8.84 -2.19 -1.52
N PHE A 76 -9.46 -3.31 -1.45
CA PHE A 76 -8.78 -4.57 -1.51
C PHE A 76 -8.72 -5.05 -2.96
N ASP A 77 -7.66 -5.77 -3.29
CA ASP A 77 -7.48 -6.22 -4.66
C ASP A 77 -8.28 -7.51 -4.88
N LYS A 78 -8.21 -8.09 -6.05
CA LYS A 78 -9.02 -9.22 -6.40
C LYS A 78 -8.58 -10.51 -5.75
N GLY A 79 -7.46 -10.48 -5.12
CA GLY A 79 -6.98 -11.65 -4.45
C GLY A 79 -7.40 -11.69 -3.01
N GLN A 80 -6.51 -11.30 -2.15
CA GLN A 80 -6.75 -11.37 -0.73
C GLN A 80 -7.18 -10.03 -0.16
N ARG A 81 -8.30 -10.05 0.53
CA ARG A 81 -8.82 -8.92 1.26
C ARG A 81 -8.23 -8.96 2.67
N THR A 82 -7.93 -10.15 3.09
CA THR A 82 -7.36 -10.41 4.37
C THR A 82 -6.01 -11.09 4.22
N ASP A 83 -5.12 -10.82 5.13
CA ASP A 83 -3.81 -11.43 5.13
C ASP A 83 -3.95 -12.75 5.83
N LYS A 84 -3.11 -13.69 5.48
CA LYS A 84 -3.13 -15.01 6.08
C LYS A 84 -2.84 -14.96 7.60
N TYR A 85 -2.21 -13.86 8.04
CA TYR A 85 -1.95 -13.63 9.47
C TYR A 85 -3.15 -13.03 10.18
N GLY A 86 -4.19 -12.74 9.42
CA GLY A 86 -5.38 -12.16 10.01
C GLY A 86 -5.33 -10.66 10.00
N ARG A 87 -4.63 -10.13 9.03
CA ARG A 87 -4.49 -8.69 8.86
C ARG A 87 -5.45 -8.27 7.75
N GLY A 88 -5.51 -6.99 7.49
CA GLY A 88 -6.27 -6.49 6.41
C GLY A 88 -5.36 -6.11 5.28
N LEU A 89 -5.64 -6.57 4.10
CA LEU A 89 -4.82 -6.28 2.95
C LEU A 89 -5.56 -5.37 2.02
N ALA A 90 -5.16 -4.13 1.95
CA ALA A 90 -5.83 -3.19 1.12
C ALA A 90 -4.93 -2.04 0.72
N TYR A 91 -5.41 -1.30 -0.24
CA TYR A 91 -4.83 -0.06 -0.64
C TYR A 91 -5.63 0.98 0.08
N ILE A 92 -5.01 1.86 0.78
CA ILE A 92 -5.81 2.83 1.49
C ILE A 92 -5.90 4.14 0.74
N TYR A 93 -7.12 4.56 0.54
CA TYR A 93 -7.41 5.82 -0.10
C TYR A 93 -7.88 6.77 0.98
N ALA A 94 -7.27 7.90 1.04
CA ALA A 94 -7.63 8.87 2.00
C ALA A 94 -8.40 9.93 1.27
N ASP A 95 -9.70 9.83 1.40
CA ASP A 95 -10.69 10.61 0.68
C ASP A 95 -10.35 10.67 -0.82
N GLY A 96 -10.25 9.50 -1.40
CA GLY A 96 -9.95 9.38 -2.81
C GLY A 96 -8.46 9.37 -3.12
N LYS A 97 -7.65 9.97 -2.27
CA LYS A 97 -6.21 10.05 -2.50
C LYS A 97 -5.58 8.74 -2.07
N MET A 98 -5.03 8.02 -2.99
CA MET A 98 -4.46 6.72 -2.68
C MET A 98 -3.14 6.89 -1.91
N VAL A 99 -3.16 6.57 -0.64
CA VAL A 99 -1.99 6.69 0.24
C VAL A 99 -0.92 5.71 -0.22
N ASN A 100 -1.39 4.56 -0.68
CA ASN A 100 -0.52 3.49 -1.19
C ASN A 100 0.35 4.02 -2.34
N GLU A 101 -0.30 4.67 -3.30
CA GLU A 101 0.38 5.31 -4.42
C GLU A 101 1.22 6.48 -3.94
N ALA A 102 0.66 7.27 -3.03
CA ALA A 102 1.33 8.45 -2.49
C ALA A 102 2.69 8.12 -1.88
N LEU A 103 2.75 7.04 -1.11
CA LEU A 103 4.00 6.61 -0.49
C LEU A 103 5.03 6.24 -1.54
N VAL A 104 4.59 5.51 -2.55
CA VAL A 104 5.48 5.08 -3.63
C VAL A 104 5.89 6.28 -4.51
N ARG A 105 4.95 7.19 -4.71
CA ARG A 105 5.16 8.41 -5.52
C ARG A 105 6.16 9.34 -4.82
N GLN A 106 6.24 9.22 -3.51
CA GLN A 106 7.16 10.02 -2.71
C GLN A 106 8.44 9.27 -2.45
N GLY A 107 8.54 8.05 -2.96
CA GLY A 107 9.72 7.24 -2.77
C GLY A 107 9.93 6.86 -1.31
N LEU A 108 8.86 6.88 -0.55
CA LEU A 108 8.88 6.54 0.87
C LEU A 108 8.85 5.04 1.01
N ALA A 109 8.37 4.44 -0.04
CA ALA A 109 8.23 3.04 -0.13
C ALA A 109 8.25 2.70 -1.58
N LYS A 110 8.55 1.48 -1.90
CA LYS A 110 8.60 1.07 -3.25
C LYS A 110 7.63 -0.05 -3.47
N VAL A 111 7.22 -0.27 -4.68
CA VAL A 111 6.17 -1.24 -4.93
C VAL A 111 6.72 -2.63 -5.23
N ALA A 112 6.35 -3.60 -4.42
CA ALA A 112 6.80 -4.94 -4.65
C ALA A 112 5.61 -5.82 -4.88
N TYR A 113 5.52 -6.44 -6.04
CA TYR A 113 4.41 -7.30 -6.31
C TYR A 113 4.78 -8.74 -6.61
N VAL A 114 4.72 -9.55 -5.60
CA VAL A 114 4.82 -10.99 -5.72
C VAL A 114 3.84 -11.56 -4.72
N TYR A 115 2.73 -12.07 -5.19
CA TYR A 115 1.71 -12.59 -4.29
C TYR A 115 0.61 -13.24 -5.12
N LYS A 116 0.31 -14.47 -4.82
CA LYS A 116 -0.75 -15.17 -5.50
C LYS A 116 -1.94 -15.31 -4.57
N PRO A 117 -3.16 -15.24 -5.11
CA PRO A 117 -4.35 -15.40 -4.32
C PRO A 117 -4.70 -16.87 -4.06
N ASN A 118 -5.40 -17.48 -4.97
CA ASN A 118 -5.72 -18.90 -4.90
C ASN A 118 -5.37 -19.52 -6.24
N ASN A 119 -5.78 -18.83 -7.30
CA ASN A 119 -5.48 -19.24 -8.67
C ASN A 119 -5.30 -18.01 -9.58
N THR A 120 -6.38 -17.37 -9.95
CA THR A 120 -6.31 -16.10 -10.66
C THR A 120 -6.77 -15.05 -9.66
N HIS A 121 -7.79 -15.43 -8.93
CA HIS A 121 -8.19 -14.79 -7.74
C HIS A 121 -8.42 -15.89 -6.74
N GLY B 1 5.43 -8.87 -26.31
CA GLY B 1 4.97 -8.30 -25.05
C GLY B 1 4.10 -9.28 -24.30
N SER B 2 3.22 -8.77 -23.48
CA SER B 2 2.34 -9.60 -22.71
C SER B 2 1.07 -9.92 -23.49
N VAL B 3 1.15 -10.97 -24.30
CA VAL B 3 0.03 -11.43 -25.07
C VAL B 3 -0.43 -12.76 -24.49
N ALA B 4 0.43 -13.75 -24.58
CA ALA B 4 0.16 -15.04 -23.97
C ALA B 4 0.65 -15.00 -22.55
N TYR B 5 1.61 -14.13 -22.33
CA TYR B 5 2.16 -13.88 -21.04
C TYR B 5 1.16 -13.03 -20.25
N VAL B 6 0.40 -13.69 -19.40
CA VAL B 6 -0.63 -13.02 -18.62
C VAL B 6 -0.23 -12.97 -17.17
N TYR B 7 1.08 -12.98 -16.94
CA TYR B 7 1.60 -12.94 -15.62
C TYR B 7 1.43 -11.57 -14.99
N LYS B 8 0.37 -11.45 -14.29
CA LYS B 8 0.12 -10.37 -13.42
C LYS B 8 -0.41 -10.95 -12.12
N PRO B 9 0.26 -10.69 -10.98
CA PRO B 9 -0.08 -11.31 -9.70
C PRO B 9 -1.27 -10.62 -9.02
N ASN B 10 -1.26 -10.61 -7.70
CA ASN B 10 -2.24 -9.84 -6.97
C ASN B 10 -1.76 -8.41 -6.97
N ASN B 11 -2.24 -7.64 -7.92
CA ASN B 11 -1.89 -6.25 -8.10
C ASN B 11 -2.53 -5.81 -9.37
N THR B 12 -3.78 -5.59 -9.30
CA THR B 12 -4.57 -5.12 -10.40
C THR B 12 -4.44 -3.57 -10.46
N HIS B 13 -3.29 -3.07 -10.03
CA HIS B 13 -2.98 -1.67 -10.00
C HIS B 13 -1.48 -1.52 -10.34
N GLU B 14 -0.87 -2.61 -10.86
CA GLU B 14 0.57 -2.69 -11.06
C GLU B 14 1.16 -1.51 -11.83
N GLN B 15 0.53 -1.14 -12.94
CA GLN B 15 1.05 -0.06 -13.79
C GLN B 15 1.01 1.27 -13.08
N LEU B 16 -0.05 1.50 -12.32
CA LEU B 16 -0.23 2.75 -11.58
C LEU B 16 0.91 2.94 -10.59
N LEU B 17 1.18 1.89 -9.85
CA LEU B 17 2.20 1.92 -8.86
C LEU B 17 3.60 1.99 -9.42
N ARG B 18 3.86 1.30 -10.53
CA ARG B 18 5.16 1.40 -11.11
C ARG B 18 5.41 2.77 -11.75
N LYS B 19 4.35 3.43 -12.19
CA LYS B 19 4.48 4.79 -12.68
C LYS B 19 4.84 5.71 -11.52
N SER B 20 4.19 5.47 -10.39
CA SER B 20 4.43 6.21 -9.17
C SER B 20 5.88 6.07 -8.75
N GLU B 21 6.38 4.85 -8.81
CA GLU B 21 7.73 4.54 -8.47
C GLU B 21 8.68 5.19 -9.45
N ALA B 22 8.36 5.08 -10.74
CA ALA B 22 9.19 5.62 -11.83
C ALA B 22 9.54 7.09 -11.64
N GLN B 23 8.55 7.89 -11.29
CA GLN B 23 8.79 9.30 -11.03
C GLN B 23 9.68 9.48 -9.81
N ALA B 24 9.36 8.75 -8.75
CA ALA B 24 10.10 8.85 -7.49
C ALA B 24 11.57 8.45 -7.67
N LYS B 25 11.81 7.43 -8.51
CA LYS B 25 13.18 6.98 -8.81
C LYS B 25 13.99 8.13 -9.36
N LYS B 26 13.41 8.82 -10.34
CA LYS B 26 14.07 9.89 -11.07
C LYS B 26 14.22 11.13 -10.23
N GLU B 27 13.21 11.39 -9.42
CA GLU B 27 13.22 12.53 -8.51
C GLU B 27 14.17 12.30 -7.34
N LYS B 28 14.63 11.05 -7.19
CA LYS B 28 15.52 10.63 -6.10
C LYS B 28 14.81 10.89 -4.80
N LEU B 29 13.63 10.38 -4.69
CA LEU B 29 12.83 10.62 -3.53
C LEU B 29 13.02 9.55 -2.48
N ASN B 30 13.44 10.00 -1.32
CA ASN B 30 13.66 9.20 -0.11
C ASN B 30 14.50 7.96 -0.32
N ILE B 31 13.85 6.84 -0.64
CA ILE B 31 14.53 5.58 -0.90
C ILE B 31 15.42 5.72 -2.11
N TRP B 32 14.95 6.43 -3.08
CA TRP B 32 15.67 6.56 -4.32
C TRP B 32 16.78 7.59 -4.22
N SER B 33 16.85 8.25 -3.08
CA SER B 33 17.91 9.16 -2.81
C SER B 33 19.01 8.46 -2.01
N GLU B 34 18.93 7.13 -1.87
CA GLU B 34 20.03 6.38 -1.25
C GLU B 34 21.21 6.41 -2.21
N ASP B 35 20.85 6.45 -3.49
CA ASP B 35 21.74 6.50 -4.63
C ASP B 35 22.56 5.24 -4.71
N ALA A 1 -20.14 11.47 -5.78
CA ALA A 1 -20.39 10.37 -6.69
C ALA A 1 -19.82 9.13 -6.10
N THR A 2 -20.59 8.09 -6.08
CA THR A 2 -20.18 6.82 -5.56
C THR A 2 -19.34 6.10 -6.62
N SER A 3 -18.05 6.21 -6.50
CA SER A 3 -17.15 5.69 -7.50
C SER A 3 -16.65 4.29 -7.12
N THR A 4 -16.82 3.35 -8.03
CA THR A 4 -16.36 2.01 -7.84
C THR A 4 -15.61 1.55 -9.10
N LYS A 5 -14.69 0.62 -8.95
CA LYS A 5 -13.95 0.10 -10.10
C LYS A 5 -14.72 -1.05 -10.74
N LYS A 6 -15.29 -1.83 -9.86
CA LYS A 6 -15.97 -3.11 -10.14
C LYS A 6 -16.11 -3.69 -8.78
N LEU A 7 -15.05 -3.47 -8.05
CA LEU A 7 -14.89 -3.83 -6.68
C LEU A 7 -15.66 -2.80 -5.85
N HIS A 8 -15.85 -3.06 -4.60
CA HIS A 8 -16.62 -2.16 -3.78
C HIS A 8 -15.84 -1.72 -2.56
N LYS A 9 -15.35 -0.52 -2.60
CA LYS A 9 -14.65 0.05 -1.48
C LYS A 9 -15.64 0.38 -0.38
N GLU A 10 -15.16 0.41 0.80
CA GLU A 10 -15.96 0.78 1.94
C GLU A 10 -15.16 1.67 2.88
N PRO A 11 -15.81 2.55 3.66
CA PRO A 11 -15.13 3.39 4.61
C PRO A 11 -14.73 2.62 5.86
N ALA A 12 -13.57 2.90 6.35
CA ALA A 12 -13.09 2.28 7.54
C ALA A 12 -12.83 3.36 8.57
N THR A 13 -12.65 2.97 9.79
CA THR A 13 -12.36 3.91 10.83
C THR A 13 -10.88 3.80 11.18
N LEU A 14 -10.21 4.93 11.30
CA LEU A 14 -8.80 4.95 11.60
C LEU A 14 -8.55 4.56 13.05
N ILE A 15 -7.60 3.69 13.25
CA ILE A 15 -7.19 3.38 14.59
C ILE A 15 -5.84 4.04 14.81
N LYS A 16 -4.87 3.69 14.00
CA LYS A 16 -3.53 4.25 14.09
C LYS A 16 -2.67 3.83 12.91
N ALA A 17 -1.96 4.77 12.34
CA ALA A 17 -1.02 4.47 11.27
C ALA A 17 0.34 4.33 11.91
N ILE A 18 0.82 3.12 12.01
CA ILE A 18 2.08 2.86 12.66
C ILE A 18 3.22 3.36 11.80
N ASP A 19 3.18 2.98 10.56
CA ASP A 19 4.20 3.36 9.62
C ASP A 19 3.49 3.68 8.32
N GLY A 20 4.21 3.70 7.24
CA GLY A 20 3.63 3.94 5.95
C GLY A 20 3.27 2.62 5.31
N ASP A 21 3.70 1.59 5.97
CA ASP A 21 3.50 0.22 5.55
C ASP A 21 2.29 -0.35 6.24
N THR A 22 2.30 -0.31 7.55
CA THR A 22 1.27 -0.88 8.32
C THR A 22 0.43 0.19 9.05
N VAL A 23 -0.86 0.07 8.90
CA VAL A 23 -1.83 0.97 9.50
C VAL A 23 -2.99 0.13 10.03
N LYS A 24 -3.47 0.45 11.20
CA LYS A 24 -4.50 -0.34 11.81
C LYS A 24 -5.84 0.35 11.57
N LEU A 25 -6.76 -0.36 10.95
CA LEU A 25 -8.06 0.20 10.65
C LEU A 25 -9.14 -0.68 11.21
N MET A 26 -10.29 -0.09 11.36
CA MET A 26 -11.45 -0.77 11.81
C MET A 26 -12.50 -0.70 10.74
N TYR A 27 -12.93 -1.81 10.25
CA TYR A 27 -13.97 -1.79 9.25
C TYR A 27 -15.17 -2.56 9.77
N LYS A 28 -16.26 -1.84 10.00
CA LYS A 28 -17.50 -2.39 10.56
C LYS A 28 -17.29 -2.97 11.95
N GLY A 29 -16.31 -2.44 12.65
CA GLY A 29 -16.01 -2.88 13.99
C GLY A 29 -14.94 -3.94 14.03
N GLN A 30 -14.40 -4.27 12.88
CA GLN A 30 -13.32 -5.23 12.82
C GLN A 30 -11.99 -4.52 12.75
N PRO A 31 -11.19 -4.57 13.82
CA PRO A 31 -9.89 -3.94 13.87
C PRO A 31 -8.79 -4.87 13.35
N MET A 32 -8.30 -4.58 12.18
CA MET A 32 -7.24 -5.35 11.59
C MET A 32 -6.05 -4.47 11.33
N THR A 33 -4.88 -5.02 11.46
CA THR A 33 -3.70 -4.32 11.16
C THR A 33 -3.44 -4.49 9.66
N PHE A 34 -3.71 -3.47 8.90
CA PHE A 34 -3.63 -3.55 7.48
C PHE A 34 -2.30 -3.08 6.98
N ARG A 35 -1.83 -3.72 5.99
CA ARG A 35 -0.65 -3.31 5.33
C ARG A 35 -1.11 -2.89 3.95
N LEU A 36 -0.67 -1.75 3.50
CA LEU A 36 -1.14 -1.21 2.23
C LEU A 36 -0.71 -2.07 1.05
N LEU A 37 -1.66 -2.39 0.20
CA LEU A 37 -1.38 -3.11 -1.03
C LEU A 37 -0.48 -2.27 -1.90
N LEU A 38 0.63 -2.89 -2.33
CA LEU A 38 1.62 -2.31 -3.24
C LEU A 38 2.52 -1.28 -2.57
N VAL A 39 2.42 -1.14 -1.26
CA VAL A 39 3.23 -0.19 -0.52
C VAL A 39 4.14 -0.92 0.46
N ASP A 40 5.42 -0.66 0.38
CA ASP A 40 6.38 -1.25 1.30
C ASP A 40 7.35 -0.20 1.77
N THR A 41 7.47 -0.01 3.05
CA THR A 41 8.40 0.96 3.59
C THR A 41 9.66 0.33 4.31
N PRO A 42 9.53 -0.74 5.16
CA PRO A 42 10.66 -1.29 5.85
C PRO A 42 11.34 -2.35 5.00
N GLU A 43 12.27 -1.92 4.21
CA GLU A 43 13.02 -2.81 3.39
C GLU A 43 14.21 -3.33 4.16
N THR A 44 14.88 -4.28 3.59
CA THR A 44 16.11 -4.71 4.12
C THR A 44 16.94 -5.37 3.01
N LYS A 45 17.63 -4.53 2.25
CA LYS A 45 18.55 -5.03 1.24
C LYS A 45 19.80 -5.53 1.95
N HIS A 46 20.05 -4.94 3.09
CA HIS A 46 21.17 -5.25 3.95
C HIS A 46 21.00 -4.55 5.30
N PRO A 47 20.78 -3.18 5.34
CA PRO A 47 20.55 -2.47 6.60
C PRO A 47 19.33 -3.01 7.35
N LYS A 48 19.36 -2.94 8.66
CA LYS A 48 18.30 -3.47 9.48
C LYS A 48 17.19 -2.45 9.58
N LYS A 49 17.57 -1.20 9.42
CA LYS A 49 16.66 -0.09 9.53
C LYS A 49 15.99 0.19 8.19
N GLY A 50 16.50 -0.45 7.16
CA GLY A 50 16.03 -0.20 5.84
C GLY A 50 16.52 1.14 5.38
N VAL A 51 15.64 2.09 5.31
CA VAL A 51 16.01 3.42 4.95
C VAL A 51 15.92 4.27 6.21
N GLU A 52 17.07 4.41 6.87
CA GLU A 52 17.21 5.00 8.20
C GLU A 52 16.47 6.31 8.44
N LYS A 53 16.82 7.34 7.70
CA LYS A 53 16.27 8.67 7.96
C LYS A 53 14.92 8.90 7.30
N TYR A 54 14.66 8.19 6.25
CA TYR A 54 13.44 8.43 5.50
C TYR A 54 12.26 7.62 6.01
N GLY A 55 12.56 6.52 6.67
CA GLY A 55 11.54 5.68 7.29
C GLY A 55 10.64 6.47 8.27
N PRO A 56 11.23 7.24 9.24
CA PRO A 56 10.45 8.08 10.17
C PRO A 56 9.52 9.10 9.47
N GLU A 57 9.82 9.46 8.24
CA GLU A 57 8.97 10.39 7.52
C GLU A 57 7.84 9.62 6.84
N ALA A 58 8.14 8.43 6.34
CA ALA A 58 7.14 7.59 5.68
C ALA A 58 6.00 7.28 6.64
N SER A 59 6.37 6.98 7.86
CA SER A 59 5.42 6.69 8.90
C SER A 59 4.63 7.94 9.29
N ALA A 60 5.33 9.06 9.36
CA ALA A 60 4.75 10.32 9.76
C ALA A 60 3.80 10.85 8.71
N PHE A 61 4.24 10.82 7.45
CA PHE A 61 3.47 11.29 6.31
C PHE A 61 2.15 10.58 6.24
N THR A 62 2.20 9.27 6.44
CA THR A 62 1.02 8.45 6.43
C THR A 62 0.06 8.86 7.55
N LYS A 63 0.61 9.07 8.76
CA LYS A 63 -0.20 9.54 9.89
C LYS A 63 -0.87 10.85 9.54
N LYS A 64 -0.06 11.80 9.14
CA LYS A 64 -0.51 13.15 8.83
C LYS A 64 -1.54 13.18 7.70
N MET A 65 -1.39 12.26 6.77
CA MET A 65 -2.30 12.16 5.63
C MET A 65 -3.65 11.60 6.13
N VAL A 66 -3.59 10.47 6.84
CA VAL A 66 -4.81 9.81 7.30
C VAL A 66 -5.54 10.57 8.42
N GLU A 67 -4.81 11.37 9.19
CA GLU A 67 -5.43 12.22 10.21
C GLU A 67 -6.16 13.37 9.53
N ASN A 68 -5.59 13.83 8.44
CA ASN A 68 -6.13 14.95 7.68
C ASN A 68 -7.37 14.53 6.91
N ALA A 69 -7.34 13.36 6.32
CA ALA A 69 -8.44 12.85 5.50
C ALA A 69 -9.69 12.58 6.33
N LYS A 70 -10.84 12.78 5.73
CA LYS A 70 -12.11 12.53 6.40
C LYS A 70 -12.38 11.04 6.40
N LYS A 71 -12.46 10.51 5.19
CA LYS A 71 -12.82 9.14 4.97
C LYS A 71 -11.63 8.33 4.56
N ILE A 72 -11.40 7.26 5.22
CA ILE A 72 -10.42 6.32 4.79
C ILE A 72 -11.17 5.21 4.11
N GLU A 73 -10.83 4.93 2.90
CA GLU A 73 -11.56 4.00 2.11
C GLU A 73 -10.70 2.78 1.85
N VAL A 74 -11.27 1.62 2.04
CA VAL A 74 -10.57 0.37 1.82
C VAL A 74 -11.17 -0.36 0.61
N GLU A 75 -10.32 -0.77 -0.30
CA GLU A 75 -10.75 -1.51 -1.48
C GLU A 75 -9.89 -2.77 -1.61
N PHE A 76 -10.50 -3.85 -2.03
CA PHE A 76 -9.80 -5.07 -2.23
C PHE A 76 -9.70 -5.40 -3.72
N ASP A 77 -8.49 -5.42 -4.23
CA ASP A 77 -8.25 -5.76 -5.64
C ASP A 77 -7.74 -7.22 -5.69
N LYS A 78 -7.36 -7.72 -6.85
CA LYS A 78 -7.03 -9.11 -7.01
C LYS A 78 -5.61 -9.47 -6.52
N GLY A 79 -5.41 -9.31 -5.26
CA GLY A 79 -4.17 -9.70 -4.61
C GLY A 79 -4.47 -10.57 -3.42
N GLN A 80 -4.31 -10.01 -2.25
CA GLN A 80 -4.56 -10.68 -1.01
C GLN A 80 -5.27 -9.76 -0.09
N ARG A 81 -6.16 -10.27 0.75
CA ARG A 81 -6.86 -9.42 1.68
C ARG A 81 -6.21 -9.52 3.05
N THR A 82 -5.30 -10.47 3.20
CA THR A 82 -4.58 -10.61 4.44
C THR A 82 -3.11 -10.80 4.16
N ASP A 83 -2.28 -10.13 4.94
CA ASP A 83 -0.84 -10.35 4.88
C ASP A 83 -0.58 -11.34 5.96
N LYS A 84 0.10 -12.40 5.62
CA LYS A 84 0.20 -13.57 6.47
C LYS A 84 1.15 -13.41 7.68
N TYR A 85 0.77 -12.47 8.51
CA TYR A 85 1.38 -12.16 9.79
C TYR A 85 0.25 -11.97 10.78
N GLY A 86 -0.96 -12.25 10.33
CA GLY A 86 -2.13 -11.93 11.11
C GLY A 86 -2.55 -10.52 10.83
N ARG A 87 -2.24 -10.09 9.63
CA ARG A 87 -2.50 -8.74 9.16
C ARG A 87 -3.60 -8.76 8.11
N GLY A 88 -3.94 -7.60 7.66
CA GLY A 88 -4.85 -7.43 6.59
C GLY A 88 -4.16 -6.71 5.45
N LEU A 89 -4.70 -6.78 4.29
CA LEU A 89 -4.19 -6.10 3.13
C LEU A 89 -5.32 -5.43 2.41
N ALA A 90 -5.16 -4.17 2.12
CA ALA A 90 -6.16 -3.42 1.43
C ALA A 90 -5.54 -2.29 0.65
N TYR A 91 -6.24 -1.83 -0.33
CA TYR A 91 -5.83 -0.72 -1.13
C TYR A 91 -6.44 0.48 -0.44
N ILE A 92 -5.61 1.32 0.12
CA ILE A 92 -6.11 2.40 0.97
C ILE A 92 -6.20 3.74 0.23
N TYR A 93 -7.37 4.34 0.28
CA TYR A 93 -7.60 5.67 -0.23
C TYR A 93 -7.88 6.54 0.96
N ALA A 94 -7.59 7.79 0.85
CA ALA A 94 -7.89 8.72 1.87
C ALA A 94 -8.60 9.91 1.24
N ASP A 95 -9.91 9.90 1.38
CA ASP A 95 -10.81 10.92 0.85
C ASP A 95 -10.51 11.31 -0.60
N GLY A 96 -10.55 10.33 -1.47
CA GLY A 96 -10.34 10.59 -2.87
C GLY A 96 -8.92 10.43 -3.34
N LYS A 97 -7.97 10.58 -2.46
CA LYS A 97 -6.57 10.44 -2.83
C LYS A 97 -6.08 9.08 -2.43
N MET A 98 -5.15 8.57 -3.15
CA MET A 98 -4.61 7.30 -2.81
C MET A 98 -3.37 7.43 -2.03
N VAL A 99 -3.41 6.88 -0.84
CA VAL A 99 -2.27 6.90 0.08
C VAL A 99 -1.14 6.12 -0.55
N ASN A 100 -1.52 5.02 -1.22
CA ASN A 100 -0.58 4.18 -1.95
C ASN A 100 0.15 4.97 -3.03
N GLU A 101 -0.60 5.80 -3.73
CA GLU A 101 -0.05 6.64 -4.78
C GLU A 101 0.91 7.65 -4.16
N ALA A 102 0.40 8.42 -3.20
CA ALA A 102 1.13 9.50 -2.53
C ALA A 102 2.48 9.03 -1.97
N LEU A 103 2.45 7.95 -1.21
CA LEU A 103 3.67 7.40 -0.61
C LEU A 103 4.73 7.05 -1.65
N VAL A 104 4.31 6.40 -2.70
CA VAL A 104 5.23 6.00 -3.74
C VAL A 104 5.69 7.21 -4.58
N ARG A 105 4.77 8.15 -4.83
CA ARG A 105 5.07 9.38 -5.58
C ARG A 105 6.05 10.27 -4.84
N GLN A 106 5.94 10.27 -3.52
CA GLN A 106 6.83 11.04 -2.66
C GLN A 106 8.10 10.26 -2.32
N GLY A 107 8.22 9.05 -2.88
CA GLY A 107 9.39 8.22 -2.66
C GLY A 107 9.56 7.78 -1.21
N LEU A 108 8.46 7.58 -0.55
CA LEU A 108 8.46 7.19 0.84
C LEU A 108 8.11 5.73 0.99
N ALA A 109 7.95 5.07 -0.13
CA ALA A 109 7.60 3.68 -0.16
C ALA A 109 8.05 3.08 -1.46
N LYS A 110 8.18 1.77 -1.46
CA LYS A 110 8.50 1.04 -2.65
C LYS A 110 7.28 0.23 -2.99
N VAL A 111 7.29 -0.38 -4.13
CA VAL A 111 6.19 -1.22 -4.52
C VAL A 111 6.27 -2.58 -3.80
N ALA A 112 5.20 -2.94 -3.15
CA ALA A 112 5.12 -4.20 -2.46
C ALA A 112 4.58 -5.25 -3.39
N TYR A 113 5.35 -6.27 -3.58
CA TYR A 113 4.99 -7.36 -4.43
C TYR A 113 4.07 -8.35 -3.69
N VAL A 114 2.79 -8.21 -3.93
CA VAL A 114 1.77 -8.98 -3.22
C VAL A 114 1.21 -10.14 -4.07
N TYR A 115 0.96 -11.28 -3.39
CA TYR A 115 0.39 -12.51 -3.97
C TYR A 115 1.27 -13.01 -5.10
N LYS A 116 2.50 -13.21 -4.78
CA LYS A 116 3.49 -13.52 -5.76
C LYS A 116 3.98 -14.96 -5.63
N PRO A 117 3.76 -15.75 -6.68
CA PRO A 117 4.20 -17.15 -6.74
C PRO A 117 5.62 -17.27 -7.31
N ASN A 118 6.33 -16.15 -7.25
CA ASN A 118 7.71 -16.01 -7.73
C ASN A 118 7.73 -16.15 -9.25
N ASN A 119 7.04 -15.19 -9.90
CA ASN A 119 6.89 -15.08 -11.38
C ASN A 119 6.21 -16.32 -12.00
N THR A 120 5.67 -17.19 -11.13
CA THR A 120 5.06 -18.44 -11.52
C THR A 120 6.17 -19.35 -12.11
N HIS A 121 7.37 -19.15 -11.61
CA HIS A 121 8.49 -19.93 -12.01
C HIS A 121 8.45 -21.22 -11.23
N GLY B 1 9.82 -3.27 -14.42
CA GLY B 1 8.75 -4.16 -14.00
C GLY B 1 9.06 -5.57 -14.38
N SER B 2 8.06 -6.43 -14.34
CA SER B 2 8.26 -7.81 -14.69
C SER B 2 8.23 -7.92 -16.22
N VAL B 3 9.15 -8.68 -16.76
CA VAL B 3 9.25 -8.88 -18.19
C VAL B 3 8.01 -9.62 -18.70
N ALA B 4 7.55 -10.57 -17.95
CA ALA B 4 6.38 -11.32 -18.32
C ALA B 4 5.28 -11.11 -17.32
N TYR B 5 4.29 -10.35 -17.71
CA TYR B 5 3.16 -10.11 -16.87
C TYR B 5 2.21 -11.27 -16.85
N VAL B 6 2.39 -12.08 -15.84
CA VAL B 6 1.60 -13.27 -15.60
C VAL B 6 0.11 -12.91 -15.39
N TYR B 7 -0.13 -11.75 -14.78
CA TYR B 7 -1.46 -11.13 -14.62
C TYR B 7 -2.35 -11.83 -13.56
N LYS B 8 -1.97 -13.03 -13.17
CA LYS B 8 -2.66 -13.75 -12.09
C LYS B 8 -2.47 -13.05 -10.71
N PRO B 9 -1.20 -12.66 -10.31
CA PRO B 9 -0.98 -11.91 -9.06
C PRO B 9 -1.50 -10.48 -9.21
N ASN B 10 -1.24 -9.65 -8.24
CA ASN B 10 -1.71 -8.29 -8.36
C ASN B 10 -0.75 -7.49 -9.20
N ASN B 11 -0.93 -7.58 -10.50
CA ASN B 11 -0.15 -6.83 -11.47
C ASN B 11 -0.96 -5.63 -11.94
N THR B 12 -2.26 -5.74 -11.72
CA THR B 12 -3.27 -4.79 -12.18
C THR B 12 -2.95 -3.34 -11.84
N HIS B 13 -2.77 -3.06 -10.58
CA HIS B 13 -2.46 -1.71 -10.15
C HIS B 13 -0.98 -1.58 -9.94
N GLU B 14 -0.30 -2.71 -9.96
CA GLU B 14 1.13 -2.77 -9.72
C GLU B 14 1.88 -1.99 -10.77
N GLN B 15 1.50 -2.19 -12.01
CA GLN B 15 2.14 -1.49 -13.14
C GLN B 15 2.03 0.01 -12.95
N LEU B 16 0.88 0.44 -12.45
CA LEU B 16 0.61 1.85 -12.22
C LEU B 16 1.51 2.38 -11.11
N LEU B 17 1.55 1.68 -9.99
CA LEU B 17 2.38 2.08 -8.85
C LEU B 17 3.88 1.97 -9.16
N ARG B 18 4.24 1.08 -10.07
CA ARG B 18 5.64 0.98 -10.46
C ARG B 18 6.01 2.12 -11.39
N LYS B 19 5.03 2.70 -12.04
CA LYS B 19 5.28 3.88 -12.82
C LYS B 19 5.48 5.07 -11.90
N SER B 20 4.79 5.03 -10.77
CA SER B 20 4.94 6.01 -9.72
C SER B 20 6.37 5.89 -9.14
N GLU B 21 6.78 4.65 -8.91
CA GLU B 21 8.12 4.35 -8.42
C GLU B 21 9.19 4.71 -9.44
N ALA B 22 8.91 4.47 -10.71
CA ALA B 22 9.81 4.83 -11.80
C ALA B 22 10.10 6.32 -11.79
N GLN B 23 9.06 7.11 -11.53
CA GLN B 23 9.21 8.55 -11.48
C GLN B 23 10.04 8.94 -10.27
N ALA B 24 9.69 8.39 -9.13
CA ALA B 24 10.33 8.74 -7.87
C ALA B 24 11.80 8.34 -7.84
N LYS B 25 12.14 7.23 -8.49
CA LYS B 25 13.54 6.81 -8.65
C LYS B 25 14.36 7.88 -9.35
N LYS B 26 13.85 8.35 -10.48
CA LYS B 26 14.55 9.35 -11.29
C LYS B 26 14.59 10.71 -10.63
N GLU B 27 13.67 10.95 -9.74
CA GLU B 27 13.62 12.18 -9.00
C GLU B 27 14.46 12.06 -7.71
N LYS B 28 14.93 10.83 -7.41
CA LYS B 28 15.71 10.49 -6.20
C LYS B 28 14.94 10.96 -4.98
N LEU B 29 13.70 10.57 -4.91
CA LEU B 29 12.87 11.02 -3.84
C LEU B 29 12.95 10.11 -2.64
N ASN B 30 13.50 10.68 -1.58
CA ASN B 30 13.58 10.10 -0.24
C ASN B 30 14.23 8.72 -0.20
N ILE B 31 13.44 7.67 -0.35
CA ILE B 31 13.97 6.31 -0.35
C ILE B 31 14.87 6.09 -1.54
N TRP B 32 14.52 6.68 -2.65
CA TRP B 32 15.28 6.51 -3.86
C TRP B 32 16.54 7.36 -3.85
N SER B 33 16.63 8.22 -2.86
CA SER B 33 17.79 9.03 -2.66
C SER B 33 18.74 8.31 -1.68
N GLU B 34 18.46 7.03 -1.37
CA GLU B 34 19.31 6.22 -0.50
C GLU B 34 20.75 6.19 -1.02
N ASP B 35 20.85 6.14 -2.33
CA ASP B 35 22.09 6.06 -3.02
C ASP B 35 21.83 6.48 -4.45
N ALA A 1 -25.22 -6.55 -17.77
CA ALA A 1 -24.13 -7.22 -18.46
C ALA A 1 -22.87 -7.11 -17.65
N THR A 2 -22.15 -8.19 -17.52
CA THR A 2 -20.95 -8.23 -16.75
C THR A 2 -19.76 -7.68 -17.53
N SER A 3 -19.64 -6.38 -17.52
CA SER A 3 -18.55 -5.68 -18.15
C SER A 3 -17.54 -5.21 -17.10
N THR A 4 -18.02 -5.08 -15.88
CA THR A 4 -17.22 -4.66 -14.77
C THR A 4 -17.53 -5.59 -13.61
N LYS A 5 -16.53 -5.99 -12.85
CA LYS A 5 -16.78 -6.83 -11.69
C LYS A 5 -17.10 -5.95 -10.50
N LYS A 6 -16.11 -5.77 -9.63
CA LYS A 6 -16.18 -4.95 -8.43
C LYS A 6 -15.01 -5.31 -7.55
N LEU A 7 -14.24 -4.34 -7.18
CA LEU A 7 -13.21 -4.57 -6.22
C LEU A 7 -13.83 -4.41 -4.87
N HIS A 8 -13.48 -5.26 -3.92
CA HIS A 8 -14.11 -5.19 -2.62
C HIS A 8 -13.58 -3.99 -1.87
N LYS A 9 -14.38 -2.97 -1.83
CA LYS A 9 -14.05 -1.72 -1.21
C LYS A 9 -14.86 -1.58 0.06
N GLU A 10 -14.22 -1.22 1.14
CA GLU A 10 -14.92 -1.05 2.39
C GLU A 10 -14.57 0.31 2.94
N PRO A 11 -15.49 1.00 3.58
CA PRO A 11 -15.18 2.20 4.32
C PRO A 11 -14.61 1.83 5.68
N ALA A 12 -13.60 2.50 6.11
CA ALA A 12 -12.96 2.16 7.35
C ALA A 12 -12.79 3.38 8.23
N THR A 13 -12.99 3.19 9.50
CA THR A 13 -12.79 4.21 10.46
C THR A 13 -11.34 4.10 10.91
N LEU A 14 -10.63 5.17 10.85
CA LEU A 14 -9.24 5.16 11.21
C LEU A 14 -9.05 5.17 12.70
N ILE A 15 -8.25 4.24 13.17
CA ILE A 15 -7.91 4.21 14.56
C ILE A 15 -6.61 4.98 14.76
N LYS A 16 -5.56 4.57 14.05
CA LYS A 16 -4.27 5.24 14.13
C LYS A 16 -3.31 4.61 13.11
N ALA A 17 -2.45 5.41 12.53
CA ALA A 17 -1.41 4.89 11.66
C ALA A 17 -0.17 4.71 12.51
N ILE A 18 0.24 3.47 12.71
CA ILE A 18 1.34 3.19 13.61
C ILE A 18 2.66 3.40 12.89
N ASP A 19 2.88 2.60 11.88
CA ASP A 19 4.12 2.63 11.17
C ASP A 19 3.83 3.12 9.75
N GLY A 20 4.75 2.93 8.85
CA GLY A 20 4.57 3.38 7.49
C GLY A 20 3.74 2.40 6.70
N ASP A 21 3.83 1.15 7.09
CA ASP A 21 3.06 0.11 6.43
C ASP A 21 1.91 -0.33 7.29
N THR A 22 2.06 -0.26 8.59
CA THR A 22 1.05 -0.76 9.48
C THR A 22 0.18 0.35 10.06
N VAL A 23 -1.08 0.29 9.72
CA VAL A 23 -2.06 1.25 10.12
C VAL A 23 -3.29 0.49 10.65
N LYS A 24 -3.93 0.98 11.67
CA LYS A 24 -5.00 0.24 12.29
C LYS A 24 -6.33 0.84 11.88
N LEU A 25 -7.15 0.04 11.22
CA LEU A 25 -8.44 0.49 10.73
C LEU A 25 -9.56 -0.31 11.33
N MET A 26 -10.71 0.27 11.29
CA MET A 26 -11.93 -0.35 11.71
C MET A 26 -12.86 -0.35 10.54
N TYR A 27 -12.99 -1.45 9.89
CA TYR A 27 -13.82 -1.48 8.70
C TYR A 27 -15.11 -2.17 9.02
N LYS A 28 -16.20 -1.42 8.89
CA LYS A 28 -17.54 -1.92 9.14
C LYS A 28 -17.70 -2.36 10.59
N GLY A 29 -16.96 -1.71 11.46
CA GLY A 29 -17.04 -2.01 12.87
C GLY A 29 -16.01 -3.01 13.34
N GLN A 30 -15.21 -3.52 12.42
CA GLN A 30 -14.20 -4.50 12.78
C GLN A 30 -12.80 -3.86 12.79
N PRO A 31 -12.18 -3.74 13.97
CA PRO A 31 -10.84 -3.20 14.11
C PRO A 31 -9.76 -4.25 13.74
N MET A 32 -9.03 -3.96 12.71
CA MET A 32 -8.00 -4.81 12.24
C MET A 32 -6.78 -3.98 11.90
N THR A 33 -5.62 -4.49 12.20
CA THR A 33 -4.41 -3.83 11.84
C THR A 33 -4.08 -4.18 10.40
N PHE A 34 -3.95 -3.18 9.58
CA PHE A 34 -3.74 -3.36 8.19
C PHE A 34 -2.37 -2.91 7.75
N ARG A 35 -2.00 -3.41 6.62
CA ARG A 35 -0.88 -2.97 5.87
C ARG A 35 -1.43 -2.50 4.55
N LEU A 36 -0.79 -1.53 3.96
CA LEU A 36 -1.24 -1.05 2.68
C LEU A 36 -0.80 -1.99 1.56
N LEU A 37 -1.72 -2.24 0.65
CA LEU A 37 -1.41 -3.04 -0.52
C LEU A 37 -0.51 -2.29 -1.46
N LEU A 38 0.25 -3.07 -2.21
CA LEU A 38 1.17 -2.63 -3.26
C LEU A 38 2.35 -1.89 -2.66
N VAL A 39 2.60 -2.08 -1.40
CA VAL A 39 3.67 -1.40 -0.75
C VAL A 39 4.76 -2.37 -0.42
N ASP A 40 5.93 -2.06 -0.87
CA ASP A 40 7.09 -2.82 -0.54
C ASP A 40 7.76 -2.06 0.57
N THR A 41 7.66 -2.62 1.73
CA THR A 41 8.12 -1.99 2.93
C THR A 41 9.61 -2.18 3.13
N PRO A 42 10.31 -1.13 3.58
CA PRO A 42 11.73 -1.21 3.89
C PRO A 42 12.02 -2.03 5.15
N GLU A 43 10.97 -2.39 5.89
CA GLU A 43 11.17 -3.13 7.11
C GLU A 43 10.34 -4.43 7.10
N THR A 44 11.03 -5.51 7.35
CA THR A 44 10.46 -6.84 7.44
C THR A 44 11.58 -7.80 7.87
N LYS A 45 12.81 -7.48 7.40
CA LYS A 45 14.00 -8.29 7.71
C LYS A 45 14.40 -8.11 9.18
N HIS A 46 13.85 -7.06 9.78
CA HIS A 46 14.05 -6.68 11.17
C HIS A 46 15.46 -6.36 11.58
N PRO A 47 15.91 -5.12 11.29
CA PRO A 47 17.10 -4.60 11.90
C PRO A 47 16.73 -4.32 13.36
N LYS A 48 17.67 -4.34 14.27
CA LYS A 48 17.37 -4.23 15.69
C LYS A 48 16.53 -3.02 16.08
N LYS A 49 16.93 -1.89 15.62
CA LYS A 49 16.20 -0.65 15.88
C LYS A 49 15.34 -0.27 14.67
N GLY A 50 15.23 -1.21 13.76
CA GLY A 50 14.45 -1.01 12.57
C GLY A 50 15.16 -0.13 11.57
N VAL A 51 14.44 0.31 10.58
CA VAL A 51 15.01 1.21 9.62
C VAL A 51 14.55 2.62 10.02
N GLU A 52 15.32 3.21 10.89
CA GLU A 52 14.98 4.46 11.56
C GLU A 52 14.91 5.65 10.58
N LYS A 53 15.62 5.58 9.49
CA LYS A 53 15.57 6.65 8.49
C LYS A 53 14.36 6.57 7.57
N TYR A 54 13.69 5.44 7.56
CA TYR A 54 12.54 5.28 6.69
C TYR A 54 11.22 5.11 7.43
N GLY A 55 11.20 4.22 8.41
CA GLY A 55 9.97 3.91 9.12
C GLY A 55 9.33 5.10 9.85
N PRO A 56 10.04 5.76 10.81
CA PRO A 56 9.52 6.95 11.53
C PRO A 56 9.07 8.09 10.60
N GLU A 57 9.76 8.24 9.48
CA GLU A 57 9.42 9.26 8.50
C GLU A 57 8.13 8.90 7.77
N ALA A 58 8.06 7.65 7.31
CA ALA A 58 6.91 7.17 6.58
C ALA A 58 5.67 7.14 7.45
N SER A 59 5.84 6.73 8.70
CA SER A 59 4.73 6.64 9.61
C SER A 59 4.13 8.01 9.90
N ALA A 60 5.00 8.99 10.14
CA ALA A 60 4.57 10.35 10.42
C ALA A 60 3.84 10.95 9.22
N PHE A 61 4.32 10.63 8.03
CA PHE A 61 3.73 11.11 6.80
C PHE A 61 2.35 10.49 6.62
N THR A 62 2.28 9.18 6.80
CA THR A 62 1.05 8.43 6.65
C THR A 62 -0.03 8.94 7.61
N LYS A 63 0.36 9.25 8.86
CA LYS A 63 -0.57 9.79 9.87
C LYS A 63 -1.28 11.02 9.35
N LYS A 64 -0.49 12.00 8.91
CA LYS A 64 -1.03 13.28 8.45
C LYS A 64 -1.84 13.10 7.18
N MET A 65 -1.45 12.15 6.36
CA MET A 65 -2.13 11.87 5.12
C MET A 65 -3.53 11.31 5.38
N VAL A 66 -3.62 10.30 6.22
CA VAL A 66 -4.88 9.64 6.46
C VAL A 66 -5.76 10.34 7.50
N GLU A 67 -5.15 11.06 8.43
CA GLU A 67 -5.92 11.75 9.47
C GLU A 67 -6.50 13.07 8.99
N ASN A 68 -5.94 13.62 7.94
CA ASN A 68 -6.44 14.88 7.38
C ASN A 68 -7.60 14.63 6.42
N ALA A 69 -7.66 13.41 5.92
CA ALA A 69 -8.71 12.99 5.01
C ALA A 69 -9.99 12.72 5.79
N LYS A 70 -11.13 12.72 5.12
CA LYS A 70 -12.41 12.46 5.80
C LYS A 70 -12.62 10.97 5.89
N LYS A 71 -12.63 10.33 4.75
CA LYS A 71 -12.94 8.93 4.67
C LYS A 71 -11.68 8.15 4.43
N ILE A 72 -11.62 6.99 5.01
CA ILE A 72 -10.53 6.10 4.77
C ILE A 72 -11.13 4.87 4.14
N GLU A 73 -10.70 4.57 2.98
CA GLU A 73 -11.25 3.49 2.24
C GLU A 73 -10.22 2.38 2.10
N VAL A 74 -10.62 1.16 2.36
CA VAL A 74 -9.76 0.02 2.20
C VAL A 74 -10.25 -0.82 1.01
N GLU A 75 -9.40 -1.03 0.05
CA GLU A 75 -9.81 -1.73 -1.15
C GLU A 75 -9.02 -3.02 -1.33
N PHE A 76 -9.72 -4.03 -1.76
CA PHE A 76 -9.17 -5.31 -2.02
C PHE A 76 -9.02 -5.53 -3.51
N ASP A 77 -7.81 -5.89 -3.91
CA ASP A 77 -7.48 -6.18 -5.32
C ASP A 77 -7.83 -7.65 -5.57
N LYS A 78 -7.50 -8.17 -6.72
CA LYS A 78 -7.87 -9.54 -7.10
C LYS A 78 -7.06 -10.60 -6.32
N GLY A 79 -6.01 -10.16 -5.63
CA GLY A 79 -5.16 -11.07 -4.89
C GLY A 79 -5.72 -11.50 -3.52
N GLN A 80 -5.00 -11.14 -2.48
CA GLN A 80 -5.36 -11.54 -1.12
C GLN A 80 -5.48 -10.30 -0.25
N ARG A 81 -6.29 -10.40 0.80
CA ARG A 81 -6.42 -9.35 1.78
C ARG A 81 -5.72 -9.80 3.08
N THR A 82 -5.46 -11.07 3.17
CA THR A 82 -4.79 -11.61 4.32
C THR A 82 -3.32 -11.88 4.01
N ASP A 83 -2.48 -11.47 4.92
CA ASP A 83 -1.05 -11.67 4.79
C ASP A 83 -0.62 -12.86 5.64
N LYS A 84 0.41 -13.53 5.17
CA LYS A 84 0.93 -14.75 5.76
C LYS A 84 1.46 -14.54 7.20
N TYR A 85 1.86 -13.31 7.52
CA TYR A 85 2.37 -12.97 8.84
C TYR A 85 1.19 -12.79 9.83
N GLY A 86 -0.02 -12.84 9.29
CA GLY A 86 -1.17 -12.64 10.13
C GLY A 86 -1.46 -11.19 10.23
N ARG A 87 -1.64 -10.58 9.11
CA ARG A 87 -1.88 -9.17 9.00
C ARG A 87 -2.87 -8.98 7.88
N GLY A 88 -3.69 -7.97 7.96
CA GLY A 88 -4.58 -7.68 6.87
C GLY A 88 -3.96 -6.65 5.99
N LEU A 89 -4.14 -6.76 4.72
CA LEU A 89 -3.65 -5.79 3.81
C LEU A 89 -4.67 -5.39 2.76
N ALA A 90 -4.77 -4.11 2.54
CA ALA A 90 -5.70 -3.54 1.60
C ALA A 90 -5.13 -2.24 1.09
N TYR A 91 -5.55 -1.81 -0.07
CA TYR A 91 -5.06 -0.56 -0.57
C TYR A 91 -5.89 0.53 0.05
N ILE A 92 -5.24 1.51 0.59
CA ILE A 92 -5.94 2.54 1.27
C ILE A 92 -6.04 3.81 0.46
N TYR A 93 -7.24 4.26 0.32
CA TYR A 93 -7.53 5.51 -0.30
C TYR A 93 -7.94 6.46 0.80
N ALA A 94 -7.39 7.61 0.80
CA ALA A 94 -7.75 8.59 1.76
C ALA A 94 -8.60 9.60 1.06
N ASP A 95 -9.90 9.45 1.24
CA ASP A 95 -10.93 10.26 0.60
C ASP A 95 -10.66 10.44 -0.89
N GLY A 96 -10.46 9.34 -1.58
CA GLY A 96 -10.21 9.38 -3.00
C GLY A 96 -8.75 9.62 -3.38
N LYS A 97 -7.89 9.87 -2.42
CA LYS A 97 -6.48 10.06 -2.69
C LYS A 97 -5.73 8.77 -2.47
N MET A 98 -4.78 8.48 -3.30
CA MET A 98 -3.99 7.29 -3.18
C MET A 98 -2.86 7.49 -2.23
N VAL A 99 -2.98 6.84 -1.11
CA VAL A 99 -2.01 6.98 -0.02
C VAL A 99 -0.64 6.43 -0.41
N ASN A 100 -0.62 5.30 -1.08
CA ASN A 100 0.66 4.69 -1.48
C ASN A 100 1.34 5.53 -2.56
N GLU A 101 0.54 6.21 -3.38
CA GLU A 101 1.08 7.12 -4.39
C GLU A 101 1.85 8.24 -3.70
N ALA A 102 1.32 8.71 -2.57
CA ALA A 102 1.94 9.74 -1.80
C ALA A 102 3.22 9.23 -1.15
N LEU A 103 3.19 7.97 -0.72
CA LEU A 103 4.35 7.32 -0.13
C LEU A 103 5.48 7.21 -1.16
N VAL A 104 5.12 6.81 -2.37
CA VAL A 104 6.10 6.71 -3.46
C VAL A 104 6.56 8.11 -3.89
N ARG A 105 5.66 9.08 -3.79
CA ARG A 105 5.96 10.47 -4.16
C ARG A 105 6.98 11.09 -3.19
N GLN A 106 7.15 10.48 -2.05
CA GLN A 106 8.13 10.92 -1.08
C GLN A 106 9.28 9.94 -1.01
N GLY A 107 9.15 8.86 -1.77
CA GLY A 107 10.13 7.80 -1.77
C GLY A 107 10.24 7.14 -0.42
N LEU A 108 9.13 6.90 0.19
CA LEU A 108 9.09 6.27 1.50
C LEU A 108 9.01 4.76 1.36
N ALA A 109 8.55 4.34 0.21
CA ALA A 109 8.37 2.94 -0.07
C ALA A 109 8.45 2.70 -1.56
N LYS A 110 8.42 1.45 -1.92
CA LYS A 110 8.45 1.01 -3.31
C LYS A 110 7.16 0.28 -3.52
N VAL A 111 6.80 -0.04 -4.73
CA VAL A 111 5.57 -0.77 -4.89
C VAL A 111 5.83 -2.22 -5.26
N ALA A 112 5.23 -3.11 -4.50
CA ALA A 112 5.33 -4.51 -4.81
C ALA A 112 3.95 -4.97 -5.18
N TYR A 113 3.82 -5.46 -6.37
CA TYR A 113 2.56 -5.85 -6.88
C TYR A 113 2.62 -7.31 -7.24
N VAL A 114 1.80 -8.11 -6.64
CA VAL A 114 1.77 -9.50 -7.00
C VAL A 114 0.81 -9.72 -8.12
N TYR A 115 1.35 -10.00 -9.30
CA TYR A 115 0.54 -10.42 -10.35
C TYR A 115 0.38 -11.89 -10.23
N LYS A 116 -0.62 -12.44 -10.90
CA LYS A 116 -1.16 -13.79 -10.68
C LYS A 116 -2.13 -13.73 -9.51
N PRO A 117 -3.25 -14.45 -9.59
CA PRO A 117 -4.26 -14.45 -8.52
C PRO A 117 -3.66 -14.76 -7.14
N ASN A 118 -2.94 -15.87 -7.06
CA ASN A 118 -2.24 -16.30 -5.83
C ASN A 118 -3.18 -16.54 -4.66
N ASN A 119 -4.42 -16.77 -4.99
CA ASN A 119 -5.45 -17.01 -4.03
C ASN A 119 -6.07 -18.34 -4.34
N THR A 120 -5.46 -19.35 -3.77
CA THR A 120 -5.78 -20.78 -3.91
C THR A 120 -5.36 -21.32 -5.30
N HIS A 121 -4.78 -20.44 -6.08
CA HIS A 121 -4.24 -20.72 -7.39
C HIS A 121 -3.44 -19.51 -7.79
N GLY B 1 -11.35 -5.52 -28.37
CA GLY B 1 -10.91 -4.93 -27.11
C GLY B 1 -11.62 -5.57 -25.96
N SER B 2 -11.32 -5.11 -24.75
CA SER B 2 -11.93 -5.57 -23.51
C SER B 2 -11.52 -7.02 -23.11
N VAL B 3 -11.77 -7.98 -23.99
CA VAL B 3 -11.49 -9.37 -23.71
C VAL B 3 -9.99 -9.68 -23.72
N ALA B 4 -9.29 -9.19 -24.71
CA ALA B 4 -7.88 -9.43 -24.82
C ALA B 4 -7.10 -8.13 -24.70
N TYR B 5 -6.68 -7.84 -23.52
CA TYR B 5 -5.88 -6.68 -23.22
C TYR B 5 -4.88 -6.99 -22.16
N VAL B 6 -5.36 -7.29 -20.99
CA VAL B 6 -4.51 -7.47 -19.87
C VAL B 6 -4.28 -8.94 -19.61
N TYR B 7 -3.05 -9.33 -19.70
CA TYR B 7 -2.66 -10.71 -19.45
C TYR B 7 -2.08 -10.85 -18.07
N LYS B 8 -1.87 -9.74 -17.43
CA LYS B 8 -1.45 -9.69 -16.06
C LYS B 8 -2.73 -9.70 -15.22
N PRO B 9 -3.05 -10.81 -14.52
CA PRO B 9 -4.28 -10.92 -13.73
C PRO B 9 -4.43 -9.75 -12.76
N ASN B 10 -3.45 -9.56 -11.91
CA ASN B 10 -3.48 -8.48 -10.98
C ASN B 10 -2.58 -7.39 -11.53
N ASN B 11 -3.19 -6.48 -12.21
CA ASN B 11 -2.51 -5.32 -12.78
C ASN B 11 -3.45 -4.13 -12.63
N THR B 12 -4.48 -4.39 -11.82
CA THR B 12 -5.62 -3.54 -11.58
C THR B 12 -5.23 -2.08 -11.30
N HIS B 13 -4.22 -1.89 -10.48
CA HIS B 13 -3.76 -0.57 -10.15
C HIS B 13 -2.25 -0.45 -10.36
N GLU B 14 -1.65 -1.44 -11.01
CA GLU B 14 -0.19 -1.48 -11.11
C GLU B 14 0.38 -0.38 -11.96
N GLN B 15 -0.18 -0.22 -13.13
CA GLN B 15 0.30 0.74 -14.12
C GLN B 15 0.43 2.15 -13.54
N LEU B 16 -0.58 2.57 -12.81
CA LEU B 16 -0.59 3.90 -12.21
C LEU B 16 0.53 4.06 -11.19
N LEU B 17 0.63 3.11 -10.29
CA LEU B 17 1.64 3.13 -9.24
C LEU B 17 3.04 2.99 -9.81
N ARG B 18 3.19 2.14 -10.80
CA ARG B 18 4.49 1.89 -11.36
C ARG B 18 5.05 2.98 -12.25
N LYS B 19 4.18 3.74 -12.91
CA LYS B 19 4.67 4.87 -13.67
C LYS B 19 5.15 5.97 -12.71
N SER B 20 4.47 6.07 -11.57
CA SER B 20 4.87 6.98 -10.54
C SER B 20 6.21 6.51 -9.94
N GLU B 21 6.31 5.19 -9.74
CA GLU B 21 7.52 4.54 -9.24
C GLU B 21 8.70 4.85 -10.14
N ALA B 22 8.52 4.59 -11.44
CA ALA B 22 9.55 4.82 -12.45
C ALA B 22 10.11 6.24 -12.37
N GLN B 23 9.20 7.21 -12.33
CA GLN B 23 9.58 8.61 -12.24
C GLN B 23 10.34 8.88 -10.95
N ALA B 24 9.80 8.38 -9.85
CA ALA B 24 10.36 8.57 -8.52
C ALA B 24 11.75 7.94 -8.40
N LYS B 25 11.94 6.79 -9.04
CA LYS B 25 13.23 6.11 -9.07
C LYS B 25 14.29 7.04 -9.65
N LYS B 26 13.96 7.64 -10.78
CA LYS B 26 14.86 8.53 -11.50
C LYS B 26 15.13 9.81 -10.69
N GLU B 27 14.12 10.22 -9.93
CA GLU B 27 14.22 11.39 -9.08
C GLU B 27 15.10 11.10 -7.86
N LYS B 28 15.24 9.82 -7.56
CA LYS B 28 15.89 9.31 -6.37
C LYS B 28 15.27 9.91 -5.13
N LEU B 29 14.03 9.57 -4.93
CA LEU B 29 13.31 10.05 -3.79
C LEU B 29 13.48 9.12 -2.63
N ASN B 30 14.24 9.58 -1.66
CA ASN B 30 14.50 8.93 -0.37
C ASN B 30 14.92 7.46 -0.47
N ILE B 31 13.96 6.54 -0.62
CA ILE B 31 14.25 5.10 -0.74
C ILE B 31 14.85 4.81 -2.11
N TRP B 32 14.54 5.66 -3.07
CA TRP B 32 15.07 5.51 -4.39
C TRP B 32 16.46 6.12 -4.44
N SER B 33 16.83 6.70 -3.35
CA SER B 33 18.13 7.25 -3.17
C SER B 33 18.87 6.38 -2.16
N GLU B 34 18.56 5.07 -2.14
CA GLU B 34 19.28 4.18 -1.25
C GLU B 34 20.72 4.01 -1.74
N ASP B 35 20.91 4.21 -3.05
CA ASP B 35 22.25 4.22 -3.61
C ASP B 35 22.81 5.63 -3.44
N ALA A 1 -20.25 12.46 -4.71
CA ALA A 1 -18.81 12.52 -4.86
C ALA A 1 -18.37 11.90 -6.19
N THR A 2 -18.60 10.59 -6.31
CA THR A 2 -18.16 9.81 -7.44
C THR A 2 -16.62 9.81 -7.50
N SER A 3 -16.05 9.17 -6.51
CA SER A 3 -14.63 9.07 -6.39
C SER A 3 -14.10 7.83 -7.14
N THR A 4 -12.83 7.55 -7.04
CA THR A 4 -12.21 6.48 -7.78
C THR A 4 -12.59 5.10 -7.25
N LYS A 5 -13.64 4.54 -7.78
CA LYS A 5 -13.94 3.17 -7.49
C LYS A 5 -13.38 2.35 -8.61
N LYS A 6 -12.22 1.79 -8.38
CA LYS A 6 -11.60 1.00 -9.40
C LYS A 6 -11.91 -0.46 -9.11
N LEU A 7 -11.95 -0.77 -7.83
CA LEU A 7 -12.15 -2.11 -7.36
C LEU A 7 -13.25 -2.09 -6.30
N HIS A 8 -13.20 -2.99 -5.34
CA HIS A 8 -14.23 -3.04 -4.31
C HIS A 8 -13.75 -2.32 -3.06
N LYS A 9 -14.25 -1.13 -2.82
CA LYS A 9 -13.87 -0.38 -1.64
C LYS A 9 -15.00 -0.37 -0.64
N GLU A 10 -14.65 -0.23 0.57
CA GLU A 10 -15.58 -0.06 1.65
C GLU A 10 -15.01 0.99 2.60
N PRO A 11 -15.85 1.78 3.28
CA PRO A 11 -15.37 2.80 4.19
C PRO A 11 -14.83 2.20 5.49
N ALA A 12 -13.81 2.78 6.02
CA ALA A 12 -13.22 2.33 7.24
C ALA A 12 -13.01 3.50 8.17
N THR A 13 -13.03 3.19 9.44
CA THR A 13 -12.81 4.17 10.47
C THR A 13 -11.34 4.06 10.90
N LEU A 14 -10.66 5.18 10.99
CA LEU A 14 -9.26 5.19 11.37
C LEU A 14 -9.07 4.98 12.86
N ILE A 15 -8.31 3.97 13.22
CA ILE A 15 -8.02 3.73 14.60
C ILE A 15 -6.70 4.39 14.93
N LYS A 16 -5.64 3.97 14.25
CA LYS A 16 -4.32 4.48 14.44
C LYS A 16 -3.51 4.29 13.19
N ALA A 17 -2.46 5.04 13.08
CA ALA A 17 -1.51 4.88 12.02
C ALA A 17 -0.23 4.38 12.65
N ILE A 18 0.24 3.25 12.21
CA ILE A 18 1.40 2.65 12.84
C ILE A 18 2.68 3.06 12.14
N ASP A 19 2.76 2.80 10.85
CA ASP A 19 3.97 3.10 10.10
C ASP A 19 3.56 3.62 8.73
N GLY A 20 4.51 3.70 7.84
CA GLY A 20 4.29 4.15 6.48
C GLY A 20 3.92 2.99 5.60
N ASP A 21 2.93 2.25 6.05
CA ASP A 21 2.36 1.08 5.40
C ASP A 21 1.27 0.54 6.27
N THR A 22 1.67 0.18 7.44
CA THR A 22 0.82 -0.45 8.37
C THR A 22 -0.02 0.59 9.12
N VAL A 23 -1.30 0.60 8.83
CA VAL A 23 -2.24 1.51 9.44
C VAL A 23 -3.35 0.64 10.04
N LYS A 24 -4.02 1.10 11.06
CA LYS A 24 -5.02 0.28 11.72
C LYS A 24 -6.40 0.86 11.46
N LEU A 25 -7.24 0.10 10.80
CA LEU A 25 -8.55 0.57 10.41
C LEU A 25 -9.64 -0.33 10.95
N MET A 26 -10.79 0.23 11.12
CA MET A 26 -11.95 -0.49 11.52
C MET A 26 -12.91 -0.46 10.35
N TYR A 27 -13.10 -1.59 9.71
CA TYR A 27 -13.95 -1.62 8.54
C TYR A 27 -15.15 -2.48 8.80
N LYS A 28 -16.31 -1.85 8.77
CA LYS A 28 -17.61 -2.50 9.05
C LYS A 28 -17.64 -3.01 10.48
N GLY A 29 -16.88 -2.35 11.30
CA GLY A 29 -16.80 -2.68 12.70
C GLY A 29 -15.68 -3.64 13.03
N GLN A 30 -14.88 -3.98 12.05
CA GLN A 30 -13.76 -4.90 12.25
C GLN A 30 -12.47 -4.12 12.46
N PRO A 31 -11.96 -4.07 13.69
CA PRO A 31 -10.71 -3.39 13.99
C PRO A 31 -9.52 -4.27 13.62
N MET A 32 -8.91 -3.97 12.50
CA MET A 32 -7.81 -4.78 12.03
C MET A 32 -6.66 -3.91 11.59
N THR A 33 -5.48 -4.42 11.71
CA THR A 33 -4.32 -3.73 11.29
C THR A 33 -4.13 -4.02 9.80
N PHE A 34 -4.00 -3.00 9.01
CA PHE A 34 -3.85 -3.12 7.59
C PHE A 34 -2.41 -3.05 7.16
N ARG A 35 -2.16 -3.58 6.01
CA ARG A 35 -0.86 -3.65 5.42
C ARG A 35 -1.10 -3.32 3.94
N LEU A 36 -0.32 -2.46 3.33
CA LEU A 36 -0.58 -2.03 1.98
C LEU A 36 0.00 -2.99 0.95
N LEU A 37 -0.81 -3.33 -0.01
CA LEU A 37 -0.41 -4.20 -1.11
C LEU A 37 0.51 -3.49 -2.11
N LEU A 38 1.53 -4.23 -2.55
CA LEU A 38 2.55 -3.78 -3.50
C LEU A 38 3.46 -2.68 -2.94
N VAL A 39 3.48 -2.52 -1.65
CA VAL A 39 4.31 -1.53 -1.01
C VAL A 39 5.41 -2.21 -0.25
N ASP A 40 6.59 -1.71 -0.36
CA ASP A 40 7.66 -2.21 0.42
C ASP A 40 8.27 -1.06 1.16
N THR A 41 8.04 -0.98 2.42
CA THR A 41 8.61 0.06 3.22
C THR A 41 9.82 -0.50 4.00
N PRO A 42 9.64 -1.56 4.86
CA PRO A 42 10.78 -2.17 5.56
C PRO A 42 11.73 -2.83 4.57
N GLU A 43 12.89 -2.22 4.39
CA GLU A 43 13.89 -2.74 3.50
C GLU A 43 14.47 -4.04 4.01
N THR A 44 14.96 -4.83 3.04
CA THR A 44 15.43 -6.17 3.25
C THR A 44 14.21 -7.12 3.33
N LYS A 45 14.38 -8.40 2.99
CA LYS A 45 13.29 -9.38 3.06
C LYS A 45 12.76 -9.49 4.50
N HIS A 46 13.62 -9.18 5.44
CA HIS A 46 13.26 -9.08 6.82
C HIS A 46 13.91 -7.82 7.32
N PRO A 47 13.14 -6.87 7.85
CA PRO A 47 13.72 -5.64 8.37
C PRO A 47 14.61 -5.88 9.59
N LYS A 48 15.89 -5.93 9.36
CA LYS A 48 16.85 -6.12 10.44
C LYS A 48 17.30 -4.77 10.92
N LYS A 49 17.58 -3.90 9.97
CA LYS A 49 17.93 -2.52 10.26
C LYS A 49 16.66 -1.74 10.41
N GLY A 50 15.62 -2.25 9.76
CA GLY A 50 14.35 -1.60 9.76
C GLY A 50 14.35 -0.59 8.67
N VAL A 51 13.92 0.60 8.98
CA VAL A 51 14.00 1.68 8.04
C VAL A 51 14.52 2.88 8.79
N GLU A 52 15.80 3.00 8.85
CA GLU A 52 16.44 4.06 9.58
C GLU A 52 16.50 5.29 8.75
N LYS A 53 16.90 5.10 7.51
CA LYS A 53 17.12 6.16 6.53
C LYS A 53 15.96 7.16 6.40
N TYR A 54 14.81 6.70 5.96
CA TYR A 54 13.68 7.58 5.71
C TYR A 54 12.41 7.02 6.30
N GLY A 55 12.58 6.11 7.23
CA GLY A 55 11.45 5.47 7.89
C GLY A 55 10.57 6.44 8.62
N PRO A 56 11.10 7.20 9.61
CA PRO A 56 10.34 8.22 10.36
C PRO A 56 9.60 9.21 9.43
N GLU A 57 10.16 9.45 8.25
CA GLU A 57 9.57 10.34 7.27
C GLU A 57 8.34 9.70 6.65
N ALA A 58 8.50 8.45 6.24
CA ALA A 58 7.44 7.68 5.62
C ALA A 58 6.28 7.47 6.59
N SER A 59 6.63 7.11 7.83
CA SER A 59 5.66 6.91 8.86
C SER A 59 4.85 8.18 9.09
N ALA A 60 5.54 9.32 9.19
CA ALA A 60 4.91 10.62 9.46
C ALA A 60 3.94 11.02 8.36
N PHE A 61 4.38 10.88 7.12
CA PHE A 61 3.59 11.26 5.95
C PHE A 61 2.27 10.49 5.92
N THR A 62 2.34 9.22 6.25
CA THR A 62 1.19 8.35 6.27
C THR A 62 0.20 8.81 7.35
N LYS A 63 0.73 9.09 8.55
CA LYS A 63 -0.08 9.53 9.68
C LYS A 63 -0.79 10.83 9.35
N LYS A 64 -0.06 11.75 8.74
CA LYS A 64 -0.58 13.03 8.32
C LYS A 64 -1.78 12.87 7.40
N MET A 65 -1.59 12.10 6.34
CA MET A 65 -2.60 11.94 5.32
C MET A 65 -3.85 11.22 5.84
N VAL A 66 -3.67 10.19 6.62
CA VAL A 66 -4.82 9.43 7.13
C VAL A 66 -5.60 10.22 8.19
N GLU A 67 -4.91 10.95 9.04
CA GLU A 67 -5.56 11.73 10.08
C GLU A 67 -6.21 12.99 9.52
N ASN A 68 -5.72 13.48 8.39
CA ASN A 68 -6.30 14.68 7.77
C ASN A 68 -7.58 14.31 7.00
N ALA A 69 -7.68 13.04 6.66
CA ALA A 69 -8.80 12.52 5.92
C ALA A 69 -9.99 12.33 6.83
N LYS A 70 -11.17 12.51 6.29
CA LYS A 70 -12.36 12.32 7.08
C LYS A 70 -12.81 10.89 6.95
N LYS A 71 -12.84 10.43 5.72
CA LYS A 71 -13.26 9.08 5.41
C LYS A 71 -12.06 8.32 4.95
N ILE A 72 -11.94 7.12 5.37
CA ILE A 72 -10.89 6.30 4.93
C ILE A 72 -11.50 5.21 4.09
N GLU A 73 -10.91 4.94 2.97
CA GLU A 73 -11.45 3.96 2.08
C GLU A 73 -10.49 2.80 2.06
N VAL A 74 -11.01 1.61 2.18
CA VAL A 74 -10.20 0.42 2.09
C VAL A 74 -10.67 -0.38 0.88
N GLU A 75 -9.79 -0.58 -0.07
CA GLU A 75 -10.17 -1.23 -1.31
C GLU A 75 -9.45 -2.56 -1.53
N PHE A 76 -10.24 -3.53 -1.97
CA PHE A 76 -9.83 -4.91 -2.18
C PHE A 76 -9.74 -5.22 -3.68
N ASP A 77 -8.72 -5.99 -4.04
CA ASP A 77 -8.45 -6.40 -5.42
C ASP A 77 -8.40 -7.94 -5.43
N LYS A 78 -8.16 -8.54 -6.60
CA LYS A 78 -8.11 -9.96 -6.78
C LYS A 78 -6.84 -10.59 -6.21
N GLY A 79 -6.81 -10.57 -4.93
CA GLY A 79 -5.79 -11.20 -4.15
C GLY A 79 -6.34 -11.62 -2.84
N GLN A 80 -5.49 -11.90 -1.91
CA GLN A 80 -5.90 -12.26 -0.58
C GLN A 80 -5.99 -11.00 0.23
N ARG A 81 -6.98 -10.91 1.10
CA ARG A 81 -7.16 -9.70 1.86
C ARG A 81 -6.61 -9.87 3.28
N THR A 82 -6.28 -11.06 3.63
CA THR A 82 -5.72 -11.33 4.92
C THR A 82 -4.49 -12.21 4.78
N ASP A 83 -3.49 -11.94 5.59
CA ASP A 83 -2.28 -12.74 5.55
C ASP A 83 -2.19 -13.62 6.80
N LYS A 84 -1.08 -14.32 6.96
CA LYS A 84 -0.89 -15.23 8.07
C LYS A 84 -0.55 -14.49 9.37
N TYR A 85 0.06 -13.31 9.27
CA TYR A 85 0.42 -12.53 10.45
C TYR A 85 -0.85 -11.88 11.03
N GLY A 86 -1.82 -11.65 10.18
CA GLY A 86 -3.10 -11.19 10.61
C GLY A 86 -3.31 -9.75 10.31
N ARG A 87 -2.89 -9.33 9.15
CA ARG A 87 -3.10 -7.98 8.72
C ARG A 87 -3.96 -7.96 7.48
N GLY A 88 -4.70 -6.89 7.34
CA GLY A 88 -5.55 -6.73 6.21
C GLY A 88 -4.79 -6.18 5.04
N LEU A 89 -4.69 -6.96 4.02
CA LEU A 89 -4.00 -6.59 2.82
C LEU A 89 -4.97 -5.84 1.93
N ALA A 90 -4.86 -4.54 1.90
CA ALA A 90 -5.77 -3.73 1.15
C ALA A 90 -5.14 -2.40 0.84
N TYR A 91 -5.75 -1.67 -0.04
CA TYR A 91 -5.32 -0.34 -0.37
C TYR A 91 -6.00 0.65 0.51
N ILE A 92 -5.22 1.50 1.14
CA ILE A 92 -5.78 2.53 1.98
C ILE A 92 -5.82 3.84 1.21
N TYR A 93 -7.00 4.40 1.10
CA TYR A 93 -7.15 5.69 0.51
C TYR A 93 -7.64 6.62 1.58
N ALA A 94 -7.08 7.77 1.64
CA ALA A 94 -7.42 8.72 2.63
C ALA A 94 -8.26 9.79 1.98
N ASP A 95 -9.54 9.80 2.32
CA ASP A 95 -10.56 10.71 1.77
C ASP A 95 -10.47 10.80 0.24
N GLY A 96 -10.24 9.65 -0.38
CA GLY A 96 -10.20 9.59 -1.82
C GLY A 96 -8.80 9.68 -2.40
N LYS A 97 -7.84 10.09 -1.59
CA LYS A 97 -6.47 10.24 -2.03
C LYS A 97 -5.73 8.94 -1.76
N MET A 98 -4.88 8.54 -2.65
CA MET A 98 -4.19 7.29 -2.51
C MET A 98 -2.94 7.43 -1.66
N VAL A 99 -3.00 6.96 -0.41
CA VAL A 99 -1.86 7.06 0.51
C VAL A 99 -0.74 6.19 -0.02
N ASN A 100 -1.14 5.01 -0.42
CA ASN A 100 -0.27 3.96 -0.96
C ASN A 100 0.52 4.48 -2.17
N GLU A 101 -0.17 5.20 -3.04
CA GLU A 101 0.42 5.77 -4.22
C GLU A 101 1.41 6.84 -3.83
N ALA A 102 0.96 7.76 -2.99
CA ALA A 102 1.73 8.90 -2.54
C ALA A 102 3.04 8.47 -1.90
N LEU A 103 2.99 7.47 -1.04
CA LEU A 103 4.19 6.94 -0.37
C LEU A 103 5.27 6.55 -1.37
N VAL A 104 4.90 5.73 -2.32
CA VAL A 104 5.86 5.25 -3.30
C VAL A 104 6.27 6.39 -4.26
N ARG A 105 5.31 7.24 -4.61
CA ARG A 105 5.53 8.36 -5.52
C ARG A 105 6.40 9.47 -4.90
N GLN A 106 6.46 9.51 -3.58
CA GLN A 106 7.32 10.45 -2.87
C GLN A 106 8.64 9.79 -2.48
N GLY A 107 8.82 8.55 -2.92
CA GLY A 107 10.05 7.82 -2.65
C GLY A 107 10.22 7.48 -1.19
N LEU A 108 9.12 7.32 -0.50
CA LEU A 108 9.12 7.00 0.91
C LEU A 108 9.00 5.50 1.12
N ALA A 109 8.63 4.83 0.07
CA ALA A 109 8.48 3.41 0.08
C ALA A 109 8.80 2.90 -1.31
N LYS A 110 9.06 1.62 -1.43
CA LYS A 110 9.38 1.03 -2.70
C LYS A 110 8.18 0.23 -3.14
N VAL A 111 8.23 -0.24 -4.34
CA VAL A 111 7.18 -1.06 -4.84
C VAL A 111 7.54 -2.52 -4.61
N ALA A 112 6.61 -3.27 -4.12
CA ALA A 112 6.79 -4.68 -3.97
C ALA A 112 6.13 -5.33 -5.15
N TYR A 113 6.86 -6.08 -5.92
CA TYR A 113 6.30 -6.69 -7.09
C TYR A 113 5.79 -8.06 -6.70
N VAL A 114 4.52 -8.14 -6.45
CA VAL A 114 3.91 -9.35 -5.96
C VAL A 114 2.73 -9.72 -6.84
N TYR A 115 2.51 -10.99 -7.06
CA TYR A 115 1.35 -11.47 -7.77
C TYR A 115 0.33 -11.89 -6.72
N LYS A 116 0.74 -12.86 -5.93
CA LYS A 116 0.06 -13.28 -4.75
C LYS A 116 1.11 -13.46 -3.68
N PRO A 117 0.87 -13.03 -2.44
CA PRO A 117 1.88 -13.08 -1.40
C PRO A 117 2.09 -14.49 -0.84
N ASN A 118 2.79 -14.57 0.26
CA ASN A 118 3.13 -15.82 0.90
C ASN A 118 1.87 -16.56 1.36
N ASN A 119 0.93 -15.80 1.94
CA ASN A 119 -0.37 -16.28 2.43
C ASN A 119 -0.22 -17.12 3.68
N THR A 120 0.51 -18.17 3.56
CA THR A 120 0.83 -19.12 4.61
C THR A 120 1.95 -20.02 4.11
N HIS A 121 1.70 -20.70 3.01
CA HIS A 121 2.65 -21.60 2.40
C HIS A 121 2.19 -21.88 0.97
N GLY B 1 -13.56 -13.58 -3.69
CA GLY B 1 -13.01 -14.90 -4.01
C GLY B 1 -11.67 -15.15 -3.37
N SER B 2 -11.36 -14.42 -2.29
CA SER B 2 -10.11 -14.59 -1.61
C SER B 2 -10.19 -15.79 -0.65
N VAL B 3 -9.98 -16.95 -1.19
CA VAL B 3 -10.04 -18.17 -0.44
C VAL B 3 -9.21 -19.23 -1.13
N ALA B 4 -8.39 -19.94 -0.35
CA ALA B 4 -7.52 -21.03 -0.80
C ALA B 4 -6.40 -20.54 -1.69
N TYR B 5 -6.73 -20.16 -2.89
CA TYR B 5 -5.79 -19.68 -3.85
C TYR B 5 -6.52 -18.88 -4.91
N VAL B 6 -6.02 -17.71 -5.21
CA VAL B 6 -6.56 -16.93 -6.29
C VAL B 6 -5.70 -17.14 -7.52
N TYR B 7 -6.32 -17.21 -8.66
CA TYR B 7 -5.63 -17.56 -9.87
C TYR B 7 -4.85 -16.37 -10.42
N LYS B 8 -5.52 -15.26 -10.56
CA LYS B 8 -4.92 -14.07 -11.14
C LYS B 8 -4.13 -13.31 -10.08
N PRO B 9 -3.17 -12.46 -10.52
CA PRO B 9 -2.39 -11.64 -9.61
C PRO B 9 -3.19 -10.45 -9.08
N ASN B 10 -2.81 -9.96 -7.93
CA ASN B 10 -3.42 -8.77 -7.35
C ASN B 10 -2.67 -7.57 -7.92
N ASN B 11 -2.95 -7.28 -9.16
CA ASN B 11 -2.19 -6.27 -9.86
C ASN B 11 -3.10 -5.37 -10.71
N THR B 12 -4.34 -5.21 -10.33
CA THR B 12 -5.29 -4.37 -11.07
C THR B 12 -5.09 -2.86 -10.70
N HIS B 13 -3.88 -2.57 -10.31
CA HIS B 13 -3.40 -1.29 -9.82
C HIS B 13 -1.87 -1.28 -9.91
N GLU B 14 -1.35 -2.15 -10.75
CA GLU B 14 0.08 -2.39 -10.86
C GLU B 14 0.74 -1.17 -11.43
N GLN B 15 0.17 -0.67 -12.51
CA GLN B 15 0.68 0.48 -13.22
C GLN B 15 0.73 1.73 -12.37
N LEU B 16 -0.22 1.87 -11.45
CA LEU B 16 -0.23 3.02 -10.53
C LEU B 16 1.06 3.02 -9.71
N LEU B 17 1.39 1.88 -9.18
CA LEU B 17 2.61 1.71 -8.40
C LEU B 17 3.85 1.84 -9.28
N ARG B 18 3.78 1.26 -10.47
CA ARG B 18 4.91 1.30 -11.41
C ARG B 18 5.19 2.73 -11.87
N LYS B 19 4.16 3.53 -12.03
CA LYS B 19 4.31 4.93 -12.36
C LYS B 19 4.90 5.71 -11.21
N SER B 20 4.42 5.42 -10.02
CA SER B 20 4.88 6.06 -8.82
C SER B 20 6.36 5.78 -8.59
N GLU B 21 6.74 4.53 -8.74
CA GLU B 21 8.12 4.13 -8.60
C GLU B 21 9.01 4.67 -9.70
N ALA B 22 8.53 4.63 -10.93
CA ALA B 22 9.30 5.13 -12.06
C ALA B 22 9.60 6.61 -11.89
N GLN B 23 8.59 7.35 -11.49
CA GLN B 23 8.74 8.77 -11.28
C GLN B 23 9.66 9.07 -10.12
N ALA B 24 9.44 8.39 -8.99
CA ALA B 24 10.22 8.63 -7.79
C ALA B 24 11.69 8.28 -7.99
N LYS B 25 11.94 7.21 -8.74
CA LYS B 25 13.31 6.83 -9.08
C LYS B 25 14.00 7.91 -9.87
N LYS B 26 13.31 8.42 -10.89
CA LYS B 26 13.89 9.42 -11.80
C LYS B 26 14.08 10.76 -11.13
N GLU B 27 13.23 11.06 -10.19
CA GLU B 27 13.32 12.32 -9.45
C GLU B 27 14.36 12.21 -8.34
N LYS B 28 14.73 10.96 -8.00
CA LYS B 28 15.64 10.64 -6.88
C LYS B 28 15.00 11.15 -5.61
N LEU B 29 13.89 10.58 -5.26
CA LEU B 29 13.21 10.98 -4.06
C LEU B 29 13.49 10.06 -2.88
N ASN B 30 13.99 10.66 -1.81
CA ASN B 30 14.24 10.04 -0.50
C ASN B 30 15.01 8.72 -0.55
N ILE B 31 14.32 7.61 -0.69
CA ILE B 31 14.96 6.31 -0.76
C ILE B 31 15.79 6.21 -2.04
N TRP B 32 15.27 6.77 -3.09
CA TRP B 32 15.88 6.67 -4.38
C TRP B 32 17.07 7.60 -4.51
N SER B 33 17.14 8.62 -3.68
CA SER B 33 18.21 9.54 -3.74
C SER B 33 19.36 9.13 -2.81
N GLU B 34 19.39 7.83 -2.46
CA GLU B 34 20.52 7.26 -1.74
C GLU B 34 21.74 7.35 -2.66
N ASP B 35 21.43 7.23 -3.92
CA ASP B 35 22.34 7.27 -5.00
C ASP B 35 22.57 8.70 -5.36
N ALA A 1 -4.91 4.60 -21.96
CA ALA A 1 -4.17 4.25 -20.76
C ALA A 1 -4.63 2.89 -20.27
N THR A 2 -5.87 2.81 -19.81
CA THR A 2 -6.45 1.59 -19.33
C THR A 2 -7.86 1.92 -18.88
N SER A 3 -8.71 0.94 -18.83
CA SER A 3 -10.00 1.12 -18.28
C SER A 3 -9.84 1.07 -16.77
N THR A 4 -10.38 2.03 -16.09
CA THR A 4 -10.17 2.10 -14.68
C THR A 4 -10.99 1.02 -13.97
N LYS A 5 -10.35 0.32 -13.07
CA LYS A 5 -10.99 -0.71 -12.32
C LYS A 5 -11.62 -0.04 -11.12
N LYS A 6 -12.93 -0.03 -11.08
CA LYS A 6 -13.69 0.63 -10.04
C LYS A 6 -13.41 -0.03 -8.70
N LEU A 7 -13.44 -1.37 -8.71
CA LEU A 7 -13.18 -2.21 -7.54
C LEU A 7 -14.18 -1.91 -6.42
N HIS A 8 -13.94 -2.42 -5.25
CA HIS A 8 -14.88 -2.23 -4.17
C HIS A 8 -14.26 -1.59 -2.96
N LYS A 9 -14.61 -0.35 -2.73
CA LYS A 9 -14.18 0.37 -1.56
C LYS A 9 -15.25 0.31 -0.50
N GLU A 10 -14.83 0.25 0.72
CA GLU A 10 -15.70 0.31 1.84
C GLU A 10 -15.05 1.19 2.92
N PRO A 11 -15.85 1.89 3.74
CA PRO A 11 -15.32 2.80 4.75
C PRO A 11 -14.79 2.08 5.99
N ALA A 12 -13.70 2.58 6.50
CA ALA A 12 -13.07 2.06 7.67
C ALA A 12 -12.74 3.20 8.61
N THR A 13 -12.64 2.89 9.87
CA THR A 13 -12.33 3.86 10.87
C THR A 13 -10.84 3.76 11.21
N LEU A 14 -10.12 4.85 11.06
CA LEU A 14 -8.72 4.91 11.43
C LEU A 14 -8.59 4.76 12.93
N ILE A 15 -7.92 3.74 13.36
CA ILE A 15 -7.69 3.51 14.74
C ILE A 15 -6.41 4.19 15.14
N LYS A 16 -5.34 3.84 14.46
CA LYS A 16 -4.05 4.43 14.69
C LYS A 16 -3.15 4.09 13.55
N ALA A 17 -2.18 4.91 13.31
CA ALA A 17 -1.20 4.66 12.30
C ALA A 17 0.11 4.40 13.01
N ILE A 18 0.71 3.25 12.76
CA ILE A 18 1.91 2.89 13.49
C ILE A 18 3.13 3.38 12.72
N ASP A 19 3.32 2.84 11.54
CA ASP A 19 4.45 3.21 10.70
C ASP A 19 3.93 3.52 9.30
N GLY A 20 4.83 3.75 8.38
CA GLY A 20 4.44 4.07 7.02
C GLY A 20 4.26 2.82 6.19
N ASP A 21 3.41 1.95 6.69
CA ASP A 21 3.13 0.66 6.06
C ASP A 21 2.07 -0.05 6.87
N THR A 22 2.15 0.12 8.17
CA THR A 22 1.26 -0.50 9.09
C THR A 22 0.36 0.52 9.76
N VAL A 23 -0.89 0.42 9.43
CA VAL A 23 -1.93 1.28 9.95
C VAL A 23 -3.08 0.41 10.42
N LYS A 24 -3.73 0.77 11.50
CA LYS A 24 -4.79 -0.03 12.04
C LYS A 24 -6.13 0.58 11.71
N LEU A 25 -6.94 -0.14 10.97
CA LEU A 25 -8.24 0.33 10.56
C LEU A 25 -9.32 -0.61 11.06
N MET A 26 -10.44 -0.05 11.38
CA MET A 26 -11.61 -0.82 11.76
C MET A 26 -12.63 -0.76 10.64
N TYR A 27 -12.82 -1.85 9.95
CA TYR A 27 -13.75 -1.86 8.84
C TYR A 27 -14.86 -2.79 9.21
N LYS A 28 -16.11 -2.34 9.04
CA LYS A 28 -17.34 -3.06 9.45
C LYS A 28 -17.22 -3.73 10.83
N GLY A 29 -16.50 -3.06 11.73
CA GLY A 29 -16.34 -3.53 13.08
C GLY A 29 -15.06 -4.33 13.32
N GLN A 30 -14.26 -4.54 12.30
CA GLN A 30 -13.00 -5.29 12.45
C GLN A 30 -11.81 -4.35 12.57
N PRO A 31 -11.23 -4.18 13.77
CA PRO A 31 -10.01 -3.40 13.93
C PRO A 31 -8.80 -4.27 13.61
N MET A 32 -8.22 -4.06 12.46
CA MET A 32 -7.11 -4.86 12.01
C MET A 32 -5.97 -3.99 11.59
N THR A 33 -4.78 -4.43 11.87
CA THR A 33 -3.62 -3.74 11.42
C THR A 33 -3.37 -4.12 9.96
N PHE A 34 -3.46 -3.16 9.11
CA PHE A 34 -3.32 -3.31 7.70
C PHE A 34 -1.92 -2.95 7.24
N ARG A 35 -1.55 -3.53 6.15
CA ARG A 35 -0.34 -3.25 5.47
C ARG A 35 -0.78 -2.83 4.09
N LEU A 36 -0.40 -1.66 3.69
CA LEU A 36 -0.83 -1.13 2.40
C LEU A 36 -0.34 -2.00 1.25
N LEU A 37 -1.28 -2.42 0.42
CA LEU A 37 -0.96 -3.18 -0.78
C LEU A 37 -0.01 -2.40 -1.66
N LEU A 38 1.01 -3.08 -2.14
CA LEU A 38 2.05 -2.55 -3.02
C LEU A 38 2.98 -1.58 -2.32
N VAL A 39 2.96 -1.60 -1.02
CA VAL A 39 3.84 -0.76 -0.23
C VAL A 39 4.71 -1.65 0.61
N ASP A 40 5.99 -1.43 0.53
CA ASP A 40 6.91 -2.18 1.32
C ASP A 40 7.96 -1.28 1.90
N THR A 41 8.16 -1.40 3.19
CA THR A 41 9.20 -0.69 3.86
C THR A 41 10.50 -1.48 3.65
N PRO A 42 11.53 -0.86 3.06
CA PRO A 42 12.79 -1.53 2.79
C PRO A 42 13.57 -1.84 4.05
N GLU A 43 13.44 -3.07 4.52
CA GLU A 43 14.16 -3.54 5.68
C GLU A 43 15.65 -3.51 5.40
N THR A 44 16.36 -2.80 6.22
CA THR A 44 17.78 -2.75 6.11
C THR A 44 18.37 -3.66 7.20
N LYS A 45 19.62 -4.07 7.01
CA LYS A 45 20.30 -5.05 7.85
C LYS A 45 20.23 -4.78 9.37
N HIS A 46 20.23 -3.54 9.79
CA HIS A 46 20.16 -3.25 11.23
C HIS A 46 18.76 -2.77 11.70
N PRO A 47 18.20 -1.64 11.16
CA PRO A 47 16.93 -1.08 11.67
C PRO A 47 15.68 -1.87 11.27
N LYS A 48 14.72 -1.93 12.18
CA LYS A 48 13.45 -2.60 11.95
C LYS A 48 12.38 -1.62 11.50
N LYS A 49 12.76 -0.36 11.35
CA LYS A 49 11.86 0.65 10.81
C LYS A 49 12.18 0.82 9.33
N GLY A 50 12.92 -0.13 8.82
CA GLY A 50 13.32 -0.11 7.46
C GLY A 50 14.60 0.65 7.30
N VAL A 51 14.49 1.93 7.42
CA VAL A 51 15.59 2.84 7.31
C VAL A 51 15.39 3.95 8.35
N GLU A 52 16.41 4.20 9.14
CA GLU A 52 16.30 5.10 10.30
C GLU A 52 16.04 6.54 9.89
N LYS A 53 16.61 6.95 8.78
CA LYS A 53 16.44 8.32 8.33
C LYS A 53 15.09 8.59 7.69
N TYR A 54 14.66 7.72 6.82
CA TYR A 54 13.45 7.99 6.05
C TYR A 54 12.21 7.35 6.67
N GLY A 55 12.39 6.33 7.49
CA GLY A 55 11.27 5.62 8.13
C GLY A 55 10.33 6.55 8.91
N PRO A 56 10.84 7.32 9.91
CA PRO A 56 10.01 8.28 10.68
C PRO A 56 9.35 9.34 9.79
N GLU A 57 9.91 9.58 8.62
CA GLU A 57 9.33 10.54 7.70
C GLU A 57 8.21 9.90 6.90
N ALA A 58 8.41 8.65 6.55
CA ALA A 58 7.42 7.85 5.85
C ALA A 58 6.18 7.70 6.70
N SER A 59 6.40 7.35 7.97
CA SER A 59 5.30 7.18 8.89
C SER A 59 4.55 8.49 9.09
N ALA A 60 5.27 9.58 9.27
CA ALA A 60 4.69 10.90 9.48
C ALA A 60 3.75 11.29 8.33
N PHE A 61 4.22 11.12 7.12
CA PHE A 61 3.43 11.46 5.94
C PHE A 61 2.17 10.58 5.86
N THR A 62 2.34 9.30 6.17
CA THR A 62 1.26 8.34 6.16
C THR A 62 0.19 8.75 7.19
N LYS A 63 0.65 9.13 8.37
CA LYS A 63 -0.22 9.54 9.46
C LYS A 63 -1.09 10.72 9.09
N LYS A 64 -0.47 11.79 8.61
CA LYS A 64 -1.23 12.97 8.21
C LYS A 64 -2.18 12.67 7.06
N MET A 65 -1.79 11.77 6.16
CA MET A 65 -2.63 11.43 5.04
C MET A 65 -3.92 10.74 5.50
N VAL A 66 -3.80 9.82 6.42
CA VAL A 66 -4.97 9.13 6.94
C VAL A 66 -5.79 10.01 7.90
N GLU A 67 -5.12 10.98 8.53
CA GLU A 67 -5.82 11.96 9.37
C GLU A 67 -6.63 12.91 8.50
N ASN A 68 -6.13 13.15 7.30
CA ASN A 68 -6.73 14.08 6.34
C ASN A 68 -7.93 13.43 5.62
N ALA A 69 -8.09 12.14 5.82
CA ALA A 69 -9.16 11.40 5.20
C ALA A 69 -10.52 11.82 5.73
N LYS A 70 -11.44 12.14 4.83
CA LYS A 70 -12.82 12.39 5.22
C LYS A 70 -13.36 11.06 5.67
N LYS A 71 -13.10 10.08 4.83
CA LYS A 71 -13.52 8.74 5.00
C LYS A 71 -12.30 7.92 4.72
N ILE A 72 -12.02 6.97 5.54
CA ILE A 72 -10.90 6.14 5.30
C ILE A 72 -11.43 4.97 4.51
N GLU A 73 -10.94 4.78 3.33
CA GLU A 73 -11.51 3.81 2.44
C GLU A 73 -10.55 2.66 2.23
N VAL A 74 -11.06 1.46 2.33
CA VAL A 74 -10.29 0.27 2.04
C VAL A 74 -10.82 -0.37 0.76
N GLU A 75 -9.94 -0.59 -0.18
CA GLU A 75 -10.33 -1.16 -1.44
C GLU A 75 -9.70 -2.54 -1.59
N PHE A 76 -10.50 -3.50 -1.97
CA PHE A 76 -10.04 -4.84 -2.17
C PHE A 76 -9.89 -5.12 -3.65
N ASP A 77 -8.69 -5.50 -4.02
CA ASP A 77 -8.35 -5.84 -5.38
C ASP A 77 -8.48 -7.37 -5.55
N LYS A 78 -8.08 -7.89 -6.68
CA LYS A 78 -8.25 -9.29 -7.07
C LYS A 78 -7.15 -10.17 -6.44
N GLY A 79 -6.48 -9.64 -5.44
CA GLY A 79 -5.40 -10.34 -4.79
C GLY A 79 -5.79 -10.84 -3.42
N GLN A 80 -5.05 -10.41 -2.42
CA GLN A 80 -5.25 -10.86 -1.06
C GLN A 80 -5.79 -9.74 -0.21
N ARG A 81 -6.58 -10.09 0.78
CA ARG A 81 -7.11 -9.12 1.71
C ARG A 81 -6.45 -9.32 3.08
N THR A 82 -5.68 -10.39 3.20
CA THR A 82 -5.00 -10.70 4.44
C THR A 82 -3.69 -11.42 4.15
N ASP A 83 -2.74 -11.26 5.03
CA ASP A 83 -1.47 -11.93 4.93
C ASP A 83 -1.41 -12.99 6.02
N LYS A 84 -0.64 -14.02 5.76
CA LYS A 84 -0.52 -15.17 6.65
C LYS A 84 0.20 -14.79 7.96
N TYR A 85 0.87 -13.65 7.97
CA TYR A 85 1.53 -13.13 9.16
C TYR A 85 0.48 -12.58 10.15
N GLY A 86 -0.76 -12.47 9.69
CA GLY A 86 -1.81 -11.94 10.52
C GLY A 86 -1.91 -10.46 10.36
N ARG A 87 -1.82 -10.05 9.13
CA ARG A 87 -1.84 -8.67 8.77
C ARG A 87 -2.93 -8.48 7.74
N GLY A 88 -3.63 -7.37 7.81
CA GLY A 88 -4.64 -7.11 6.81
C GLY A 88 -4.00 -6.51 5.59
N LEU A 89 -4.51 -6.81 4.44
CA LEU A 89 -4.00 -6.28 3.20
C LEU A 89 -5.11 -5.63 2.43
N ALA A 90 -4.96 -4.37 2.16
CA ALA A 90 -5.95 -3.63 1.42
C ALA A 90 -5.28 -2.45 0.79
N TYR A 91 -5.90 -1.90 -0.21
CA TYR A 91 -5.39 -0.71 -0.78
C TYR A 91 -6.08 0.41 -0.04
N ILE A 92 -5.30 1.29 0.54
CA ILE A 92 -5.84 2.31 1.41
C ILE A 92 -5.98 3.63 0.68
N TYR A 93 -7.14 4.23 0.79
CA TYR A 93 -7.38 5.53 0.25
C TYR A 93 -7.81 6.44 1.35
N ALA A 94 -7.46 7.68 1.23
CA ALA A 94 -7.97 8.65 2.13
C ALA A 94 -8.99 9.42 1.35
N ASP A 95 -10.26 9.07 1.54
CA ASP A 95 -11.43 9.64 0.81
C ASP A 95 -11.20 9.72 -0.72
N GLY A 96 -10.43 8.79 -1.25
CA GLY A 96 -10.16 8.75 -2.67
C GLY A 96 -8.74 9.19 -3.03
N LYS A 97 -7.98 9.65 -2.07
CA LYS A 97 -6.59 9.96 -2.30
C LYS A 97 -5.81 8.66 -2.18
N MET A 98 -5.04 8.30 -3.19
CA MET A 98 -4.23 7.10 -3.14
C MET A 98 -3.13 7.24 -2.11
N VAL A 99 -3.30 6.63 -0.94
CA VAL A 99 -2.29 6.72 0.12
C VAL A 99 -1.03 6.00 -0.34
N ASN A 100 -1.22 4.88 -1.03
CA ASN A 100 -0.11 4.10 -1.61
C ASN A 100 0.70 4.97 -2.55
N GLU A 101 0.01 5.61 -3.49
CA GLU A 101 0.70 6.36 -4.49
C GLU A 101 1.34 7.60 -3.91
N ALA A 102 0.68 8.19 -2.92
CA ALA A 102 1.23 9.35 -2.24
C ALA A 102 2.58 9.02 -1.62
N LEU A 103 2.67 7.86 -1.00
CA LEU A 103 3.92 7.37 -0.42
C LEU A 103 4.94 7.12 -1.51
N VAL A 104 4.50 6.51 -2.59
CA VAL A 104 5.37 6.20 -3.72
C VAL A 104 5.89 7.49 -4.40
N ARG A 105 5.01 8.47 -4.56
CA ARG A 105 5.35 9.75 -5.21
C ARG A 105 6.28 10.59 -4.35
N GLN A 106 6.37 10.25 -3.08
CA GLN A 106 7.29 10.92 -2.18
C GLN A 106 8.49 10.02 -1.87
N GLY A 107 8.50 8.85 -2.50
CA GLY A 107 9.58 7.88 -2.30
C GLY A 107 9.70 7.45 -0.86
N LEU A 108 8.59 7.17 -0.24
CA LEU A 108 8.58 6.80 1.17
C LEU A 108 8.31 5.32 1.36
N ALA A 109 8.35 4.58 0.28
CA ALA A 109 8.15 3.15 0.29
C ALA A 109 8.62 2.59 -1.03
N LYS A 110 8.69 1.28 -1.12
CA LYS A 110 9.02 0.63 -2.36
C LYS A 110 7.82 -0.17 -2.72
N VAL A 111 7.55 -0.33 -3.98
CA VAL A 111 6.41 -1.08 -4.39
C VAL A 111 6.66 -2.56 -4.18
N ALA A 112 5.69 -3.24 -3.60
CA ALA A 112 5.82 -4.67 -3.36
C ALA A 112 5.37 -5.42 -4.60
N TYR A 113 5.88 -6.63 -4.77
CA TYR A 113 5.67 -7.39 -5.97
C TYR A 113 4.25 -7.93 -6.12
N VAL A 114 3.78 -7.85 -7.34
CA VAL A 114 2.45 -8.24 -7.76
C VAL A 114 2.47 -9.72 -8.15
N TYR A 115 1.33 -10.40 -8.01
CA TYR A 115 1.24 -11.79 -8.40
C TYR A 115 0.93 -11.83 -9.90
N LYS A 116 1.93 -11.50 -10.66
CA LYS A 116 1.84 -11.39 -12.09
C LYS A 116 2.54 -12.59 -12.72
N PRO A 117 2.03 -13.10 -13.81
CA PRO A 117 2.68 -14.19 -14.51
C PRO A 117 3.70 -13.63 -15.51
N ASN A 118 4.15 -14.44 -16.42
CA ASN A 118 5.15 -14.04 -17.41
C ASN A 118 4.49 -13.41 -18.63
N ASN A 119 3.25 -13.78 -18.88
CA ASN A 119 2.51 -13.35 -20.02
C ASN A 119 1.06 -13.26 -19.66
N THR A 120 0.60 -12.07 -19.51
CA THR A 120 -0.82 -11.79 -19.35
C THR A 120 -1.16 -10.50 -20.12
N HIS A 121 -0.25 -10.11 -20.95
CA HIS A 121 -0.37 -8.92 -21.75
C HIS A 121 0.18 -9.22 -23.11
N GLY B 1 -10.07 -33.03 -10.78
CA GLY B 1 -8.61 -33.07 -10.72
C GLY B 1 -8.08 -31.88 -9.97
N SER B 2 -6.77 -31.75 -9.89
CA SER B 2 -6.15 -30.67 -9.16
C SER B 2 -6.14 -29.37 -9.98
N VAL B 3 -6.31 -29.47 -11.28
CA VAL B 3 -6.29 -28.33 -12.13
C VAL B 3 -7.59 -27.55 -12.10
N ALA B 4 -7.44 -26.28 -11.87
CA ALA B 4 -8.50 -25.32 -11.92
C ALA B 4 -7.87 -24.03 -12.32
N TYR B 5 -7.69 -23.86 -13.60
CA TYR B 5 -6.99 -22.72 -14.11
C TYR B 5 -7.87 -21.49 -14.13
N VAL B 6 -7.95 -20.89 -13.01
CA VAL B 6 -8.58 -19.63 -12.82
C VAL B 6 -7.55 -18.69 -12.29
N TYR B 7 -6.82 -18.12 -13.18
CA TYR B 7 -5.74 -17.30 -12.80
C TYR B 7 -6.16 -15.85 -12.86
N LYS B 8 -6.56 -15.35 -11.73
CA LYS B 8 -6.89 -13.95 -11.60
C LYS B 8 -5.69 -13.22 -11.00
N PRO B 9 -4.90 -12.51 -11.83
CA PRO B 9 -3.80 -11.72 -11.33
C PRO B 9 -4.34 -10.46 -10.67
N ASN B 10 -3.65 -10.00 -9.64
CA ASN B 10 -4.08 -8.80 -8.96
C ASN B 10 -3.63 -7.61 -9.78
N ASN B 11 -4.43 -6.59 -9.76
CA ASN B 11 -4.11 -5.40 -10.50
C ASN B 11 -3.46 -4.44 -9.58
N THR B 12 -4.17 -4.11 -8.52
CA THR B 12 -3.75 -3.20 -7.46
C THR B 12 -3.34 -1.83 -7.96
N HIS B 13 -3.76 -1.52 -9.21
CA HIS B 13 -3.47 -0.25 -9.91
C HIS B 13 -1.98 -0.17 -10.22
N GLU B 14 -1.35 -1.37 -10.31
CA GLU B 14 0.09 -1.59 -10.50
C GLU B 14 0.76 -0.59 -11.42
N GLN B 15 0.35 -0.59 -12.65
CA GLN B 15 1.02 0.16 -13.70
C GLN B 15 1.00 1.67 -13.49
N LEU B 16 -0.05 2.17 -12.88
CA LEU B 16 -0.13 3.60 -12.56
C LEU B 16 0.84 3.91 -11.44
N LEU B 17 0.79 3.07 -10.44
CA LEU B 17 1.58 3.23 -9.25
C LEU B 17 3.05 3.03 -9.51
N ARG B 18 3.35 2.04 -10.33
CA ARG B 18 4.72 1.73 -10.66
C ARG B 18 5.29 2.74 -11.63
N LYS B 19 4.41 3.45 -12.33
CA LYS B 19 4.87 4.52 -13.18
C LYS B 19 5.31 5.67 -12.30
N SER B 20 4.55 5.89 -11.24
CA SER B 20 4.90 6.85 -10.24
C SER B 20 6.19 6.41 -9.51
N GLU B 21 6.33 5.10 -9.31
CA GLU B 21 7.53 4.50 -8.73
C GLU B 21 8.71 4.78 -9.62
N ALA B 22 8.59 4.42 -10.89
CA ALA B 22 9.65 4.60 -11.87
C ALA B 22 10.09 6.05 -11.95
N GLN B 23 9.14 6.95 -11.79
CA GLN B 23 9.43 8.36 -11.77
C GLN B 23 10.17 8.72 -10.47
N ALA B 24 9.66 8.25 -9.35
CA ALA B 24 10.24 8.57 -8.04
C ALA B 24 11.64 7.97 -7.90
N LYS B 25 11.84 6.79 -8.48
CA LYS B 25 13.14 6.12 -8.49
C LYS B 25 14.15 7.00 -9.19
N LYS B 26 13.74 7.52 -10.35
CA LYS B 26 14.56 8.35 -11.23
C LYS B 26 14.96 9.62 -10.52
N GLU B 27 14.06 10.10 -9.72
CA GLU B 27 14.20 11.36 -9.05
C GLU B 27 14.89 11.22 -7.71
N LYS B 28 15.14 9.98 -7.30
CA LYS B 28 15.77 9.66 -6.03
C LYS B 28 15.03 10.32 -4.88
N LEU B 29 13.75 10.06 -4.82
CA LEU B 29 12.93 10.63 -3.80
C LEU B 29 13.02 9.81 -2.52
N ASN B 30 13.56 10.45 -1.49
CA ASN B 30 13.70 9.91 -0.13
C ASN B 30 14.33 8.53 -0.04
N ILE B 31 13.51 7.50 -0.03
CA ILE B 31 14.00 6.13 0.07
C ILE B 31 14.82 5.74 -1.13
N TRP B 32 14.43 6.24 -2.29
CA TRP B 32 15.14 5.91 -3.52
C TRP B 32 16.52 6.53 -3.50
N SER B 33 16.67 7.58 -2.70
CA SER B 33 17.91 8.31 -2.54
C SER B 33 18.75 7.60 -1.45
N GLU B 34 18.76 6.27 -1.53
CA GLU B 34 19.61 5.44 -0.70
C GLU B 34 21.03 5.54 -1.21
N ASP B 35 21.14 5.92 -2.47
CA ASP B 35 22.38 6.19 -3.13
C ASP B 35 22.06 6.90 -4.41
N ALA A 1 -22.48 -9.26 -3.05
CA ALA A 1 -21.68 -10.20 -2.26
C ALA A 1 -20.66 -10.89 -3.15
N THR A 2 -19.87 -11.80 -2.56
CA THR A 2 -18.87 -12.67 -3.22
C THR A 2 -17.72 -11.94 -3.96
N SER A 3 -17.72 -10.61 -3.92
CA SER A 3 -16.74 -9.76 -4.58
C SER A 3 -16.45 -10.15 -6.02
N THR A 4 -17.43 -9.96 -6.84
CA THR A 4 -17.29 -10.20 -8.24
C THR A 4 -17.31 -8.84 -8.95
N LYS A 5 -17.11 -8.87 -10.28
CA LYS A 5 -17.04 -7.68 -11.13
C LYS A 5 -15.75 -6.90 -10.88
N LYS A 6 -15.76 -6.07 -9.87
CA LYS A 6 -14.68 -5.21 -9.52
C LYS A 6 -14.23 -5.50 -8.09
N LEU A 7 -13.50 -4.56 -7.52
CA LEU A 7 -13.02 -4.67 -6.17
C LEU A 7 -13.96 -3.91 -5.26
N HIS A 8 -14.06 -4.32 -4.03
CA HIS A 8 -14.98 -3.70 -3.12
C HIS A 8 -14.28 -2.81 -2.13
N LYS A 9 -14.81 -1.61 -2.01
CA LYS A 9 -14.31 -0.59 -1.13
C LYS A 9 -15.40 -0.19 -0.16
N GLU A 10 -15.04 -0.08 1.09
CA GLU A 10 -15.96 0.35 2.12
C GLU A 10 -15.28 1.32 3.09
N PRO A 11 -16.06 2.16 3.81
CA PRO A 11 -15.50 3.14 4.74
C PRO A 11 -14.91 2.49 5.99
N ALA A 12 -13.89 3.12 6.51
CA ALA A 12 -13.22 2.65 7.69
C ALA A 12 -12.87 3.83 8.59
N THR A 13 -12.61 3.54 9.83
CA THR A 13 -12.19 4.50 10.79
C THR A 13 -10.74 4.19 11.12
N LEU A 14 -9.95 5.20 11.37
CA LEU A 14 -8.57 4.96 11.70
C LEU A 14 -8.44 4.63 13.17
N ILE A 15 -7.67 3.63 13.48
CA ILE A 15 -7.33 3.37 14.86
C ILE A 15 -6.04 4.10 15.14
N LYS A 16 -5.02 3.78 14.35
CA LYS A 16 -3.75 4.38 14.43
C LYS A 16 -2.93 3.97 13.22
N ALA A 17 -2.17 4.89 12.69
CA ALA A 17 -1.21 4.58 11.66
C ALA A 17 0.13 4.47 12.33
N ILE A 18 0.64 3.26 12.39
CA ILE A 18 1.86 2.97 13.10
C ILE A 18 3.06 3.14 12.19
N ASP A 19 3.00 2.46 11.08
CA ASP A 19 4.08 2.44 10.15
C ASP A 19 3.55 2.74 8.78
N GLY A 20 4.43 2.98 7.86
CA GLY A 20 4.05 3.26 6.48
C GLY A 20 3.33 2.09 5.86
N ASP A 21 3.65 0.89 6.32
CA ASP A 21 3.01 -0.31 5.84
C ASP A 21 1.92 -0.72 6.76
N THR A 22 2.21 -0.73 8.03
CA THR A 22 1.30 -1.28 8.99
C THR A 22 0.42 -0.19 9.64
N VAL A 23 -0.85 -0.24 9.36
CA VAL A 23 -1.82 0.71 9.84
C VAL A 23 -3.07 -0.03 10.36
N LYS A 24 -3.70 0.47 11.38
CA LYS A 24 -4.86 -0.17 11.93
C LYS A 24 -6.11 0.59 11.61
N LEU A 25 -7.01 -0.09 10.98
CA LEU A 25 -8.27 0.51 10.60
C LEU A 25 -9.43 -0.31 11.12
N MET A 26 -10.50 0.38 11.36
CA MET A 26 -11.71 -0.19 11.89
C MET A 26 -12.81 -0.01 10.88
N TYR A 27 -13.19 -1.04 10.23
CA TYR A 27 -14.25 -0.94 9.27
C TYR A 27 -15.44 -1.71 9.75
N LYS A 28 -16.57 -1.04 9.86
CA LYS A 28 -17.84 -1.65 10.27
C LYS A 28 -17.74 -2.29 11.66
N GLY A 29 -16.85 -1.76 12.46
CA GLY A 29 -16.67 -2.27 13.80
C GLY A 29 -15.58 -3.30 13.90
N GLN A 30 -14.85 -3.51 12.82
CA GLN A 30 -13.75 -4.45 12.80
C GLN A 30 -12.41 -3.72 12.77
N PRO A 31 -11.73 -3.57 13.92
CA PRO A 31 -10.41 -2.98 14.00
C PRO A 31 -9.34 -4.02 13.64
N MET A 32 -8.92 -4.00 12.42
CA MET A 32 -7.99 -4.94 11.92
C MET A 32 -6.68 -4.24 11.60
N THR A 33 -5.60 -4.93 11.80
CA THR A 33 -4.32 -4.41 11.44
C THR A 33 -4.13 -4.68 9.94
N PHE A 34 -3.95 -3.64 9.19
CA PHE A 34 -3.81 -3.72 7.77
C PHE A 34 -2.44 -3.31 7.33
N ARG A 35 -2.06 -3.82 6.21
CA ARG A 35 -0.96 -3.31 5.46
C ARG A 35 -1.44 -2.83 4.12
N LEU A 36 -0.81 -1.81 3.60
CA LEU A 36 -1.18 -1.26 2.32
C LEU A 36 -0.66 -2.13 1.17
N LEU A 37 -1.57 -2.58 0.32
CA LEU A 37 -1.21 -3.35 -0.85
C LEU A 37 -0.37 -2.54 -1.82
N LEU A 38 0.61 -3.20 -2.44
CA LEU A 38 1.52 -2.62 -3.44
C LEU A 38 2.54 -1.65 -2.82
N VAL A 39 2.63 -1.63 -1.51
CA VAL A 39 3.51 -0.71 -0.80
C VAL A 39 4.65 -1.44 -0.10
N ASP A 40 5.82 -0.84 -0.14
CA ASP A 40 6.96 -1.30 0.61
C ASP A 40 7.62 -0.08 1.26
N THR A 41 7.48 0.07 2.56
CA THR A 41 8.09 1.19 3.26
C THR A 41 9.31 0.85 4.20
N PRO A 42 9.66 -0.46 4.57
CA PRO A 42 10.74 -0.71 5.51
C PRO A 42 12.07 -0.20 4.98
N GLU A 43 12.96 0.14 5.92
CA GLU A 43 14.26 0.69 5.60
C GLU A 43 14.96 -0.14 4.51
N THR A 44 15.39 0.57 3.47
CA THR A 44 15.75 0.02 2.19
C THR A 44 16.76 -1.15 2.26
N LYS A 45 17.97 -0.91 2.69
CA LYS A 45 18.92 -2.00 2.83
C LYS A 45 18.96 -2.48 4.24
N HIS A 46 18.14 -1.85 5.09
CA HIS A 46 18.16 -2.03 6.54
C HIS A 46 19.30 -1.19 7.13
N PRO A 47 19.00 -0.42 8.18
CA PRO A 47 19.86 0.69 8.71
C PRO A 47 21.40 0.50 8.72
N LYS A 48 22.08 1.40 8.02
CA LYS A 48 23.53 1.56 8.11
C LYS A 48 23.82 2.93 8.72
N LYS A 49 23.03 3.90 8.31
CA LYS A 49 23.10 5.24 8.84
C LYS A 49 22.12 5.32 9.99
N GLY A 50 21.03 4.64 9.80
CA GLY A 50 19.97 4.58 10.77
C GLY A 50 18.67 4.69 10.06
N VAL A 51 18.62 5.64 9.18
CA VAL A 51 17.55 5.87 8.29
C VAL A 51 18.09 6.31 6.93
N GLU A 52 18.07 5.41 5.99
CA GLU A 52 18.53 5.70 4.66
C GLU A 52 17.39 6.21 3.80
N LYS A 53 16.32 5.42 3.68
CA LYS A 53 15.14 5.84 2.92
C LYS A 53 14.21 6.61 3.81
N TYR A 54 14.47 6.50 5.11
CA TYR A 54 13.72 7.17 6.16
C TYR A 54 12.40 6.47 6.40
N GLY A 55 12.45 5.46 7.24
CA GLY A 55 11.25 4.75 7.66
C GLY A 55 10.21 5.68 8.31
N PRO A 56 10.56 6.38 9.43
CA PRO A 56 9.63 7.30 10.13
C PRO A 56 9.02 8.36 9.22
N GLU A 57 9.78 8.84 8.25
CA GLU A 57 9.33 9.87 7.31
C GLU A 57 8.20 9.30 6.44
N ALA A 58 8.34 8.04 6.07
CA ALA A 58 7.32 7.36 5.27
C ALA A 58 6.08 7.14 6.10
N SER A 59 6.27 6.63 7.30
CA SER A 59 5.19 6.36 8.24
C SER A 59 4.40 7.66 8.54
N ALA A 60 5.13 8.77 8.67
CA ALA A 60 4.53 10.07 8.95
C ALA A 60 3.62 10.49 7.82
N PHE A 61 4.00 10.15 6.60
CA PHE A 61 3.24 10.55 5.43
C PHE A 61 1.92 9.79 5.40
N THR A 62 1.97 8.51 5.73
CA THR A 62 0.80 7.69 5.84
C THR A 62 -0.14 8.28 6.91
N LYS A 63 0.44 8.61 8.08
CA LYS A 63 -0.30 9.22 9.20
C LYS A 63 -1.00 10.49 8.74
N LYS A 64 -0.26 11.37 8.12
CA LYS A 64 -0.78 12.66 7.68
C LYS A 64 -1.86 12.53 6.62
N MET A 65 -1.76 11.55 5.76
CA MET A 65 -2.81 11.34 4.75
C MET A 65 -4.09 10.82 5.37
N VAL A 66 -3.98 9.83 6.22
CA VAL A 66 -5.17 9.21 6.81
C VAL A 66 -5.80 10.07 7.92
N GLU A 67 -5.00 10.75 8.71
CA GLU A 67 -5.52 11.58 9.79
C GLU A 67 -6.12 12.89 9.27
N ASN A 68 -5.68 13.31 8.09
CA ASN A 68 -6.24 14.50 7.43
C ASN A 68 -7.56 14.17 6.74
N ALA A 69 -7.60 13.01 6.12
CA ALA A 69 -8.75 12.53 5.37
C ALA A 69 -10.01 12.50 6.21
N LYS A 70 -11.09 13.03 5.67
CA LYS A 70 -12.36 12.95 6.35
C LYS A 70 -12.88 11.54 6.21
N LYS A 71 -12.89 11.06 5.00
CA LYS A 71 -13.40 9.74 4.73
C LYS A 71 -12.24 8.78 4.49
N ILE A 72 -12.12 7.76 5.28
CA ILE A 72 -11.09 6.76 5.05
C ILE A 72 -11.74 5.56 4.42
N GLU A 73 -11.19 5.09 3.33
CA GLU A 73 -11.78 3.99 2.61
C GLU A 73 -10.79 2.85 2.47
N VAL A 74 -11.27 1.64 2.64
CA VAL A 74 -10.47 0.45 2.43
C VAL A 74 -11.00 -0.32 1.23
N GLU A 75 -10.13 -0.66 0.32
CA GLU A 75 -10.52 -1.40 -0.85
C GLU A 75 -9.71 -2.67 -0.92
N PHE A 76 -10.37 -3.79 -0.82
CA PHE A 76 -9.72 -5.04 -0.87
C PHE A 76 -9.67 -5.58 -2.30
N ASP A 77 -8.47 -5.87 -2.74
CA ASP A 77 -8.21 -6.33 -4.09
C ASP A 77 -8.25 -7.87 -4.18
N LYS A 78 -8.09 -8.36 -5.38
CA LYS A 78 -8.14 -9.76 -5.76
C LYS A 78 -6.80 -10.48 -5.48
N GLY A 79 -5.80 -9.74 -5.08
CA GLY A 79 -4.52 -10.34 -4.73
C GLY A 79 -4.54 -10.90 -3.33
N GLN A 80 -3.46 -10.70 -2.60
CA GLN A 80 -3.41 -11.13 -1.22
C GLN A 80 -4.25 -10.20 -0.40
N ARG A 81 -5.23 -10.73 0.24
CA ARG A 81 -6.14 -9.93 1.01
C ARG A 81 -5.88 -10.16 2.50
N THR A 82 -5.04 -11.14 2.78
CA THR A 82 -4.66 -11.49 4.12
C THR A 82 -3.18 -11.81 4.18
N ASP A 83 -2.56 -11.39 5.25
CA ASP A 83 -1.19 -11.75 5.55
C ASP A 83 -1.30 -12.81 6.63
N LYS A 84 -0.56 -13.91 6.49
CA LYS A 84 -0.73 -15.11 7.34
C LYS A 84 -0.53 -14.85 8.86
N TYR A 85 0.10 -13.72 9.18
CA TYR A 85 0.30 -13.29 10.57
C TYR A 85 -1.06 -12.91 11.19
N GLY A 86 -2.02 -12.60 10.36
CA GLY A 86 -3.30 -12.16 10.83
C GLY A 86 -3.46 -10.68 10.63
N ARG A 87 -3.30 -10.29 9.41
CA ARG A 87 -3.42 -8.91 8.98
C ARG A 87 -4.21 -8.85 7.73
N GLY A 88 -4.90 -7.78 7.55
CA GLY A 88 -5.62 -7.56 6.34
C GLY A 88 -4.77 -6.80 5.38
N LEU A 89 -4.97 -7.03 4.13
CA LEU A 89 -4.22 -6.33 3.11
C LEU A 89 -5.20 -5.64 2.19
N ALA A 90 -5.10 -4.34 2.10
CA ALA A 90 -6.03 -3.56 1.32
C ALA A 90 -5.35 -2.31 0.77
N TYR A 91 -6.00 -1.67 -0.15
CA TYR A 91 -5.52 -0.42 -0.66
C TYR A 91 -6.23 0.65 0.15
N ILE A 92 -5.50 1.64 0.63
CA ILE A 92 -6.08 2.64 1.49
C ILE A 92 -6.30 3.94 0.72
N TYR A 93 -7.52 4.43 0.74
CA TYR A 93 -7.83 5.67 0.09
C TYR A 93 -8.11 6.72 1.14
N ALA A 94 -7.51 7.87 0.96
CA ALA A 94 -7.64 8.98 1.87
C ALA A 94 -8.53 10.01 1.26
N ASP A 95 -9.75 10.03 1.75
CA ASP A 95 -10.82 10.95 1.34
C ASP A 95 -10.95 11.04 -0.19
N GLY A 96 -10.81 9.89 -0.82
CA GLY A 96 -10.97 9.82 -2.26
C GLY A 96 -9.66 9.64 -2.99
N LYS A 97 -8.56 10.05 -2.39
CA LYS A 97 -7.26 9.99 -3.04
C LYS A 97 -6.50 8.75 -2.61
N MET A 98 -5.53 8.36 -3.37
CA MET A 98 -4.81 7.13 -3.14
C MET A 98 -3.57 7.35 -2.28
N VAL A 99 -3.56 6.75 -1.10
CA VAL A 99 -2.43 6.91 -0.16
C VAL A 99 -1.21 6.14 -0.65
N ASN A 100 -1.46 4.90 -1.04
CA ASN A 100 -0.42 3.95 -1.41
C ASN A 100 0.51 4.50 -2.49
N GLU A 101 -0.07 4.99 -3.57
CA GLU A 101 0.72 5.53 -4.64
C GLU A 101 1.32 6.88 -4.30
N ALA A 102 0.65 7.65 -3.42
CA ALA A 102 1.18 8.95 -2.99
C ALA A 102 2.51 8.75 -2.23
N LEU A 103 2.55 7.69 -1.42
CA LEU A 103 3.77 7.30 -0.71
C LEU A 103 4.92 7.07 -1.69
N VAL A 104 4.62 6.36 -2.74
CA VAL A 104 5.60 6.03 -3.74
C VAL A 104 5.95 7.26 -4.61
N ARG A 105 4.95 8.11 -4.87
CA ARG A 105 5.11 9.38 -5.60
C ARG A 105 6.16 10.28 -4.96
N GLN A 106 6.15 10.34 -3.66
CA GLN A 106 7.10 11.15 -2.91
C GLN A 106 8.41 10.39 -2.62
N GLY A 107 8.48 9.16 -3.10
CA GLY A 107 9.67 8.34 -2.91
C GLY A 107 9.85 7.90 -1.48
N LEU A 108 8.75 7.61 -0.82
CA LEU A 108 8.79 7.17 0.55
C LEU A 108 8.49 5.69 0.64
N ALA A 109 8.10 5.11 -0.46
CA ALA A 109 7.75 3.73 -0.55
C ALA A 109 8.11 3.20 -1.90
N LYS A 110 8.34 1.93 -1.98
CA LYS A 110 8.62 1.25 -3.23
C LYS A 110 7.36 0.47 -3.59
N VAL A 111 7.26 0.01 -4.80
CA VAL A 111 6.11 -0.76 -5.19
C VAL A 111 6.32 -2.24 -4.87
N ALA A 112 5.44 -2.77 -4.09
CA ALA A 112 5.46 -4.17 -3.81
C ALA A 112 4.52 -4.83 -4.80
N TYR A 113 5.02 -5.73 -5.57
CA TYR A 113 4.22 -6.38 -6.57
C TYR A 113 3.43 -7.53 -6.00
N VAL A 114 2.13 -7.36 -5.97
CA VAL A 114 1.22 -8.34 -5.46
C VAL A 114 0.85 -9.27 -6.58
N TYR A 115 1.04 -10.52 -6.34
CA TYR A 115 0.79 -11.53 -7.29
C TYR A 115 -0.60 -12.11 -7.09
N LYS A 116 -1.21 -12.59 -8.13
CA LYS A 116 -2.43 -13.28 -7.96
C LYS A 116 -2.04 -14.67 -7.46
N PRO A 117 -2.59 -15.11 -6.34
CA PRO A 117 -2.09 -16.26 -5.64
C PRO A 117 -2.45 -17.59 -6.25
N ASN A 118 -2.03 -18.60 -5.57
CA ASN A 118 -2.18 -19.93 -6.03
C ASN A 118 -3.34 -20.50 -5.29
N ASN A 119 -4.40 -20.65 -5.99
CA ASN A 119 -5.63 -21.09 -5.44
C ASN A 119 -5.99 -22.38 -6.06
N THR A 120 -5.65 -23.40 -5.35
CA THR A 120 -5.99 -24.78 -5.65
C THR A 120 -4.99 -25.46 -6.62
N HIS A 121 -4.44 -24.67 -7.56
CA HIS A 121 -3.46 -25.12 -8.54
C HIS A 121 -4.11 -26.13 -9.50
N GLY B 1 10.04 -20.18 -6.60
CA GLY B 1 10.31 -21.61 -6.54
C GLY B 1 9.10 -22.36 -6.09
N SER B 2 9.21 -23.70 -6.02
CA SER B 2 8.11 -24.58 -5.61
C SER B 2 6.93 -24.46 -6.60
N VAL B 3 5.73 -24.85 -6.19
CA VAL B 3 4.58 -24.78 -7.05
C VAL B 3 3.92 -23.40 -7.04
N ALA B 4 4.60 -22.42 -6.45
CA ALA B 4 4.13 -21.07 -6.46
C ALA B 4 4.43 -20.45 -7.81
N TYR B 5 3.56 -20.70 -8.75
CA TYR B 5 3.76 -20.29 -10.12
C TYR B 5 3.27 -18.88 -10.36
N VAL B 6 2.03 -18.60 -9.91
CA VAL B 6 1.36 -17.32 -10.12
C VAL B 6 1.06 -17.07 -11.62
N TYR B 7 -0.15 -16.65 -11.90
CA TYR B 7 -0.50 -16.33 -13.27
C TYR B 7 0.08 -14.99 -13.66
N LYS B 8 -0.32 -13.97 -12.95
CA LYS B 8 0.10 -12.61 -13.23
C LYS B 8 -0.08 -11.81 -11.93
N PRO B 9 0.41 -10.55 -11.87
CA PRO B 9 0.17 -9.68 -10.72
C PRO B 9 -1.32 -9.31 -10.60
N ASN B 10 -1.67 -8.72 -9.47
CA ASN B 10 -3.03 -8.26 -9.23
C ASN B 10 -3.33 -7.10 -10.17
N ASN B 11 -2.36 -6.21 -10.32
CA ASN B 11 -2.32 -5.18 -11.35
C ASN B 11 -3.30 -4.03 -11.09
N THR B 12 -3.98 -4.06 -9.94
CA THR B 12 -5.03 -3.06 -9.61
C THR B 12 -4.56 -1.59 -9.82
N HIS B 13 -3.45 -1.23 -9.23
CA HIS B 13 -2.87 0.11 -9.40
C HIS B 13 -1.38 -0.07 -9.63
N GLU B 14 -1.04 -1.29 -10.03
CA GLU B 14 0.34 -1.74 -10.16
C GLU B 14 1.15 -0.88 -11.12
N GLN B 15 0.56 -0.52 -12.23
CA GLN B 15 1.22 0.28 -13.23
C GLN B 15 1.42 1.69 -12.71
N LEU B 16 0.38 2.20 -12.05
CA LEU B 16 0.41 3.53 -11.44
C LEU B 16 1.50 3.60 -10.37
N LEU B 17 1.56 2.57 -9.53
CA LEU B 17 2.57 2.44 -8.51
C LEU B 17 3.97 2.40 -9.12
N ARG B 18 4.13 1.59 -10.14
CA ARG B 18 5.41 1.47 -10.84
C ARG B 18 5.85 2.77 -11.50
N LYS B 19 4.92 3.48 -12.12
CA LYS B 19 5.26 4.77 -12.72
C LYS B 19 5.68 5.77 -11.66
N SER B 20 5.05 5.69 -10.50
CA SER B 20 5.38 6.54 -9.40
C SER B 20 6.77 6.20 -8.86
N GLU B 21 7.07 4.89 -8.76
CA GLU B 21 8.36 4.42 -8.28
C GLU B 21 9.45 4.85 -9.22
N ALA B 22 9.26 4.57 -10.49
CA ALA B 22 10.23 4.90 -11.52
C ALA B 22 10.54 6.38 -11.52
N GLN B 23 9.51 7.20 -11.31
CA GLN B 23 9.67 8.63 -11.24
C GLN B 23 10.52 8.99 -10.04
N ALA B 24 10.18 8.40 -8.89
CA ALA B 24 10.89 8.66 -7.65
C ALA B 24 12.34 8.20 -7.75
N LYS B 25 12.57 7.11 -8.50
CA LYS B 25 13.91 6.60 -8.72
C LYS B 25 14.75 7.62 -9.44
N LYS B 26 14.17 8.20 -10.48
CA LYS B 26 14.86 9.17 -11.30
C LYS B 26 15.14 10.43 -10.51
N GLU B 27 14.14 10.88 -9.78
CA GLU B 27 14.21 12.11 -9.01
C GLU B 27 15.05 11.96 -7.73
N LYS B 28 15.40 10.71 -7.40
CA LYS B 28 16.18 10.37 -6.18
C LYS B 28 15.47 10.84 -4.93
N LEU B 29 14.21 10.53 -4.85
CA LEU B 29 13.41 10.98 -3.73
C LEU B 29 13.54 10.03 -2.58
N ASN B 30 14.11 10.54 -1.49
CA ASN B 30 14.32 9.83 -0.20
C ASN B 30 15.06 8.51 -0.37
N ILE B 31 14.31 7.47 -0.75
CA ILE B 31 14.83 6.12 -0.92
C ILE B 31 15.95 6.11 -1.91
N TRP B 32 15.62 6.53 -3.11
CA TRP B 32 16.46 6.35 -4.27
C TRP B 32 17.69 7.21 -4.26
N SER B 33 17.76 8.11 -3.31
CA SER B 33 18.93 8.91 -3.13
C SER B 33 20.08 8.06 -2.48
N GLU B 34 19.76 6.77 -2.20
CA GLU B 34 20.72 5.76 -1.71
C GLU B 34 21.81 5.48 -2.77
N ASP B 35 21.53 5.87 -4.00
CA ASP B 35 22.42 5.64 -5.12
C ASP B 35 22.23 6.76 -6.13
N ALA A 1 -22.35 8.77 -2.20
CA ALA A 1 -21.83 8.32 -3.48
C ALA A 1 -20.39 7.87 -3.33
N THR A 2 -20.06 6.76 -3.96
CA THR A 2 -18.73 6.21 -3.92
C THR A 2 -18.51 5.37 -5.17
N SER A 3 -17.36 5.52 -5.77
CA SER A 3 -17.03 4.78 -6.96
C SER A 3 -16.56 3.38 -6.57
N THR A 4 -17.38 2.40 -6.86
CA THR A 4 -17.04 1.04 -6.56
C THR A 4 -17.45 0.13 -7.71
N LYS A 5 -16.49 -0.16 -8.54
CA LYS A 5 -16.68 -1.06 -9.65
C LYS A 5 -15.39 -1.82 -9.92
N LYS A 6 -14.26 -1.13 -9.88
CA LYS A 6 -13.00 -1.78 -10.19
C LYS A 6 -12.56 -2.78 -9.12
N LEU A 7 -12.64 -2.37 -7.88
CA LEU A 7 -12.20 -3.20 -6.76
C LEU A 7 -13.23 -3.12 -5.64
N HIS A 8 -12.90 -3.65 -4.46
CA HIS A 8 -13.82 -3.61 -3.32
C HIS A 8 -13.47 -2.40 -2.47
N LYS A 9 -14.26 -1.36 -2.56
CA LYS A 9 -13.98 -0.12 -1.84
C LYS A 9 -15.03 0.15 -0.78
N GLU A 10 -14.62 0.18 0.46
CA GLU A 10 -15.53 0.44 1.57
C GLU A 10 -14.89 1.36 2.61
N PRO A 11 -15.68 2.06 3.43
CA PRO A 11 -15.14 2.92 4.47
C PRO A 11 -14.68 2.12 5.68
N ALA A 12 -13.66 2.60 6.35
CA ALA A 12 -13.15 1.96 7.53
C ALA A 12 -12.86 2.99 8.60
N THR A 13 -12.84 2.55 9.83
CA THR A 13 -12.60 3.42 10.96
C THR A 13 -11.12 3.40 11.33
N LEU A 14 -10.54 4.56 11.53
CA LEU A 14 -9.14 4.67 11.86
C LEU A 14 -8.89 4.32 13.32
N ILE A 15 -7.98 3.41 13.55
CA ILE A 15 -7.57 3.12 14.89
C ILE A 15 -6.27 3.88 15.14
N LYS A 16 -5.28 3.66 14.26
CA LYS A 16 -3.98 4.31 14.35
C LYS A 16 -3.16 4.03 13.09
N ALA A 17 -2.20 4.88 12.80
CA ALA A 17 -1.29 4.67 11.70
C ALA A 17 0.08 4.39 12.27
N ILE A 18 0.63 3.24 11.95
CA ILE A 18 1.89 2.85 12.51
C ILE A 18 3.02 3.33 11.61
N ASP A 19 3.08 2.85 10.41
CA ASP A 19 4.16 3.22 9.52
C ASP A 19 3.59 3.67 8.21
N GLY A 20 4.41 3.76 7.18
CA GLY A 20 3.96 4.18 5.86
C GLY A 20 3.48 3.00 5.05
N ASP A 21 2.64 2.21 5.70
CA ASP A 21 2.02 1.00 5.14
C ASP A 21 1.17 0.38 6.20
N THR A 22 1.82 0.00 7.26
CA THR A 22 1.22 -0.70 8.31
C THR A 22 0.38 0.25 9.16
N VAL A 23 -0.90 0.15 9.02
CA VAL A 23 -1.85 0.98 9.73
C VAL A 23 -2.92 0.07 10.33
N LYS A 24 -3.69 0.56 11.26
CA LYS A 24 -4.72 -0.27 11.86
C LYS A 24 -6.07 0.37 11.66
N LEU A 25 -6.93 -0.28 10.90
CA LEU A 25 -8.26 0.22 10.68
C LEU A 25 -9.30 -0.84 10.99
N MET A 26 -10.49 -0.38 11.23
CA MET A 26 -11.60 -1.23 11.55
C MET A 26 -12.62 -1.15 10.45
N TYR A 27 -12.86 -2.24 9.79
CA TYR A 27 -13.84 -2.27 8.72
C TYR A 27 -14.87 -3.32 9.05
N LYS A 28 -16.15 -2.96 8.94
CA LYS A 28 -17.27 -3.85 9.29
C LYS A 28 -17.19 -4.37 10.72
N GLY A 29 -16.55 -3.59 11.59
CA GLY A 29 -16.42 -3.96 12.97
C GLY A 29 -15.18 -4.79 13.25
N GLN A 30 -14.37 -5.00 12.23
CA GLN A 30 -13.18 -5.80 12.37
C GLN A 30 -11.93 -4.92 12.37
N PRO A 31 -11.30 -4.71 13.54
CA PRO A 31 -10.07 -3.95 13.65
C PRO A 31 -8.88 -4.82 13.24
N MET A 32 -8.34 -4.54 12.09
CA MET A 32 -7.25 -5.32 11.57
C MET A 32 -6.10 -4.44 11.20
N THR A 33 -4.94 -4.99 11.23
CA THR A 33 -3.77 -4.31 10.80
C THR A 33 -3.73 -4.40 9.28
N PHE A 34 -3.41 -3.34 8.65
CA PHE A 34 -3.38 -3.28 7.23
C PHE A 34 -1.98 -3.29 6.68
N ARG A 35 -1.87 -3.85 5.53
CA ARG A 35 -0.67 -3.94 4.75
C ARG A 35 -1.08 -3.47 3.37
N LEU A 36 -0.49 -2.43 2.91
CA LEU A 36 -0.96 -1.78 1.72
C LEU A 36 -0.43 -2.44 0.47
N LEU A 37 -1.30 -2.58 -0.48
CA LEU A 37 -0.96 -3.14 -1.75
C LEU A 37 -0.14 -2.17 -2.55
N LEU A 38 0.97 -2.66 -3.08
CA LEU A 38 1.88 -1.91 -3.97
C LEU A 38 2.71 -0.87 -3.24
N VAL A 39 2.65 -0.87 -1.95
CA VAL A 39 3.46 0.02 -1.14
C VAL A 39 4.21 -0.84 -0.18
N ASP A 40 5.49 -0.73 -0.15
CA ASP A 40 6.28 -1.49 0.75
C ASP A 40 6.74 -0.58 1.84
N THR A 41 6.75 -1.08 3.04
CA THR A 41 6.99 -0.30 4.21
C THR A 41 8.46 0.12 4.28
N PRO A 42 8.72 1.45 4.32
CA PRO A 42 10.07 1.98 4.42
C PRO A 42 10.70 1.51 5.71
N GLU A 43 9.96 1.80 6.80
CA GLU A 43 10.30 1.46 8.17
C GLU A 43 11.57 2.13 8.64
N THR A 44 11.78 2.04 9.90
CA THR A 44 13.01 2.39 10.45
C THR A 44 13.73 1.06 10.73
N LYS A 45 14.07 0.36 9.61
CA LYS A 45 14.65 -1.00 9.61
C LYS A 45 15.84 -1.15 10.54
N HIS A 46 16.56 -0.09 10.69
CA HIS A 46 17.61 0.00 11.66
C HIS A 46 17.37 1.36 12.29
N PRO A 47 16.85 1.39 13.54
CA PRO A 47 16.39 2.61 14.24
C PRO A 47 17.21 3.90 14.00
N LYS A 48 18.51 3.82 14.12
CA LYS A 48 19.38 4.99 13.96
C LYS A 48 19.55 5.34 12.48
N LYS A 49 19.38 4.37 11.63
CA LYS A 49 19.63 4.52 10.20
C LYS A 49 18.30 4.76 9.48
N GLY A 50 17.20 4.77 10.23
CA GLY A 50 15.86 4.96 9.66
C GLY A 50 15.70 6.31 9.01
N VAL A 51 16.59 7.22 9.36
CA VAL A 51 16.60 8.57 8.81
C VAL A 51 16.98 8.51 7.33
N GLU A 52 17.88 7.59 6.99
CA GLU A 52 18.39 7.45 5.64
C GLU A 52 17.32 6.81 4.75
N LYS A 53 16.43 6.09 5.39
CA LYS A 53 15.31 5.43 4.75
C LYS A 53 14.15 6.40 4.58
N TYR A 54 14.23 7.53 5.31
CA TYR A 54 13.18 8.55 5.34
C TYR A 54 11.91 7.99 5.97
N GLY A 55 12.12 6.91 6.75
CA GLY A 55 11.06 6.22 7.43
C GLY A 55 10.19 7.11 8.31
N PRO A 56 10.78 7.96 9.21
CA PRO A 56 10.01 8.91 10.03
C PRO A 56 9.06 9.77 9.20
N GLU A 57 9.57 10.37 8.13
CA GLU A 57 8.76 11.20 7.25
C GLU A 57 7.67 10.40 6.56
N ALA A 58 8.00 9.21 6.10
CA ALA A 58 7.04 8.35 5.42
C ALA A 58 5.91 7.94 6.37
N SER A 59 6.26 7.55 7.57
CA SER A 59 5.29 7.12 8.53
C SER A 59 4.45 8.30 9.03
N ALA A 60 5.09 9.43 9.29
CA ALA A 60 4.41 10.63 9.76
C ALA A 60 3.46 11.16 8.71
N PHE A 61 3.91 11.17 7.45
CA PHE A 61 3.08 11.61 6.33
C PHE A 61 1.79 10.83 6.29
N THR A 62 1.90 9.53 6.49
CA THR A 62 0.78 8.64 6.53
C THR A 62 -0.13 8.98 7.73
N LYS A 63 0.49 9.19 8.91
CA LYS A 63 -0.24 9.52 10.14
C LYS A 63 -1.08 10.77 9.96
N LYS A 64 -0.43 11.85 9.56
CA LYS A 64 -1.11 13.12 9.40
C LYS A 64 -2.18 13.09 8.33
N MET A 65 -2.01 12.27 7.32
CA MET A 65 -3.02 12.19 6.28
C MET A 65 -4.27 11.49 6.77
N VAL A 66 -4.10 10.37 7.43
CA VAL A 66 -5.24 9.61 7.91
C VAL A 66 -5.94 10.27 9.10
N GLU A 67 -5.18 11.00 9.91
CA GLU A 67 -5.74 11.73 11.04
C GLU A 67 -6.47 12.99 10.59
N ASN A 68 -6.09 13.49 9.42
CA ASN A 68 -6.73 14.69 8.82
C ASN A 68 -8.05 14.29 8.20
N ALA A 69 -8.11 13.08 7.72
CA ALA A 69 -9.28 12.54 7.06
C ALA A 69 -10.45 12.39 8.00
N LYS A 70 -11.62 12.36 7.43
CA LYS A 70 -12.82 12.12 8.19
C LYS A 70 -13.31 10.77 7.80
N LYS A 71 -13.19 10.48 6.52
CA LYS A 71 -13.66 9.24 5.97
C LYS A 71 -12.50 8.54 5.34
N ILE A 72 -12.21 7.36 5.78
CA ILE A 72 -11.14 6.61 5.19
C ILE A 72 -11.71 5.42 4.49
N GLU A 73 -11.24 5.16 3.31
CA GLU A 73 -11.70 4.07 2.51
C GLU A 73 -10.60 3.05 2.37
N VAL A 74 -11.01 1.82 2.41
CA VAL A 74 -10.14 0.72 2.17
C VAL A 74 -10.60 0.03 0.89
N GLU A 75 -9.70 -0.17 -0.02
CA GLU A 75 -10.05 -0.80 -1.27
C GLU A 75 -9.21 -2.05 -1.47
N PHE A 76 -9.87 -3.19 -1.52
CA PHE A 76 -9.24 -4.50 -1.67
C PHE A 76 -9.24 -4.90 -3.14
N ASP A 77 -8.17 -5.57 -3.57
CA ASP A 77 -7.98 -5.90 -4.99
C ASP A 77 -8.65 -7.25 -5.34
N LYS A 78 -8.45 -7.70 -6.56
CA LYS A 78 -9.14 -8.85 -7.15
C LYS A 78 -8.67 -10.18 -6.55
N GLY A 79 -7.49 -10.21 -5.97
CA GLY A 79 -6.93 -11.50 -5.58
C GLY A 79 -7.09 -11.84 -4.11
N GLN A 80 -6.24 -11.30 -3.28
CA GLN A 80 -6.25 -11.58 -1.87
C GLN A 80 -6.41 -10.32 -1.10
N ARG A 81 -7.37 -10.33 -0.21
CA ARG A 81 -7.76 -9.16 0.51
C ARG A 81 -7.21 -9.21 1.93
N THR A 82 -6.59 -10.32 2.25
CA THR A 82 -6.03 -10.55 3.56
C THR A 82 -4.66 -11.17 3.38
N ASP A 83 -3.78 -10.92 4.31
CA ASP A 83 -2.43 -11.43 4.25
C ASP A 83 -2.15 -12.38 5.40
N LYS A 84 -1.21 -13.29 5.17
CA LYS A 84 -0.85 -14.36 6.09
C LYS A 84 -0.22 -13.85 7.41
N TYR A 85 0.23 -12.59 7.43
CA TYR A 85 0.73 -12.00 8.69
C TYR A 85 -0.44 -11.71 9.62
N GLY A 86 -1.65 -11.78 9.08
CA GLY A 86 -2.82 -11.47 9.84
C GLY A 86 -3.22 -10.05 9.58
N ARG A 87 -3.01 -9.61 8.37
CA ARG A 87 -3.26 -8.25 7.99
C ARG A 87 -4.26 -8.19 6.86
N GLY A 88 -4.80 -7.03 6.62
CA GLY A 88 -5.67 -6.82 5.50
C GLY A 88 -4.91 -6.15 4.38
N LEU A 89 -5.13 -6.59 3.18
CA LEU A 89 -4.44 -6.05 2.01
C LEU A 89 -5.35 -5.09 1.30
N ALA A 90 -5.07 -3.81 1.40
CA ALA A 90 -5.95 -2.82 0.82
C ALA A 90 -5.22 -1.53 0.49
N TYR A 91 -5.90 -0.70 -0.25
CA TYR A 91 -5.50 0.66 -0.53
C TYR A 91 -6.17 1.58 0.47
N ILE A 92 -5.43 2.52 1.02
CA ILE A 92 -6.00 3.50 1.93
C ILE A 92 -6.25 4.82 1.19
N TYR A 93 -7.47 5.30 1.25
CA TYR A 93 -7.85 6.59 0.70
C TYR A 93 -8.37 7.44 1.82
N ALA A 94 -7.91 8.64 1.92
CA ALA A 94 -8.38 9.54 2.93
C ALA A 94 -9.25 10.57 2.24
N ASP A 95 -10.57 10.35 2.32
CA ASP A 95 -11.60 11.18 1.66
C ASP A 95 -11.21 11.81 0.35
N GLY A 96 -10.82 10.95 -0.58
CA GLY A 96 -10.47 11.39 -1.88
C GLY A 96 -8.96 11.42 -2.13
N LYS A 97 -8.19 11.49 -1.08
CA LYS A 97 -6.74 11.55 -1.17
C LYS A 97 -6.18 10.14 -1.18
N MET A 98 -5.42 9.79 -2.17
CA MET A 98 -4.84 8.48 -2.21
C MET A 98 -3.55 8.47 -1.42
N VAL A 99 -3.61 7.94 -0.22
CA VAL A 99 -2.44 7.84 0.68
C VAL A 99 -1.41 6.94 0.00
N ASN A 100 -1.92 5.82 -0.50
CA ASN A 100 -1.14 4.80 -1.19
C ASN A 100 -0.34 5.40 -2.37
N GLU A 101 -1.04 6.20 -3.17
CA GLU A 101 -0.47 6.88 -4.33
C GLU A 101 0.62 7.85 -3.89
N ALA A 102 0.28 8.68 -2.92
CA ALA A 102 1.18 9.71 -2.41
C ALA A 102 2.48 9.14 -1.89
N LEU A 103 2.40 8.03 -1.18
CA LEU A 103 3.59 7.36 -0.63
C LEU A 103 4.59 6.98 -1.73
N VAL A 104 4.08 6.39 -2.80
CA VAL A 104 4.91 6.00 -3.92
C VAL A 104 5.35 7.23 -4.71
N ARG A 105 4.41 8.12 -4.93
CA ARG A 105 4.60 9.34 -5.72
C ARG A 105 5.67 10.25 -5.11
N GLN A 106 5.68 10.37 -3.81
CA GLN A 106 6.65 11.23 -3.13
C GLN A 106 7.97 10.50 -2.90
N GLY A 107 8.01 9.22 -3.23
CA GLY A 107 9.21 8.42 -3.02
C GLY A 107 9.49 8.21 -1.56
N LEU A 108 8.45 8.00 -0.81
CA LEU A 108 8.56 7.79 0.60
C LEU A 108 8.63 6.33 0.89
N ALA A 109 8.13 5.55 -0.04
CA ALA A 109 8.07 4.13 0.09
C ALA A 109 8.40 3.50 -1.23
N LYS A 110 8.49 2.20 -1.25
CA LYS A 110 8.81 1.48 -2.48
C LYS A 110 7.57 0.70 -2.90
N VAL A 111 7.52 0.21 -4.10
CA VAL A 111 6.38 -0.59 -4.51
C VAL A 111 6.56 -2.03 -4.06
N ALA A 112 5.58 -2.54 -3.37
CA ALA A 112 5.62 -3.89 -2.88
C ALA A 112 5.05 -4.80 -3.92
N TYR A 113 5.82 -5.79 -4.27
CA TYR A 113 5.42 -6.76 -5.24
C TYR A 113 4.36 -7.67 -4.66
N VAL A 114 3.23 -7.71 -5.31
CA VAL A 114 2.19 -8.60 -4.89
C VAL A 114 2.45 -9.93 -5.60
N TYR A 115 2.04 -11.02 -5.02
CA TYR A 115 2.46 -12.31 -5.49
C TYR A 115 1.46 -12.89 -6.46
N LYS A 116 1.96 -13.41 -7.55
CA LYS A 116 1.16 -13.98 -8.60
C LYS A 116 1.24 -15.50 -8.51
N PRO A 117 0.26 -16.24 -9.09
CA PRO A 117 0.35 -17.70 -9.17
C PRO A 117 1.40 -18.09 -10.21
N ASN A 118 1.85 -17.07 -10.92
CA ASN A 118 2.89 -17.14 -11.94
C ASN A 118 4.27 -17.16 -11.26
N ASN A 119 4.27 -17.07 -9.92
CA ASN A 119 5.50 -17.19 -9.12
C ASN A 119 6.15 -18.54 -9.44
N THR A 120 5.32 -19.56 -9.47
CA THR A 120 5.76 -20.85 -9.88
C THR A 120 5.30 -21.08 -11.34
N HIS A 121 4.08 -20.58 -11.64
CA HIS A 121 3.42 -20.72 -12.93
C HIS A 121 3.10 -22.18 -13.21
N GLY B 1 -9.11 -26.71 -20.96
CA GLY B 1 -8.89 -26.54 -19.52
C GLY B 1 -10.17 -26.76 -18.80
N SER B 2 -10.28 -27.87 -18.12
CA SER B 2 -11.50 -28.23 -17.46
C SER B 2 -11.56 -27.67 -16.03
N VAL B 3 -10.40 -27.31 -15.50
CA VAL B 3 -10.34 -26.71 -14.19
C VAL B 3 -10.39 -25.20 -14.35
N ALA B 4 -11.55 -24.63 -14.14
CA ALA B 4 -11.74 -23.19 -14.29
C ALA B 4 -11.29 -22.45 -13.04
N TYR B 5 -10.08 -22.67 -12.64
CA TYR B 5 -9.51 -22.03 -11.52
C TYR B 5 -8.21 -21.41 -11.96
N VAL B 6 -8.22 -20.15 -12.28
CA VAL B 6 -7.02 -19.49 -12.72
C VAL B 6 -6.43 -18.64 -11.63
N TYR B 7 -7.29 -18.12 -10.77
CA TYR B 7 -6.93 -17.12 -9.79
C TYR B 7 -6.30 -15.92 -10.48
N LYS B 8 -7.14 -15.04 -10.95
CA LYS B 8 -6.70 -13.77 -11.47
C LYS B 8 -5.84 -13.10 -10.40
N PRO B 9 -4.58 -12.76 -10.71
CA PRO B 9 -3.64 -12.27 -9.73
C PRO B 9 -4.05 -10.95 -9.12
N ASN B 10 -3.67 -10.76 -7.89
CA ASN B 10 -3.91 -9.51 -7.21
C ASN B 10 -2.87 -8.57 -7.75
N ASN B 11 -3.28 -7.71 -8.64
CA ASN B 11 -2.32 -6.92 -9.38
C ASN B 11 -3.01 -5.69 -9.90
N THR B 12 -3.86 -5.90 -10.90
CA THR B 12 -4.71 -4.93 -11.60
C THR B 12 -4.07 -3.55 -12.03
N HIS B 13 -3.48 -2.85 -11.10
CA HIS B 13 -2.97 -1.49 -11.26
C HIS B 13 -1.52 -1.37 -10.79
N GLU B 14 -0.86 -2.51 -10.73
CA GLU B 14 0.54 -2.61 -10.33
C GLU B 14 1.41 -1.77 -11.25
N GLN B 15 1.15 -1.88 -12.54
CA GLN B 15 1.94 -1.21 -13.55
C GLN B 15 1.90 0.31 -13.41
N LEU B 16 0.75 0.85 -12.97
CA LEU B 16 0.63 2.30 -12.79
C LEU B 16 1.59 2.78 -11.72
N LEU B 17 1.56 2.12 -10.57
CA LEU B 17 2.45 2.48 -9.51
C LEU B 17 3.88 2.14 -9.80
N ARG B 18 4.11 1.04 -10.51
CA ARG B 18 5.46 0.64 -10.85
C ARG B 18 6.12 1.57 -11.87
N LYS B 19 5.33 2.16 -12.75
CA LYS B 19 5.87 3.14 -13.67
C LYS B 19 6.06 4.48 -12.98
N SER B 20 5.35 4.68 -11.90
CA SER B 20 5.54 5.83 -11.09
C SER B 20 6.81 5.66 -10.24
N GLU B 21 7.04 4.42 -9.77
CA GLU B 21 8.26 4.04 -9.07
C GLU B 21 9.44 4.25 -9.99
N ALA B 22 9.27 3.85 -11.25
CA ALA B 22 10.30 3.97 -12.28
C ALA B 22 10.81 5.41 -12.38
N GLN B 23 9.90 6.36 -12.33
CA GLN B 23 10.27 7.76 -12.36
C GLN B 23 10.92 8.15 -11.07
N ALA B 24 10.28 7.77 -9.98
CA ALA B 24 10.74 8.12 -8.64
C ALA B 24 12.16 7.64 -8.37
N LYS B 25 12.48 6.42 -8.86
CA LYS B 25 13.83 5.87 -8.76
C LYS B 25 14.82 6.81 -9.41
N LYS B 26 14.52 7.20 -10.65
CA LYS B 26 15.39 8.07 -11.43
C LYS B 26 15.48 9.43 -10.76
N GLU B 27 14.33 9.93 -10.35
CA GLU B 27 14.19 11.24 -9.71
C GLU B 27 14.91 11.33 -8.36
N LYS B 28 15.31 10.16 -7.80
CA LYS B 28 16.00 10.08 -6.49
C LYS B 28 15.06 10.62 -5.41
N LEU B 29 13.79 10.28 -5.49
CA LEU B 29 12.81 10.81 -4.56
C LEU B 29 12.91 10.14 -3.22
N ASN B 30 13.38 10.90 -2.24
CA ASN B 30 13.58 10.51 -0.84
C ASN B 30 14.24 9.16 -0.66
N ILE B 31 13.45 8.09 -0.62
CA ILE B 31 13.96 6.76 -0.38
C ILE B 31 14.82 6.32 -1.58
N TRP B 32 14.48 6.87 -2.74
CA TRP B 32 15.15 6.53 -3.96
C TRP B 32 16.46 7.29 -4.10
N SER B 33 16.70 8.20 -3.20
CA SER B 33 17.93 8.93 -3.21
C SER B 33 19.05 8.09 -2.52
N GLU B 34 18.79 6.80 -2.31
CA GLU B 34 19.81 5.87 -1.83
C GLU B 34 20.67 5.43 -3.01
N ASP B 35 20.11 5.55 -4.19
CA ASP B 35 20.77 5.11 -5.41
C ASP B 35 21.72 6.18 -5.89
N ALA A 1 -13.96 -20.98 -6.62
CA ALA A 1 -13.77 -19.60 -6.21
C ALA A 1 -14.75 -18.72 -6.93
N THR A 2 -15.16 -17.67 -6.32
CA THR A 2 -16.04 -16.72 -6.92
C THR A 2 -15.90 -15.39 -6.18
N SER A 3 -15.97 -14.32 -6.90
CA SER A 3 -15.89 -13.03 -6.32
C SER A 3 -17.29 -12.49 -6.22
N THR A 4 -17.73 -12.19 -5.02
CA THR A 4 -19.03 -11.68 -4.85
C THR A 4 -19.01 -10.16 -4.95
N LYS A 5 -19.97 -9.64 -5.70
CA LYS A 5 -20.12 -8.23 -5.99
C LYS A 5 -18.95 -7.74 -6.83
N LYS A 6 -17.92 -7.23 -6.18
CA LYS A 6 -16.72 -6.73 -6.81
C LYS A 6 -15.86 -6.21 -5.67
N LEU A 7 -14.66 -5.77 -5.95
CA LEU A 7 -13.81 -5.22 -4.92
C LEU A 7 -13.62 -3.72 -5.05
N HIS A 8 -14.47 -3.03 -4.36
CA HIS A 8 -14.40 -1.61 -4.22
C HIS A 8 -14.35 -1.21 -2.78
N LYS A 9 -14.07 0.04 -2.56
CA LYS A 9 -13.82 0.59 -1.24
C LYS A 9 -15.03 0.53 -0.34
N GLU A 10 -14.79 0.29 0.91
CA GLU A 10 -15.77 0.44 1.94
C GLU A 10 -15.13 1.34 2.97
N PRO A 11 -15.91 2.01 3.80
CA PRO A 11 -15.37 2.91 4.81
C PRO A 11 -14.74 2.16 5.98
N ALA A 12 -13.72 2.74 6.55
CA ALA A 12 -13.05 2.19 7.68
C ALA A 12 -12.71 3.31 8.66
N THR A 13 -12.57 2.96 9.89
CA THR A 13 -12.24 3.88 10.92
C THR A 13 -10.76 3.70 11.24
N LEU A 14 -10.01 4.76 11.14
CA LEU A 14 -8.60 4.70 11.44
C LEU A 14 -8.40 4.50 12.94
N ILE A 15 -7.68 3.48 13.31
CA ILE A 15 -7.36 3.29 14.70
C ILE A 15 -6.08 4.06 14.95
N LYS A 16 -5.07 3.78 14.14
CA LYS A 16 -3.80 4.48 14.20
C LYS A 16 -2.94 4.02 13.05
N ALA A 17 -1.95 4.78 12.74
CA ALA A 17 -0.98 4.40 11.75
C ALA A 17 0.27 3.95 12.47
N ILE A 18 0.98 3.01 11.90
CA ILE A 18 2.24 2.57 12.48
C ILE A 18 3.34 3.10 11.59
N ASP A 19 3.27 2.72 10.33
CA ASP A 19 4.22 3.14 9.32
C ASP A 19 3.53 3.40 8.04
N GLY A 20 4.27 3.92 7.08
CA GLY A 20 3.76 4.11 5.74
C GLY A 20 3.88 2.82 5.00
N ASP A 21 3.21 1.82 5.52
CA ASP A 21 3.29 0.45 5.07
C ASP A 21 2.26 -0.37 5.83
N THR A 22 2.38 -0.34 7.14
CA THR A 22 1.45 -1.05 7.98
C THR A 22 0.70 -0.06 8.90
N VAL A 23 -0.62 -0.15 8.90
CA VAL A 23 -1.51 0.74 9.64
C VAL A 23 -2.61 -0.09 10.33
N LYS A 24 -3.34 0.51 11.25
CA LYS A 24 -4.38 -0.22 11.97
C LYS A 24 -5.74 0.44 11.75
N LEU A 25 -6.66 -0.29 11.15
CA LEU A 25 -7.99 0.24 10.86
C LEU A 25 -9.08 -0.66 11.39
N MET A 26 -10.24 -0.09 11.54
CA MET A 26 -11.42 -0.79 11.93
C MET A 26 -12.43 -0.61 10.83
N TYR A 27 -12.74 -1.65 10.12
CA TYR A 27 -13.67 -1.47 9.03
C TYR A 27 -14.96 -2.12 9.35
N LYS A 28 -15.99 -1.30 9.48
CA LYS A 28 -17.35 -1.76 9.74
C LYS A 28 -17.41 -2.46 11.10
N GLY A 29 -16.53 -2.03 11.99
CA GLY A 29 -16.43 -2.60 13.31
C GLY A 29 -15.39 -3.71 13.42
N GLN A 30 -14.68 -3.96 12.33
CA GLN A 30 -13.63 -4.99 12.30
C GLN A 30 -12.24 -4.37 12.46
N PRO A 31 -11.64 -4.43 13.65
CA PRO A 31 -10.29 -3.92 13.87
C PRO A 31 -9.24 -4.89 13.32
N MET A 32 -8.54 -4.46 12.31
CA MET A 32 -7.52 -5.27 11.66
C MET A 32 -6.29 -4.44 11.40
N THR A 33 -5.17 -5.10 11.29
CA THR A 33 -3.95 -4.43 10.97
C THR A 33 -3.74 -4.53 9.47
N PHE A 34 -3.80 -3.42 8.80
CA PHE A 34 -3.74 -3.36 7.38
C PHE A 34 -2.35 -3.06 6.89
N ARG A 35 -2.02 -3.64 5.79
CA ARG A 35 -0.77 -3.41 5.14
C ARG A 35 -1.10 -2.93 3.75
N LEU A 36 -0.70 -1.71 3.45
CA LEU A 36 -1.05 -1.04 2.20
C LEU A 36 -0.55 -1.80 0.99
N LEU A 37 -1.46 -2.27 0.19
CA LEU A 37 -1.09 -2.92 -1.04
C LEU A 37 -0.54 -1.92 -2.02
N LEU A 38 0.50 -2.37 -2.73
CA LEU A 38 1.28 -1.57 -3.68
C LEU A 38 2.23 -0.64 -2.96
N VAL A 39 2.34 -0.83 -1.67
CA VAL A 39 3.23 -0.09 -0.82
C VAL A 39 4.08 -1.09 -0.07
N ASP A 40 5.34 -0.83 0.06
CA ASP A 40 6.21 -1.72 0.76
C ASP A 40 7.31 -0.93 1.43
N THR A 41 7.22 -0.80 2.73
CA THR A 41 8.26 -0.14 3.50
C THR A 41 8.78 -1.04 4.71
N PRO A 42 8.95 -2.40 4.58
CA PRO A 42 9.41 -3.22 5.67
C PRO A 42 10.93 -3.35 5.68
N GLU A 43 11.56 -2.30 6.14
CA GLU A 43 12.98 -2.27 6.35
C GLU A 43 13.21 -1.77 7.75
N THR A 44 13.98 -2.49 8.51
CA THR A 44 14.30 -2.08 9.84
C THR A 44 15.12 -0.80 9.78
N LYS A 45 14.53 0.27 10.24
CA LYS A 45 15.11 1.61 10.13
C LYS A 45 16.38 1.72 10.96
N HIS A 46 16.29 1.20 12.18
CA HIS A 46 17.33 1.22 13.21
C HIS A 46 17.32 2.52 14.06
N PRO A 47 17.92 3.67 13.63
CA PRO A 47 17.74 4.90 14.37
C PRO A 47 16.41 5.54 13.98
N LYS A 48 16.05 6.59 14.66
CA LYS A 48 14.83 7.29 14.34
C LYS A 48 15.13 8.71 13.93
N LYS A 49 16.11 9.30 14.58
CA LYS A 49 16.46 10.71 14.39
C LYS A 49 17.39 10.92 13.19
N GLY A 50 17.84 9.85 12.59
CA GLY A 50 18.76 9.97 11.48
C GLY A 50 18.65 8.82 10.52
N VAL A 51 17.72 8.92 9.60
CA VAL A 51 17.48 7.88 8.61
C VAL A 51 17.55 8.51 7.22
N GLU A 52 18.57 8.13 6.45
CA GLU A 52 18.83 8.69 5.10
C GLU A 52 17.68 8.43 4.13
N LYS A 53 16.98 7.33 4.33
CA LYS A 53 15.85 6.98 3.48
C LYS A 53 14.53 7.63 3.92
N TYR A 54 14.55 8.19 5.15
CA TYR A 54 13.40 8.94 5.72
C TYR A 54 12.20 8.07 6.05
N GLY A 55 12.50 6.81 6.38
CA GLY A 55 11.48 5.86 6.80
C GLY A 55 10.48 6.39 7.85
N PRO A 56 10.94 7.00 9.00
CA PRO A 56 10.01 7.54 10.02
C PRO A 56 9.18 8.72 9.47
N GLU A 57 9.70 9.40 8.48
CA GLU A 57 9.05 10.56 7.91
C GLU A 57 7.97 10.13 6.94
N ALA A 58 8.15 8.98 6.34
CA ALA A 58 7.16 8.38 5.46
C ALA A 58 5.91 8.11 6.28
N SER A 59 6.12 7.50 7.40
CA SER A 59 5.09 7.18 8.35
C SER A 59 4.42 8.47 8.89
N ALA A 60 5.21 9.53 9.04
CA ALA A 60 4.70 10.82 9.51
C ALA A 60 3.71 11.39 8.48
N PHE A 61 4.12 11.35 7.22
CA PHE A 61 3.27 11.81 6.11
C PHE A 61 1.99 10.98 6.06
N THR A 62 2.15 9.68 6.26
CA THR A 62 1.04 8.76 6.27
C THR A 62 0.03 9.16 7.35
N LYS A 63 0.54 9.43 8.56
CA LYS A 63 -0.31 9.85 9.69
C LYS A 63 -1.08 11.09 9.33
N LYS A 64 -0.37 12.10 8.85
CA LYS A 64 -0.98 13.38 8.50
C LYS A 64 -2.06 13.21 7.45
N MET A 65 -1.82 12.35 6.49
CA MET A 65 -2.75 12.12 5.43
C MET A 65 -4.00 11.40 5.92
N VAL A 66 -3.82 10.34 6.68
CA VAL A 66 -4.94 9.52 7.13
C VAL A 66 -5.71 10.14 8.29
N GLU A 67 -5.02 10.83 9.20
CA GLU A 67 -5.70 11.44 10.34
C GLU A 67 -6.45 12.71 9.92
N ASN A 68 -6.06 13.26 8.78
CA ASN A 68 -6.74 14.44 8.22
C ASN A 68 -7.88 14.01 7.32
N ALA A 69 -7.95 12.74 7.01
CA ALA A 69 -8.93 12.22 6.08
C ALA A 69 -10.30 12.08 6.73
N LYS A 70 -11.32 12.55 6.03
CA LYS A 70 -12.68 12.41 6.49
C LYS A 70 -13.16 11.00 6.36
N LYS A 71 -12.71 10.34 5.34
CA LYS A 71 -13.08 8.99 5.12
C LYS A 71 -11.86 8.19 4.84
N ILE A 72 -11.66 7.18 5.62
CA ILE A 72 -10.59 6.28 5.37
C ILE A 72 -11.24 5.09 4.74
N GLU A 73 -10.82 4.74 3.57
CA GLU A 73 -11.47 3.71 2.83
C GLU A 73 -10.51 2.56 2.54
N VAL A 74 -11.04 1.36 2.54
CA VAL A 74 -10.26 0.17 2.26
C VAL A 74 -10.82 -0.57 1.05
N GLU A 75 -9.96 -0.97 0.14
CA GLU A 75 -10.34 -1.71 -1.04
C GLU A 75 -9.38 -2.86 -1.24
N PHE A 76 -9.89 -4.01 -1.52
CA PHE A 76 -9.08 -5.21 -1.63
C PHE A 76 -8.70 -5.48 -3.07
N ASP A 77 -7.53 -6.06 -3.26
CA ASP A 77 -7.02 -6.39 -4.59
C ASP A 77 -7.56 -7.75 -4.99
N LYS A 78 -7.48 -8.06 -6.27
CA LYS A 78 -7.97 -9.31 -6.81
C LYS A 78 -7.07 -10.51 -6.42
N GLY A 79 -5.96 -10.21 -5.79
CA GLY A 79 -5.10 -11.24 -5.29
C GLY A 79 -5.36 -11.53 -3.83
N GLN A 80 -4.54 -10.97 -2.98
CA GLN A 80 -4.65 -11.24 -1.55
C GLN A 80 -5.52 -10.20 -0.86
N ARG A 81 -6.39 -10.68 -0.01
CA ARG A 81 -7.23 -9.84 0.80
C ARG A 81 -6.83 -9.97 2.28
N THR A 82 -6.26 -11.12 2.63
CA THR A 82 -5.89 -11.43 4.01
C THR A 82 -4.57 -12.15 4.05
N ASP A 83 -3.69 -11.74 4.93
CA ASP A 83 -2.42 -12.42 5.09
C ASP A 83 -2.51 -13.37 6.27
N LYS A 84 -1.81 -14.49 6.19
CA LYS A 84 -1.86 -15.54 7.22
C LYS A 84 -1.24 -15.11 8.56
N TYR A 85 -0.49 -14.01 8.57
CA TYR A 85 0.13 -13.51 9.80
C TYR A 85 -0.86 -12.59 10.52
N GLY A 86 -2.03 -12.42 9.93
CA GLY A 86 -3.04 -11.62 10.53
C GLY A 86 -2.92 -10.19 10.10
N ARG A 87 -2.93 -9.97 8.82
CA ARG A 87 -2.90 -8.62 8.29
C ARG A 87 -3.98 -8.50 7.24
N GLY A 88 -4.59 -7.35 7.19
CA GLY A 88 -5.53 -7.08 6.17
C GLY A 88 -4.81 -6.48 5.01
N LEU A 89 -4.90 -7.09 3.87
CA LEU A 89 -4.20 -6.61 2.72
C LEU A 89 -5.15 -5.86 1.84
N ALA A 90 -5.02 -4.57 1.81
CA ALA A 90 -5.91 -3.74 1.07
C ALA A 90 -5.23 -2.45 0.68
N TYR A 91 -5.85 -1.74 -0.21
CA TYR A 91 -5.43 -0.43 -0.59
C TYR A 91 -6.06 0.53 0.39
N ILE A 92 -5.36 1.56 0.78
CA ILE A 92 -5.92 2.54 1.66
C ILE A 92 -6.19 3.82 0.89
N TYR A 93 -7.41 4.27 0.92
CA TYR A 93 -7.79 5.50 0.27
C TYR A 93 -8.23 6.48 1.34
N ALA A 94 -8.05 7.73 1.06
CA ALA A 94 -8.47 8.78 1.92
C ALA A 94 -9.42 9.66 1.15
N ASP A 95 -10.71 9.44 1.39
CA ASP A 95 -11.82 10.11 0.72
C ASP A 95 -11.64 10.23 -0.79
N GLY A 96 -11.48 9.10 -1.42
CA GLY A 96 -11.33 9.06 -2.84
C GLY A 96 -9.89 9.10 -3.31
N LYS A 97 -9.01 9.62 -2.51
CA LYS A 97 -7.61 9.76 -2.89
C LYS A 97 -6.85 8.55 -2.42
N MET A 98 -6.19 7.86 -3.31
CA MET A 98 -5.45 6.70 -2.91
C MET A 98 -4.11 7.08 -2.25
N VAL A 99 -3.97 6.73 -0.99
CA VAL A 99 -2.80 7.10 -0.18
C VAL A 99 -1.54 6.42 -0.71
N ASN A 100 -1.73 5.25 -1.27
CA ASN A 100 -0.62 4.47 -1.82
C ASN A 100 0.03 5.17 -3.01
N GLU A 101 -0.77 5.93 -3.76
CA GLU A 101 -0.27 6.77 -4.86
C GLU A 101 0.65 7.84 -4.30
N ALA A 102 0.14 8.54 -3.29
CA ALA A 102 0.85 9.64 -2.65
C ALA A 102 2.20 9.21 -2.09
N LEU A 103 2.22 8.08 -1.42
CA LEU A 103 3.44 7.54 -0.83
C LEU A 103 4.48 7.22 -1.89
N VAL A 104 4.05 6.66 -3.01
CA VAL A 104 4.95 6.33 -4.09
C VAL A 104 5.46 7.60 -4.79
N ARG A 105 4.57 8.54 -5.03
CA ARG A 105 4.93 9.80 -5.72
C ARG A 105 5.86 10.68 -4.90
N GLN A 106 5.81 10.55 -3.59
CA GLN A 106 6.69 11.34 -2.73
C GLN A 106 7.96 10.55 -2.40
N GLY A 107 8.00 9.31 -2.84
CA GLY A 107 9.13 8.47 -2.57
C GLY A 107 9.25 8.15 -1.10
N LEU A 108 8.15 7.83 -0.50
CA LEU A 108 8.11 7.51 0.91
C LEU A 108 7.76 6.06 1.11
N ALA A 109 7.72 5.35 0.01
CA ALA A 109 7.40 3.96 0.01
C ALA A 109 7.93 3.37 -1.25
N LYS A 110 7.88 2.07 -1.35
CA LYS A 110 8.29 1.37 -2.51
C LYS A 110 7.08 0.61 -2.94
N VAL A 111 7.01 0.16 -4.16
CA VAL A 111 5.85 -0.57 -4.57
C VAL A 111 5.92 -1.99 -4.00
N ALA A 112 4.78 -2.56 -3.75
CA ALA A 112 4.74 -3.91 -3.30
C ALA A 112 4.74 -4.76 -4.54
N TYR A 113 5.66 -5.66 -4.57
CA TYR A 113 5.95 -6.46 -5.73
C TYR A 113 4.83 -7.45 -6.00
N VAL A 114 4.07 -7.18 -7.02
CA VAL A 114 3.01 -8.05 -7.42
C VAL A 114 3.50 -8.96 -8.55
N TYR A 115 2.92 -10.14 -8.65
CA TYR A 115 3.32 -11.17 -9.59
C TYR A 115 2.66 -10.95 -10.95
N LYS A 116 3.44 -11.04 -11.99
CA LYS A 116 2.93 -10.94 -13.35
C LYS A 116 2.69 -12.32 -13.90
N PRO A 117 1.84 -12.45 -14.93
CA PRO A 117 1.60 -13.74 -15.57
C PRO A 117 2.90 -14.34 -16.11
N ASN A 118 3.77 -13.46 -16.63
CA ASN A 118 5.11 -13.77 -17.17
C ASN A 118 4.98 -14.50 -18.49
N ASN A 119 4.33 -15.61 -18.44
CA ASN A 119 4.03 -16.38 -19.60
C ASN A 119 2.55 -16.18 -19.87
N THR A 120 1.74 -16.96 -19.17
CA THR A 120 0.31 -16.85 -19.13
C THR A 120 -0.23 -17.70 -18.02
N HIS A 121 -0.04 -17.20 -16.80
CA HIS A 121 -0.45 -17.85 -15.57
C HIS A 121 0.30 -19.17 -15.39
N GLY B 1 -11.00 -15.79 -21.35
CA GLY B 1 -10.90 -15.42 -19.95
C GLY B 1 -12.11 -15.89 -19.18
N SER B 2 -12.08 -15.70 -17.89
CA SER B 2 -13.17 -16.08 -17.04
C SER B 2 -13.23 -15.11 -15.88
N VAL B 3 -14.42 -14.85 -15.40
CA VAL B 3 -14.58 -14.02 -14.25
C VAL B 3 -14.83 -14.91 -13.02
N ALA B 4 -15.10 -16.19 -13.29
CA ALA B 4 -15.27 -17.18 -12.23
C ALA B 4 -13.91 -17.52 -11.70
N TYR B 5 -13.01 -17.80 -12.61
CA TYR B 5 -11.64 -17.94 -12.26
C TYR B 5 -10.83 -17.12 -13.23
N VAL B 6 -10.35 -16.01 -12.75
CA VAL B 6 -9.58 -15.13 -13.56
C VAL B 6 -8.22 -15.75 -13.80
N TYR B 7 -7.95 -16.06 -15.05
CA TYR B 7 -6.72 -16.71 -15.45
C TYR B 7 -5.58 -15.72 -15.40
N LYS B 8 -5.92 -14.48 -15.60
CA LYS B 8 -4.97 -13.40 -15.53
C LYS B 8 -4.74 -13.03 -14.06
N PRO B 9 -3.45 -13.02 -13.61
CA PRO B 9 -3.09 -12.70 -12.22
C PRO B 9 -3.53 -11.32 -11.74
N ASN B 10 -3.06 -10.97 -10.58
CA ASN B 10 -3.48 -9.76 -9.95
C ASN B 10 -2.43 -8.71 -10.16
N ASN B 11 -2.85 -7.49 -10.08
CA ASN B 11 -2.01 -6.28 -10.16
C ASN B 11 -2.90 -5.09 -10.04
N THR B 12 -4.07 -5.20 -10.69
CA THR B 12 -5.13 -4.22 -10.69
C THR B 12 -4.67 -2.83 -11.18
N HIS B 13 -3.94 -2.11 -10.36
CA HIS B 13 -3.42 -0.81 -10.76
C HIS B 13 -1.98 -0.60 -10.31
N GLU B 14 -1.28 -1.73 -10.05
CA GLU B 14 0.15 -1.73 -9.70
C GLU B 14 0.94 -0.98 -10.75
N GLN B 15 0.70 -1.35 -12.00
CA GLN B 15 1.38 -0.81 -13.17
C GLN B 15 1.44 0.73 -13.19
N LEU B 16 0.37 1.37 -12.75
CA LEU B 16 0.31 2.82 -12.72
C LEU B 16 1.24 3.38 -11.65
N LEU B 17 1.12 2.84 -10.45
CA LEU B 17 1.91 3.30 -9.33
C LEU B 17 3.38 2.93 -9.50
N ARG B 18 3.61 1.72 -9.97
CA ARG B 18 4.94 1.17 -10.11
C ARG B 18 5.76 1.89 -11.18
N LYS B 19 5.11 2.39 -12.20
CA LYS B 19 5.83 3.14 -13.19
C LYS B 19 6.10 4.57 -12.71
N SER B 20 5.27 5.04 -11.79
CA SER B 20 5.54 6.27 -11.12
C SER B 20 6.76 6.09 -10.21
N GLU B 21 6.85 4.89 -9.60
CA GLU B 21 7.99 4.49 -8.79
C GLU B 21 9.27 4.59 -9.59
N ALA B 22 9.26 4.02 -10.80
CA ALA B 22 10.44 4.00 -11.69
C ALA B 22 11.03 5.40 -11.87
N GLN B 23 10.15 6.35 -12.09
CA GLN B 23 10.55 7.73 -12.24
C GLN B 23 11.10 8.25 -10.90
N ALA B 24 10.35 7.99 -9.83
CA ALA B 24 10.68 8.45 -8.48
C ALA B 24 12.04 7.90 -8.00
N LYS B 25 12.36 6.66 -8.43
CA LYS B 25 13.66 6.04 -8.13
C LYS B 25 14.76 6.95 -8.61
N LYS B 26 14.67 7.37 -9.86
CA LYS B 26 15.68 8.22 -10.47
C LYS B 26 15.63 9.63 -9.92
N GLU B 27 14.48 10.05 -9.48
CA GLU B 27 14.31 11.34 -8.87
C GLU B 27 14.92 11.36 -7.47
N LYS B 28 15.18 10.14 -6.96
CA LYS B 28 15.74 9.90 -5.64
C LYS B 28 14.96 10.63 -4.58
N LEU B 29 13.69 10.36 -4.57
CA LEU B 29 12.79 10.99 -3.63
C LEU B 29 12.78 10.20 -2.36
N ASN B 30 13.27 10.85 -1.32
CA ASN B 30 13.34 10.34 0.06
C ASN B 30 13.90 8.93 0.19
N ILE B 31 13.03 7.93 0.09
CA ILE B 31 13.41 6.56 0.29
C ILE B 31 14.27 6.07 -0.89
N TRP B 32 14.10 6.70 -2.05
CA TRP B 32 14.87 6.33 -3.24
C TRP B 32 16.23 6.95 -3.19
N SER B 33 16.42 7.84 -2.25
CA SER B 33 17.67 8.48 -2.08
C SER B 33 18.58 7.63 -1.15
N GLU B 34 18.17 6.37 -0.89
CA GLU B 34 19.02 5.44 -0.17
C GLU B 34 20.25 5.13 -1.03
N ASP B 35 20.04 5.15 -2.35
CA ASP B 35 21.08 5.03 -3.38
C ASP B 35 21.85 3.71 -3.30
#